data_8DXS
#
_entry.id   8DXS
#
_cell.length_a   1.00
_cell.length_b   1.00
_cell.length_c   1.00
_cell.angle_alpha   90.00
_cell.angle_beta   90.00
_cell.angle_gamma   90.00
#
_symmetry.space_group_name_H-M   'P 1'
#
loop_
_entity.id
_entity.type
_entity.pdbx_description
1 polymer 'Spike glycoprotein'
2 polymer 'P2B4 Heavy chain'
3 polymer 'P2B4 Light chain'
4 non-polymer 2-acetamido-2-deoxy-beta-D-glucopyranose
#
loop_
_entity_poly.entity_id
_entity_poly.type
_entity_poly.pdbx_seq_one_letter_code
_entity_poly.pdbx_strand_id
1 'polypeptide(L)'
;MFVFLVLLPLVSSQCVNLTTRTQLPPAYTNSFTRGVYYPDKVFRSSVLHSTQDLFLPFFSNVTWFHAIHVSGTNGTKRFD
NPVLPFNDGVYFASTEKSNIIRGWIFGTTLDSKTQSLLIVNNATNVVIKVCEFQFCNDPFLGVYYHKNNKSWMESEFRVY
SSANNCTFEYVSQPFLMDLEGKQGNFKNLREFVFKNIDGYFKIYSKHTPINLVRDLPQGFSALEPLVDLPIGINITRFQT
LLALHRSYLTPGDSSSGWTAGAAAYYVGYLQPRTFLLKYNENGTITDAVDCALDPLSETKCTLKSFTVEKGIYQTSNFRV
QPTESIVRFPNITNLCPFGEVFNATRFASVYAWNRKRISNCVADYSVLYNSASFSTFKCYGVSPTKLNDLCFTNVYADSF
VIRGDEVRQIAPGQTGKIADYNYKLPDDFTGCVIAWNSNNLDSKVGGNYNYLYRLFRKSNLKPFERDISTEIYQAGSTPC
NGVEGFNCYFPLQSYGFQPTNGVGYQPYRVVVLSFELLHAPATVCGPKKSTNLVKNKCVNFNFNGLTGTGVLTESNKKFL
PFQQFGRDIADTTDAVRDPQTLEILDITPCSFGGVSVITPGTNTSNQVAVLYQDVNCTEVPVAIHADQLTPTWRVYSTGS
NVFQTRAGCLIGAEHVNNSYECDIPIGAGICASYQTQTNSPGSASSVASQSIIAYTMSLGAENSVAYSNNSIAIPTNFTI
SVTTEILPVSMTKTSVDCTMYICGDSTECSNLLLQYGSFCTQLNRALTGIAVEQDKNTQEVFAQVKQIYKTPPIKDFGGF
NFSQILPDPSKPSKRSFIEDLLFNKVTLADAGFIKQYGDCLGDIAARDLICAQKFNGLTVLPPLLTDEMIAQYTSALLAG
TITSGWTFGAGAALQIPFAMQMAYRFNGIGVTQNVLYENQKLIANQFNSAIGKIQDSLSSTASALGKLQDVVNQNAQALN
TLVKQLSSNFGAISSVLNDILSRLDPPEAEVQIDRLITGRLQSLQTYVTQQLIRAAEIRASANLAATKMSECVLGQSKRV
DFCGKGYHLMSFPQSAPHGVVFLHVTYVPAQEKNFTTAPAICHDGKAHFPREGVFVSNGTHWFVTQRNFYEPQIITTDNT
FVSGNCDVVIGIVNNTVYDPLQPELDSFKEELDKYFKNHTSPDVDLGDISGINASVVNIQKEIDRLNEVAKNLNESLIDL
QELGKYEQGSGYIPEAPRDGQAYVRKDGEWVLLSTFLGRSLEVLFQGPGHHHHHHHHSAWSHPQFEKGGGSGGGGSGGSA
WSHPQFEK
;
A,B,C
2 'polypeptide(L)'
;EVQLVESGGGLVQPGRSLRLSCAASGFNFDDYAMHWARQVPGKGLEWVSGISGNSGSVEYADSVKGRFAMSRDNAKNSLY
LEMNSLRTEDTALYYCAKETTPWGIYRSGGLDVWGQGTTVTVSSASTKGPSVFPLAPSSKSTSGGTAALGCLVKDYFPEP
VTVSWNSGALTSGVHTFPAVLQSSGLYSLSSVVTVPSSSLGTQTYICNVNHKPSNTKVDKKVEPKSCDKTH
;
H,F,G
3 'polypeptide(L)'
;DIQMTQSPSSLSASVGDRVTITCRASQSIHSFLSWYQQKPGKAPKLLINSASTLQSGVPPWFSGSGSGTDFTLTISSLQP
EDFATYYCQQSYIAPWTFGQGTKVEIKGQPKAAPSVTLFPPSSEELQANKATLVCLISDFYPGAVTVAWKADSSPVKAGV
ETTTPSKQSNNKYAASSYLSLTPEQWKSHRSYSCQVTHEGSTVEKTVAPTEC
;
L,I,J
#
# COMPACT_ATOMS: atom_id res chain seq x y z
N PRO A 26 -59.67 21.30 -17.43
CA PRO A 26 -58.31 21.78 -17.65
C PRO A 26 -57.82 21.53 -19.08
N ALA A 27 -57.72 22.60 -19.86
CA ALA A 27 -57.22 22.49 -21.23
C ALA A 27 -55.72 22.21 -21.24
N TYR A 28 -55.29 21.44 -22.23
CA TYR A 28 -53.90 21.09 -22.42
C TYR A 28 -53.34 21.87 -23.60
N THR A 29 -52.08 22.27 -23.51
CA THR A 29 -51.39 22.97 -24.60
C THR A 29 -49.90 22.69 -24.48
N ASN A 30 -49.15 22.98 -25.54
CA ASN A 30 -47.73 22.66 -25.59
C ASN A 30 -46.89 23.93 -25.72
N SER A 31 -45.68 23.86 -25.18
CA SER A 31 -44.67 24.90 -25.31
C SER A 31 -43.54 24.41 -26.21
N PHE A 32 -42.72 25.35 -26.67
CA PHE A 32 -41.62 25.04 -27.57
C PHE A 32 -40.29 24.95 -26.84
N THR A 33 -39.86 26.04 -26.19
CA THR A 33 -38.57 26.07 -25.53
C THR A 33 -38.61 26.80 -24.18
N ARG A 34 -39.78 27.19 -23.69
CA ARG A 34 -39.86 27.95 -22.46
C ARG A 34 -39.63 27.05 -21.26
N GLY A 35 -39.27 27.68 -20.14
CA GLY A 35 -38.96 26.95 -18.93
C GLY A 35 -37.48 26.74 -18.66
N VAL A 36 -36.60 27.51 -19.29
CA VAL A 36 -35.16 27.39 -19.10
C VAL A 36 -34.69 28.54 -18.23
N TYR A 37 -34.02 28.22 -17.14
CA TYR A 37 -33.52 29.20 -16.19
C TYR A 37 -32.00 29.07 -16.07
N TYR A 38 -31.42 29.87 -15.18
CA TYR A 38 -30.00 29.78 -14.88
C TYR A 38 -29.83 28.88 -13.66
N PRO A 39 -29.28 27.67 -13.80
CA PRO A 39 -29.12 26.79 -12.64
C PRO A 39 -27.92 27.14 -11.78
N ASP A 40 -27.02 28.01 -12.26
CA ASP A 40 -25.86 28.44 -11.49
C ASP A 40 -25.71 29.95 -11.66
N LYS A 41 -24.67 30.50 -11.06
CA LYS A 41 -24.37 31.92 -11.12
C LYS A 41 -23.00 32.16 -11.75
N VAL A 42 -22.67 31.37 -12.77
CA VAL A 42 -21.36 31.41 -13.40
C VAL A 42 -21.49 32.03 -14.79
N PHE A 43 -20.67 33.05 -15.06
CA PHE A 43 -20.64 33.66 -16.38
C PHE A 43 -19.89 32.77 -17.35
N ARG A 44 -20.47 32.56 -18.52
CA ARG A 44 -19.87 31.73 -19.56
C ARG A 44 -20.05 32.43 -20.90
N SER A 45 -19.09 32.21 -21.81
CA SER A 45 -19.10 32.87 -23.10
C SER A 45 -18.73 31.88 -24.19
N SER A 46 -19.66 31.68 -25.14
CA SER A 46 -19.44 30.88 -26.35
C SER A 46 -19.06 29.44 -26.03
N VAL A 47 -19.66 28.87 -24.99
CA VAL A 47 -19.44 27.50 -24.62
C VAL A 47 -20.78 26.78 -24.55
N LEU A 48 -20.71 25.46 -24.45
CA LEU A 48 -21.88 24.59 -24.40
C LEU A 48 -21.83 23.80 -23.09
N HIS A 49 -22.53 24.31 -22.07
CA HIS A 49 -22.54 23.69 -20.76
C HIS A 49 -23.76 22.79 -20.61
N SER A 50 -23.60 21.73 -19.80
CA SER A 50 -24.65 20.75 -19.57
C SER A 50 -24.87 20.61 -18.07
N THR A 51 -26.10 20.87 -17.63
CA THR A 51 -26.49 20.73 -16.23
C THR A 51 -27.68 19.77 -16.11
N GLN A 52 -27.83 19.18 -14.93
CA GLN A 52 -28.95 18.28 -14.65
C GLN A 52 -29.72 18.85 -13.45
N ASP A 53 -30.86 19.48 -13.73
CA ASP A 53 -31.72 20.01 -12.67
C ASP A 53 -33.16 19.74 -13.07
N LEU A 54 -34.09 20.26 -12.29
CA LEU A 54 -35.51 20.09 -12.56
C LEU A 54 -35.91 21.10 -13.63
N PHE A 55 -35.98 20.63 -14.87
CA PHE A 55 -36.32 21.48 -16.01
C PHE A 55 -37.73 21.16 -16.50
N LEU A 56 -38.28 22.10 -17.25
CA LEU A 56 -39.54 21.85 -17.94
C LEU A 56 -39.26 21.11 -19.24
N PRO A 57 -39.87 19.95 -19.46
CA PRO A 57 -39.61 19.20 -20.71
C PRO A 57 -40.14 19.94 -21.93
N PHE A 58 -39.44 19.74 -23.05
CA PHE A 58 -39.88 20.34 -24.31
C PHE A 58 -41.11 19.61 -24.83
N PHE A 59 -42.04 20.40 -25.39
CA PHE A 59 -43.29 19.90 -25.99
C PHE A 59 -44.12 19.09 -24.99
N SER A 60 -44.15 19.55 -23.74
CA SER A 60 -44.97 18.93 -22.71
C SER A 60 -46.32 19.64 -22.62
N ASN A 61 -47.35 18.86 -22.31
CA ASN A 61 -48.70 19.42 -22.19
C ASN A 61 -48.81 20.17 -20.88
N VAL A 62 -48.85 21.49 -20.94
CA VAL A 62 -49.04 22.33 -19.76
C VAL A 62 -50.52 22.64 -19.62
N THR A 63 -51.02 22.60 -18.39
CA THR A 63 -52.43 22.85 -18.14
C THR A 63 -52.79 24.31 -18.39
N TRP A 64 -54.01 24.54 -18.86
CA TRP A 64 -54.50 25.87 -19.18
C TRP A 64 -55.75 26.15 -18.37
N PHE A 65 -55.79 27.31 -17.72
CA PHE A 65 -56.93 27.75 -16.94
C PHE A 65 -57.29 29.17 -17.32
N HIS A 66 -58.58 29.49 -17.22
CA HIS A 66 -59.10 30.78 -17.65
C HIS A 66 -59.42 31.65 -16.44
N ALA A 67 -59.15 32.94 -16.57
CA ALA A 67 -59.42 33.95 -15.54
C ALA A 67 -60.09 35.16 -16.17
N ILE A 68 -61.10 34.93 -17.00
CA ILE A 68 -61.76 35.98 -17.75
C ILE A 68 -63.10 36.28 -17.08
N HIS A 69 -63.73 37.36 -17.55
CA HIS A 69 -65.02 37.80 -17.01
C HIS A 69 -66.14 36.81 -17.35
N LYS A 77 -66.23 34.04 -19.08
CA LYS A 77 -67.30 33.58 -18.20
C LYS A 77 -66.81 32.43 -17.30
N ARG A 78 -65.49 32.24 -17.27
CA ARG A 78 -64.88 31.17 -16.51
C ARG A 78 -63.83 31.73 -15.56
N PHE A 79 -63.89 31.32 -14.30
CA PHE A 79 -62.87 31.63 -13.31
C PHE A 79 -62.40 30.32 -12.69
N ASP A 80 -61.08 30.13 -12.62
CA ASP A 80 -60.50 28.88 -12.17
C ASP A 80 -59.51 29.14 -11.04
N ASN A 81 -59.72 28.49 -9.90
CA ASN A 81 -58.75 28.41 -8.82
C ASN A 81 -58.64 26.96 -8.38
N PRO A 82 -57.98 26.12 -9.18
CA PRO A 82 -58.01 24.68 -8.94
C PRO A 82 -57.02 24.27 -7.84
N VAL A 83 -56.93 22.97 -7.62
CA VAL A 83 -56.01 22.37 -6.67
C VAL A 83 -54.95 21.62 -7.47
N LEU A 84 -53.68 22.00 -7.28
CA LEU A 84 -52.59 21.45 -8.06
C LEU A 84 -51.52 20.85 -7.15
N PRO A 85 -50.96 19.69 -7.51
CA PRO A 85 -49.90 19.10 -6.68
C PRO A 85 -48.56 19.81 -6.81
N PHE A 86 -47.58 19.37 -6.03
CA PHE A 86 -46.26 20.02 -5.99
C PHE A 86 -45.10 19.06 -6.12
N ASN A 87 -45.25 17.78 -5.76
CA ASN A 87 -44.12 16.87 -5.61
C ASN A 87 -43.44 16.52 -6.93
N ASP A 88 -44.10 16.75 -8.06
CA ASP A 88 -43.53 16.43 -9.36
C ASP A 88 -43.17 17.68 -10.16
N GLY A 89 -42.70 18.73 -9.49
CA GLY A 89 -42.26 19.94 -10.15
C GLY A 89 -43.41 20.88 -10.46
N VAL A 90 -43.06 22.16 -10.66
CA VAL A 90 -44.04 23.20 -10.93
C VAL A 90 -43.38 24.28 -11.77
N TYR A 91 -44.07 24.70 -12.83
CA TYR A 91 -43.65 25.83 -13.65
C TYR A 91 -44.85 26.73 -13.88
N PHE A 92 -44.69 28.02 -13.58
CA PHE A 92 -45.78 28.98 -13.67
C PHE A 92 -45.55 29.87 -14.89
N ALA A 93 -46.52 29.87 -15.81
CA ALA A 93 -46.51 30.74 -16.97
C ALA A 93 -47.77 31.59 -16.96
N SER A 94 -47.61 32.89 -17.10
CA SER A 94 -48.72 33.83 -16.98
C SER A 94 -48.73 34.79 -18.17
N THR A 95 -49.88 34.92 -18.82
CA THR A 95 -50.12 35.98 -19.78
C THR A 95 -50.92 37.08 -19.09
N GLU A 96 -50.51 38.33 -19.32
CA GLU A 96 -51.03 39.45 -18.54
C GLU A 96 -51.29 40.62 -19.46
N LYS A 97 -52.47 41.24 -19.31
CA LYS A 97 -52.83 42.39 -20.15
C LYS A 97 -53.28 43.60 -19.36
N SER A 98 -54.05 43.42 -18.28
CA SER A 98 -54.66 44.55 -17.57
C SER A 98 -54.62 44.36 -16.05
N ASN A 99 -53.49 43.87 -15.53
CA ASN A 99 -53.19 43.80 -14.09
C ASN A 99 -54.23 42.98 -13.32
N ILE A 100 -54.26 41.68 -13.62
CA ILE A 100 -55.23 40.76 -13.04
C ILE A 100 -54.57 39.81 -12.05
N ILE A 101 -53.62 39.00 -12.51
CA ILE A 101 -52.98 38.01 -11.65
C ILE A 101 -52.00 38.71 -10.71
N ARG A 102 -52.13 38.43 -9.42
CA ARG A 102 -51.33 39.10 -8.40
C ARG A 102 -50.32 38.17 -7.72
N GLY A 103 -50.78 37.04 -7.19
CA GLY A 103 -49.87 36.19 -6.44
C GLY A 103 -50.24 34.72 -6.41
N TRP A 104 -49.54 33.95 -5.58
CA TRP A 104 -49.76 32.52 -5.44
C TRP A 104 -49.81 32.18 -3.95
N ILE A 105 -50.26 30.97 -3.65
CA ILE A 105 -50.29 30.44 -2.29
C ILE A 105 -49.48 29.15 -2.26
N PHE A 106 -48.59 29.03 -1.28
CA PHE A 106 -47.80 27.82 -1.09
C PHE A 106 -47.96 27.35 0.35
N GLY A 107 -48.11 26.04 0.52
CA GLY A 107 -48.27 25.48 1.85
C GLY A 107 -48.29 23.97 1.77
N THR A 108 -48.34 23.34 2.96
CA THR A 108 -48.36 21.89 3.02
C THR A 108 -49.78 21.35 2.85
N THR A 109 -50.68 21.70 3.76
CA THR A 109 -52.07 21.23 3.72
C THR A 109 -53.07 22.36 3.57
N LEU A 110 -52.59 23.58 3.30
CA LEU A 110 -53.41 24.77 3.12
C LEU A 110 -54.27 25.06 4.34
N ASP A 111 -53.59 25.34 5.46
CA ASP A 111 -54.25 25.70 6.72
C ASP A 111 -53.25 26.46 7.58
N SER A 112 -53.59 26.63 8.85
CA SER A 112 -52.75 27.30 9.84
C SER A 112 -51.90 26.32 10.65
N LYS A 113 -51.93 25.03 10.30
CA LYS A 113 -51.18 24.04 11.06
C LYS A 113 -49.68 24.23 10.89
N THR A 114 -49.22 24.48 9.67
CA THR A 114 -47.82 24.66 9.37
C THR A 114 -47.57 26.05 8.79
N GLN A 115 -46.31 26.38 8.60
CA GLN A 115 -45.94 27.65 8.00
C GLN A 115 -46.24 27.61 6.50
N SER A 116 -46.94 28.62 6.01
CA SER A 116 -47.35 28.71 4.62
C SER A 116 -46.63 29.87 3.94
N LEU A 117 -46.74 29.91 2.61
CA LEU A 117 -46.14 31.00 1.85
C LEU A 117 -47.14 31.45 0.79
N LEU A 118 -48.02 32.37 1.16
CA LEU A 118 -48.93 32.95 0.18
C LEU A 118 -48.26 34.13 -0.50
N ILE A 119 -47.34 33.87 -1.43
CA ILE A 119 -46.55 34.89 -2.12
C ILE A 119 -47.48 35.92 -2.74
N VAL A 120 -47.39 37.16 -2.27
CA VAL A 120 -48.33 38.21 -2.64
C VAL A 120 -47.57 39.51 -2.77
N ASN A 121 -47.62 40.11 -3.96
CA ASN A 121 -47.20 41.49 -4.09
C ASN A 121 -48.36 42.38 -3.68
N ASN A 122 -48.01 43.56 -3.16
CA ASN A 122 -48.97 44.61 -2.85
C ASN A 122 -49.36 45.33 -4.14
N ALA A 123 -48.80 44.84 -5.26
CA ALA A 123 -48.50 45.59 -6.49
C ALA A 123 -47.44 46.67 -6.23
N THR A 124 -46.97 46.74 -4.99
CA THR A 124 -46.11 47.82 -4.52
C THR A 124 -44.93 47.32 -3.70
N ASN A 125 -45.14 46.32 -2.83
CA ASN A 125 -44.19 46.04 -1.75
C ASN A 125 -44.00 44.55 -1.51
N VAL A 126 -44.00 43.73 -2.58
CA VAL A 126 -43.88 42.26 -2.64
C VAL A 126 -43.83 41.55 -1.29
N VAL A 127 -45.01 41.29 -0.71
CA VAL A 127 -45.09 40.92 0.70
C VAL A 127 -44.87 39.42 0.80
N ILE A 128 -43.61 39.02 0.84
CA ILE A 128 -43.23 37.63 1.04
C ILE A 128 -43.42 37.29 2.52
N LYS A 129 -44.50 36.62 2.83
CA LYS A 129 -44.87 36.37 4.20
C LYS A 129 -44.85 34.88 4.44
N VAL A 130 -43.94 34.42 5.31
CA VAL A 130 -43.95 33.02 5.77
C VAL A 130 -44.58 33.03 7.17
N CYS A 131 -45.91 32.95 7.19
CA CYS A 131 -46.63 32.77 8.45
C CYS A 131 -47.65 31.64 8.31
N GLU A 132 -48.43 31.45 9.36
CA GLU A 132 -49.48 30.44 9.40
C GLU A 132 -50.81 31.14 9.18
N PHE A 133 -51.11 31.40 7.91
CA PHE A 133 -52.34 32.08 7.55
C PHE A 133 -53.52 31.11 7.64
N GLN A 134 -54.71 31.68 7.76
CA GLN A 134 -55.95 30.92 7.83
C GLN A 134 -56.75 31.23 6.57
N PHE A 135 -56.50 30.45 5.52
CA PHE A 135 -57.21 30.65 4.27
C PHE A 135 -58.66 30.20 4.40
N CYS A 136 -59.53 30.81 3.59
CA CYS A 136 -60.91 30.39 3.49
C CYS A 136 -61.01 29.35 2.38
N ASN A 137 -62.25 29.03 1.97
CA ASN A 137 -62.44 28.06 0.91
C ASN A 137 -62.08 28.62 -0.47
N ASP A 138 -62.03 29.94 -0.62
CA ASP A 138 -61.73 30.56 -1.91
C ASP A 138 -61.10 31.92 -1.68
N PRO A 139 -59.77 32.00 -1.68
CA PRO A 139 -59.11 33.30 -1.53
C PRO A 139 -59.19 34.12 -2.81
N PHE A 140 -59.42 35.42 -2.66
CA PHE A 140 -59.53 36.32 -3.80
C PHE A 140 -59.20 37.74 -3.34
N LEU A 141 -58.84 38.58 -4.31
CA LEU A 141 -58.61 40.01 -4.10
C LEU A 141 -59.62 40.81 -4.89
N GLY A 142 -60.16 41.86 -4.27
CA GLY A 142 -61.24 42.65 -4.86
C GLY A 142 -60.76 44.01 -5.32
N VAL A 143 -61.27 44.45 -6.46
CA VAL A 143 -61.01 45.79 -6.99
C VAL A 143 -62.35 46.49 -7.13
N TYR A 144 -62.48 47.66 -6.51
CA TYR A 144 -63.73 48.40 -6.48
C TYR A 144 -63.78 49.44 -7.59
N TYR A 145 -65.02 49.75 -8.01
CA TYR A 145 -65.32 50.82 -8.97
C TYR A 145 -64.60 50.61 -10.31
N HIS A 146 -64.89 49.48 -10.94
CA HIS A 146 -64.26 49.15 -12.22
C HIS A 146 -64.83 50.00 -13.35
N LYS A 147 -66.07 50.48 -13.21
CA LYS A 147 -66.70 51.25 -14.26
C LYS A 147 -66.16 52.68 -14.30
N ASN A 148 -66.29 53.41 -13.19
CA ASN A 148 -65.84 54.79 -13.11
C ASN A 148 -65.18 55.02 -11.76
N ASN A 149 -64.29 56.01 -11.71
CA ASN A 149 -63.55 56.42 -10.51
C ASN A 149 -62.75 55.26 -9.92
N LYS A 150 -62.00 54.58 -10.79
CA LYS A 150 -61.14 53.48 -10.34
C LYS A 150 -59.89 54.01 -9.65
N SER A 151 -59.16 54.90 -10.32
CA SER A 151 -57.97 55.60 -9.82
C SER A 151 -56.83 54.67 -9.44
N TRP A 152 -56.86 53.43 -9.95
CA TRP A 152 -55.76 52.46 -9.85
C TRP A 152 -55.38 52.17 -8.39
N MET A 153 -56.38 52.00 -7.53
CA MET A 153 -56.15 51.67 -6.13
C MET A 153 -56.88 50.38 -5.77
N GLU A 154 -56.29 49.63 -4.85
CA GLU A 154 -56.89 48.39 -4.36
C GLU A 154 -56.80 48.34 -2.85
N SER A 155 -57.94 48.05 -2.20
CA SER A 155 -57.98 47.88 -0.75
C SER A 155 -58.75 46.66 -0.29
N GLU A 156 -59.47 45.98 -1.18
CA GLU A 156 -60.31 44.84 -0.78
C GLU A 156 -59.46 43.57 -0.70
N PHE A 157 -58.63 43.52 0.35
CA PHE A 157 -58.01 42.28 0.76
C PHE A 157 -59.06 41.32 1.30
N ARG A 158 -59.18 40.16 0.68
CA ARG A 158 -60.01 39.14 1.32
C ARG A 158 -59.18 37.92 1.74
N VAL A 159 -58.61 37.22 0.75
CA VAL A 159 -57.68 36.07 0.82
C VAL A 159 -57.87 35.23 2.08
N TYR A 160 -56.94 35.31 3.04
CA TYR A 160 -56.94 34.49 4.23
C TYR A 160 -57.62 35.24 5.38
N SER A 161 -57.59 34.70 6.59
CA SER A 161 -58.20 35.41 7.70
C SER A 161 -57.17 35.80 8.77
N SER A 162 -56.42 34.82 9.26
CA SER A 162 -55.64 35.00 10.49
C SER A 162 -54.19 34.54 10.28
N ALA A 163 -53.29 35.52 10.18
CA ALA A 163 -51.87 35.22 10.24
C ALA A 163 -51.49 34.81 11.65
N ASN A 164 -50.44 34.01 11.76
CA ASN A 164 -49.99 33.37 12.99
C ASN A 164 -48.48 33.29 12.90
N ASN A 165 -47.85 32.26 13.49
CA ASN A 165 -46.42 32.13 13.67
C ASN A 165 -45.61 32.41 12.40
N CYS A 166 -44.90 33.53 12.41
CA CYS A 166 -44.20 34.06 11.24
C CYS A 166 -42.72 33.70 11.30
N THR A 167 -42.11 33.63 10.12
CA THR A 167 -40.68 33.28 10.06
C THR A 167 -39.90 34.25 9.17
N PHE A 168 -40.51 34.77 8.11
CA PHE A 168 -39.84 35.69 7.21
C PHE A 168 -40.82 36.72 6.67
N GLU A 169 -40.33 37.95 6.48
CA GLU A 169 -41.12 39.00 5.83
C GLU A 169 -40.23 39.87 4.97
N TYR A 170 -40.66 40.13 3.74
CA TYR A 170 -39.97 41.00 2.79
C TYR A 170 -40.91 42.09 2.29
N VAL A 171 -40.36 43.28 2.08
CA VAL A 171 -41.07 44.42 1.50
C VAL A 171 -40.21 45.01 0.39
N SER A 172 -40.77 45.17 -0.80
CA SER A 172 -40.06 45.80 -1.91
C SER A 172 -40.45 47.27 -2.02
N GLN A 173 -40.04 47.90 -3.13
CA GLN A 173 -40.26 49.31 -3.41
C GLN A 173 -41.32 49.50 -4.48
N PRO A 174 -42.24 50.46 -4.33
CA PRO A 174 -43.21 50.90 -5.35
C PRO A 174 -42.60 51.17 -6.72
N LYS A 187 -50.02 41.87 -23.08
CA LYS A 187 -48.91 42.81 -23.17
C LYS A 187 -47.69 42.31 -22.41
N ASN A 188 -47.92 41.74 -21.23
CA ASN A 188 -46.86 41.25 -20.36
C ASN A 188 -46.88 39.72 -20.33
N LEU A 189 -45.71 39.12 -20.54
CA LEU A 189 -45.54 37.68 -20.43
C LEU A 189 -44.64 37.39 -19.24
N ARG A 190 -45.20 36.72 -18.24
CA ARG A 190 -44.49 36.44 -16.99
C ARG A 190 -44.29 34.95 -16.83
N GLU A 191 -43.06 34.55 -16.51
CA GLU A 191 -42.70 33.17 -16.30
C GLU A 191 -42.12 33.00 -14.91
N PHE A 192 -42.45 31.89 -14.25
CA PHE A 192 -41.96 31.61 -12.90
C PHE A 192 -41.71 30.11 -12.76
N VAL A 193 -40.56 29.77 -12.17
CA VAL A 193 -40.19 28.39 -11.88
C VAL A 193 -39.90 28.25 -10.39
N PHE A 194 -40.43 27.19 -9.77
CA PHE A 194 -40.24 26.94 -8.35
C PHE A 194 -39.73 25.53 -8.13
N LYS A 195 -38.97 25.36 -7.05
CA LYS A 195 -38.52 24.05 -6.62
C LYS A 195 -38.23 24.10 -5.13
N ASN A 196 -38.28 22.92 -4.51
CA ASN A 196 -38.04 22.78 -3.07
C ASN A 196 -37.04 21.65 -2.86
N ILE A 197 -35.83 22.01 -2.41
CA ILE A 197 -34.76 21.05 -2.16
C ILE A 197 -34.37 21.18 -0.70
N ASP A 198 -34.81 20.20 0.12
CA ASP A 198 -34.53 20.14 1.55
C ASP A 198 -34.98 21.40 2.28
N GLY A 199 -36.16 21.90 1.92
CA GLY A 199 -36.71 23.09 2.54
C GLY A 199 -36.28 24.40 1.94
N TYR A 200 -35.40 24.39 0.94
CA TYR A 200 -34.97 25.61 0.28
C TYR A 200 -35.98 25.99 -0.80
N PHE A 201 -36.56 27.17 -0.67
CA PHE A 201 -37.46 27.71 -1.68
C PHE A 201 -36.70 28.71 -2.52
N LYS A 202 -36.67 28.47 -3.83
CA LYS A 202 -35.97 29.34 -4.78
C LYS A 202 -36.92 29.66 -5.92
N ILE A 203 -37.01 30.94 -6.26
CA ILE A 203 -37.99 31.42 -7.23
C ILE A 203 -37.25 32.10 -8.39
N TYR A 204 -37.57 31.69 -9.61
CA TYR A 204 -37.10 32.33 -10.82
C TYR A 204 -38.21 33.18 -11.41
N SER A 205 -37.82 34.29 -12.05
CA SER A 205 -38.79 35.18 -12.67
C SER A 205 -38.21 35.75 -13.95
N LYS A 206 -39.10 36.16 -14.84
CA LYS A 206 -38.70 36.79 -16.09
C LYS A 206 -39.83 37.69 -16.56
N HIS A 207 -39.52 38.96 -16.79
CA HIS A 207 -40.48 39.94 -17.30
C HIS A 207 -40.05 40.35 -18.70
N THR A 208 -40.95 40.19 -19.67
CA THR A 208 -40.64 40.53 -21.05
C THR A 208 -41.88 41.05 -21.75
N PRO A 209 -41.76 42.08 -22.59
CA PRO A 209 -42.91 42.54 -23.36
C PRO A 209 -43.28 41.55 -24.45
N ILE A 210 -44.57 41.56 -24.81
CA ILE A 210 -45.08 40.68 -25.85
C ILE A 210 -46.35 41.32 -26.41
N ASN A 211 -46.74 40.89 -27.61
CA ASN A 211 -48.00 41.28 -28.25
C ASN A 211 -48.70 39.98 -28.62
N LEU A 212 -49.44 39.42 -27.68
CA LEU A 212 -50.01 38.08 -27.81
C LEU A 212 -51.53 38.17 -27.77
N VAL A 213 -52.18 37.50 -28.74
CA VAL A 213 -53.63 37.39 -28.77
C VAL A 213 -53.99 35.91 -28.94
N ARG A 214 -53.08 35.04 -28.54
CA ARG A 214 -53.23 33.60 -28.75
C ARG A 214 -52.76 32.89 -27.48
N ASP A 215 -52.50 31.59 -27.60
CA ASP A 215 -52.04 30.77 -26.49
C ASP A 215 -50.53 30.99 -26.29
N LEU A 216 -49.90 30.09 -25.54
CA LEU A 216 -48.50 30.25 -25.16
C LEU A 216 -47.60 30.24 -26.41
N PRO A 217 -46.76 31.25 -26.59
CA PRO A 217 -46.00 31.38 -27.84
C PRO A 217 -44.85 30.38 -27.92
N GLN A 218 -44.37 30.19 -29.14
CA GLN A 218 -43.25 29.29 -29.40
C GLN A 218 -41.97 30.11 -29.49
N GLY A 219 -41.47 30.50 -28.31
CA GLY A 219 -40.26 31.30 -28.23
C GLY A 219 -39.28 30.79 -27.20
N PHE A 220 -38.26 31.59 -26.91
CA PHE A 220 -37.23 31.23 -25.93
C PHE A 220 -37.03 32.39 -24.95
N SER A 221 -36.75 32.03 -23.71
CA SER A 221 -36.52 33.02 -22.66
C SER A 221 -35.67 32.40 -21.57
N ALA A 222 -35.05 33.26 -20.76
CA ALA A 222 -34.20 32.84 -19.66
C ALA A 222 -34.73 33.44 -18.36
N LEU A 223 -34.68 32.66 -17.28
CA LEU A 223 -35.18 33.07 -15.98
C LEU A 223 -34.03 33.19 -15.00
N GLU A 224 -33.99 34.29 -14.26
CA GLU A 224 -32.92 34.62 -13.33
C GLU A 224 -33.34 34.35 -11.89
N PRO A 225 -32.39 33.98 -11.02
CA PRO A 225 -32.72 33.82 -9.59
C PRO A 225 -32.75 35.17 -8.89
N LEU A 226 -33.79 35.41 -8.10
CA LEU A 226 -33.94 36.66 -7.38
C LEU A 226 -33.96 36.48 -5.87
N VAL A 227 -34.80 35.57 -5.36
CA VAL A 227 -35.04 35.46 -3.92
C VAL A 227 -34.83 34.00 -3.52
N ASP A 228 -34.03 33.79 -2.48
CA ASP A 228 -33.84 32.46 -1.89
C ASP A 228 -34.44 32.45 -0.49
N LEU A 229 -35.29 31.47 -0.22
CA LEU A 229 -36.00 31.38 1.06
C LEU A 229 -35.61 30.11 1.80
N PRO A 230 -34.75 30.20 2.81
CA PRO A 230 -34.40 29.02 3.63
C PRO A 230 -35.42 28.76 4.72
N ILE A 231 -36.63 28.38 4.30
CA ILE A 231 -37.72 28.19 5.26
C ILE A 231 -37.55 26.87 5.99
N GLY A 232 -37.46 25.77 5.26
CA GLY A 232 -37.46 24.46 5.86
C GLY A 232 -38.83 23.85 5.90
N ILE A 233 -39.56 23.94 4.79
CA ILE A 233 -40.87 23.30 4.68
C ILE A 233 -40.88 22.37 3.48
N ASN A 234 -42.02 21.72 3.24
CA ASN A 234 -42.10 20.68 2.22
C ASN A 234 -42.95 21.11 1.03
N ILE A 235 -44.17 21.57 1.30
CA ILE A 235 -45.17 22.03 0.33
C ILE A 235 -45.62 20.88 -0.56
N THR A 236 -46.87 20.44 -0.39
CA THR A 236 -47.45 19.42 -1.25
C THR A 236 -48.52 19.95 -2.19
N ARG A 237 -49.13 21.09 -1.87
CA ARG A 237 -50.16 21.68 -2.70
C ARG A 237 -49.92 23.18 -2.81
N PHE A 238 -50.45 23.78 -3.88
CA PHE A 238 -50.31 25.21 -4.09
C PHE A 238 -51.45 25.72 -4.95
N GLN A 239 -51.80 26.99 -4.76
CA GLN A 239 -52.85 27.66 -5.51
C GLN A 239 -52.34 29.04 -5.91
N THR A 240 -53.24 29.87 -6.44
CA THR A 240 -52.86 31.19 -6.93
C THR A 240 -53.88 32.24 -6.52
N LEU A 241 -53.42 33.48 -6.45
CA LEU A 241 -54.28 34.64 -6.19
C LEU A 241 -54.74 35.25 -7.51
N LEU A 242 -55.82 36.02 -7.43
CA LEU A 242 -56.35 36.73 -8.59
C LEU A 242 -57.15 37.93 -8.10
N ALA A 243 -57.26 38.93 -8.97
CA ALA A 243 -57.99 40.15 -8.68
C ALA A 243 -59.34 40.13 -9.37
N LEU A 244 -60.39 40.47 -8.63
CA LEU A 244 -61.75 40.49 -9.14
C LEU A 244 -62.23 41.93 -9.18
N HIS A 245 -62.70 42.38 -10.35
CA HIS A 245 -63.11 43.76 -10.57
C HIS A 245 -64.62 43.79 -10.79
N ARG A 246 -65.34 44.35 -9.83
CA ARG A 246 -66.79 44.49 -9.90
C ARG A 246 -67.15 45.96 -9.99
N SER A 247 -67.97 46.30 -10.98
CA SER A 247 -68.38 47.68 -11.19
C SER A 247 -69.44 48.09 -10.16
N SER A 255 -69.44 38.84 -0.55
CA SER A 255 -68.46 39.00 -1.61
C SER A 255 -68.47 37.81 -2.55
N SER A 256 -69.55 37.65 -3.31
CA SER A 256 -69.70 36.54 -4.24
C SER A 256 -70.10 36.97 -5.65
N GLY A 257 -70.53 38.21 -5.84
CA GLY A 257 -70.93 38.67 -7.16
C GLY A 257 -69.86 39.44 -7.88
N TRP A 258 -68.61 39.30 -7.43
CA TRP A 258 -67.51 40.01 -8.04
C TRP A 258 -67.20 39.44 -9.42
N THR A 259 -66.94 40.34 -10.38
CA THR A 259 -66.64 39.95 -11.75
C THR A 259 -65.14 40.02 -12.02
N ALA A 260 -64.73 39.42 -13.12
CA ALA A 260 -63.33 39.33 -13.52
C ALA A 260 -63.08 40.21 -14.74
N GLY A 261 -61.87 40.11 -15.28
CA GLY A 261 -61.51 40.84 -16.48
C GLY A 261 -61.22 39.94 -17.65
N ALA A 262 -59.95 39.84 -18.05
CA ALA A 262 -59.56 38.98 -19.17
C ALA A 262 -58.12 38.55 -18.91
N ALA A 263 -57.94 37.31 -18.45
CA ALA A 263 -56.62 36.81 -18.12
C ALA A 263 -56.59 35.29 -18.23
N ALA A 264 -55.38 34.75 -18.26
CA ALA A 264 -55.17 33.31 -18.29
C ALA A 264 -53.79 33.02 -17.71
N TYR A 265 -53.58 31.76 -17.34
CA TYR A 265 -52.28 31.34 -16.82
C TYR A 265 -52.07 29.88 -17.13
N TYR A 266 -50.80 29.46 -17.09
CA TYR A 266 -50.42 28.09 -17.37
C TYR A 266 -49.59 27.55 -16.21
N VAL A 267 -49.82 26.30 -15.86
CA VAL A 267 -49.09 25.62 -14.79
C VAL A 267 -48.39 24.42 -15.39
N GLY A 268 -47.07 24.36 -15.25
CA GLY A 268 -46.27 23.31 -15.82
C GLY A 268 -45.90 22.22 -14.83
N TYR A 269 -45.14 21.25 -15.34
CA TYR A 269 -44.68 20.12 -14.54
C TYR A 269 -43.21 19.87 -14.87
N LEU A 270 -42.35 20.03 -13.88
CA LEU A 270 -40.92 19.87 -14.10
C LEU A 270 -40.51 18.41 -14.02
N GLN A 271 -39.45 18.07 -14.77
CA GLN A 271 -38.86 16.76 -14.72
C GLN A 271 -37.34 16.88 -14.64
N PRO A 272 -36.67 16.01 -13.90
CA PRO A 272 -35.19 16.10 -13.78
C PRO A 272 -34.47 15.57 -15.02
N ARG A 273 -34.41 16.41 -16.05
CA ARG A 273 -33.75 16.08 -17.30
C ARG A 273 -32.54 16.98 -17.51
N THR A 274 -31.55 16.46 -18.23
CA THR A 274 -30.34 17.21 -18.53
C THR A 274 -30.54 18.08 -19.76
N PHE A 275 -29.90 19.24 -19.76
CA PHE A 275 -30.10 20.27 -20.78
C PHE A 275 -28.76 20.67 -21.37
N LEU A 276 -28.83 21.52 -22.40
CA LEU A 276 -27.68 22.19 -22.95
C LEU A 276 -27.94 23.69 -22.99
N LEU A 277 -26.90 24.49 -22.73
CA LEU A 277 -27.02 25.94 -22.71
C LEU A 277 -26.04 26.52 -23.71
N LYS A 278 -26.54 27.42 -24.56
CA LYS A 278 -25.72 28.10 -25.55
C LYS A 278 -25.54 29.55 -25.09
N TYR A 279 -24.40 29.81 -24.44
CA TYR A 279 -24.08 31.16 -24.01
C TYR A 279 -23.50 31.96 -25.17
N ASN A 280 -23.91 33.21 -25.28
CA ASN A 280 -23.41 34.09 -26.33
C ASN A 280 -22.14 34.78 -25.85
N GLU A 281 -21.72 35.83 -26.57
CA GLU A 281 -20.54 36.60 -26.15
C GLU A 281 -20.81 37.34 -24.84
N ASN A 282 -22.05 37.78 -24.63
CA ASN A 282 -22.38 38.56 -23.44
C ASN A 282 -22.51 37.69 -22.19
N GLY A 283 -23.03 36.48 -22.36
CA GLY A 283 -23.20 35.58 -21.23
C GLY A 283 -24.64 35.17 -21.00
N THR A 284 -25.51 35.43 -21.97
CA THR A 284 -26.92 35.10 -21.86
C THR A 284 -27.24 33.86 -22.69
N ILE A 285 -28.18 33.06 -22.19
CA ILE A 285 -28.58 31.84 -22.89
C ILE A 285 -29.46 32.21 -24.08
N THR A 286 -29.11 31.68 -25.26
CA THR A 286 -29.85 31.95 -26.48
C THR A 286 -30.67 30.77 -26.98
N ASP A 287 -30.25 29.54 -26.70
CA ASP A 287 -31.00 28.37 -27.10
C ASP A 287 -30.71 27.23 -26.14
N ALA A 288 -31.62 26.26 -26.10
CA ALA A 288 -31.49 25.11 -25.23
C ALA A 288 -31.84 23.84 -26.00
N VAL A 289 -31.16 22.75 -25.64
CA VAL A 289 -31.36 21.46 -26.28
C VAL A 289 -31.57 20.41 -25.19
N ASP A 290 -32.68 19.67 -25.28
CA ASP A 290 -32.95 18.56 -24.37
C ASP A 290 -32.38 17.28 -24.96
N CYS A 291 -31.84 16.43 -24.10
CA CYS A 291 -31.25 15.18 -24.54
C CYS A 291 -32.24 14.04 -24.63
N ALA A 292 -33.34 14.09 -23.88
CA ALA A 292 -34.31 12.99 -23.84
C ALA A 292 -35.53 13.26 -24.71
N LEU A 293 -35.50 14.29 -25.55
CA LEU A 293 -36.67 14.65 -26.35
C LEU A 293 -36.67 13.94 -27.70
N ASP A 294 -35.63 14.14 -28.50
CA ASP A 294 -35.57 13.64 -29.86
C ASP A 294 -34.20 13.04 -30.12
N PRO A 295 -34.10 12.00 -30.95
CA PRO A 295 -32.78 11.47 -31.33
C PRO A 295 -31.90 12.49 -32.05
N LEU A 296 -32.49 13.46 -32.76
CA LEU A 296 -31.71 14.55 -33.31
C LEU A 296 -31.10 15.40 -32.20
N SER A 297 -31.90 15.72 -31.18
CA SER A 297 -31.41 16.52 -30.07
C SER A 297 -30.64 15.69 -29.06
N GLU A 298 -30.75 14.36 -29.12
CA GLU A 298 -29.90 13.51 -28.29
C GLU A 298 -28.46 13.48 -28.82
N THR A 299 -28.29 13.75 -30.11
CA THR A 299 -26.95 13.79 -30.71
C THR A 299 -26.14 14.95 -30.16
N LYS A 300 -26.75 16.14 -30.05
CA LYS A 300 -26.04 17.33 -29.64
C LYS A 300 -25.53 17.25 -28.20
N CYS A 301 -26.16 16.44 -27.35
CA CYS A 301 -25.69 16.30 -25.98
C CYS A 301 -24.42 15.46 -25.91
N THR A 302 -24.35 14.36 -26.64
CA THR A 302 -23.17 13.51 -26.62
C THR A 302 -22.07 14.02 -27.56
N LEU A 303 -22.38 14.99 -28.42
CA LEU A 303 -21.36 15.60 -29.28
C LEU A 303 -20.90 16.95 -28.78
N LYS A 304 -21.66 17.59 -27.88
CA LYS A 304 -21.38 18.93 -27.35
C LYS A 304 -21.24 19.95 -28.48
N SER A 305 -22.11 19.85 -29.48
CA SER A 305 -22.09 20.76 -30.61
C SER A 305 -23.53 21.00 -31.07
N PHE A 306 -23.92 22.28 -31.17
CA PHE A 306 -25.25 22.60 -31.67
C PHE A 306 -25.39 22.23 -33.14
N THR A 307 -24.39 22.51 -33.94
CA THR A 307 -24.36 22.05 -35.32
C THR A 307 -23.76 20.67 -35.39
N VAL A 308 -24.36 19.80 -36.19
CA VAL A 308 -23.90 18.43 -36.36
C VAL A 308 -23.58 18.19 -37.83
N GLU A 309 -22.50 17.48 -38.09
CA GLU A 309 -22.08 17.16 -39.43
C GLU A 309 -22.74 15.85 -39.86
N LYS A 310 -22.31 15.31 -41.00
CA LYS A 310 -22.87 14.05 -41.52
C LYS A 310 -22.01 12.90 -41.02
N GLY A 311 -22.64 11.96 -40.32
CA GLY A 311 -21.92 10.83 -39.77
C GLY A 311 -22.83 9.97 -38.94
N ILE A 312 -22.23 8.94 -38.36
CA ILE A 312 -22.91 8.04 -37.42
C ILE A 312 -22.32 8.29 -36.05
N TYR A 313 -23.18 8.60 -35.08
CA TYR A 313 -22.76 8.94 -33.73
C TYR A 313 -23.53 8.10 -32.74
N GLN A 314 -22.82 7.32 -31.94
CA GLN A 314 -23.46 6.58 -30.86
C GLN A 314 -23.83 7.54 -29.74
N THR A 315 -25.08 7.45 -29.30
CA THR A 315 -25.62 8.38 -28.31
C THR A 315 -25.84 7.72 -26.95
N SER A 316 -26.60 6.63 -26.90
CA SER A 316 -26.92 5.97 -25.64
C SER A 316 -27.17 4.50 -25.92
N ASN A 317 -27.73 3.81 -24.94
CA ASN A 317 -28.01 2.38 -25.04
C ASN A 317 -29.43 2.11 -24.55
N PHE A 318 -29.97 0.97 -24.98
CA PHE A 318 -31.33 0.57 -24.65
C PHE A 318 -31.32 -0.74 -23.88
N ARG A 319 -32.29 -0.88 -22.97
CA ARG A 319 -32.43 -2.06 -22.14
C ARG A 319 -33.89 -2.51 -22.13
N VAL A 320 -34.10 -3.80 -21.89
CA VAL A 320 -35.43 -4.38 -21.77
C VAL A 320 -35.70 -4.63 -20.30
N GLN A 321 -36.79 -4.04 -19.81
CA GLN A 321 -37.15 -4.10 -18.42
C GLN A 321 -37.72 -5.45 -18.00
N PRO A 322 -37.63 -5.85 -16.61
CA PRO A 322 -38.62 -6.73 -16.21
C PRO A 322 -40.13 -6.41 -16.24
N THR A 323 -40.67 -6.72 -17.42
CA THR A 323 -42.11 -6.52 -17.67
C THR A 323 -42.95 -7.25 -16.63
N GLU A 324 -42.60 -8.49 -16.34
CA GLU A 324 -43.15 -9.24 -15.22
C GLU A 324 -42.03 -9.56 -14.24
N SER A 325 -42.40 -10.24 -13.16
CA SER A 325 -41.45 -10.64 -12.12
C SER A 325 -41.76 -12.08 -11.72
N ILE A 326 -40.99 -13.02 -12.27
CA ILE A 326 -41.14 -14.43 -11.89
C ILE A 326 -40.59 -14.58 -10.48
N VAL A 327 -41.45 -15.03 -9.57
CA VAL A 327 -41.13 -15.13 -8.15
C VAL A 327 -41.30 -16.58 -7.71
N ARG A 328 -40.91 -17.51 -8.57
CA ARG A 328 -41.06 -18.94 -8.30
C ARG A 328 -40.05 -19.36 -7.24
N PHE A 329 -40.52 -19.50 -6.02
CA PHE A 329 -39.76 -19.86 -4.82
C PHE A 329 -40.14 -21.28 -4.41
N PRO A 330 -39.22 -22.03 -3.72
CA PRO A 330 -39.15 -23.52 -3.89
C PRO A 330 -40.45 -24.30 -4.00
N ASN A 331 -41.36 -24.15 -3.04
CA ASN A 331 -42.80 -24.42 -3.15
C ASN A 331 -43.47 -23.89 -1.89
N ILE A 332 -43.73 -24.78 -0.94
CA ILE A 332 -44.29 -24.43 0.37
C ILE A 332 -43.72 -25.42 1.38
N THR A 333 -43.13 -24.89 2.45
CA THR A 333 -42.80 -25.69 3.61
C THR A 333 -43.58 -25.13 4.81
N ASN A 334 -43.34 -25.70 5.98
CA ASN A 334 -44.06 -25.31 7.19
C ASN A 334 -43.37 -24.11 7.83
N LEU A 335 -43.79 -23.76 9.05
CA LEU A 335 -43.18 -22.68 9.80
C LEU A 335 -41.96 -23.19 10.56
N CYS A 336 -40.97 -22.33 10.73
CA CYS A 336 -39.76 -22.72 11.43
C CYS A 336 -39.97 -22.62 12.94
N PRO A 337 -39.76 -23.70 13.69
CA PRO A 337 -40.00 -23.64 15.14
C PRO A 337 -38.90 -22.91 15.89
N PHE A 338 -38.99 -21.58 15.94
CA PHE A 338 -38.11 -20.79 16.79
C PHE A 338 -38.56 -20.78 18.23
N GLY A 339 -39.73 -21.39 18.51
CA GLY A 339 -40.35 -21.29 19.82
C GLY A 339 -39.53 -21.92 20.93
N GLU A 340 -38.97 -23.10 20.66
CA GLU A 340 -38.22 -23.83 21.67
C GLU A 340 -36.73 -23.49 21.67
N VAL A 341 -36.29 -22.55 20.82
CA VAL A 341 -34.88 -22.21 20.76
C VAL A 341 -34.60 -20.76 21.15
N PHE A 342 -35.52 -19.82 20.93
CA PHE A 342 -35.32 -18.48 21.47
C PHE A 342 -35.97 -18.29 22.83
N ASN A 343 -36.76 -19.27 23.30
CA ASN A 343 -37.40 -19.17 24.60
C ASN A 343 -36.82 -20.23 25.53
N ALA A 344 -36.89 -21.52 25.16
CA ALA A 344 -35.94 -22.56 25.58
C ALA A 344 -35.70 -22.66 27.09
N THR A 345 -36.70 -23.18 27.82
CA THR A 345 -36.84 -23.17 29.28
C THR A 345 -35.54 -23.26 30.08
N ARG A 346 -34.62 -24.12 29.65
CA ARG A 346 -33.24 -24.06 30.11
C ARG A 346 -32.32 -23.91 28.91
N PHE A 347 -31.24 -23.13 29.11
CA PHE A 347 -30.25 -22.88 28.08
C PHE A 347 -28.97 -23.65 28.39
N ALA A 348 -28.26 -24.04 27.33
CA ALA A 348 -27.00 -24.74 27.50
C ALA A 348 -25.91 -23.78 27.97
N SER A 349 -24.87 -24.34 28.56
CA SER A 349 -23.76 -23.56 29.09
C SER A 349 -22.83 -23.12 27.96
N VAL A 350 -21.85 -22.29 28.30
CA VAL A 350 -20.94 -21.74 27.30
C VAL A 350 -19.92 -22.77 26.83
N TYR A 351 -19.46 -23.66 27.73
CA TYR A 351 -18.45 -24.64 27.33
C TYR A 351 -19.03 -25.71 26.41
N ALA A 352 -20.34 -25.95 26.50
CA ALA A 352 -21.03 -26.88 25.60
C ALA A 352 -22.26 -26.14 25.06
N TRP A 353 -22.07 -25.38 23.99
CA TRP A 353 -23.17 -24.63 23.40
C TRP A 353 -24.00 -25.54 22.51
N ASN A 354 -25.31 -25.36 22.57
CA ASN A 354 -26.22 -26.20 21.79
C ASN A 354 -26.19 -25.81 20.33
N ARG A 355 -25.96 -26.78 19.46
CA ARG A 355 -25.93 -26.58 18.02
C ARG A 355 -27.19 -27.25 17.44
N LYS A 356 -28.10 -26.43 16.93
CA LYS A 356 -29.40 -26.91 16.47
C LYS A 356 -29.51 -26.73 14.96
N ARG A 357 -29.91 -27.81 14.29
CA ARG A 357 -30.16 -27.79 12.85
C ARG A 357 -31.64 -27.53 12.59
N ILE A 358 -31.93 -26.57 11.71
CA ILE A 358 -33.29 -26.34 11.24
C ILE A 358 -33.28 -26.45 9.73
N SER A 359 -34.37 -26.97 9.18
CA SER A 359 -34.51 -27.24 7.76
C SER A 359 -35.96 -27.50 7.43
N ASN A 360 -36.27 -27.44 6.14
CA ASN A 360 -37.60 -27.77 5.59
C ASN A 360 -38.70 -26.92 6.21
N CYS A 361 -38.42 -25.64 6.42
CA CYS A 361 -39.42 -24.73 6.94
C CYS A 361 -39.15 -23.32 6.43
N VAL A 362 -40.20 -22.51 6.43
CA VAL A 362 -40.11 -21.10 6.07
C VAL A 362 -39.86 -20.30 7.34
N ALA A 363 -38.78 -19.53 7.36
CA ALA A 363 -38.38 -18.78 8.55
C ALA A 363 -38.84 -17.34 8.40
N ASP A 364 -39.82 -16.95 9.22
CA ASP A 364 -40.28 -15.56 9.27
C ASP A 364 -39.36 -14.82 10.23
N TYR A 365 -38.34 -14.17 9.67
N TYR A 365 -38.34 -14.16 9.68
CA TYR A 365 -37.39 -13.42 10.48
CA TYR A 365 -37.39 -13.42 10.49
C TYR A 365 -37.93 -12.09 10.96
C TYR A 365 -37.89 -12.05 10.91
N SER A 366 -39.01 -11.59 10.34
CA SER A 366 -39.50 -10.24 10.63
C SER A 366 -40.02 -10.12 12.06
N VAL A 367 -40.69 -11.16 12.57
CA VAL A 367 -41.19 -11.11 13.94
C VAL A 367 -40.04 -11.07 14.93
N LEU A 368 -38.93 -11.76 14.62
CA LEU A 368 -37.74 -11.61 15.45
C LEU A 368 -37.10 -10.24 15.27
N TYR A 369 -37.21 -9.66 14.07
CA TYR A 369 -36.62 -8.35 13.81
C TYR A 369 -37.29 -7.26 14.63
N ASN A 370 -38.62 -7.30 14.75
CA ASN A 370 -39.34 -6.36 15.60
C ASN A 370 -40.18 -7.15 16.61
N SER A 371 -39.75 -7.12 17.87
CA SER A 371 -40.39 -7.87 18.94
C SER A 371 -40.03 -7.21 20.26
N ALA A 372 -40.18 -7.97 21.36
CA ALA A 372 -39.63 -7.57 22.65
C ALA A 372 -38.15 -7.28 22.54
N SER A 373 -37.69 -6.33 23.35
CA SER A 373 -36.40 -5.66 23.13
C SER A 373 -35.22 -6.62 23.23
N PHE A 374 -34.55 -6.81 22.10
CA PHE A 374 -33.25 -7.48 22.07
C PHE A 374 -32.16 -6.45 22.34
N SER A 375 -31.16 -6.84 23.13
CA SER A 375 -30.13 -5.90 23.54
C SER A 375 -29.26 -5.46 22.37
N THR A 376 -29.02 -6.35 21.41
CA THR A 376 -28.26 -5.99 20.22
C THR A 376 -28.74 -6.82 19.03
N PHE A 377 -28.49 -6.29 17.84
CA PHE A 377 -28.78 -6.99 16.58
C PHE A 377 -27.67 -6.61 15.61
N LYS A 378 -26.61 -7.42 15.59
CA LYS A 378 -25.45 -7.17 14.73
C LYS A 378 -25.33 -8.32 13.74
N CYS A 379 -25.72 -8.08 12.50
CA CYS A 379 -25.65 -9.07 11.44
C CYS A 379 -24.45 -8.76 10.56
N TYR A 380 -23.58 -9.74 10.38
CA TYR A 380 -22.37 -9.60 9.58
C TYR A 380 -22.57 -10.32 8.26
N GLY A 381 -22.45 -9.58 7.16
CA GLY A 381 -22.58 -10.15 5.83
C GLY A 381 -23.99 -10.40 5.37
N VAL A 382 -25.00 -10.06 6.19
CA VAL A 382 -26.41 -10.23 5.85
C VAL A 382 -27.13 -8.97 6.32
N SER A 383 -28.00 -8.42 5.49
CA SER A 383 -28.73 -7.22 5.85
C SER A 383 -29.84 -7.55 6.84
N PRO A 384 -29.90 -6.89 8.01
CA PRO A 384 -31.06 -7.03 8.89
C PRO A 384 -32.36 -6.53 8.29
N THR A 385 -32.31 -5.66 7.29
CA THR A 385 -33.54 -5.13 6.71
C THR A 385 -34.01 -5.93 5.51
N LYS A 386 -33.09 -6.28 4.60
CA LYS A 386 -33.43 -6.96 3.36
C LYS A 386 -33.43 -8.48 3.50
N LEU A 387 -33.38 -9.01 4.72
CA LEU A 387 -33.29 -10.45 4.94
C LEU A 387 -34.56 -11.19 4.51
N ASN A 388 -35.68 -10.48 4.37
CA ASN A 388 -36.96 -11.13 4.11
C ASN A 388 -36.98 -11.87 2.77
N ASP A 389 -36.42 -11.25 1.73
CA ASP A 389 -36.40 -11.87 0.40
C ASP A 389 -35.12 -12.67 0.16
N LEU A 390 -34.82 -13.59 1.08
CA LEU A 390 -33.63 -14.42 0.99
C LEU A 390 -33.99 -15.88 1.19
N CYS A 391 -33.17 -16.75 0.60
CA CYS A 391 -33.27 -18.19 0.81
C CYS A 391 -31.89 -18.71 1.22
N PHE A 392 -31.87 -19.63 2.18
CA PHE A 392 -30.62 -20.10 2.76
C PHE A 392 -30.54 -21.62 2.70
N THR A 393 -29.31 -22.12 2.70
CA THR A 393 -29.06 -23.55 2.58
C THR A 393 -29.01 -24.26 3.91
N ASN A 394 -28.62 -23.57 4.98
CA ASN A 394 -28.61 -24.15 6.32
C ASN A 394 -28.64 -23.02 7.33
N VAL A 395 -29.37 -23.23 8.42
CA VAL A 395 -29.43 -22.28 9.53
C VAL A 395 -29.05 -23.04 10.79
N TYR A 396 -28.03 -22.56 11.50
CA TYR A 396 -27.52 -23.21 12.70
C TYR A 396 -27.53 -22.23 13.85
N ALA A 397 -28.14 -22.62 14.96
CA ALA A 397 -28.27 -21.76 16.13
C ALA A 397 -27.28 -22.18 17.20
N ASP A 398 -26.74 -21.19 17.92
CA ASP A 398 -25.77 -21.40 18.98
C ASP A 398 -26.29 -20.71 20.24
N SER A 399 -26.94 -21.47 21.11
CA SER A 399 -27.58 -20.92 22.31
C SER A 399 -26.66 -21.06 23.50
N PHE A 400 -26.29 -19.92 24.10
CA PHE A 400 -25.48 -19.90 25.30
C PHE A 400 -25.70 -18.57 26.01
N VAL A 401 -25.36 -18.53 27.30
CA VAL A 401 -25.70 -17.42 28.18
C VAL A 401 -24.43 -16.78 28.70
N ILE A 402 -24.28 -15.47 28.48
CA ILE A 402 -23.13 -14.68 28.93
C ILE A 402 -23.65 -13.42 29.63
N ARG A 403 -22.72 -12.67 30.21
CA ARG A 403 -23.07 -11.40 30.83
C ARG A 403 -23.19 -10.30 29.79
N GLY A 404 -23.67 -9.13 30.22
CA GLY A 404 -23.78 -7.98 29.36
C GLY A 404 -22.48 -7.27 29.08
N ASP A 405 -21.38 -7.72 29.68
CA ASP A 405 -20.10 -7.07 29.48
C ASP A 405 -19.39 -7.58 28.23
N GLU A 406 -19.40 -8.90 28.01
CA GLU A 406 -18.66 -9.51 26.92
C GLU A 406 -19.54 -9.82 25.71
N VAL A 407 -20.65 -9.10 25.55
CA VAL A 407 -21.45 -9.22 24.33
C VAL A 407 -20.68 -8.70 23.12
N ARG A 408 -19.88 -7.65 23.32
CA ARG A 408 -19.05 -7.11 22.24
C ARG A 408 -17.96 -8.09 21.80
N GLN A 409 -17.62 -9.06 22.63
CA GLN A 409 -16.63 -10.06 22.25
C GLN A 409 -17.18 -11.14 21.33
N ILE A 410 -18.51 -11.25 21.22
CA ILE A 410 -19.10 -12.21 20.26
C ILE A 410 -19.22 -11.45 18.93
N ALA A 411 -18.10 -11.41 18.21
CA ALA A 411 -17.93 -10.75 16.92
C ALA A 411 -16.58 -11.17 16.37
N PRO A 412 -16.45 -11.35 15.05
CA PRO A 412 -15.17 -11.80 14.49
C PRO A 412 -14.13 -10.69 14.51
N GLY A 413 -12.88 -11.07 14.77
CA GLY A 413 -11.75 -10.17 14.67
C GLY A 413 -11.22 -9.61 15.97
N GLN A 414 -11.81 -9.95 17.11
CA GLN A 414 -11.35 -9.44 18.40
C GLN A 414 -11.08 -10.61 19.35
N THR A 415 -10.25 -10.34 20.34
CA THR A 415 -9.91 -11.29 21.39
C THR A 415 -10.49 -10.81 22.72
N GLY A 416 -10.17 -11.54 23.79
CA GLY A 416 -10.66 -11.20 25.11
C GLY A 416 -10.54 -12.34 26.10
N LYS A 417 -11.64 -12.62 26.80
CA LYS A 417 -11.68 -13.72 27.76
C LYS A 417 -12.52 -14.90 27.29
N ILE A 418 -13.53 -14.66 26.45
CA ILE A 418 -14.46 -15.69 26.02
C ILE A 418 -14.30 -16.02 24.53
N ALA A 419 -14.04 -14.99 23.70
CA ALA A 419 -13.98 -15.18 22.26
C ALA A 419 -12.81 -16.06 21.82
N ASP A 420 -11.78 -16.17 22.63
CA ASP A 420 -10.62 -17.01 22.31
C ASP A 420 -10.53 -18.25 23.17
N TYR A 421 -11.51 -18.51 24.04
CA TYR A 421 -11.39 -19.60 24.98
C TYR A 421 -12.63 -20.51 24.99
N ASN A 422 -13.79 -19.98 24.63
CA ASN A 422 -15.01 -20.76 24.65
C ASN A 422 -15.70 -20.84 23.30
N TYR A 423 -15.88 -19.71 22.62
CA TYR A 423 -16.62 -19.68 21.35
C TYR A 423 -15.97 -18.65 20.44
N LYS A 424 -15.50 -19.10 19.28
CA LYS A 424 -14.81 -18.25 18.32
C LYS A 424 -15.50 -18.34 16.97
N LEU A 425 -15.80 -17.17 16.37
CA LEU A 425 -16.39 -17.09 15.05
C LEU A 425 -15.31 -16.95 13.98
N PRO A 426 -15.55 -17.48 12.78
CA PRO A 426 -14.57 -17.34 11.70
C PRO A 426 -14.44 -15.90 11.23
N ASP A 427 -13.29 -15.60 10.63
CA ASP A 427 -13.06 -14.28 10.05
C ASP A 427 -14.02 -14.02 8.91
N ASP A 428 -14.24 -15.03 8.06
CA ASP A 428 -15.31 -14.98 7.06
C ASP A 428 -16.56 -15.52 7.73
N PHE A 429 -17.42 -14.63 8.19
CA PHE A 429 -18.61 -14.99 8.95
C PHE A 429 -19.81 -14.29 8.34
N THR A 430 -20.78 -15.07 7.86
CA THR A 430 -22.02 -14.57 7.31
C THR A 430 -23.14 -15.03 8.23
N GLY A 431 -23.48 -14.19 9.21
CA GLY A 431 -24.49 -14.59 10.18
C GLY A 431 -24.96 -13.42 11.00
N CYS A 432 -25.91 -13.71 11.90
CA CYS A 432 -26.51 -12.72 12.77
C CYS A 432 -26.32 -13.12 14.22
N VAL A 433 -26.13 -12.11 15.08
CA VAL A 433 -25.96 -12.31 16.51
C VAL A 433 -27.12 -11.63 17.23
N ILE A 434 -27.76 -12.34 18.15
CA ILE A 434 -28.87 -11.81 18.93
C ILE A 434 -28.57 -12.01 20.41
N ALA A 435 -29.18 -11.16 21.23
CA ALA A 435 -29.01 -11.20 22.68
C ALA A 435 -30.13 -10.40 23.33
N TRP A 436 -30.55 -10.87 24.52
CA TRP A 436 -31.58 -10.16 25.28
C TRP A 436 -31.36 -10.42 26.76
N ASN A 437 -31.89 -9.52 27.58
CA ASN A 437 -31.78 -9.65 29.02
C ASN A 437 -32.68 -10.77 29.53
N SER A 438 -32.19 -11.52 30.51
CA SER A 438 -32.91 -12.63 31.11
C SER A 438 -32.87 -12.55 32.63
N ASN A 439 -33.14 -11.36 33.16
CA ASN A 439 -33.14 -11.17 34.60
C ASN A 439 -34.35 -11.84 35.26
N ASN A 440 -35.46 -11.96 34.54
CA ASN A 440 -36.64 -12.60 35.08
C ASN A 440 -36.64 -14.11 34.86
N LEU A 441 -36.16 -14.56 33.71
CA LEU A 441 -36.15 -15.99 33.40
C LEU A 441 -35.03 -16.72 34.11
N ASP A 442 -34.00 -16.01 34.58
CA ASP A 442 -32.84 -16.64 35.18
C ASP A 442 -32.36 -15.78 36.33
N SER A 443 -31.20 -16.15 36.90
CA SER A 443 -30.51 -15.42 37.96
C SER A 443 -31.38 -15.25 39.20
N LYS A 444 -31.82 -16.38 39.75
CA LYS A 444 -32.52 -16.35 41.03
C LYS A 444 -31.52 -16.10 42.15
N VAL A 445 -32.03 -15.60 43.28
CA VAL A 445 -31.16 -15.26 44.39
C VAL A 445 -30.65 -16.54 45.07
N GLY A 446 -29.34 -16.64 45.22
CA GLY A 446 -28.74 -17.83 45.79
C GLY A 446 -27.67 -18.44 44.92
N GLY A 447 -27.47 -17.88 43.72
CA GLY A 447 -26.41 -18.36 42.86
C GLY A 447 -26.74 -19.64 42.10
N ASN A 448 -27.72 -19.57 41.18
CA ASN A 448 -28.08 -20.71 40.35
C ASN A 448 -27.13 -20.84 39.16
N TYR A 449 -25.85 -21.05 39.47
CA TYR A 449 -24.80 -20.99 38.45
C TYR A 449 -24.54 -22.37 37.86
N ASN A 450 -25.49 -22.80 37.03
CA ASN A 450 -25.23 -23.91 36.11
C ASN A 450 -24.75 -23.37 34.77
N TYR A 451 -23.78 -22.46 34.83
CA TYR A 451 -23.33 -21.63 33.72
C TYR A 451 -21.83 -21.80 33.52
N LEU A 452 -21.42 -23.06 33.46
CA LEU A 452 -20.00 -23.41 33.53
C LEU A 452 -19.27 -22.96 32.26
N TYR A 453 -18.25 -22.11 32.42
CA TYR A 453 -17.45 -21.62 31.32
C TYR A 453 -15.98 -21.89 31.60
N ARG A 454 -15.23 -22.19 30.54
CA ARG A 454 -13.84 -22.56 30.66
C ARG A 454 -12.96 -21.33 30.81
N LEU A 455 -12.04 -21.37 31.77
CA LEU A 455 -11.14 -20.25 32.03
C LEU A 455 -9.87 -20.31 31.19
N PHE A 456 -9.22 -21.47 31.13
CA PHE A 456 -7.90 -21.59 30.52
C PHE A 456 -7.88 -22.69 29.48
N ARG A 457 -7.05 -22.50 28.47
CA ARG A 457 -6.86 -23.46 27.38
C ARG A 457 -5.40 -23.42 26.98
N LYS A 458 -4.92 -24.53 26.42
CA LYS A 458 -3.50 -24.68 26.08
C LYS A 458 -3.07 -23.64 25.03
N SER A 459 -3.89 -23.42 24.02
CA SER A 459 -3.56 -22.48 22.95
C SER A 459 -4.83 -21.76 22.53
N ASN A 460 -4.72 -20.96 21.47
CA ASN A 460 -5.87 -20.26 20.93
C ASN A 460 -6.81 -21.25 20.24
N LEU A 461 -8.05 -20.81 20.05
CA LEU A 461 -9.11 -21.67 19.54
C LEU A 461 -9.40 -21.37 18.08
N LYS A 462 -9.39 -22.42 17.27
CA LYS A 462 -9.85 -22.27 15.90
C LYS A 462 -11.38 -22.14 15.89
N PRO A 463 -11.94 -21.48 14.87
CA PRO A 463 -13.38 -21.19 14.90
C PRO A 463 -14.26 -22.44 14.84
N PHE A 464 -15.43 -22.33 15.46
CA PHE A 464 -16.46 -23.36 15.51
C PHE A 464 -15.95 -24.67 16.12
N GLU A 465 -15.59 -24.57 17.40
CA GLU A 465 -15.09 -25.72 18.15
C GLU A 465 -15.64 -25.68 19.57
N ARG A 466 -16.13 -26.82 20.05
CA ARG A 466 -16.60 -26.97 21.41
C ARG A 466 -15.58 -27.75 22.23
N ASP A 467 -15.55 -27.47 23.53
CA ASP A 467 -14.64 -28.13 24.46
C ASP A 467 -15.45 -28.71 25.60
N ILE A 468 -15.44 -30.03 25.73
CA ILE A 468 -16.19 -30.73 26.76
C ILE A 468 -15.30 -31.20 27.90
N SER A 469 -14.10 -31.66 27.57
CA SER A 469 -13.18 -32.22 28.57
C SER A 469 -12.74 -31.16 29.57
N THR A 470 -12.73 -31.55 30.85
CA THR A 470 -12.46 -30.66 31.96
C THR A 470 -11.11 -30.97 32.61
N GLU A 471 -10.10 -31.26 31.80
CA GLU A 471 -8.77 -31.57 32.34
C GLU A 471 -8.14 -30.32 32.95
N ILE A 472 -7.22 -30.54 33.89
CA ILE A 472 -6.64 -29.46 34.68
C ILE A 472 -5.73 -28.60 33.79
N TYR A 473 -5.53 -27.34 34.18
CA TYR A 473 -4.86 -26.34 33.36
C TYR A 473 -3.36 -26.64 33.27
N GLN A 474 -2.62 -25.69 32.68
CA GLN A 474 -1.29 -25.88 32.12
C GLN A 474 -0.28 -26.47 33.10
N ALA A 475 0.05 -25.71 34.14
CA ALA A 475 1.02 -26.11 35.18
C ALA A 475 2.35 -26.55 34.56
N GLY A 476 2.99 -25.60 33.88
CA GLY A 476 4.19 -25.91 33.11
C GLY A 476 5.37 -26.33 33.97
N SER A 477 5.50 -25.76 35.16
CA SER A 477 6.64 -26.07 36.02
C SER A 477 6.47 -27.43 36.69
N THR A 478 5.41 -27.59 37.48
CA THR A 478 5.13 -28.84 38.17
C THR A 478 3.88 -29.47 37.55
N PRO A 479 4.01 -30.64 36.91
CA PRO A 479 2.82 -31.38 36.47
C PRO A 479 1.82 -31.62 37.59
N CYS A 480 0.54 -31.51 37.25
CA CYS A 480 -0.54 -31.61 38.23
C CYS A 480 -0.72 -33.03 38.72
N ASN A 481 -0.56 -34.01 37.81
CA ASN A 481 -0.72 -35.44 38.11
C ASN A 481 -2.10 -35.77 38.67
N GLY A 482 -3.13 -35.11 38.13
CA GLY A 482 -4.50 -35.43 38.48
C GLY A 482 -4.98 -34.93 39.82
N VAL A 483 -4.31 -33.95 40.41
CA VAL A 483 -4.76 -33.34 41.66
C VAL A 483 -5.15 -31.90 41.38
N GLU A 484 -5.88 -31.31 42.33
CA GLU A 484 -6.34 -29.93 42.23
C GLU A 484 -6.10 -29.16 43.52
N GLY A 485 -4.96 -29.42 44.16
CA GLY A 485 -4.66 -28.76 45.42
C GLY A 485 -4.29 -27.29 45.28
N PHE A 486 -3.13 -27.03 44.69
CA PHE A 486 -2.69 -25.66 44.41
C PHE A 486 -1.81 -25.70 43.17
N ASN A 487 -1.83 -24.59 42.43
CA ASN A 487 -1.29 -24.50 41.07
C ASN A 487 -1.92 -25.56 40.17
N CYS A 488 -3.17 -25.93 40.47
CA CYS A 488 -3.93 -26.94 39.72
C CYS A 488 -5.40 -26.51 39.81
N TYR A 489 -5.85 -25.76 38.83
CA TYR A 489 -7.16 -25.11 38.78
C TYR A 489 -8.11 -25.91 37.91
N PHE A 490 -9.32 -26.10 38.40
CA PHE A 490 -10.39 -26.61 37.57
C PHE A 490 -10.76 -25.53 36.56
N PRO A 491 -10.57 -25.74 35.25
CA PRO A 491 -10.79 -24.65 34.29
C PRO A 491 -12.24 -24.30 34.10
N LEU A 492 -13.16 -25.20 34.44
CA LEU A 492 -14.58 -24.94 34.30
C LEU A 492 -15.05 -24.08 35.45
N GLN A 493 -15.58 -22.90 35.14
CA GLN A 493 -15.89 -21.88 36.14
C GLN A 493 -17.37 -21.53 36.08
N SER A 494 -18.00 -21.42 37.25
CA SER A 494 -19.37 -20.96 37.34
C SER A 494 -19.41 -19.44 37.31
N TYR A 495 -20.41 -18.88 36.61
CA TYR A 495 -20.45 -17.44 36.43
C TYR A 495 -20.80 -16.72 37.72
N GLY A 496 -21.69 -17.29 38.52
CA GLY A 496 -22.07 -16.66 39.78
C GLY A 496 -22.95 -15.45 39.61
N PHE A 497 -24.18 -15.66 39.11
CA PHE A 497 -25.09 -14.57 38.84
C PHE A 497 -25.97 -14.28 40.04
N GLN A 498 -26.25 -13.00 40.26
CA GLN A 498 -27.17 -12.53 41.28
C GLN A 498 -28.16 -11.56 40.66
N PRO A 499 -29.42 -11.56 41.12
CA PRO A 499 -30.40 -10.63 40.55
C PRO A 499 -30.15 -9.18 40.93
N THR A 500 -29.35 -8.92 41.96
CA THR A 500 -29.05 -7.56 42.40
C THR A 500 -27.75 -7.02 41.82
N ASN A 501 -27.16 -7.74 40.87
CA ASN A 501 -25.89 -7.32 40.28
C ASN A 501 -26.10 -6.14 39.33
N GLY A 502 -24.99 -5.54 38.91
CA GLY A 502 -25.05 -4.41 38.02
C GLY A 502 -25.42 -4.81 36.60
N VAL A 503 -25.59 -3.79 35.76
CA VAL A 503 -26.04 -4.00 34.38
C VAL A 503 -24.97 -4.70 33.55
N GLY A 504 -23.70 -4.65 33.95
CA GLY A 504 -22.67 -5.41 33.29
C GLY A 504 -22.57 -6.85 33.73
N TYR A 505 -23.37 -7.25 34.72
CA TYR A 505 -23.35 -8.60 35.27
C TYR A 505 -24.74 -9.24 35.17
N GLN A 506 -25.40 -9.04 34.04
CA GLN A 506 -26.74 -9.61 33.87
C GLN A 506 -26.71 -10.72 32.82
N PRO A 507 -27.45 -11.81 33.04
CA PRO A 507 -27.42 -12.94 32.09
C PRO A 507 -28.08 -12.57 30.78
N TYR A 508 -27.29 -12.56 29.71
CA TYR A 508 -27.78 -12.26 28.37
C TYR A 508 -27.80 -13.55 27.57
N ARG A 509 -29.00 -14.01 27.22
CA ARG A 509 -29.15 -15.22 26.42
C ARG A 509 -28.80 -14.90 24.97
N VAL A 510 -27.71 -15.50 24.48
CA VAL A 510 -27.15 -15.17 23.17
C VAL A 510 -27.40 -16.35 22.23
N VAL A 511 -28.06 -16.07 21.11
CA VAL A 511 -28.27 -17.06 20.06
C VAL A 511 -27.59 -16.54 18.81
N VAL A 512 -26.67 -17.33 18.27
CA VAL A 512 -25.91 -16.96 17.08
C VAL A 512 -26.41 -17.81 15.91
N LEU A 513 -26.89 -17.14 14.86
CA LEU A 513 -27.38 -17.81 13.66
C LEU A 513 -26.34 -17.68 12.56
N SER A 514 -26.01 -18.80 11.92
CA SER A 514 -25.05 -18.83 10.83
C SER A 514 -25.73 -19.36 9.58
N PHE A 515 -25.50 -18.69 8.45
CA PHE A 515 -26.10 -19.07 7.18
C PHE A 515 -25.02 -19.34 6.14
N GLU A 516 -25.47 -19.72 4.94
CA GLU A 516 -24.60 -19.91 3.79
C GLU A 516 -25.39 -19.50 2.56
N LEU A 517 -24.82 -18.62 1.75
CA LEU A 517 -25.57 -17.92 0.71
C LEU A 517 -25.24 -18.48 -0.67
N LEU A 518 -26.26 -19.07 -1.32
CA LEU A 518 -26.31 -19.33 -2.76
C LEU A 518 -25.16 -20.22 -3.24
N HIS A 519 -25.04 -21.39 -2.63
CA HIS A 519 -24.04 -22.35 -3.08
C HIS A 519 -24.52 -23.80 -3.03
N ALA A 520 -25.79 -24.03 -2.70
CA ALA A 520 -26.36 -25.37 -2.64
C ALA A 520 -27.86 -25.27 -2.75
N PRO A 521 -28.57 -26.39 -2.86
CA PRO A 521 -30.02 -26.37 -2.68
C PRO A 521 -30.41 -25.78 -1.34
N ALA A 522 -31.46 -24.96 -1.35
CA ALA A 522 -31.90 -24.21 -0.18
C ALA A 522 -33.10 -24.91 0.45
N THR A 523 -33.06 -25.07 1.77
CA THR A 523 -34.13 -25.71 2.50
C THR A 523 -34.92 -24.76 3.39
N VAL A 524 -34.38 -23.58 3.69
CA VAL A 524 -35.05 -22.58 4.51
C VAL A 524 -35.12 -21.28 3.71
N CYS A 525 -36.30 -20.69 3.64
CA CYS A 525 -36.54 -19.51 2.83
C CYS A 525 -37.32 -18.47 3.63
N GLY A 526 -37.54 -17.31 3.01
CA GLY A 526 -38.24 -16.23 3.64
C GLY A 526 -39.75 -16.33 3.47
N PRO A 527 -40.48 -15.37 4.03
CA PRO A 527 -41.94 -15.42 3.97
C PRO A 527 -42.53 -14.90 2.67
N LYS A 528 -41.71 -14.53 1.69
CA LYS A 528 -42.23 -13.95 0.46
C LYS A 528 -42.91 -15.01 -0.40
N LYS A 529 -44.15 -14.72 -0.81
CA LYS A 529 -44.92 -15.65 -1.62
C LYS A 529 -44.45 -15.64 -3.07
N ASN A 544 -35.91 -22.36 -6.52
CA ASN A 544 -35.25 -22.82 -5.31
C ASN A 544 -34.41 -21.71 -4.69
N GLY A 545 -34.95 -20.49 -4.70
CA GLY A 545 -34.30 -19.36 -4.08
C GLY A 545 -33.35 -18.59 -4.98
N LEU A 546 -33.09 -19.07 -6.20
CA LEU A 546 -32.20 -18.37 -7.10
C LEU A 546 -32.90 -17.14 -7.66
N THR A 547 -32.28 -15.97 -7.50
CA THR A 547 -32.86 -14.70 -7.92
C THR A 547 -31.97 -14.07 -8.98
N GLY A 548 -32.60 -13.50 -10.01
CA GLY A 548 -31.85 -12.87 -11.08
C GLY A 548 -32.80 -12.34 -12.14
N THR A 549 -32.21 -11.73 -13.16
CA THR A 549 -32.95 -11.13 -14.26
C THR A 549 -32.51 -11.76 -15.57
N GLY A 550 -33.46 -12.22 -16.36
CA GLY A 550 -33.14 -12.84 -17.63
C GLY A 550 -34.39 -13.22 -18.38
N VAL A 551 -34.19 -13.95 -19.48
CA VAL A 551 -35.27 -14.40 -20.36
C VAL A 551 -35.29 -15.92 -20.33
N LEU A 552 -36.45 -16.49 -20.00
CA LEU A 552 -36.57 -17.94 -19.90
C LEU A 552 -36.66 -18.55 -21.30
N THR A 553 -35.67 -19.40 -21.62
CA THR A 553 -35.54 -20.03 -22.93
C THR A 553 -35.44 -21.54 -22.76
N GLU A 554 -36.42 -22.11 -22.05
CA GLU A 554 -36.52 -23.52 -21.67
C GLU A 554 -36.16 -24.48 -22.80
N SER A 555 -35.18 -25.34 -22.52
CA SER A 555 -34.68 -26.30 -23.50
C SER A 555 -34.27 -27.56 -22.76
N ASN A 556 -33.65 -28.49 -23.49
CA ASN A 556 -33.27 -29.79 -22.94
C ASN A 556 -31.78 -29.74 -22.58
N LYS A 557 -31.50 -29.17 -21.42
CA LYS A 557 -30.18 -29.31 -20.82
C LYS A 557 -30.09 -30.64 -20.09
N LYS A 558 -28.93 -31.26 -20.13
CA LYS A 558 -28.75 -32.56 -19.53
C LYS A 558 -28.77 -32.50 -18.01
N PHE A 559 -29.90 -32.84 -17.42
CA PHE A 559 -30.03 -32.82 -15.97
C PHE A 559 -29.47 -34.11 -15.39
N LEU A 560 -28.36 -34.01 -14.69
CA LEU A 560 -27.92 -35.16 -13.90
C LEU A 560 -28.74 -35.19 -12.61
N PRO A 561 -29.08 -36.40 -12.10
CA PRO A 561 -30.08 -36.54 -11.01
C PRO A 561 -29.82 -35.75 -9.72
N PHE A 562 -28.61 -35.23 -9.54
CA PHE A 562 -28.23 -34.47 -8.36
C PHE A 562 -28.06 -32.98 -8.64
N GLN A 563 -28.06 -32.56 -9.90
CA GLN A 563 -27.77 -31.17 -10.23
C GLN A 563 -28.91 -30.24 -9.80
N GLN A 564 -28.54 -29.03 -9.37
CA GLN A 564 -29.52 -28.05 -8.92
C GLN A 564 -29.35 -26.67 -9.54
N PHE A 565 -28.15 -26.30 -9.99
CA PHE A 565 -28.04 -25.06 -10.77
C PHE A 565 -26.91 -25.22 -11.79
N GLY A 566 -26.94 -24.34 -12.79
CA GLY A 566 -25.92 -24.33 -13.83
C GLY A 566 -25.11 -23.05 -13.82
N ARG A 567 -23.97 -23.06 -14.50
CA ARG A 567 -23.06 -21.92 -14.47
C ARG A 567 -22.34 -21.82 -15.80
N ASP A 568 -22.08 -20.58 -16.22
CA ASP A 568 -21.40 -20.30 -17.47
C ASP A 568 -19.91 -20.08 -17.21
N ILE A 569 -19.19 -19.59 -18.22
CA ILE A 569 -17.76 -19.36 -18.10
C ILE A 569 -17.46 -18.22 -17.13
N ALA A 570 -18.31 -17.20 -17.10
CA ALA A 570 -18.10 -16.02 -16.26
C ALA A 570 -18.53 -16.21 -14.82
N ASP A 571 -18.78 -17.46 -14.39
CA ASP A 571 -19.20 -17.82 -13.04
C ASP A 571 -20.49 -17.08 -12.63
N THR A 572 -21.41 -16.95 -13.57
CA THR A 572 -22.73 -16.39 -13.31
C THR A 572 -23.79 -17.44 -13.58
N THR A 573 -25.04 -17.10 -13.26
CA THR A 573 -26.14 -18.02 -13.46
C THR A 573 -26.60 -17.96 -14.91
N ASP A 574 -26.55 -19.11 -15.61
CA ASP A 574 -27.07 -19.22 -16.96
C ASP A 574 -28.19 -20.23 -17.10
N ALA A 575 -28.29 -21.19 -16.19
CA ALA A 575 -29.38 -22.17 -16.18
C ALA A 575 -29.84 -22.37 -14.75
N VAL A 576 -31.15 -22.38 -14.55
CA VAL A 576 -31.75 -22.47 -13.23
C VAL A 576 -32.74 -23.63 -13.22
N ARG A 577 -32.60 -24.53 -12.25
CA ARG A 577 -33.59 -25.57 -12.04
C ARG A 577 -34.90 -24.96 -11.59
N ASP A 578 -35.99 -25.32 -12.26
CA ASP A 578 -37.31 -24.83 -11.89
C ASP A 578 -37.69 -25.41 -10.53
N PRO A 579 -38.15 -24.58 -9.59
CA PRO A 579 -38.47 -25.11 -8.24
C PRO A 579 -39.59 -26.13 -8.21
N GLN A 580 -40.60 -26.02 -9.08
CA GLN A 580 -41.71 -26.96 -9.03
C GLN A 580 -41.35 -28.25 -9.77
N THR A 581 -41.12 -28.16 -11.07
CA THR A 581 -40.81 -29.31 -11.90
C THR A 581 -39.33 -29.33 -12.25
N LEU A 582 -38.84 -30.51 -12.58
CA LEU A 582 -37.39 -30.71 -12.66
C LEU A 582 -36.78 -30.30 -13.99
N GLU A 583 -37.55 -29.72 -14.91
CA GLU A 583 -36.98 -29.31 -16.19
C GLU A 583 -36.12 -28.05 -16.01
N ILE A 584 -35.47 -27.65 -17.10
CA ILE A 584 -34.42 -26.64 -17.06
C ILE A 584 -34.96 -25.33 -17.60
N LEU A 585 -34.82 -24.25 -16.83
CA LEU A 585 -35.07 -22.90 -17.32
C LEU A 585 -33.73 -22.34 -17.76
N ASP A 586 -33.42 -22.46 -19.05
CA ASP A 586 -32.20 -21.89 -19.61
C ASP A 586 -32.38 -20.39 -19.70
N ILE A 587 -31.90 -19.65 -18.69
CA ILE A 587 -32.07 -18.21 -18.71
C ILE A 587 -31.10 -17.58 -19.70
N THR A 588 -31.49 -16.42 -20.23
CA THR A 588 -30.73 -15.71 -21.23
C THR A 588 -30.83 -14.24 -20.86
N PRO A 589 -29.72 -13.50 -20.86
CA PRO A 589 -29.78 -12.06 -20.56
C PRO A 589 -30.58 -11.30 -21.59
N CYS A 590 -31.21 -10.21 -21.15
CA CYS A 590 -32.09 -9.42 -22.01
C CYS A 590 -31.32 -8.81 -23.17
N SER A 591 -32.02 -8.63 -24.29
CA SER A 591 -31.38 -8.14 -25.49
C SER A 591 -31.02 -6.66 -25.35
N PHE A 592 -29.79 -6.32 -25.73
CA PHE A 592 -29.30 -4.96 -25.59
C PHE A 592 -28.19 -4.73 -26.61
N GLY A 593 -27.88 -3.46 -26.85
CA GLY A 593 -26.84 -3.11 -27.80
C GLY A 593 -26.75 -1.61 -27.92
N GLY A 594 -25.81 -1.19 -28.75
CA GLY A 594 -25.63 0.24 -28.98
C GLY A 594 -26.75 0.83 -29.81
N VAL A 595 -27.01 2.12 -29.58
CA VAL A 595 -28.02 2.86 -30.32
C VAL A 595 -27.30 3.95 -31.10
N SER A 596 -27.34 3.84 -32.42
CA SER A 596 -26.74 4.83 -33.30
C SER A 596 -27.83 5.54 -34.08
N VAL A 597 -27.56 6.78 -34.46
CA VAL A 597 -28.52 7.59 -35.19
C VAL A 597 -27.91 8.02 -36.53
N ILE A 598 -28.75 8.07 -37.55
CA ILE A 598 -28.34 8.49 -38.89
C ILE A 598 -28.78 9.92 -39.07
N THR A 599 -27.82 10.85 -39.03
CA THR A 599 -28.15 12.25 -39.25
C THR A 599 -27.36 12.80 -40.43
N PRO A 600 -27.99 13.61 -41.28
CA PRO A 600 -27.23 14.43 -42.22
C PRO A 600 -26.74 15.69 -41.52
N GLY A 601 -26.17 16.63 -42.28
CA GLY A 601 -25.78 17.90 -41.69
C GLY A 601 -26.99 18.69 -41.21
N THR A 602 -26.73 19.61 -40.28
CA THR A 602 -27.78 20.47 -39.76
C THR A 602 -28.39 21.33 -40.86
N ASN A 603 -27.55 21.81 -41.78
CA ASN A 603 -28.01 22.51 -42.98
C ASN A 603 -28.89 21.63 -43.84
N THR A 604 -28.38 20.43 -44.15
CA THR A 604 -28.96 19.50 -45.13
C THR A 604 -30.41 19.16 -44.84
N SER A 605 -30.69 18.73 -43.61
CA SER A 605 -32.04 18.38 -43.19
C SER A 605 -32.11 18.26 -41.67
N ASN A 606 -33.26 17.85 -41.16
CA ASN A 606 -33.42 17.60 -39.74
C ASN A 606 -34.03 16.23 -39.44
N GLN A 607 -34.33 15.43 -40.46
CA GLN A 607 -34.85 14.09 -40.22
C GLN A 607 -33.73 13.16 -39.78
N VAL A 608 -34.06 12.25 -38.87
CA VAL A 608 -33.09 11.31 -38.31
C VAL A 608 -33.68 9.90 -38.37
N ALA A 609 -32.79 8.92 -38.27
CA ALA A 609 -33.16 7.52 -38.25
C ALA A 609 -32.41 6.81 -37.13
N VAL A 610 -33.14 6.14 -36.25
CA VAL A 610 -32.55 5.46 -35.11
C VAL A 610 -32.17 4.04 -35.52
N LEU A 611 -30.91 3.67 -35.27
CA LEU A 611 -30.40 2.36 -35.60
C LEU A 611 -30.09 1.60 -34.31
N TYR A 612 -30.53 0.34 -34.25
CA TYR A 612 -30.27 -0.54 -33.13
C TYR A 612 -29.39 -1.68 -33.60
N GLN A 613 -28.37 -2.02 -32.80
CA GLN A 613 -27.31 -2.93 -33.21
C GLN A 613 -27.59 -4.34 -32.71
N ASP A 614 -27.49 -5.32 -33.62
CA ASP A 614 -27.50 -6.75 -33.30
C ASP A 614 -28.78 -7.21 -32.60
N VAL A 615 -29.89 -6.53 -32.88
CA VAL A 615 -31.17 -6.86 -32.27
C VAL A 615 -32.25 -6.79 -33.35
N ASN A 616 -33.15 -7.77 -33.35
CA ASN A 616 -34.19 -7.88 -34.36
C ASN A 616 -35.33 -6.91 -34.07
N CYS A 617 -36.11 -6.61 -35.11
CA CYS A 617 -37.31 -5.79 -34.97
C CYS A 617 -38.50 -6.62 -34.53
N THR A 618 -38.37 -7.33 -33.41
CA THR A 618 -39.46 -8.11 -32.84
C THR A 618 -39.99 -7.51 -31.55
N GLU A 619 -39.11 -7.22 -30.60
CA GLU A 619 -39.49 -6.67 -29.30
C GLU A 619 -38.64 -5.46 -28.97
N VAL A 620 -38.50 -4.56 -29.94
CA VAL A 620 -37.74 -3.33 -29.74
C VAL A 620 -38.68 -2.13 -29.70
N ASN A 641 -41.13 2.30 -42.64
CA ASN A 641 -40.88 2.90 -41.34
C ASN A 641 -39.82 2.12 -40.57
N VAL A 642 -40.11 0.85 -40.29
CA VAL A 642 -39.20 -0.03 -39.58
C VAL A 642 -38.79 -1.15 -40.54
N PHE A 643 -37.50 -1.26 -40.81
CA PHE A 643 -36.98 -2.25 -41.74
C PHE A 643 -35.73 -2.88 -41.13
N GLN A 644 -35.69 -4.22 -41.14
CA GLN A 644 -34.63 -4.96 -40.47
C GLN A 644 -33.43 -5.08 -41.40
N THR A 645 -32.28 -4.60 -40.94
CA THR A 645 -31.05 -4.65 -41.71
C THR A 645 -30.23 -5.88 -41.32
N ARG A 646 -29.13 -6.10 -42.04
CA ARG A 646 -28.18 -7.13 -41.63
C ARG A 646 -27.43 -6.72 -40.37
N ALA A 647 -27.17 -5.42 -40.20
CA ALA A 647 -26.49 -4.95 -39.00
C ALA A 647 -27.41 -4.96 -37.79
N GLY A 648 -28.70 -4.71 -37.99
CA GLY A 648 -29.62 -4.70 -36.87
C GLY A 648 -30.96 -4.11 -37.28
N CYS A 649 -31.69 -3.62 -36.29
CA CYS A 649 -33.00 -3.01 -36.52
C CYS A 649 -32.83 -1.53 -36.79
N LEU A 650 -33.44 -1.05 -37.87
CA LEU A 650 -33.37 0.36 -38.27
C LEU A 650 -34.77 0.95 -38.21
N ILE A 651 -34.91 2.04 -37.46
CA ILE A 651 -36.19 2.74 -37.31
C ILE A 651 -36.05 4.15 -37.83
N GLY A 652 -36.94 4.54 -38.74
CA GLY A 652 -36.94 5.87 -39.30
C GLY A 652 -36.42 5.99 -40.71
N ALA A 653 -36.10 4.88 -41.37
CA ALA A 653 -35.61 4.91 -42.74
C ALA A 653 -36.28 3.81 -43.55
N GLU A 654 -36.36 4.03 -44.85
CA GLU A 654 -36.92 3.06 -45.78
C GLU A 654 -35.81 2.43 -46.61
N HIS A 655 -36.12 1.27 -47.19
CA HIS A 655 -35.15 0.49 -47.94
C HIS A 655 -35.42 0.60 -49.43
N VAL A 656 -34.36 0.91 -50.20
CA VAL A 656 -34.44 1.03 -51.65
C VAL A 656 -33.34 0.12 -52.19
N ASN A 657 -33.72 -0.90 -52.99
CA ASN A 657 -32.76 -1.89 -53.49
C ASN A 657 -31.69 -1.27 -54.38
N ASN A 658 -32.05 -0.18 -55.06
CA ASN A 658 -31.16 0.52 -55.98
C ASN A 658 -29.87 0.94 -55.30
N SER A 659 -28.75 0.59 -55.92
CA SER A 659 -27.44 0.76 -55.31
C SER A 659 -26.86 2.12 -55.67
N TYR A 660 -26.46 2.87 -54.65
CA TYR A 660 -25.85 4.19 -54.83
C TYR A 660 -24.52 4.23 -54.07
N GLU A 661 -23.85 5.38 -54.15
CA GLU A 661 -22.60 5.55 -53.45
C GLU A 661 -22.83 5.65 -51.94
N CYS A 662 -21.87 5.14 -51.19
CA CYS A 662 -21.98 5.09 -49.73
C CYS A 662 -21.70 6.47 -49.16
N ASP A 663 -22.72 7.08 -48.57
CA ASP A 663 -22.59 8.38 -47.91
C ASP A 663 -22.52 8.26 -46.40
N ILE A 664 -23.43 7.48 -45.82
CA ILE A 664 -23.44 7.21 -44.37
C ILE A 664 -23.07 5.74 -44.18
N PRO A 665 -22.00 5.44 -43.45
CA PRO A 665 -21.67 4.03 -43.17
C PRO A 665 -22.60 3.44 -42.13
N ILE A 666 -23.06 2.21 -42.38
CA ILE A 666 -23.92 1.49 -41.45
C ILE A 666 -23.27 0.17 -41.02
N GLY A 667 -22.87 -0.65 -41.98
CA GLY A 667 -22.26 -1.93 -41.67
C GLY A 667 -22.88 -3.07 -42.45
N ALA A 668 -22.08 -4.13 -42.66
CA ALA A 668 -22.50 -5.34 -43.37
C ALA A 668 -22.99 -5.02 -44.78
N GLY A 669 -22.33 -4.09 -45.45
CA GLY A 669 -22.66 -3.75 -46.82
C GLY A 669 -23.82 -2.80 -46.99
N ILE A 670 -24.34 -2.24 -45.90
CA ILE A 670 -25.47 -1.31 -45.96
C ILE A 670 -24.95 0.10 -45.78
N CYS A 671 -25.44 1.02 -46.63
CA CYS A 671 -25.11 2.42 -46.50
C CYS A 671 -26.37 3.26 -46.63
N ALA A 672 -26.32 4.45 -46.04
CA ALA A 672 -27.46 5.36 -46.03
C ALA A 672 -27.08 6.67 -46.69
N SER A 673 -28.11 7.40 -47.13
CA SER A 673 -27.92 8.72 -47.72
C SER A 673 -29.23 9.47 -47.66
N TYR A 674 -29.14 10.79 -47.79
CA TYR A 674 -30.31 11.67 -47.86
C TYR A 674 -30.43 12.19 -49.28
N GLN A 675 -31.47 11.74 -49.99
CA GLN A 675 -31.68 12.13 -51.38
C GLN A 675 -33.11 12.66 -51.54
N THR A 676 -33.26 13.58 -52.48
CA THR A 676 -34.55 14.18 -52.77
C THR A 676 -35.40 13.28 -53.65
N GLN A 690 -36.70 13.26 -50.28
CA GLN A 690 -36.32 14.05 -49.12
C GLN A 690 -36.46 13.23 -47.84
N SER A 691 -35.89 12.02 -47.86
CA SER A 691 -35.97 11.12 -46.72
C SER A 691 -34.71 10.27 -46.66
N ILE A 692 -34.44 9.73 -45.48
CA ILE A 692 -33.28 8.89 -45.27
C ILE A 692 -33.58 7.50 -45.80
N ILE A 693 -32.75 7.01 -46.71
CA ILE A 693 -32.94 5.71 -47.34
C ILE A 693 -31.77 4.82 -46.99
N ALA A 694 -32.04 3.52 -46.91
CA ALA A 694 -31.03 2.50 -46.65
C ALA A 694 -30.88 1.61 -47.88
N TYR A 695 -29.65 1.29 -48.24
CA TYR A 695 -29.41 0.53 -49.46
C TYR A 695 -28.08 -0.21 -49.35
N THR A 696 -27.94 -1.22 -50.20
CA THR A 696 -26.66 -1.89 -50.37
C THR A 696 -25.72 -0.98 -51.15
N MET A 697 -24.48 -0.86 -50.68
CA MET A 697 -23.52 0.03 -51.31
C MET A 697 -23.10 -0.48 -52.68
N SER A 698 -22.56 0.44 -53.48
CA SER A 698 -21.98 0.11 -54.77
C SER A 698 -20.47 0.13 -54.66
N LEU A 699 -19.84 -0.88 -55.26
CA LEU A 699 -18.38 -0.94 -55.28
C LEU A 699 -17.76 0.09 -56.21
N GLY A 700 -18.54 0.69 -57.11
CA GLY A 700 -18.06 1.64 -58.07
C GLY A 700 -18.69 1.41 -59.43
N ALA A 701 -18.24 2.21 -60.39
CA ALA A 701 -18.74 2.10 -61.75
C ALA A 701 -18.21 0.83 -62.40
N GLU A 702 -19.09 0.07 -63.04
CA GLU A 702 -18.68 -1.15 -63.72
C GLU A 702 -17.95 -0.81 -65.02
N ASN A 703 -16.85 -1.52 -65.28
CA ASN A 703 -16.05 -1.31 -66.48
C ASN A 703 -15.61 -2.67 -67.01
N SER A 704 -16.14 -3.05 -68.17
CA SER A 704 -15.75 -4.31 -68.81
C SER A 704 -14.60 -4.03 -69.78
N VAL A 705 -13.44 -4.59 -69.49
CA VAL A 705 -12.25 -4.36 -70.29
C VAL A 705 -12.33 -5.18 -71.58
N ALA A 706 -11.97 -4.55 -72.69
CA ALA A 706 -12.03 -5.20 -74.01
C ALA A 706 -10.71 -5.93 -74.27
N TYR A 707 -10.54 -7.05 -73.57
CA TYR A 707 -9.37 -7.90 -73.74
C TYR A 707 -9.46 -8.67 -75.06
N SER A 708 -8.30 -8.99 -75.63
CA SER A 708 -8.19 -9.79 -76.84
C SER A 708 -6.76 -10.27 -76.99
N ASN A 709 -6.54 -11.10 -78.01
CA ASN A 709 -5.21 -11.51 -78.47
C ASN A 709 -4.35 -10.32 -78.81
N ASN A 710 -4.95 -9.29 -79.41
CA ASN A 710 -4.17 -8.22 -80.01
C ASN A 710 -4.75 -6.83 -79.73
N SER A 711 -5.66 -6.68 -78.77
CA SER A 711 -6.19 -5.37 -78.46
C SER A 711 -5.24 -4.61 -77.56
N ILE A 712 -4.97 -3.34 -77.91
CA ILE A 712 -4.13 -2.47 -77.11
C ILE A 712 -4.80 -1.11 -77.00
N ALA A 713 -4.38 -0.35 -75.99
CA ALA A 713 -4.90 1.00 -75.76
C ALA A 713 -3.71 1.91 -75.43
N ILE A 714 -3.20 2.59 -76.45
CA ILE A 714 -2.09 3.53 -76.31
C ILE A 714 -2.67 4.93 -76.26
N PRO A 715 -2.48 5.68 -75.18
CA PRO A 715 -3.06 7.03 -75.11
C PRO A 715 -2.37 7.99 -76.06
N THR A 716 -3.16 8.94 -76.56
CA THR A 716 -2.64 10.01 -77.40
C THR A 716 -2.55 11.34 -76.67
N ASN A 717 -3.13 11.44 -75.47
CA ASN A 717 -3.14 12.68 -74.71
C ASN A 717 -2.85 12.38 -73.24
N PHE A 718 -2.32 13.38 -72.55
CA PHE A 718 -2.01 13.28 -71.13
C PHE A 718 -2.44 14.54 -70.43
N THR A 719 -2.88 14.39 -69.18
CA THR A 719 -3.19 15.53 -68.33
C THR A 719 -2.20 15.56 -67.16
N ILE A 720 -1.52 16.68 -67.01
CA ILE A 720 -0.68 16.91 -65.84
C ILE A 720 -1.60 17.47 -64.76
N SER A 721 -1.75 16.72 -63.68
CA SER A 721 -2.68 17.07 -62.61
C SER A 721 -1.95 17.00 -61.28
N VAL A 722 -2.20 18.01 -60.43
CA VAL A 722 -1.63 18.05 -59.10
C VAL A 722 -2.65 17.48 -58.12
N THR A 723 -2.26 16.41 -57.42
CA THR A 723 -3.09 15.77 -56.43
C THR A 723 -2.49 16.03 -55.06
N THR A 724 -3.21 16.75 -54.21
CA THR A 724 -2.69 17.09 -52.90
C THR A 724 -2.69 15.87 -51.98
N GLU A 725 -1.73 15.85 -51.07
CA GLU A 725 -1.62 14.80 -50.07
C GLU A 725 -1.21 15.43 -48.75
N ILE A 726 -1.98 15.17 -47.70
CA ILE A 726 -1.80 15.83 -46.41
C ILE A 726 -1.42 14.78 -45.38
N LEU A 727 -0.37 15.08 -44.60
CA LEU A 727 0.14 14.17 -43.59
C LEU A 727 0.48 14.97 -42.34
N PRO A 728 0.06 14.53 -41.16
CA PRO A 728 0.55 15.15 -39.92
C PRO A 728 1.96 14.70 -39.59
N VAL A 729 2.72 15.61 -39.00
CA VAL A 729 4.12 15.31 -38.69
C VAL A 729 4.49 15.62 -37.24
N SER A 730 3.71 16.40 -36.49
CA SER A 730 4.09 16.73 -35.13
C SER A 730 2.84 16.96 -34.29
N MET A 731 3.03 16.87 -32.98
CA MET A 731 1.98 17.09 -31.99
C MET A 731 2.42 18.22 -31.08
N THR A 732 1.46 19.01 -30.61
CA THR A 732 1.73 20.13 -29.72
C THR A 732 2.39 19.63 -28.44
N LYS A 733 3.57 20.17 -28.14
CA LYS A 733 4.36 19.71 -27.00
C LYS A 733 3.72 20.19 -25.71
N THR A 734 3.51 19.26 -24.78
CA THR A 734 2.91 19.60 -23.49
C THR A 734 3.63 18.83 -22.39
N SER A 735 3.60 19.41 -21.20
CA SER A 735 4.20 18.80 -20.02
C SER A 735 3.28 19.02 -18.82
N VAL A 736 3.18 18.01 -17.97
CA VAL A 736 2.31 18.07 -16.79
C VAL A 736 3.13 17.63 -15.58
N ASP A 737 3.15 18.49 -14.56
CA ASP A 737 3.70 18.13 -13.26
C ASP A 737 2.64 17.35 -12.47
N CYS A 738 3.04 16.25 -11.83
CA CYS A 738 2.05 15.53 -11.04
C CYS A 738 1.68 16.29 -9.78
N THR A 739 2.68 16.84 -9.10
CA THR A 739 2.45 17.42 -7.78
C THR A 739 1.49 18.59 -7.88
N MET A 740 1.63 19.41 -8.91
CA MET A 740 0.68 20.49 -9.12
C MET A 740 -0.68 19.98 -9.57
N TYR A 741 -0.72 18.90 -10.36
CA TYR A 741 -2.00 18.37 -10.83
C TYR A 741 -2.74 17.63 -9.72
N ILE A 742 -2.02 16.81 -8.95
CA ILE A 742 -2.68 15.99 -7.94
C ILE A 742 -2.91 16.79 -6.67
N CYS A 743 -1.88 17.49 -6.18
CA CYS A 743 -1.94 18.19 -4.90
C CYS A 743 -2.13 19.68 -5.17
N GLY A 744 -3.31 20.20 -4.87
CA GLY A 744 -3.59 21.60 -5.08
C GLY A 744 -2.99 22.52 -4.03
N ASP A 745 -1.65 22.57 -4.00
CA ASP A 745 -0.88 23.39 -3.06
C ASP A 745 -1.24 23.07 -1.60
N SER A 746 -1.33 21.78 -1.30
CA SER A 746 -1.61 21.31 0.04
C SER A 746 -0.46 20.46 0.55
N THR A 747 -0.10 20.65 1.81
CA THR A 747 1.05 19.96 2.39
C THR A 747 0.77 18.47 2.57
N GLU A 748 -0.45 18.12 2.97
CA GLU A 748 -0.77 16.74 3.31
C GLU A 748 -0.74 15.83 2.10
N CYS A 749 -1.15 16.35 0.93
CA CYS A 749 -1.05 15.56 -0.30
C CYS A 749 0.41 15.37 -0.69
N SER A 750 1.25 16.38 -0.46
CA SER A 750 2.67 16.26 -0.78
C SER A 750 3.36 15.23 0.09
N ASN A 751 2.91 15.06 1.34
CA ASN A 751 3.44 14.01 2.19
C ASN A 751 3.03 12.64 1.68
N LEU A 752 1.78 12.49 1.24
CA LEU A 752 1.31 11.20 0.74
C LEU A 752 1.87 10.89 -0.64
N LEU A 753 2.18 11.92 -1.42
CA LEU A 753 2.71 11.72 -2.76
C LEU A 753 4.13 11.14 -2.73
N LEU A 754 4.92 11.52 -1.72
CA LEU A 754 6.25 10.97 -1.58
C LEU A 754 6.26 9.52 -1.11
N GLN A 755 5.14 9.03 -0.59
CA GLN A 755 5.02 7.63 -0.20
C GLN A 755 4.87 6.70 -1.40
N TYR A 756 4.66 7.24 -2.60
CA TYR A 756 4.56 6.43 -3.81
C TYR A 756 5.89 6.29 -4.54
N GLY A 757 6.96 6.87 -4.00
CA GLY A 757 8.27 6.70 -4.61
C GLY A 757 8.43 7.56 -5.84
N SER A 758 8.84 6.94 -6.93
CA SER A 758 9.11 7.61 -8.21
C SER A 758 7.96 7.46 -9.19
N PHE A 759 6.72 7.48 -8.69
CA PHE A 759 5.57 7.27 -9.58
C PHE A 759 5.38 8.43 -10.54
N CYS A 760 5.62 9.66 -10.08
CA CYS A 760 5.69 10.81 -10.97
C CYS A 760 6.91 10.84 -11.86
N THR A 761 8.04 10.41 -11.31
CA THR A 761 9.33 10.67 -11.95
C THR A 761 9.44 9.92 -13.27
N GLN A 762 8.72 8.80 -13.42
CA GLN A 762 8.57 8.17 -14.73
C GLN A 762 7.56 8.92 -15.60
N LEU A 763 6.46 9.43 -15.01
CA LEU A 763 5.44 10.10 -15.82
C LEU A 763 5.92 11.46 -16.30
N ASN A 764 6.63 12.21 -15.45
CA ASN A 764 7.17 13.50 -15.88
C ASN A 764 8.27 13.32 -16.91
N ARG A 765 9.03 12.23 -16.82
CA ARG A 765 10.04 11.95 -17.84
C ARG A 765 9.43 11.45 -19.13
N ALA A 766 8.28 10.78 -19.05
CA ALA A 766 7.62 10.28 -20.26
C ALA A 766 7.05 11.42 -21.09
N LEU A 767 6.54 12.46 -20.42
CA LEU A 767 5.99 13.60 -21.16
C LEU A 767 7.09 14.42 -21.80
N THR A 768 8.20 14.64 -21.09
CA THR A 768 9.31 15.38 -21.68
C THR A 768 10.10 14.54 -22.67
N GLY A 769 9.92 13.22 -22.69
CA GLY A 769 10.47 12.41 -23.75
C GLY A 769 9.65 12.49 -25.03
N ILE A 770 8.34 12.74 -24.90
CA ILE A 770 7.51 12.96 -26.07
C ILE A 770 7.84 14.29 -26.72
N ALA A 771 8.02 15.34 -25.90
CA ALA A 771 8.28 16.69 -26.42
C ALA A 771 9.63 16.74 -27.14
N VAL A 772 10.63 16.04 -26.62
CA VAL A 772 11.89 15.90 -27.34
C VAL A 772 11.68 15.12 -28.64
N GLU A 773 10.89 14.04 -28.58
CA GLU A 773 10.59 13.26 -29.77
C GLU A 773 9.74 14.06 -30.76
N GLN A 774 8.84 14.90 -30.25
CA GLN A 774 8.02 15.74 -31.13
C GLN A 774 8.88 16.76 -31.87
N ASP A 775 9.89 17.32 -31.19
CA ASP A 775 10.81 18.23 -31.85
C ASP A 775 11.85 17.51 -32.70
N LYS A 776 12.06 16.22 -32.46
CA LYS A 776 13.05 15.47 -33.23
C LYS A 776 12.55 15.17 -34.64
N ASN A 777 11.28 14.78 -34.76
CA ASN A 777 10.76 14.36 -36.06
C ASN A 777 10.55 15.52 -37.02
N THR A 778 10.49 16.76 -36.51
CA THR A 778 10.37 17.90 -37.41
C THR A 778 11.69 18.19 -38.12
N GLN A 779 12.81 17.82 -37.50
CA GLN A 779 14.12 18.07 -38.11
C GLN A 779 14.40 17.09 -39.25
N GLU A 780 13.98 15.83 -39.10
CA GLU A 780 14.26 14.84 -40.13
C GLU A 780 13.33 14.93 -41.33
N VAL A 781 12.28 15.76 -41.26
CA VAL A 781 11.38 15.95 -42.38
C VAL A 781 11.61 17.29 -43.08
N PHE A 782 12.12 18.30 -42.38
CA PHE A 782 12.32 19.63 -42.95
C PHE A 782 13.78 19.99 -43.14
N ALA A 783 14.65 19.62 -42.21
CA ALA A 783 16.07 19.97 -42.30
C ALA A 783 16.85 18.87 -43.02
N GLN A 784 16.43 18.61 -44.26
CA GLN A 784 17.12 17.65 -45.12
C GLN A 784 18.02 18.32 -46.13
N VAL A 785 18.26 19.63 -45.99
CA VAL A 785 19.13 20.37 -46.89
C VAL A 785 20.26 20.99 -46.08
N LYS A 786 21.40 21.20 -46.73
CA LYS A 786 22.56 21.78 -46.08
C LYS A 786 22.63 23.28 -46.23
N GLN A 787 22.06 23.82 -47.31
CA GLN A 787 22.12 25.25 -47.61
C GLN A 787 20.72 25.76 -47.91
N ILE A 788 20.54 27.06 -47.70
CA ILE A 788 19.27 27.72 -47.96
C ILE A 788 19.31 28.29 -49.37
N TYR A 789 18.37 27.88 -50.21
CA TYR A 789 18.31 28.31 -51.60
C TYR A 789 17.11 29.21 -51.81
N LYS A 790 17.32 30.32 -52.53
CA LYS A 790 16.27 31.22 -52.92
C LYS A 790 16.09 31.16 -54.44
N THR A 791 15.22 32.02 -54.97
CA THR A 791 14.97 32.03 -56.39
C THR A 791 15.21 33.44 -56.95
N PRO A 792 15.62 33.54 -58.20
CA PRO A 792 15.77 34.86 -58.83
C PRO A 792 14.42 35.51 -59.06
N PRO A 793 14.37 36.85 -59.14
CA PRO A 793 13.11 37.51 -59.47
C PRO A 793 12.62 37.24 -60.88
N ILE A 794 13.48 36.79 -61.79
CA ILE A 794 13.08 36.49 -63.16
C ILE A 794 12.39 35.14 -63.18
N LYS A 795 11.09 35.14 -63.49
CA LYS A 795 10.29 33.91 -63.52
C LYS A 795 10.28 33.30 -64.91
N ASP A 796 11.48 32.95 -65.38
CA ASP A 796 11.66 32.36 -66.71
C ASP A 796 11.68 30.84 -66.59
N PHE A 797 10.58 30.31 -66.07
CA PHE A 797 10.45 28.89 -65.76
C PHE A 797 9.79 28.10 -66.88
N GLY A 798 10.00 28.50 -68.13
CA GLY A 798 9.41 27.80 -69.24
C GLY A 798 7.91 27.93 -69.34
N GLY A 799 7.35 29.02 -68.85
CA GLY A 799 5.91 29.23 -68.84
C GLY A 799 5.21 28.77 -67.59
N PHE A 800 5.91 28.10 -66.68
CA PHE A 800 5.31 27.64 -65.44
C PHE A 800 5.01 28.81 -64.52
N ASN A 801 3.87 28.74 -63.84
CA ASN A 801 3.48 29.73 -62.83
C ASN A 801 3.84 29.15 -61.47
N PHE A 802 4.94 29.64 -60.89
CA PHE A 802 5.33 29.28 -59.55
C PHE A 802 5.19 30.42 -58.55
N SER A 803 4.71 31.58 -58.97
CA SER A 803 4.49 32.68 -58.03
C SER A 803 3.34 32.37 -57.08
N GLN A 804 2.37 31.56 -57.52
CA GLN A 804 1.30 31.12 -56.63
C GLN A 804 1.79 30.09 -55.62
N ILE A 805 2.94 29.46 -55.87
CA ILE A 805 3.46 28.44 -54.97
C ILE A 805 4.66 28.92 -54.16
N LEU A 806 5.32 30.01 -54.56
CA LEU A 806 6.48 30.59 -53.88
C LEU A 806 6.02 31.56 -52.80
N PRO A 807 6.70 31.60 -51.66
CA PRO A 807 6.27 32.49 -50.57
C PRO A 807 6.60 33.95 -50.86
N ASP A 808 5.74 34.83 -50.37
CA ASP A 808 5.94 36.26 -50.54
C ASP A 808 6.95 36.76 -49.51
N PRO A 809 8.07 37.35 -49.94
CA PRO A 809 9.04 37.84 -48.96
C PRO A 809 8.62 39.11 -48.25
N SER A 810 7.61 39.82 -48.76
CA SER A 810 7.16 41.07 -48.15
C SER A 810 6.26 40.85 -46.94
N LYS A 811 5.75 39.65 -46.73
CA LYS A 811 4.85 39.38 -45.62
C LYS A 811 5.62 38.94 -44.38
N SER A 813 6.83 36.30 -41.73
CA SER A 813 5.85 35.38 -42.30
C SER A 813 6.03 35.26 -43.79
N LYS A 814 7.10 34.52 -44.18
CA LYS A 814 7.37 34.25 -45.59
C LYS A 814 6.36 33.21 -46.02
N ARG A 815 5.21 33.68 -46.48
CA ARG A 815 4.05 32.83 -46.70
C ARG A 815 3.60 32.91 -48.15
N SER A 816 3.04 31.82 -48.63
CA SER A 816 2.44 31.76 -49.95
C SER A 816 0.92 31.85 -49.85
N PHE A 817 0.27 31.91 -51.01
CA PHE A 817 -1.19 31.88 -51.05
C PHE A 817 -1.71 30.54 -50.53
N ILE A 818 -1.08 29.45 -50.93
CA ILE A 818 -1.53 28.13 -50.49
C ILE A 818 -1.28 27.94 -48.99
N GLU A 819 -0.13 28.42 -48.50
CA GLU A 819 0.19 28.29 -47.08
C GLU A 819 -0.73 29.12 -46.21
N ASP A 820 -1.24 30.24 -46.72
CA ASP A 820 -2.11 31.09 -45.92
C ASP A 820 -3.47 30.44 -45.69
N LEU A 821 -3.97 29.67 -46.66
CA LEU A 821 -5.26 29.01 -46.49
C LEU A 821 -5.18 27.88 -45.47
N LEU A 822 -4.03 27.23 -45.35
CA LEU A 822 -3.89 26.13 -44.41
C LEU A 822 -3.90 26.61 -42.96
N PHE A 823 -3.36 27.79 -42.69
CA PHE A 823 -3.31 28.31 -41.33
C PHE A 823 -4.63 28.94 -40.88
N ASN A 824 -5.60 29.07 -41.77
CA ASN A 824 -6.88 29.68 -41.42
C ASN A 824 -7.99 28.65 -41.19
N LYS A 825 -7.88 27.46 -41.77
CA LYS A 825 -8.92 26.45 -41.62
C LYS A 825 -8.76 25.61 -40.36
N VAL A 826 -7.73 25.86 -39.56
CA VAL A 826 -7.49 25.11 -38.34
C VAL A 826 -7.77 26.02 -37.14
N THR A 827 -7.93 25.39 -35.98
CA THR A 827 -8.21 26.12 -34.74
C THR A 827 -7.09 25.91 -33.72
N PHE A 855 -2.53 26.52 -15.37
CA PHE A 855 -3.34 26.65 -14.15
C PHE A 855 -2.93 25.61 -13.11
N ASN A 856 -3.29 24.36 -13.36
CA ASN A 856 -3.09 23.27 -12.42
C ASN A 856 -1.91 22.37 -12.80
N GLY A 857 -0.83 22.97 -13.31
CA GLY A 857 0.37 22.23 -13.62
C GLY A 857 0.56 21.89 -15.08
N LEU A 858 -0.41 22.18 -15.94
CA LEU A 858 -0.25 21.96 -17.36
C LEU A 858 0.47 23.14 -18.01
N THR A 859 1.30 22.83 -18.99
CA THR A 859 2.00 23.87 -19.74
C THR A 859 2.23 23.39 -21.15
N VAL A 860 2.37 24.34 -22.07
CA VAL A 860 2.65 24.05 -23.48
C VAL A 860 4.05 24.55 -23.80
N LEU A 861 4.85 23.70 -24.43
CA LEU A 861 6.21 24.04 -24.80
C LEU A 861 6.24 24.39 -26.28
N PRO A 862 6.69 25.59 -26.66
CA PRO A 862 6.79 25.92 -28.08
C PRO A 862 7.85 25.07 -28.76
N PRO A 863 7.67 24.73 -30.03
CA PRO A 863 8.66 23.93 -30.73
C PRO A 863 9.93 24.72 -30.99
N LEU A 864 11.04 23.99 -31.16
CA LEU A 864 12.31 24.62 -31.49
C LEU A 864 12.24 25.32 -32.84
N LEU A 865 11.66 24.66 -33.83
CA LEU A 865 11.51 25.23 -35.17
C LEU A 865 10.15 25.93 -35.23
N THR A 866 10.16 27.26 -35.10
CA THR A 866 8.93 28.02 -35.16
C THR A 866 8.47 28.13 -36.63
N ASP A 867 7.32 28.79 -36.82
CA ASP A 867 6.74 28.90 -38.15
C ASP A 867 7.60 29.69 -39.12
N GLU A 868 8.50 30.54 -38.63
CA GLU A 868 9.46 31.18 -39.53
C GLU A 868 10.47 30.19 -40.07
N MET A 869 10.93 29.27 -39.21
CA MET A 869 11.90 28.29 -39.65
C MET A 869 11.29 27.30 -40.63
N ILE A 870 10.03 26.92 -40.41
CA ILE A 870 9.36 25.99 -41.31
C ILE A 870 9.10 26.64 -42.66
N ALA A 871 8.76 27.94 -42.66
CA ALA A 871 8.56 28.66 -43.91
C ALA A 871 9.85 28.77 -44.70
N GLN A 872 10.97 29.04 -44.02
CA GLN A 872 12.25 29.12 -44.70
C GLN A 872 12.74 27.75 -45.15
N TYR A 873 12.47 26.72 -44.34
CA TYR A 873 12.93 25.38 -44.70
C TYR A 873 12.19 24.86 -45.92
N THR A 874 10.86 25.02 -45.96
CA THR A 874 10.09 24.59 -47.12
C THR A 874 10.41 25.40 -48.37
N SER A 875 10.95 26.61 -48.22
CA SER A 875 11.39 27.38 -49.36
C SER A 875 12.68 26.81 -49.96
N ALA A 876 13.47 26.10 -49.15
CA ALA A 876 14.74 25.56 -49.63
C ALA A 876 14.51 24.43 -50.64
N LEU A 877 13.64 23.48 -50.30
CA LEU A 877 13.41 22.36 -51.22
C LEU A 877 12.51 22.78 -52.38
N LEU A 878 11.66 23.78 -52.18
CA LEU A 878 10.86 24.30 -53.29
C LEU A 878 11.76 25.01 -54.31
N ALA A 879 12.72 25.80 -53.83
CA ALA A 879 13.68 26.41 -54.74
C ALA A 879 14.69 25.40 -55.26
N GLY A 880 15.01 24.38 -54.45
CA GLY A 880 15.92 23.35 -54.90
C GLY A 880 15.35 22.49 -56.03
N THR A 881 14.04 22.23 -55.99
CA THR A 881 13.42 21.43 -57.04
C THR A 881 13.35 22.18 -58.36
N ILE A 882 13.04 23.46 -58.32
CA ILE A 882 12.82 24.23 -59.55
C ILE A 882 14.15 24.52 -60.24
N THR A 883 15.08 25.11 -59.51
CA THR A 883 16.31 25.59 -60.14
C THR A 883 17.37 24.51 -60.25
N SER A 884 17.48 23.64 -59.24
CA SER A 884 18.55 22.66 -59.18
C SER A 884 18.09 21.24 -59.47
N GLY A 885 16.80 21.02 -59.68
CA GLY A 885 16.29 19.68 -59.94
C GLY A 885 16.33 18.78 -58.73
N TRP A 886 17.03 17.65 -58.85
CA TRP A 886 17.17 16.71 -57.74
C TRP A 886 18.58 16.64 -57.19
N THR A 887 19.57 17.24 -57.86
CA THR A 887 20.97 17.08 -57.48
C THR A 887 21.36 17.94 -56.28
N PHE A 888 20.50 18.86 -55.83
CA PHE A 888 20.84 19.70 -54.69
C PHE A 888 20.76 18.94 -53.37
N GLY A 889 20.09 17.78 -53.36
CA GLY A 889 20.08 16.93 -52.19
C GLY A 889 21.31 16.08 -52.01
N ALA A 890 22.25 16.12 -52.96
CA ALA A 890 23.47 15.35 -52.90
C ALA A 890 24.72 16.19 -52.72
N GLY A 891 24.81 17.35 -53.38
CA GLY A 891 25.98 18.19 -53.27
C GLY A 891 25.68 19.67 -53.14
N ALA A 892 26.30 20.48 -54.00
CA ALA A 892 26.14 21.92 -53.97
C ALA A 892 24.93 22.32 -54.81
N ALA A 893 24.81 23.60 -55.12
CA ALA A 893 23.73 24.11 -55.95
C ALA A 893 24.10 23.93 -57.42
N LEU A 894 23.57 22.89 -58.06
CA LEU A 894 23.82 22.61 -59.47
C LEU A 894 22.63 23.12 -60.27
N GLN A 895 22.77 24.32 -60.83
CA GLN A 895 21.67 24.95 -61.56
C GLN A 895 21.37 24.21 -62.86
N ILE A 896 20.09 24.22 -63.24
CA ILE A 896 19.63 23.56 -64.46
C ILE A 896 18.32 24.21 -64.88
N PRO A 897 18.14 24.54 -66.16
CA PRO A 897 16.88 25.14 -66.61
C PRO A 897 15.71 24.17 -66.49
N PHE A 898 14.52 24.74 -66.27
CA PHE A 898 13.32 23.94 -66.08
C PHE A 898 12.85 23.28 -67.36
N ALA A 899 13.24 23.80 -68.53
CA ALA A 899 12.93 23.12 -69.78
C ALA A 899 13.72 21.84 -69.96
N MET A 900 14.80 21.68 -69.20
CA MET A 900 15.61 20.46 -69.23
C MET A 900 15.26 19.50 -68.12
N GLN A 901 14.83 20.00 -66.96
CA GLN A 901 14.41 19.14 -65.88
C GLN A 901 13.17 18.34 -66.26
N MET A 902 12.23 18.98 -66.96
CA MET A 902 11.05 18.26 -67.44
C MET A 902 11.40 17.26 -68.52
N ALA A 903 12.50 17.48 -69.24
CA ALA A 903 12.90 16.53 -70.28
C ALA A 903 13.34 15.20 -69.68
N TYR A 904 14.18 15.26 -68.63
CA TYR A 904 14.62 14.03 -67.98
C TYR A 904 13.53 13.38 -67.14
N ARG A 905 12.54 14.15 -66.70
CA ARG A 905 11.49 13.60 -65.85
C ARG A 905 10.52 12.75 -66.66
N PHE A 906 10.24 13.15 -67.89
CA PHE A 906 9.45 12.28 -68.78
C PHE A 906 10.26 11.06 -69.20
N ASN A 907 11.59 11.16 -69.19
CA ASN A 907 12.44 10.02 -69.51
C ASN A 907 12.42 8.96 -68.42
N GLY A 908 12.10 9.35 -67.18
CA GLY A 908 12.04 8.40 -66.08
C GLY A 908 10.82 7.52 -66.07
N ILE A 909 9.79 7.85 -66.86
CA ILE A 909 8.58 7.05 -66.95
C ILE A 909 8.39 6.44 -68.34
N GLY A 910 9.38 6.58 -69.21
CA GLY A 910 9.29 6.00 -70.53
C GLY A 910 8.61 6.85 -71.57
N VAL A 911 8.68 8.17 -71.45
CA VAL A 911 8.07 9.10 -72.40
C VAL A 911 9.18 9.91 -73.06
N THR A 912 9.14 9.98 -74.39
CA THR A 912 10.12 10.76 -75.14
C THR A 912 9.93 12.25 -74.84
N GLN A 913 11.04 12.99 -74.85
CA GLN A 913 11.05 14.42 -74.55
C GLN A 913 10.62 15.29 -75.73
N ASN A 914 9.97 14.72 -76.74
CA ASN A 914 9.41 15.51 -77.83
C ASN A 914 8.16 16.28 -77.40
N VAL A 915 7.64 16.02 -76.20
CA VAL A 915 6.45 16.72 -75.73
C VAL A 915 6.70 18.16 -75.34
N LEU A 916 7.97 18.58 -75.28
CA LEU A 916 8.29 19.95 -74.87
C LEU A 916 7.83 20.97 -75.91
N TYR A 917 8.17 20.73 -77.18
CA TYR A 917 7.82 21.68 -78.23
C TYR A 917 6.42 21.43 -78.79
N GLU A 918 5.97 20.17 -78.81
CA GLU A 918 4.66 19.87 -79.35
C GLU A 918 3.55 20.30 -78.39
N ASN A 919 3.83 20.30 -77.09
CA ASN A 919 2.84 20.61 -76.06
C ASN A 919 3.36 21.69 -75.13
N GLN A 920 3.91 22.77 -75.69
CA GLN A 920 4.37 23.88 -74.88
C GLN A 920 3.21 24.62 -74.23
N LYS A 921 2.17 24.90 -75.00
CA LYS A 921 1.00 25.59 -74.48
C LYS A 921 0.02 24.66 -73.77
N LEU A 922 0.26 23.35 -73.81
CA LEU A 922 -0.67 22.38 -73.25
C LEU A 922 -0.27 21.92 -71.86
N ILE A 923 1.02 21.70 -71.60
CA ILE A 923 1.44 21.31 -70.26
C ILE A 923 1.61 22.52 -69.34
N ALA A 924 1.66 23.73 -69.88
CA ALA A 924 1.78 24.92 -69.07
C ALA A 924 0.42 25.51 -68.70
N ASN A 925 -0.58 25.36 -69.57
CA ASN A 925 -1.90 25.89 -69.27
C ASN A 925 -2.60 25.08 -68.19
N GLN A 926 -2.55 23.76 -68.29
CA GLN A 926 -3.21 22.91 -67.31
C GLN A 926 -2.45 22.85 -65.99
N PHE A 927 -1.15 23.14 -66.00
CA PHE A 927 -0.40 23.23 -64.75
C PHE A 927 -0.86 24.41 -63.93
N ASN A 928 -0.96 25.59 -64.56
CA ASN A 928 -1.37 26.78 -63.85
C ASN A 928 -2.85 26.75 -63.49
N SER A 929 -3.66 26.05 -64.28
CA SER A 929 -5.08 25.95 -63.98
C SER A 929 -5.34 25.01 -62.80
N ALA A 930 -4.60 23.90 -62.74
CA ALA A 930 -4.82 22.93 -61.68
C ALA A 930 -4.27 23.38 -60.34
N ILE A 931 -3.32 24.32 -60.33
CA ILE A 931 -2.91 24.94 -59.08
C ILE A 931 -4.06 25.74 -58.49
N GLY A 932 -4.79 26.48 -59.34
CA GLY A 932 -5.96 27.20 -58.88
C GLY A 932 -7.11 26.32 -58.47
N LYS A 933 -7.13 25.06 -58.93
CA LYS A 933 -8.14 24.12 -58.45
C LYS A 933 -7.90 23.74 -57.00
N ILE A 934 -6.63 23.70 -56.57
CA ILE A 934 -6.33 23.37 -55.17
C ILE A 934 -6.78 24.48 -54.24
N GLN A 935 -6.47 25.74 -54.60
CA GLN A 935 -6.82 26.86 -53.74
C GLN A 935 -8.32 27.11 -53.68
N ASP A 936 -9.08 26.60 -54.63
CA ASP A 936 -10.54 26.66 -54.55
C ASP A 936 -11.12 25.51 -53.76
N SER A 937 -10.52 24.31 -53.84
CA SER A 937 -11.00 23.18 -53.06
C SER A 937 -10.61 23.31 -51.59
N LEU A 938 -9.39 23.79 -51.32
CA LEU A 938 -8.91 23.88 -49.95
C LEU A 938 -9.55 25.03 -49.18
N SER A 939 -10.16 26.00 -49.87
CA SER A 939 -10.77 27.14 -49.20
C SER A 939 -12.24 26.90 -48.87
N SER A 940 -12.97 26.21 -49.75
CA SER A 940 -14.39 25.99 -49.56
C SER A 940 -14.68 24.72 -48.76
N THR A 941 -14.04 23.60 -49.13
CA THR A 941 -14.29 22.34 -48.46
C THR A 941 -13.55 22.29 -47.14
N ALA A 942 -14.31 22.21 -46.04
CA ALA A 942 -13.71 22.17 -44.71
C ALA A 942 -13.15 20.80 -44.35
N SER A 943 -13.57 19.75 -45.04
CA SER A 943 -13.11 18.40 -44.74
C SER A 943 -11.81 18.05 -45.48
N ALA A 944 -11.27 18.96 -46.28
CA ALA A 944 -10.01 18.69 -46.96
C ALA A 944 -8.84 18.67 -46.00
N LEU A 945 -8.88 19.53 -44.98
CA LEU A 945 -7.81 19.63 -43.98
C LEU A 945 -8.16 18.90 -42.70
N GLY A 946 -8.86 17.77 -42.80
CA GLY A 946 -9.24 17.02 -41.61
C GLY A 946 -8.13 16.23 -40.97
N LYS A 947 -6.97 16.12 -41.62
CA LYS A 947 -5.87 15.36 -41.04
C LYS A 947 -5.25 16.10 -39.85
N LEU A 948 -5.05 17.41 -39.97
CA LEU A 948 -4.53 18.18 -38.84
C LEU A 948 -5.59 18.38 -37.77
N GLN A 949 -6.84 18.55 -38.17
CA GLN A 949 -7.91 18.79 -37.21
C GLN A 949 -8.14 17.61 -36.29
N ASP A 950 -7.87 16.40 -36.76
CA ASP A 950 -7.91 15.24 -35.87
C ASP A 950 -6.76 15.26 -34.88
N VAL A 951 -5.60 15.78 -35.28
CA VAL A 951 -4.44 15.84 -34.39
C VAL A 951 -4.67 16.86 -33.28
N VAL A 952 -5.21 18.03 -33.62
CA VAL A 952 -5.48 19.06 -32.61
C VAL A 952 -6.61 18.63 -31.70
N ASN A 953 -7.65 17.99 -32.25
CA ASN A 953 -8.76 17.55 -31.42
C ASN A 953 -8.37 16.38 -30.52
N GLN A 954 -7.40 15.55 -30.94
CA GLN A 954 -6.90 14.50 -30.06
C GLN A 954 -6.19 15.09 -28.86
N ASN A 955 -5.45 16.18 -29.06
CA ASN A 955 -4.83 16.87 -27.93
C ASN A 955 -5.83 17.68 -27.14
N ALA A 956 -6.83 18.27 -27.82
CA ALA A 956 -7.81 19.10 -27.13
C ALA A 956 -8.77 18.27 -26.29
N GLN A 957 -9.23 17.14 -26.83
CA GLN A 957 -10.18 16.30 -26.09
C GLN A 957 -9.51 15.49 -24.99
N ALA A 958 -8.18 15.40 -24.99
CA ALA A 958 -7.47 14.73 -23.90
C ALA A 958 -7.04 15.68 -22.81
N LEU A 959 -6.70 16.92 -23.16
CA LEU A 959 -6.33 17.90 -22.14
C LEU A 959 -7.56 18.44 -21.42
N ASN A 960 -8.68 18.59 -22.14
CA ASN A 960 -9.88 19.14 -21.52
C ASN A 960 -10.55 18.13 -20.60
N THR A 961 -10.39 16.84 -20.87
CA THR A 961 -10.90 15.83 -19.96
C THR A 961 -9.98 15.56 -18.79
N LEU A 962 -8.72 16.00 -18.87
CA LEU A 962 -7.82 15.87 -17.72
C LEU A 962 -8.14 16.90 -16.64
N VAL A 963 -8.39 18.15 -17.04
CA VAL A 963 -8.75 19.18 -16.06
C VAL A 963 -10.16 18.93 -15.54
N LYS A 964 -11.05 18.39 -16.36
CA LYS A 964 -12.40 18.06 -15.91
C LYS A 964 -12.41 16.86 -14.97
N GLN A 965 -11.35 16.05 -14.98
CA GLN A 965 -11.29 14.91 -14.07
C GLN A 965 -10.98 15.32 -12.64
N LEU A 966 -10.53 16.56 -12.42
CA LEU A 966 -10.28 17.03 -11.06
C LEU A 966 -11.59 17.25 -10.29
N SER A 967 -12.68 17.51 -11.00
CA SER A 967 -13.97 17.70 -10.34
C SER A 967 -14.56 16.39 -9.84
N SER A 968 -14.04 15.26 -10.31
CA SER A 968 -14.50 13.97 -9.82
C SER A 968 -14.03 13.74 -8.38
N ASN A 969 -14.85 13.03 -7.61
CA ASN A 969 -14.57 12.83 -6.19
C ASN A 969 -13.92 11.48 -5.88
N PHE A 970 -14.11 10.49 -6.74
CA PHE A 970 -13.47 9.17 -6.63
C PHE A 970 -13.77 8.48 -5.29
N GLY A 971 -15.03 8.51 -4.88
CA GLY A 971 -15.45 7.82 -3.67
C GLY A 971 -15.31 8.59 -2.38
N ALA A 972 -14.84 9.83 -2.43
CA ALA A 972 -14.72 10.68 -1.26
C ALA A 972 -16.06 11.39 -1.00
N ILE A 973 -16.04 12.42 -0.16
CA ILE A 973 -17.24 13.22 0.04
C ILE A 973 -17.23 14.46 -0.85
N SER A 974 -16.05 14.97 -1.21
CA SER A 974 -15.94 16.12 -2.08
C SER A 974 -14.62 16.06 -2.83
N SER A 975 -14.56 16.79 -3.94
CA SER A 975 -13.37 16.81 -4.79
C SER A 975 -12.37 17.88 -4.40
N VAL A 976 -12.71 18.76 -3.45
CA VAL A 976 -11.80 19.80 -3.00
C VAL A 976 -10.82 19.21 -1.99
N LEU A 977 -9.53 19.40 -2.24
CA LEU A 977 -8.51 18.81 -1.37
C LEU A 977 -8.51 19.45 0.00
N ASN A 978 -8.74 20.77 0.07
CA ASN A 978 -8.76 21.45 1.37
C ASN A 978 -10.02 21.15 2.18
N ASP A 979 -11.09 20.69 1.53
CA ASP A 979 -12.33 20.41 2.25
C ASP A 979 -12.22 19.12 3.06
N ILE A 980 -11.38 18.19 2.62
CA ILE A 980 -11.23 16.92 3.34
C ILE A 980 -10.52 17.13 4.67
N LEU A 981 -9.50 17.99 4.67
CA LEU A 981 -8.72 18.22 5.89
C LEU A 981 -9.49 19.07 6.90
N SER A 982 -10.18 20.11 6.42
CA SER A 982 -10.76 21.10 7.34
C SER A 982 -11.95 20.53 8.10
N ARG A 983 -12.81 19.77 7.43
CA ARG A 983 -14.02 19.27 8.07
C ARG A 983 -13.80 17.93 8.77
N LEU A 984 -13.04 17.04 8.15
CA LEU A 984 -12.90 15.66 8.60
C LEU A 984 -11.54 15.47 9.28
N ASP A 985 -11.50 14.60 10.32
CA ASP A 985 -10.33 14.44 11.19
C ASP A 985 -9.19 13.77 10.39
N PRO A 986 -7.94 14.19 10.58
CA PRO A 986 -6.83 13.72 9.69
C PRO A 986 -6.57 12.21 9.69
N PRO A 987 -6.62 11.46 10.82
CA PRO A 987 -6.47 9.99 10.66
C PRO A 987 -7.53 9.32 9.79
N GLU A 988 -8.77 9.79 9.79
CA GLU A 988 -9.76 9.26 8.86
C GLU A 988 -9.86 10.09 7.57
N ALA A 989 -9.13 11.20 7.48
CA ALA A 989 -9.02 11.88 6.20
C ALA A 989 -7.95 11.24 5.33
N GLU A 990 -7.11 10.39 5.90
CA GLU A 990 -6.02 9.79 5.14
C GLU A 990 -6.54 8.77 4.13
N VAL A 991 -7.64 8.08 4.45
CA VAL A 991 -8.21 7.14 3.50
C VAL A 991 -8.83 7.87 2.32
N GLN A 992 -9.49 9.01 2.58
CA GLN A 992 -10.21 9.70 1.51
C GLN A 992 -9.27 10.44 0.59
N ILE A 993 -8.19 11.01 1.12
CA ILE A 993 -7.22 11.68 0.25
C ILE A 993 -6.45 10.64 -0.56
N ASP A 994 -6.28 9.42 -0.02
CA ASP A 994 -5.65 8.35 -0.78
C ASP A 994 -6.50 7.94 -1.97
N ARG A 995 -7.83 8.01 -1.83
CA ARG A 995 -8.70 7.82 -2.98
C ARG A 995 -8.56 8.96 -3.98
N LEU A 996 -8.18 10.15 -3.51
CA LEU A 996 -8.02 11.28 -4.42
C LEU A 996 -6.74 11.16 -5.24
N ILE A 997 -5.64 10.71 -4.63
CA ILE A 997 -4.41 10.53 -5.38
C ILE A 997 -4.54 9.38 -6.36
N THR A 998 -5.08 8.24 -5.91
CA THR A 998 -5.27 7.10 -6.80
C THR A 998 -6.33 7.40 -7.86
N GLY A 999 -7.34 8.20 -7.52
CA GLY A 999 -8.29 8.64 -8.53
C GLY A 999 -7.67 9.55 -9.56
N ARG A 1000 -6.72 10.39 -9.13
CA ARG A 1000 -6.04 11.29 -10.04
C ARG A 1000 -4.81 10.65 -10.69
N LEU A 1001 -4.26 9.58 -10.11
CA LEU A 1001 -3.14 8.90 -10.76
C LEU A 1001 -3.61 8.14 -11.99
N GLN A 1002 -4.75 7.45 -11.89
CA GLN A 1002 -5.27 6.69 -13.03
C GLN A 1002 -5.71 7.61 -14.16
N SER A 1003 -6.14 8.83 -13.83
CA SER A 1003 -6.40 9.82 -14.88
C SER A 1003 -5.10 10.23 -15.58
N LEU A 1004 -4.02 10.34 -14.81
CA LEU A 1004 -2.71 10.60 -15.43
C LEU A 1004 -2.22 9.38 -16.19
N GLN A 1005 -2.41 8.17 -15.63
CA GLN A 1005 -1.95 6.96 -16.29
C GLN A 1005 -2.69 6.74 -17.61
N THR A 1006 -3.98 7.07 -17.65
CA THR A 1006 -4.71 7.03 -18.91
C THR A 1006 -4.26 8.16 -19.84
N TYR A 1007 -3.84 9.30 -19.29
CA TYR A 1007 -3.41 10.41 -20.12
C TYR A 1007 -2.05 10.15 -20.75
N VAL A 1008 -1.09 9.62 -19.97
CA VAL A 1008 0.25 9.35 -20.49
C VAL A 1008 0.20 8.25 -21.53
N THR A 1009 -0.56 7.19 -21.26
CA THR A 1009 -0.66 6.07 -22.20
C THR A 1009 -1.32 6.48 -23.51
N GLN A 1010 -2.40 7.25 -23.44
CA GLN A 1010 -3.07 7.67 -24.68
C GLN A 1010 -2.25 8.70 -25.44
N GLN A 1011 -1.48 9.54 -24.75
CA GLN A 1011 -0.59 10.46 -25.43
C GLN A 1011 0.65 9.79 -25.99
N LEU A 1012 1.04 8.64 -25.45
CA LEU A 1012 2.19 7.92 -25.96
C LEU A 1012 1.85 7.03 -27.15
N ILE A 1013 0.65 6.45 -27.17
CA ILE A 1013 0.21 5.69 -28.33
C ILE A 1013 -0.05 6.63 -29.51
N ARG A 1014 -0.67 7.78 -29.24
CA ARG A 1014 -0.90 8.76 -30.30
C ARG A 1014 0.40 9.37 -30.81
N ALA A 1015 1.43 9.45 -29.96
CA ALA A 1015 2.74 9.90 -30.43
C ALA A 1015 3.38 8.86 -31.34
N ALA A 1016 3.11 7.58 -31.11
CA ALA A 1016 3.65 6.53 -31.98
C ALA A 1016 3.00 6.57 -33.35
N GLU A 1017 1.69 6.85 -33.41
CA GLU A 1017 1.02 6.96 -34.69
C GLU A 1017 1.48 8.19 -35.47
N ILE A 1018 1.73 9.29 -34.76
CA ILE A 1018 2.19 10.51 -35.42
C ILE A 1018 3.62 10.33 -35.91
N ARG A 1019 4.47 9.68 -35.10
CA ARG A 1019 5.83 9.38 -35.54
C ARG A 1019 5.84 8.43 -36.73
N ALA A 1020 4.89 7.48 -36.76
CA ALA A 1020 4.72 6.64 -37.93
C ALA A 1020 4.33 7.47 -39.15
N SER A 1021 3.49 8.49 -38.95
CA SER A 1021 3.20 9.42 -40.03
C SER A 1021 4.35 10.39 -40.27
N ALA A 1022 5.16 10.69 -39.25
CA ALA A 1022 6.31 11.55 -39.43
C ALA A 1022 7.39 10.89 -40.26
N ASN A 1023 7.62 9.59 -40.04
CA ASN A 1023 8.58 8.86 -40.87
C ASN A 1023 8.06 8.67 -42.29
N LEU A 1024 6.74 8.53 -42.46
CA LEU A 1024 6.17 8.51 -43.80
C LEU A 1024 6.31 9.86 -44.48
N ALA A 1025 6.15 10.95 -43.73
CA ALA A 1025 6.34 12.28 -44.29
C ALA A 1025 7.80 12.54 -44.62
N ALA A 1026 8.71 12.02 -43.79
CA ALA A 1026 10.14 12.17 -44.07
C ALA A 1026 10.54 11.39 -45.32
N THR A 1027 9.96 10.21 -45.51
CA THR A 1027 10.22 9.45 -46.74
C THR A 1027 9.59 10.13 -47.95
N LYS A 1028 8.40 10.72 -47.78
CA LYS A 1028 7.75 11.42 -48.86
C LYS A 1028 8.32 12.80 -49.12
N MET A 1029 9.28 13.25 -48.32
CA MET A 1029 10.00 14.49 -48.57
C MET A 1029 11.43 14.24 -49.05
N SER A 1030 12.12 13.28 -48.45
CA SER A 1030 13.50 13.00 -48.84
C SER A 1030 13.59 12.20 -50.14
N GLU A 1031 12.51 11.58 -50.58
CA GLU A 1031 12.53 10.76 -51.78
C GLU A 1031 11.55 11.22 -52.85
N CYS A 1032 10.33 11.62 -52.47
CA CYS A 1032 9.36 12.05 -53.46
C CYS A 1032 9.65 13.46 -53.97
N VAL A 1033 10.17 14.34 -53.12
CA VAL A 1033 10.52 15.69 -53.54
C VAL A 1033 11.92 15.73 -54.14
N LEU A 1034 12.88 15.05 -53.52
CA LEU A 1034 14.28 15.09 -53.95
C LEU A 1034 14.58 14.12 -55.09
N GLY A 1035 13.57 13.57 -55.74
CA GLY A 1035 13.82 12.67 -56.85
C GLY A 1035 12.51 12.19 -57.44
N GLN A 1036 12.63 11.45 -58.53
CA GLN A 1036 11.48 10.88 -59.22
C GLN A 1036 11.27 9.47 -58.69
N SER A 1037 10.14 9.25 -58.01
CA SER A 1037 9.85 7.96 -57.40
C SER A 1037 9.21 7.04 -58.43
N LYS A 1038 9.80 5.86 -58.61
CA LYS A 1038 9.26 4.85 -59.50
C LYS A 1038 8.20 3.97 -58.85
N ARG A 1039 7.94 4.16 -57.57
CA ARG A 1039 6.93 3.36 -56.88
C ARG A 1039 5.54 3.82 -57.27
N VAL A 1040 4.69 2.88 -57.65
CA VAL A 1040 3.35 3.19 -58.12
C VAL A 1040 2.47 3.54 -56.92
N ASP A 1041 1.72 4.65 -57.04
CA ASP A 1041 0.74 5.10 -56.06
C ASP A 1041 1.37 5.43 -54.70
N PHE A 1042 2.64 5.84 -54.72
CA PHE A 1042 3.29 6.37 -53.53
C PHE A 1042 3.28 7.89 -53.49
N CYS A 1043 3.19 8.54 -54.65
CA CYS A 1043 3.17 9.99 -54.77
C CYS A 1043 1.96 10.43 -55.57
N GLY A 1044 0.79 9.91 -55.22
CA GLY A 1044 -0.44 10.25 -55.90
C GLY A 1044 -0.78 9.29 -57.02
N LYS A 1045 -2.00 9.42 -57.52
CA LYS A 1045 -2.47 8.56 -58.59
C LYS A 1045 -1.79 8.92 -59.91
N GLY A 1046 -1.31 7.91 -60.62
CA GLY A 1046 -0.66 8.11 -61.89
C GLY A 1046 0.86 8.09 -61.76
N TYR A 1047 1.50 8.31 -62.90
CA TYR A 1047 2.96 8.35 -62.95
C TYR A 1047 3.47 9.60 -62.24
N HIS A 1048 4.53 9.44 -61.46
CA HIS A 1048 5.04 10.52 -60.64
C HIS A 1048 6.12 11.30 -61.38
N LEU A 1049 6.04 12.63 -61.27
CA LEU A 1049 7.07 13.51 -61.81
C LEU A 1049 7.82 14.26 -60.71
N MET A 1050 7.11 15.05 -59.90
CA MET A 1050 7.74 15.85 -58.86
C MET A 1050 6.67 16.25 -57.84
N SER A 1051 7.13 16.82 -56.74
CA SER A 1051 6.23 17.27 -55.69
C SER A 1051 6.82 18.51 -55.03
N PHE A 1052 5.93 19.37 -54.54
CA PHE A 1052 6.31 20.61 -53.90
C PHE A 1052 5.79 20.63 -52.47
N PRO A 1053 6.64 20.62 -51.45
CA PRO A 1053 6.15 20.67 -50.07
C PRO A 1053 5.74 22.08 -49.67
N GLN A 1054 4.74 22.12 -48.80
CA GLN A 1054 4.28 23.37 -48.20
C GLN A 1054 4.11 23.19 -46.70
N SER A 1055 4.30 24.27 -45.96
CA SER A 1055 4.16 24.23 -44.51
C SER A 1055 2.70 24.11 -44.11
N ALA A 1056 2.45 23.33 -43.07
CA ALA A 1056 1.11 23.07 -42.54
C ALA A 1056 1.19 23.11 -41.02
N PRO A 1057 0.09 23.48 -40.34
CA PRO A 1057 0.15 23.55 -38.87
C PRO A 1057 0.22 22.17 -38.24
N HIS A 1058 1.37 21.87 -37.62
CA HIS A 1058 1.68 20.54 -37.06
C HIS A 1058 1.54 19.45 -38.12
N GLY A 1059 2.07 19.73 -39.31
CA GLY A 1059 2.00 18.77 -40.39
C GLY A 1059 2.70 19.29 -41.62
N VAL A 1060 2.53 18.56 -42.72
CA VAL A 1060 3.07 18.97 -44.01
C VAL A 1060 2.11 18.51 -45.10
N VAL A 1061 2.02 19.31 -46.16
CA VAL A 1061 1.13 19.01 -47.29
C VAL A 1061 1.97 18.96 -48.56
N PHE A 1062 1.73 17.94 -49.37
CA PHE A 1062 2.48 17.70 -50.59
C PHE A 1062 1.61 17.98 -51.81
N LEU A 1063 2.20 18.57 -52.84
CA LEU A 1063 1.52 18.84 -54.10
C LEU A 1063 2.21 18.00 -55.17
N HIS A 1064 1.76 16.75 -55.31
CA HIS A 1064 2.39 15.81 -56.23
C HIS A 1064 1.98 16.12 -57.66
N VAL A 1065 2.97 16.30 -58.53
CA VAL A 1065 2.74 16.49 -59.96
C VAL A 1065 2.69 15.11 -60.61
N THR A 1066 1.58 14.82 -61.28
CA THR A 1066 1.33 13.49 -61.81
C THR A 1066 1.07 13.54 -63.30
N TYR A 1067 1.40 12.44 -63.98
CA TYR A 1067 1.13 12.23 -65.40
C TYR A 1067 -0.05 11.28 -65.49
N VAL A 1068 -1.17 11.77 -66.00
CA VAL A 1068 -2.39 10.99 -66.15
C VAL A 1068 -2.81 11.03 -67.62
N PRO A 1069 -2.91 9.90 -68.30
CA PRO A 1069 -3.44 9.90 -69.67
C PRO A 1069 -4.91 10.26 -69.69
N ALA A 1070 -5.35 10.84 -70.81
CA ALA A 1070 -6.70 11.37 -70.93
C ALA A 1070 -7.57 10.54 -71.88
N GLN A 1071 -7.16 10.39 -73.13
CA GLN A 1071 -7.94 9.67 -74.12
C GLN A 1071 -7.06 8.65 -74.82
N GLU A 1072 -7.65 7.49 -75.12
CA GLU A 1072 -6.92 6.41 -75.76
C GLU A 1072 -7.78 5.83 -76.87
N LYS A 1073 -7.13 5.14 -77.80
CA LYS A 1073 -7.79 4.57 -78.96
C LYS A 1073 -7.28 3.16 -79.18
N ASN A 1074 -8.20 2.24 -79.48
CA ASN A 1074 -7.86 0.85 -79.74
C ASN A 1074 -6.96 0.72 -80.95
N PHE A 1075 -5.99 -0.16 -80.84
CA PHE A 1075 -5.18 -0.57 -81.98
C PHE A 1075 -4.96 -2.07 -81.96
N THR A 1076 -4.64 -2.61 -83.13
CA THR A 1076 -4.22 -4.00 -83.26
C THR A 1076 -2.70 -4.06 -83.20
N THR A 1077 -2.17 -4.90 -82.32
CA THR A 1077 -0.74 -4.97 -82.08
C THR A 1077 -0.23 -6.40 -82.30
N ALA A 1078 1.04 -6.50 -82.65
CA ALA A 1078 1.73 -7.77 -82.83
C ALA A 1078 3.05 -7.74 -82.08
N PRO A 1079 3.48 -8.87 -81.51
CA PRO A 1079 4.73 -8.87 -80.73
C PRO A 1079 5.99 -8.80 -81.57
N ALA A 1080 5.99 -9.35 -82.78
CA ALA A 1080 7.23 -9.46 -83.54
C ALA A 1080 6.95 -9.39 -85.04
N ILE A 1081 8.01 -9.07 -85.79
CA ILE A 1081 7.94 -8.91 -87.23
C ILE A 1081 8.97 -9.82 -87.89
N CYS A 1082 8.65 -10.31 -89.08
CA CYS A 1082 9.59 -11.03 -89.93
C CYS A 1082 10.03 -10.13 -91.09
N HIS A 1083 11.33 -10.13 -91.36
CA HIS A 1083 11.86 -9.45 -92.54
C HIS A 1083 12.54 -10.41 -93.50
N ASP A 1084 13.48 -11.22 -93.01
CA ASP A 1084 14.20 -12.19 -93.83
C ASP A 1084 14.33 -13.50 -93.10
N GLY A 1085 13.26 -13.93 -92.42
CA GLY A 1085 13.30 -15.13 -91.61
C GLY A 1085 13.78 -14.94 -90.19
N LYS A 1086 14.15 -13.72 -89.80
CA LYS A 1086 14.61 -13.42 -88.45
C LYS A 1086 13.62 -12.49 -87.78
N ALA A 1087 13.25 -12.82 -86.54
CA ALA A 1087 12.27 -12.02 -85.82
C ALA A 1087 12.89 -10.70 -85.34
N HIS A 1088 12.08 -9.64 -85.37
CA HIS A 1088 12.50 -8.33 -84.90
C HIS A 1088 11.66 -7.93 -83.70
N PHE A 1089 12.33 -7.48 -82.64
CA PHE A 1089 11.68 -7.08 -81.40
C PHE A 1089 11.92 -5.61 -81.11
N PRO A 1090 10.93 -4.90 -80.59
CA PRO A 1090 11.14 -3.48 -80.27
C PRO A 1090 11.97 -3.32 -79.01
N ARG A 1091 12.67 -2.19 -78.94
CA ARG A 1091 13.43 -1.88 -77.73
C ARG A 1091 12.53 -1.29 -76.65
N GLU A 1092 11.91 -0.16 -76.95
CA GLU A 1092 10.85 0.41 -76.12
C GLU A 1092 9.60 0.59 -76.98
N GLY A 1093 8.45 0.27 -76.43
CA GLY A 1093 7.22 0.33 -77.18
C GLY A 1093 6.90 -0.98 -77.86
N VAL A 1094 5.99 -0.91 -78.83
CA VAL A 1094 5.50 -2.11 -79.51
C VAL A 1094 5.00 -1.71 -80.90
N PHE A 1095 5.04 -2.65 -81.83
CA PHE A 1095 4.49 -2.44 -83.17
C PHE A 1095 2.99 -2.30 -83.10
N VAL A 1096 2.48 -1.33 -83.87
CA VAL A 1096 1.08 -0.96 -83.90
C VAL A 1096 0.63 -0.78 -85.34
N SER A 1097 -0.45 -1.47 -85.72
CA SER A 1097 -0.97 -1.42 -87.07
C SER A 1097 -2.12 -0.43 -87.16
N ASN A 1098 -2.05 0.44 -88.15
CA ASN A 1098 -3.20 1.25 -88.51
C ASN A 1098 -4.05 0.59 -89.59
N GLY A 1099 -3.98 -0.73 -89.67
CA GLY A 1099 -4.62 -1.53 -90.70
C GLY A 1099 -3.76 -1.93 -91.87
N THR A 1100 -3.10 -0.96 -92.50
CA THR A 1100 -2.29 -1.26 -93.68
C THR A 1100 -0.95 -1.86 -93.30
N HIS A 1101 -0.16 -1.13 -92.52
CA HIS A 1101 1.17 -1.59 -92.13
C HIS A 1101 1.45 -1.21 -90.68
N TRP A 1102 2.53 -1.78 -90.16
CA TRP A 1102 2.91 -1.67 -88.76
C TRP A 1102 4.00 -0.61 -88.59
N PHE A 1103 3.99 0.03 -87.42
CA PHE A 1103 5.02 0.99 -87.07
C PHE A 1103 5.22 0.96 -85.56
N VAL A 1104 6.40 1.39 -85.13
CA VAL A 1104 6.77 1.33 -83.72
C VAL A 1104 6.29 2.60 -83.02
N THR A 1105 5.57 2.44 -81.92
CA THR A 1105 5.24 3.57 -81.06
C THR A 1105 5.33 3.12 -79.61
N GLN A 1106 5.43 4.10 -78.73
CA GLN A 1106 5.66 3.85 -77.32
C GLN A 1106 4.37 3.41 -76.62
N ARG A 1107 4.52 2.95 -75.38
CA ARG A 1107 3.39 2.45 -74.60
C ARG A 1107 2.63 3.59 -73.94
N ASN A 1108 3.34 4.52 -73.31
CA ASN A 1108 2.67 5.57 -72.55
C ASN A 1108 2.09 6.65 -73.45
N PHE A 1109 2.78 7.01 -74.53
CA PHE A 1109 2.36 8.06 -75.43
C PHE A 1109 2.39 7.54 -76.86
N TYR A 1110 1.39 7.94 -77.65
CA TYR A 1110 1.26 7.46 -79.03
C TYR A 1110 2.10 8.35 -79.94
N GLU A 1111 3.11 7.78 -80.56
CA GLU A 1111 3.97 8.49 -81.51
C GLU A 1111 4.44 7.51 -82.56
N PRO A 1112 3.78 7.47 -83.73
CA PRO A 1112 4.16 6.49 -84.76
C PRO A 1112 5.53 6.79 -85.35
N GLN A 1113 6.41 5.79 -85.30
CA GLN A 1113 7.75 5.90 -85.84
C GLN A 1113 7.99 4.74 -86.79
N ILE A 1114 8.76 4.99 -87.85
CA ILE A 1114 9.02 3.96 -88.84
C ILE A 1114 9.89 2.85 -88.24
N ILE A 1115 9.79 1.68 -88.84
CA ILE A 1115 10.53 0.51 -88.35
C ILE A 1115 11.98 0.62 -88.82
N THR A 1116 12.91 0.59 -87.86
CA THR A 1116 14.31 0.88 -88.12
C THR A 1116 15.12 0.17 -87.04
N THR A 1117 16.29 -0.35 -87.42
CA THR A 1117 17.14 -1.10 -86.49
C THR A 1117 17.61 -0.26 -85.31
N ASP A 1118 17.54 1.07 -85.40
CA ASP A 1118 17.80 1.92 -84.24
C ASP A 1118 16.76 1.73 -83.15
N ASN A 1119 15.50 1.44 -83.53
CA ASN A 1119 14.43 1.27 -82.55
C ASN A 1119 13.98 -0.17 -82.39
N THR A 1120 14.22 -1.04 -83.36
CA THR A 1120 13.94 -2.46 -83.21
C THR A 1120 15.22 -3.23 -82.93
N PHE A 1121 15.10 -4.54 -82.74
CA PHE A 1121 16.22 -5.36 -82.31
C PHE A 1121 15.97 -6.78 -82.75
N VAL A 1122 17.01 -7.42 -83.30
CA VAL A 1122 16.90 -8.72 -83.96
C VAL A 1122 17.29 -9.81 -82.99
N SER A 1123 16.42 -10.81 -82.84
CA SER A 1123 16.72 -12.00 -82.05
C SER A 1123 15.81 -13.14 -82.49
N GLY A 1124 16.26 -14.36 -82.23
CA GLY A 1124 15.48 -15.54 -82.51
C GLY A 1124 15.31 -15.80 -84.00
N ASN A 1125 14.25 -16.54 -84.32
CA ASN A 1125 13.91 -16.88 -85.69
C ASN A 1125 12.42 -16.64 -85.89
N CYS A 1126 11.95 -16.91 -87.10
CA CYS A 1126 10.56 -16.65 -87.49
C CYS A 1126 9.71 -17.92 -87.48
N ASP A 1127 9.99 -18.84 -86.55
CA ASP A 1127 9.27 -20.11 -86.49
C ASP A 1127 8.66 -20.38 -85.12
N VAL A 1128 9.34 -20.02 -84.04
CA VAL A 1128 8.88 -20.37 -82.70
C VAL A 1128 7.97 -19.30 -82.09
N VAL A 1129 8.06 -18.04 -82.53
CA VAL A 1129 7.30 -16.97 -81.91
C VAL A 1129 5.84 -17.08 -82.31
N ILE A 1130 4.96 -17.08 -81.32
CA ILE A 1130 3.52 -17.25 -81.54
C ILE A 1130 2.91 -15.91 -81.93
N GLY A 1131 2.07 -15.91 -82.96
CA GLY A 1131 1.37 -14.71 -83.40
C GLY A 1131 2.27 -13.65 -83.99
N ILE A 1132 3.14 -14.04 -84.92
CA ILE A 1132 4.14 -13.15 -85.50
C ILE A 1132 3.71 -12.82 -86.92
N VAL A 1133 3.96 -11.57 -87.33
CA VAL A 1133 3.48 -11.06 -88.62
C VAL A 1133 4.64 -10.65 -89.51
N ASN A 1134 4.33 -10.19 -90.73
CA ASN A 1134 5.32 -9.84 -91.73
C ASN A 1134 5.18 -8.37 -92.11
N ASN A 1135 6.30 -7.66 -92.15
CA ASN A 1135 6.37 -6.26 -92.55
C ASN A 1135 7.83 -5.91 -92.80
N THR A 1136 8.06 -5.03 -93.77
CA THR A 1136 9.41 -4.61 -94.12
C THR A 1136 9.99 -3.68 -93.07
N VAL A 1137 11.29 -3.78 -92.86
CA VAL A 1137 12.03 -2.92 -91.94
C VAL A 1137 12.80 -1.90 -92.76
N TYR A 1138 12.60 -0.62 -92.46
CA TYR A 1138 13.22 0.47 -93.21
C TYR A 1138 14.51 0.89 -92.52
N ASP A 1139 15.61 0.27 -92.92
CA ASP A 1139 16.92 0.64 -92.43
C ASP A 1139 17.33 1.99 -93.03
N PRO A 1140 18.24 2.71 -92.38
CA PRO A 1140 18.84 3.89 -93.02
C PRO A 1140 19.78 3.58 -94.18
N LEU A 1141 20.16 2.32 -94.40
CA LEU A 1141 21.24 2.03 -95.34
C LEU A 1141 20.78 2.16 -96.80
N GLN A 1142 19.60 1.64 -97.13
CA GLN A 1142 19.13 1.68 -98.52
C GLN A 1142 18.74 3.07 -99.04
N PRO A 1143 18.36 4.07 -98.23
CA PRO A 1143 18.34 5.44 -98.77
C PRO A 1143 19.73 5.95 -99.16
N GLU A 1144 20.79 5.39 -98.59
CA GLU A 1144 22.15 5.84 -98.90
C GLU A 1144 22.88 4.93 -99.87
N LEU A 1145 22.53 3.64 -99.92
CA LEU A 1145 23.25 2.68 -100.75
C LEU A 1145 22.40 2.09 -101.86
N ASP A 1146 21.22 1.54 -101.52
CA ASP A 1146 20.39 0.85 -102.49
C ASP A 1146 19.33 1.75 -103.11
N SER A 1147 19.43 3.07 -102.93
CA SER A 1147 18.48 4.00 -103.50
C SER A 1147 18.65 4.13 -105.00
N GLN B 14 -20.73 -58.22 22.25
CA GLN B 14 -20.26 -59.55 21.87
C GLN B 14 -18.75 -59.57 21.65
N CYS B 15 -18.16 -60.76 21.69
CA CYS B 15 -16.71 -60.90 21.63
C CYS B 15 -16.29 -61.98 20.63
N VAL B 16 -16.88 -61.97 19.44
CA VAL B 16 -16.58 -62.96 18.43
C VAL B 16 -15.45 -62.45 17.55
N ASN B 17 -14.38 -63.24 17.43
CA ASN B 17 -13.24 -62.91 16.60
C ASN B 17 -12.96 -64.05 15.63
N LEU B 18 -12.38 -63.71 14.49
CA LEU B 18 -12.09 -64.66 13.42
C LEU B 18 -10.58 -64.89 13.34
N THR B 19 -10.18 -66.16 13.20
CA THR B 19 -8.78 -66.54 13.13
C THR B 19 -8.44 -67.18 11.78
N THR B 20 -9.20 -66.85 10.74
CA THR B 20 -8.98 -67.39 9.39
C THR B 20 -8.19 -66.43 8.52
N ARG B 21 -7.27 -65.67 9.11
CA ARG B 21 -6.47 -64.68 8.41
C ARG B 21 -5.08 -65.24 8.14
N THR B 22 -4.68 -65.24 6.87
CA THR B 22 -3.35 -65.68 6.47
C THR B 22 -2.46 -64.48 6.21
N GLN B 23 -1.20 -64.58 6.63
CA GLN B 23 -0.28 -63.45 6.49
C GLN B 23 0.12 -63.25 5.04
N LEU B 24 0.02 -62.02 4.57
CA LEU B 24 0.38 -61.64 3.21
C LEU B 24 1.28 -60.41 3.25
N PRO B 25 2.20 -60.28 2.28
CA PRO B 25 3.06 -59.10 2.25
C PRO B 25 2.25 -57.85 1.90
N PRO B 26 2.65 -56.69 2.43
CA PRO B 26 1.92 -55.43 2.13
C PRO B 26 2.24 -54.87 0.74
N ALA B 27 1.52 -55.38 -0.26
CA ALA B 27 1.73 -54.96 -1.63
C ALA B 27 1.14 -53.58 -1.88
N TYR B 28 1.42 -53.04 -3.07
CA TYR B 28 0.94 -51.73 -3.47
C TYR B 28 0.41 -51.80 -4.90
N THR B 29 -0.61 -50.98 -5.18
CA THR B 29 -1.20 -50.91 -6.51
C THR B 29 -1.35 -49.43 -6.89
N ASN B 30 -1.02 -49.10 -8.13
CA ASN B 30 -1.07 -47.70 -8.56
C ASN B 30 -2.47 -47.33 -9.07
N SER B 31 -2.69 -46.04 -9.21
CA SER B 31 -3.89 -45.49 -9.83
C SER B 31 -3.46 -44.67 -11.04
N PHE B 32 -3.90 -45.09 -12.23
CA PHE B 32 -3.48 -44.40 -13.44
C PHE B 32 -4.26 -43.12 -13.65
N THR B 33 -5.57 -43.23 -13.86
CA THR B 33 -6.45 -42.08 -14.07
C THR B 33 -7.75 -42.28 -13.30
N ARG B 34 -7.63 -42.72 -12.05
CA ARG B 34 -8.79 -43.04 -11.24
C ARG B 34 -8.84 -42.14 -10.01
N GLY B 35 -10.05 -41.89 -9.52
CA GLY B 35 -10.26 -41.10 -8.34
C GLY B 35 -10.70 -39.67 -8.59
N VAL B 36 -11.49 -39.42 -9.64
CA VAL B 36 -11.95 -38.07 -9.99
C VAL B 36 -13.47 -38.06 -9.92
N TYR B 37 -14.02 -37.10 -9.18
CA TYR B 37 -15.46 -36.97 -9.04
C TYR B 37 -15.91 -35.56 -9.41
N TYR B 38 -17.20 -35.28 -9.24
CA TYR B 38 -17.76 -33.95 -9.50
C TYR B 38 -17.58 -33.09 -8.25
N PRO B 39 -16.95 -31.92 -8.36
CA PRO B 39 -16.62 -31.18 -7.13
C PRO B 39 -17.80 -30.48 -6.47
N ASP B 40 -18.84 -30.14 -7.22
CA ASP B 40 -20.01 -29.47 -6.67
C ASP B 40 -21.20 -29.76 -7.58
N LYS B 41 -22.26 -29.00 -7.43
CA LYS B 41 -23.52 -29.20 -8.16
C LYS B 41 -23.62 -28.29 -9.37
N VAL B 42 -22.49 -28.01 -10.03
CA VAL B 42 -22.41 -27.02 -11.09
C VAL B 42 -22.44 -27.72 -12.43
N PHE B 43 -23.33 -27.28 -13.32
CA PHE B 43 -23.39 -27.82 -14.67
C PHE B 43 -22.38 -27.10 -15.56
N ARG B 44 -21.47 -27.87 -16.14
CA ARG B 44 -20.49 -27.36 -17.10
C ARG B 44 -20.59 -28.19 -18.37
N SER B 45 -20.67 -27.53 -19.53
CA SER B 45 -20.80 -28.22 -20.80
C SER B 45 -19.83 -27.62 -21.81
N SER B 46 -18.99 -28.48 -22.40
CA SER B 46 -18.03 -28.11 -23.45
C SER B 46 -17.10 -26.99 -23.00
N VAL B 47 -16.70 -27.02 -21.73
CA VAL B 47 -15.82 -26.00 -21.17
C VAL B 47 -14.74 -26.70 -20.33
N LEU B 48 -13.49 -26.31 -20.54
CA LEU B 48 -12.36 -26.87 -19.80
C LEU B 48 -12.16 -26.03 -18.54
N HIS B 49 -12.59 -26.57 -17.40
CA HIS B 49 -12.54 -25.85 -16.14
C HIS B 49 -11.60 -26.56 -15.17
N SER B 50 -10.84 -25.78 -14.42
CA SER B 50 -9.93 -26.29 -13.40
C SER B 50 -10.42 -25.90 -12.01
N THR B 51 -10.31 -26.82 -11.07
CA THR B 51 -10.74 -26.60 -9.70
C THR B 51 -9.68 -27.14 -8.74
N GLN B 52 -9.84 -26.80 -7.46
CA GLN B 52 -8.91 -27.23 -6.41
C GLN B 52 -9.71 -27.80 -5.26
N ASP B 53 -9.61 -29.12 -5.07
CA ASP B 53 -10.35 -29.83 -4.04
C ASP B 53 -9.58 -31.13 -3.78
N LEU B 54 -9.87 -31.78 -2.66
CA LEU B 54 -9.19 -33.03 -2.31
C LEU B 54 -9.63 -34.13 -3.27
N PHE B 55 -8.75 -34.49 -4.21
CA PHE B 55 -8.93 -35.68 -5.02
C PHE B 55 -7.74 -36.61 -4.82
N LEU B 56 -7.88 -37.83 -5.33
CA LEU B 56 -6.79 -38.79 -5.29
C LEU B 56 -5.75 -38.42 -6.34
N PRO B 57 -4.49 -38.21 -5.97
CA PRO B 57 -3.46 -37.93 -6.97
C PRO B 57 -3.19 -39.13 -7.85
N PHE B 58 -2.86 -38.86 -9.11
CA PHE B 58 -2.56 -39.92 -10.04
C PHE B 58 -1.18 -40.50 -9.77
N PHE B 59 -0.96 -41.72 -10.30
CA PHE B 59 0.30 -42.47 -10.14
C PHE B 59 0.65 -42.68 -8.67
N SER B 60 -0.37 -42.94 -7.85
CA SER B 60 -0.21 -43.07 -6.41
C SER B 60 -0.48 -44.50 -5.99
N ASN B 61 0.38 -45.01 -5.10
CA ASN B 61 0.18 -46.35 -4.55
C ASN B 61 -1.07 -46.38 -3.67
N VAL B 62 -1.76 -47.52 -3.71
CA VAL B 62 -2.87 -47.79 -2.80
C VAL B 62 -2.55 -49.03 -1.99
N THR B 63 -3.20 -49.15 -0.84
CA THR B 63 -2.94 -50.27 0.05
C THR B 63 -3.55 -51.56 -0.50
N TRP B 64 -2.97 -52.69 -0.09
CA TRP B 64 -3.39 -54.01 -0.53
C TRP B 64 -4.25 -54.64 0.56
N PHE B 65 -5.55 -54.77 0.31
CA PHE B 65 -6.47 -55.40 1.25
C PHE B 65 -7.40 -56.32 0.48
N HIS B 66 -7.85 -57.37 1.16
CA HIS B 66 -8.73 -58.37 0.57
C HIS B 66 -9.87 -58.69 1.50
N ALA B 67 -10.97 -59.15 0.91
CA ALA B 67 -12.15 -59.61 1.64
C ALA B 67 -12.56 -60.99 1.14
N ILE B 68 -11.58 -61.88 1.03
CA ILE B 68 -11.78 -63.19 0.46
C ILE B 68 -11.80 -64.22 1.59
N HIS B 69 -12.14 -65.46 1.23
CA HIS B 69 -12.24 -66.56 2.19
C HIS B 69 -10.89 -66.91 2.81
N LYS B 77 -7.88 -66.16 0.97
CA LYS B 77 -7.41 -66.58 2.28
C LYS B 77 -7.02 -65.38 3.14
N ARG B 78 -7.37 -64.19 2.67
CA ARG B 78 -7.03 -62.95 3.34
C ARG B 78 -8.30 -62.25 3.82
N PHE B 79 -8.32 -61.87 5.08
CA PHE B 79 -9.46 -61.17 5.69
C PHE B 79 -8.90 -60.17 6.69
N ASP B 80 -9.06 -58.89 6.42
CA ASP B 80 -8.41 -57.84 7.19
C ASP B 80 -9.39 -56.75 7.59
N ASN B 81 -9.15 -56.18 8.78
CA ASN B 81 -9.74 -54.91 9.17
C ASN B 81 -8.84 -54.17 10.17
N PRO B 82 -7.66 -53.66 9.71
CA PRO B 82 -7.04 -52.55 10.43
C PRO B 82 -7.92 -51.33 10.62
N VAL B 83 -7.48 -50.43 11.50
CA VAL B 83 -8.08 -49.12 11.70
C VAL B 83 -7.31 -48.12 10.85
N LEU B 84 -8.02 -47.45 9.95
CA LEU B 84 -7.40 -46.54 8.99
C LEU B 84 -7.98 -45.15 9.12
N PRO B 85 -7.18 -44.10 8.92
CA PRO B 85 -7.64 -42.73 9.18
C PRO B 85 -8.62 -42.23 8.13
N PHE B 86 -9.18 -41.05 8.41
CA PHE B 86 -10.17 -40.43 7.56
C PHE B 86 -9.81 -38.99 7.22
N ASN B 87 -9.12 -38.30 8.14
CA ASN B 87 -8.81 -36.88 7.96
C ASN B 87 -7.84 -36.63 6.82
N ASP B 88 -7.04 -37.64 6.45
CA ASP B 88 -6.12 -37.50 5.33
C ASP B 88 -6.78 -37.81 3.99
N GLY B 89 -8.06 -38.17 3.99
CA GLY B 89 -8.75 -38.48 2.75
C GLY B 89 -8.77 -39.97 2.44
N VAL B 90 -9.91 -40.49 2.01
CA VAL B 90 -10.07 -41.90 1.72
C VAL B 90 -10.66 -42.07 0.33
N TYR B 91 -10.04 -42.93 -0.48
CA TYR B 91 -10.61 -43.36 -1.75
C TYR B 91 -10.86 -44.86 -1.65
N PHE B 92 -12.14 -45.24 -1.63
CA PHE B 92 -12.56 -46.63 -1.46
C PHE B 92 -13.00 -47.19 -2.80
N ALA B 93 -12.18 -48.06 -3.38
CA ALA B 93 -12.51 -48.76 -4.61
C ALA B 93 -12.57 -50.24 -4.31
N SER B 94 -13.73 -50.86 -4.56
CA SER B 94 -13.94 -52.26 -4.27
C SER B 94 -14.56 -52.96 -5.46
N THR B 95 -14.04 -54.14 -5.78
CA THR B 95 -14.60 -54.99 -6.82
C THR B 95 -15.48 -56.05 -6.16
N GLU B 96 -16.68 -56.24 -6.70
CA GLU B 96 -17.70 -57.05 -6.05
C GLU B 96 -18.22 -58.13 -6.99
N LYS B 97 -18.40 -59.33 -6.44
CA LYS B 97 -19.03 -60.44 -7.17
C LYS B 97 -20.35 -60.85 -6.54
N SER B 98 -20.37 -61.17 -5.25
CA SER B 98 -21.55 -61.73 -4.59
C SER B 98 -22.01 -60.88 -3.41
N ASN B 99 -21.69 -59.58 -3.45
CA ASN B 99 -22.16 -58.58 -2.48
C ASN B 99 -21.73 -58.93 -1.06
N ILE B 100 -20.42 -59.09 -0.88
CA ILE B 100 -19.89 -59.38 0.45
C ILE B 100 -19.75 -58.11 1.26
N ILE B 101 -19.23 -57.04 0.65
CA ILE B 101 -19.09 -55.76 1.33
C ILE B 101 -20.46 -55.11 1.42
N ARG B 102 -20.92 -54.83 2.63
CA ARG B 102 -22.25 -54.29 2.88
C ARG B 102 -22.23 -52.85 3.36
N GLY B 103 -21.46 -52.55 4.40
CA GLY B 103 -21.48 -51.23 5.00
C GLY B 103 -20.12 -50.78 5.48
N TRP B 104 -20.06 -49.51 5.88
CA TRP B 104 -18.85 -48.86 6.33
C TRP B 104 -19.06 -48.32 7.74
N ILE B 105 -17.96 -48.11 8.45
CA ILE B 105 -17.97 -47.50 9.78
C ILE B 105 -17.15 -46.22 9.74
N PHE B 106 -17.72 -45.14 10.26
CA PHE B 106 -17.03 -43.87 10.39
C PHE B 106 -17.24 -43.34 11.80
N GLY B 107 -16.18 -42.84 12.41
CA GLY B 107 -16.29 -42.30 13.76
C GLY B 107 -15.03 -41.58 14.16
N THR B 108 -15.10 -40.93 15.32
CA THR B 108 -13.97 -40.19 15.86
C THR B 108 -12.96 -41.13 16.51
N THR B 109 -13.38 -41.82 17.55
CA THR B 109 -12.54 -42.80 18.24
C THR B 109 -13.08 -44.23 18.11
N LEU B 110 -14.24 -44.39 17.47
CA LEU B 110 -14.89 -45.69 17.27
C LEU B 110 -15.20 -46.39 18.58
N ASP B 111 -15.71 -45.63 19.55
CA ASP B 111 -16.26 -46.18 20.78
C ASP B 111 -17.55 -45.43 21.09
N SER B 112 -18.08 -45.64 22.30
CA SER B 112 -19.32 -45.00 22.74
C SER B 112 -19.08 -43.62 23.34
N LYS B 113 -17.83 -43.17 23.42
CA LYS B 113 -17.55 -41.86 24.00
C LYS B 113 -18.05 -40.73 23.11
N THR B 114 -17.87 -40.85 21.81
CA THR B 114 -18.30 -39.84 20.84
C THR B 114 -19.25 -40.44 19.82
N GLN B 115 -19.81 -39.58 18.98
CA GLN B 115 -20.72 -40.03 17.95
C GLN B 115 -19.97 -40.74 16.82
N SER B 116 -20.71 -41.50 16.02
CA SER B 116 -20.15 -42.24 14.91
C SER B 116 -21.19 -42.34 13.80
N LEU B 117 -20.69 -42.44 12.57
CA LEU B 117 -21.54 -42.60 11.40
C LEU B 117 -21.52 -44.06 10.96
N LEU B 118 -22.68 -44.70 10.98
CA LEU B 118 -22.80 -46.12 10.68
C LEU B 118 -23.67 -46.31 9.44
N ILE B 119 -23.16 -47.09 8.49
CA ILE B 119 -23.93 -47.52 7.32
C ILE B 119 -24.03 -49.03 7.39
N VAL B 120 -25.27 -49.54 7.43
CA VAL B 120 -25.52 -50.97 7.52
C VAL B 120 -26.46 -51.39 6.39
N ASN B 121 -26.13 -52.49 5.74
CA ASN B 121 -26.97 -53.07 4.69
C ASN B 121 -27.37 -54.47 5.13
N ASN B 122 -28.65 -54.66 5.43
CA ASN B 122 -29.18 -55.96 5.83
C ASN B 122 -29.87 -56.66 4.67
N ALA B 123 -29.37 -56.46 3.45
CA ALA B 123 -29.87 -57.03 2.19
C ALA B 123 -31.30 -56.62 1.87
N THR B 124 -31.86 -55.65 2.58
CA THR B 124 -33.19 -55.12 2.29
C THR B 124 -33.20 -53.62 2.08
N ASN B 125 -32.45 -52.87 2.90
CA ASN B 125 -32.41 -51.42 2.79
C ASN B 125 -31.03 -50.93 3.20
N VAL B 126 -30.66 -49.76 2.71
CA VAL B 126 -29.40 -49.10 3.08
C VAL B 126 -29.73 -48.21 4.27
N VAL B 127 -29.66 -48.79 5.46
CA VAL B 127 -30.02 -48.11 6.69
C VAL B 127 -28.79 -47.35 7.21
N ILE B 128 -28.98 -46.07 7.52
CA ILE B 128 -27.93 -45.23 8.08
C ILE B 128 -28.40 -44.75 9.45
N LYS B 129 -27.58 -44.99 10.47
CA LYS B 129 -27.88 -44.57 11.83
C LYS B 129 -26.68 -43.86 12.43
N VAL B 130 -26.92 -42.74 13.09
CA VAL B 130 -25.88 -41.94 13.74
C VAL B 130 -26.20 -41.92 15.23
N CYS B 131 -25.63 -42.87 15.97
CA CYS B 131 -25.83 -42.95 17.41
C CYS B 131 -24.48 -43.14 18.12
N GLU B 132 -24.51 -43.38 19.42
CA GLU B 132 -23.30 -43.66 20.19
C GLU B 132 -23.11 -45.17 20.30
N PHE B 133 -22.69 -45.76 19.17
CA PHE B 133 -22.52 -47.20 19.09
C PHE B 133 -21.27 -47.66 19.82
N GLN B 134 -21.17 -48.97 20.03
CA GLN B 134 -20.00 -49.60 20.62
C GLN B 134 -19.61 -50.80 19.77
N PHE B 135 -18.34 -50.88 19.40
CA PHE B 135 -17.85 -51.94 18.54
C PHE B 135 -16.87 -52.82 19.29
N CYS B 136 -16.70 -54.04 18.80
CA CYS B 136 -15.63 -54.92 19.22
C CYS B 136 -14.43 -54.72 18.30
N ASN B 137 -13.45 -55.62 18.38
CA ASN B 137 -12.26 -55.51 17.54
C ASN B 137 -12.50 -55.94 16.10
N ASP B 138 -13.61 -56.62 15.82
CA ASP B 138 -13.88 -57.13 14.47
C ASP B 138 -15.38 -57.28 14.27
N PRO B 139 -16.07 -56.21 13.87
CA PRO B 139 -17.46 -56.35 13.46
C PRO B 139 -17.59 -56.94 12.06
N PHE B 140 -18.63 -57.75 11.88
CA PHE B 140 -18.86 -58.43 10.61
C PHE B 140 -20.35 -58.79 10.51
N LEU B 141 -20.68 -59.61 9.52
CA LEU B 141 -22.03 -60.13 9.36
C LEU B 141 -21.96 -61.64 9.19
N GLY B 142 -23.06 -62.32 9.55
CA GLY B 142 -23.08 -63.76 9.52
C GLY B 142 -24.15 -64.38 8.64
N VAL B 143 -23.72 -65.12 7.62
CA VAL B 143 -24.61 -65.89 6.76
C VAL B 143 -24.24 -67.35 6.96
N TYR B 144 -25.08 -68.09 7.69
CA TYR B 144 -24.77 -69.45 8.11
C TYR B 144 -25.86 -70.40 7.63
N TYR B 145 -25.82 -71.64 8.16
CA TYR B 145 -26.74 -72.72 7.83
C TYR B 145 -26.72 -73.05 6.34
N HIS B 146 -25.53 -73.44 5.88
CA HIS B 146 -25.30 -73.80 4.49
C HIS B 146 -25.09 -75.29 4.30
N LYS B 147 -25.63 -76.11 5.22
CA LYS B 147 -25.48 -77.55 5.11
C LYS B 147 -26.41 -78.13 4.04
N ASN B 148 -27.72 -77.93 4.21
CA ASN B 148 -28.70 -78.37 3.24
C ASN B 148 -29.85 -77.38 3.22
N ASN B 149 -30.35 -77.08 2.00
CA ASN B 149 -31.38 -76.08 1.76
C ASN B 149 -30.98 -74.72 2.33
N LYS B 150 -29.87 -74.20 1.81
CA LYS B 150 -29.29 -72.98 2.36
C LYS B 150 -30.10 -71.75 1.96
N SER B 151 -30.22 -71.50 0.65
CA SER B 151 -30.91 -70.37 0.03
C SER B 151 -30.32 -69.02 0.42
N TRP B 152 -29.14 -69.00 1.04
CA TRP B 152 -28.38 -67.80 1.38
C TRP B 152 -29.18 -66.84 2.27
N MET B 153 -29.52 -67.33 3.45
CA MET B 153 -30.30 -66.56 4.42
C MET B 153 -29.40 -66.03 5.52
N GLU B 154 -29.67 -64.81 5.96
CA GLU B 154 -28.89 -64.20 7.03
C GLU B 154 -29.18 -64.88 8.36
N SER B 155 -28.14 -65.01 9.18
CA SER B 155 -28.24 -65.73 10.44
C SER B 155 -28.03 -64.83 11.65
N GLU B 156 -26.92 -64.10 11.72
CA GLU B 156 -26.58 -63.29 12.88
C GLU B 156 -26.22 -61.88 12.45
N PHE B 157 -26.20 -60.97 13.42
CA PHE B 157 -25.85 -59.57 13.22
C PHE B 157 -24.79 -59.19 14.25
N ARG B 158 -23.60 -58.87 13.77
CA ARG B 158 -22.45 -58.54 14.61
C ARG B 158 -21.83 -57.22 14.15
N VAL B 159 -22.67 -56.20 14.00
CA VAL B 159 -22.18 -54.87 13.65
C VAL B 159 -21.80 -54.08 14.88
N TYR B 160 -22.71 -53.94 15.83
CA TYR B 160 -22.46 -53.20 17.07
C TYR B 160 -22.99 -54.01 18.25
N SER B 161 -22.73 -53.51 19.45
CA SER B 161 -23.21 -54.12 20.67
C SER B 161 -24.41 -53.41 21.25
N SER B 162 -24.35 -52.08 21.37
CA SER B 162 -25.45 -51.30 21.90
C SER B 162 -25.43 -49.92 21.28
N ALA B 163 -26.59 -49.26 21.29
CA ALA B 163 -26.74 -47.93 20.71
C ALA B 163 -27.56 -47.05 21.64
N ASN B 164 -27.20 -45.77 21.68
CA ASN B 164 -27.95 -44.79 22.47
C ASN B 164 -27.68 -43.41 21.89
N ASN B 165 -28.61 -42.48 22.19
CA ASN B 165 -28.54 -41.07 21.78
C ASN B 165 -28.41 -40.93 20.26
N CYS B 166 -29.37 -41.52 19.56
CA CYS B 166 -29.39 -41.44 18.11
C CYS B 166 -29.80 -40.04 17.65
N THR B 167 -29.12 -39.54 16.62
CA THR B 167 -29.36 -38.20 16.10
C THR B 167 -29.87 -38.17 14.67
N PHE B 168 -29.68 -39.24 13.89
CA PHE B 168 -30.13 -39.25 12.51
C PHE B 168 -30.41 -40.68 12.09
N GLU B 169 -31.48 -40.87 11.31
CA GLU B 169 -31.85 -42.17 10.77
C GLU B 169 -32.33 -41.99 9.34
N TYR B 170 -31.84 -42.83 8.44
CA TYR B 170 -32.22 -42.79 7.03
C TYR B 170 -32.54 -44.19 6.55
N VAL B 171 -33.65 -44.31 5.82
CA VAL B 171 -34.09 -45.57 5.24
C VAL B 171 -34.14 -45.40 3.72
N SER B 172 -33.47 -46.29 2.99
CA SER B 172 -33.41 -46.22 1.54
C SER B 172 -34.60 -46.94 0.93
N GLN B 173 -34.64 -46.96 -0.40
CA GLN B 173 -35.68 -47.70 -1.10
C GLN B 173 -35.43 -49.21 -0.95
N PRO B 174 -36.49 -50.01 -0.86
CA PRO B 174 -36.30 -51.46 -0.72
C PRO B 174 -35.91 -52.11 -2.03
N PHE B 175 -35.06 -53.13 -1.94
CA PHE B 175 -34.68 -53.94 -3.09
C PHE B 175 -34.28 -55.32 -2.57
N LEU B 176 -33.68 -56.13 -3.45
CA LEU B 176 -33.27 -57.48 -3.10
C LEU B 176 -31.86 -57.74 -3.65
N MET B 177 -30.97 -58.21 -2.77
CA MET B 177 -29.64 -58.59 -3.18
C MET B 177 -29.59 -60.08 -3.52
N ASP B 178 -28.66 -60.44 -4.41
CA ASP B 178 -28.40 -61.82 -4.76
C ASP B 178 -27.22 -62.29 -3.91
N LEU B 179 -27.52 -63.02 -2.83
CA LEU B 179 -26.51 -63.45 -1.87
C LEU B 179 -25.89 -64.80 -2.24
N GLU B 180 -26.02 -65.23 -3.49
CA GLU B 180 -25.43 -66.49 -3.93
C GLU B 180 -23.92 -66.30 -4.09
N GLY B 181 -23.15 -67.11 -3.39
CA GLY B 181 -21.71 -66.97 -3.36
C GLY B 181 -21.01 -67.50 -4.58
N LYS B 182 -21.14 -66.78 -5.70
CA LYS B 182 -20.49 -67.18 -6.94
C LYS B 182 -18.97 -66.99 -6.84
N GLN B 183 -18.24 -67.87 -7.53
CA GLN B 183 -16.78 -67.83 -7.55
C GLN B 183 -16.30 -67.63 -8.98
N GLY B 184 -15.18 -66.92 -9.11
CA GLY B 184 -14.62 -66.64 -10.42
C GLY B 184 -13.98 -65.27 -10.51
N ASN B 185 -13.97 -64.70 -11.72
CA ASN B 185 -13.38 -63.40 -11.93
C ASN B 185 -14.34 -62.29 -11.52
N PHE B 186 -13.78 -61.15 -11.13
CA PHE B 186 -14.59 -60.00 -10.76
C PHE B 186 -15.25 -59.39 -11.99
N LYS B 187 -16.49 -58.96 -11.83
CA LYS B 187 -17.27 -58.44 -12.94
C LYS B 187 -17.71 -56.99 -12.77
N ASN B 188 -17.55 -56.40 -11.60
CA ASN B 188 -18.00 -55.03 -11.35
C ASN B 188 -17.01 -54.32 -10.43
N LEU B 189 -17.08 -52.99 -10.45
CA LEU B 189 -16.41 -52.16 -9.45
C LEU B 189 -17.44 -51.31 -8.74
N ARG B 190 -17.15 -50.99 -7.47
CA ARG B 190 -17.95 -50.08 -6.68
C ARG B 190 -16.98 -49.12 -5.99
N GLU B 191 -16.81 -47.94 -6.58
CA GLU B 191 -15.84 -46.96 -6.12
C GLU B 191 -16.55 -45.90 -5.28
N PHE B 192 -15.97 -45.55 -4.14
CA PHE B 192 -16.56 -44.57 -3.23
C PHE B 192 -15.51 -43.63 -2.71
N VAL B 193 -15.86 -42.35 -2.61
CA VAL B 193 -15.05 -41.32 -1.97
C VAL B 193 -15.84 -40.71 -0.83
N PHE B 194 -15.22 -40.61 0.33
CA PHE B 194 -15.88 -40.11 1.53
C PHE B 194 -15.13 -38.89 2.05
N LYS B 195 -15.86 -37.80 2.28
CA LYS B 195 -15.29 -36.57 2.83
C LYS B 195 -16.40 -35.75 3.46
N ASN B 196 -16.09 -35.07 4.56
CA ASN B 196 -17.04 -34.24 5.29
C ASN B 196 -16.63 -32.78 5.17
N ILE B 197 -17.54 -31.95 4.66
CA ILE B 197 -17.28 -30.53 4.42
C ILE B 197 -18.33 -29.75 5.18
N ASP B 198 -17.94 -29.17 6.33
CA ASP B 198 -18.83 -28.40 7.21
C ASP B 198 -20.04 -29.24 7.61
N GLY B 199 -19.76 -30.46 8.07
CA GLY B 199 -20.80 -31.37 8.52
C GLY B 199 -21.54 -32.08 7.41
N TYR B 200 -21.32 -31.71 6.15
CA TYR B 200 -22.00 -32.34 5.03
C TYR B 200 -21.16 -33.52 4.56
N PHE B 201 -21.66 -34.74 4.81
CA PHE B 201 -20.97 -35.95 4.40
C PHE B 201 -21.45 -36.32 3.00
N LYS B 202 -20.53 -36.26 2.03
CA LYS B 202 -20.85 -36.52 0.65
C LYS B 202 -20.33 -37.89 0.25
N ILE B 203 -21.21 -38.72 -0.29
CA ILE B 203 -20.89 -40.08 -0.69
C ILE B 203 -20.98 -40.15 -2.21
N TYR B 204 -19.87 -40.52 -2.84
CA TYR B 204 -19.81 -40.67 -4.30
C TYR B 204 -19.84 -42.15 -4.66
N SER B 205 -20.49 -42.46 -5.78
CA SER B 205 -20.66 -43.85 -6.19
C SER B 205 -20.48 -43.97 -7.70
N LYS B 206 -20.06 -45.17 -8.11
CA LYS B 206 -19.91 -45.49 -9.53
C LYS B 206 -19.97 -47.01 -9.68
N HIS B 207 -20.59 -47.47 -10.76
CA HIS B 207 -20.79 -48.89 -10.99
C HIS B 207 -20.65 -49.16 -12.48
N THR B 208 -19.59 -49.87 -12.88
CA THR B 208 -19.32 -50.18 -14.27
C THR B 208 -18.87 -51.63 -14.41
N PRO B 209 -19.45 -52.39 -15.34
CA PRO B 209 -19.00 -53.78 -15.53
C PRO B 209 -17.65 -53.85 -16.24
N ILE B 210 -16.76 -54.70 -15.72
CA ILE B 210 -15.46 -54.99 -16.29
C ILE B 210 -15.22 -56.50 -16.20
N ASN B 211 -14.02 -56.92 -16.61
CA ASN B 211 -13.49 -58.21 -16.19
C ASN B 211 -12.02 -58.06 -15.81
N LEU B 212 -11.64 -58.68 -14.71
CA LEU B 212 -10.27 -58.65 -14.18
C LEU B 212 -10.15 -59.78 -13.16
N VAL B 213 -8.98 -59.88 -12.55
CA VAL B 213 -8.73 -60.93 -11.57
C VAL B 213 -8.41 -60.34 -10.21
N ARG B 214 -7.33 -59.57 -10.12
CA ARG B 214 -6.87 -59.03 -8.84
C ARG B 214 -6.85 -57.51 -8.80
N ASP B 215 -6.22 -56.86 -9.78
CA ASP B 215 -5.94 -55.44 -9.71
C ASP B 215 -7.14 -54.62 -10.20
N LEU B 216 -6.92 -53.32 -10.42
CA LEU B 216 -7.86 -52.34 -10.93
C LEU B 216 -7.51 -51.94 -12.35
N PRO B 217 -8.50 -51.62 -13.19
CA PRO B 217 -8.17 -51.18 -14.56
C PRO B 217 -7.53 -49.81 -14.58
N GLN B 218 -6.66 -49.59 -15.56
CA GLN B 218 -5.96 -48.33 -15.72
C GLN B 218 -6.70 -47.42 -16.70
N GLY B 219 -7.96 -47.13 -16.36
CA GLY B 219 -8.82 -46.30 -17.16
C GLY B 219 -9.43 -45.19 -16.32
N PHE B 220 -10.62 -44.75 -16.74
CA PHE B 220 -11.34 -43.68 -16.07
C PHE B 220 -12.75 -44.14 -15.72
N SER B 221 -13.18 -43.79 -14.51
CA SER B 221 -14.56 -44.02 -14.07
C SER B 221 -14.96 -42.79 -13.25
N ALA B 222 -15.73 -41.89 -13.87
CA ALA B 222 -16.13 -40.65 -13.22
C ALA B 222 -17.24 -40.94 -12.22
N LEU B 223 -16.93 -40.77 -10.94
CA LEU B 223 -17.89 -41.06 -9.88
C LEU B 223 -18.91 -39.93 -9.76
N GLU B 224 -20.10 -40.28 -9.32
CA GLU B 224 -21.18 -39.33 -9.13
C GLU B 224 -21.65 -39.37 -7.68
N PRO B 225 -22.04 -38.22 -7.11
CA PRO B 225 -22.60 -38.22 -5.76
C PRO B 225 -23.94 -38.93 -5.71
N LEU B 226 -24.20 -39.59 -4.58
CA LEU B 226 -25.44 -40.31 -4.36
C LEU B 226 -26.28 -39.67 -3.26
N VAL B 227 -25.71 -39.49 -2.06
CA VAL B 227 -26.42 -38.88 -0.95
C VAL B 227 -25.50 -37.88 -0.26
N ASP B 228 -26.11 -36.87 0.36
CA ASP B 228 -25.41 -35.87 1.16
C ASP B 228 -26.21 -35.70 2.44
N LEU B 229 -25.88 -36.49 3.46
CA LEU B 229 -26.65 -36.54 4.68
C LEU B 229 -26.12 -35.51 5.69
N PRO B 230 -27.02 -34.83 6.40
CA PRO B 230 -26.60 -33.89 7.46
C PRO B 230 -26.04 -34.64 8.66
N ILE B 231 -24.75 -34.45 8.95
CA ILE B 231 -24.08 -35.24 9.96
C ILE B 231 -23.50 -34.38 11.08
N GLY B 232 -22.52 -33.54 10.75
CA GLY B 232 -21.94 -32.64 11.71
C GLY B 232 -20.85 -33.21 12.61
N ILE B 233 -20.64 -34.53 12.60
CA ILE B 233 -19.70 -35.15 13.54
C ILE B 233 -18.27 -35.05 13.02
N ASN B 234 -17.31 -35.36 13.88
CA ASN B 234 -15.90 -35.49 13.51
C ASN B 234 -15.57 -36.96 13.31
N ILE B 235 -14.79 -37.25 12.25
CA ILE B 235 -14.41 -38.62 11.93
C ILE B 235 -12.90 -38.68 11.71
N THR B 236 -12.17 -39.26 12.67
CA THR B 236 -10.73 -39.34 12.54
C THR B 236 -10.29 -40.62 11.83
N ARG B 237 -10.83 -41.77 12.24
CA ARG B 237 -10.49 -43.05 11.64
C ARG B 237 -11.74 -43.70 11.08
N PHE B 238 -11.57 -44.81 10.35
CA PHE B 238 -12.70 -45.49 9.72
C PHE B 238 -12.37 -46.95 9.51
N GLN B 239 -13.43 -47.76 9.38
CA GLN B 239 -13.31 -49.20 9.09
C GLN B 239 -14.41 -49.56 8.08
N THR B 240 -14.65 -50.86 7.91
CA THR B 240 -15.65 -51.34 6.97
C THR B 240 -16.24 -52.64 7.48
N LEU B 241 -17.43 -52.96 6.97
CA LEU B 241 -18.13 -54.20 7.30
C LEU B 241 -17.97 -55.19 6.15
N LEU B 242 -17.55 -56.41 6.50
CA LEU B 242 -17.45 -57.50 5.54
C LEU B 242 -18.29 -58.67 6.02
N ALA B 243 -18.89 -59.39 5.08
CA ALA B 243 -19.76 -60.52 5.39
C ALA B 243 -18.98 -61.83 5.37
N LEU B 244 -19.65 -62.90 5.79
CA LEU B 244 -19.10 -64.24 5.82
C LEU B 244 -19.95 -65.18 5.00
N HIS B 245 -19.31 -66.01 4.19
CA HIS B 245 -20.03 -66.96 3.34
C HIS B 245 -19.18 -68.21 3.20
N ARG B 246 -19.68 -69.33 3.73
CA ARG B 246 -19.00 -70.62 3.65
C ARG B 246 -20.03 -71.72 3.44
N SER B 247 -19.74 -72.63 2.53
CA SER B 247 -20.65 -73.73 2.23
C SER B 247 -20.49 -74.86 3.25
N SER B 255 -17.59 -70.56 15.66
CA SER B 255 -17.87 -69.18 15.27
C SER B 255 -16.64 -68.52 14.68
N SER B 256 -15.46 -68.99 15.08
CA SER B 256 -14.20 -68.44 14.62
C SER B 256 -13.67 -69.12 13.37
N GLY B 257 -14.33 -70.18 12.90
CA GLY B 257 -13.89 -70.92 11.73
C GLY B 257 -14.59 -70.58 10.44
N TRP B 258 -15.38 -69.51 10.40
CA TRP B 258 -16.11 -69.13 9.20
C TRP B 258 -15.25 -68.23 8.31
N THR B 259 -15.43 -68.36 7.00
CA THR B 259 -14.70 -67.60 6.01
C THR B 259 -15.63 -66.64 5.28
N ALA B 260 -15.02 -65.73 4.52
CA ALA B 260 -15.75 -64.71 3.78
C ALA B 260 -15.99 -65.20 2.34
N GLY B 261 -16.46 -64.31 1.48
CA GLY B 261 -16.72 -64.66 0.10
C GLY B 261 -15.52 -64.43 -0.80
N ALA B 262 -15.69 -63.62 -1.85
CA ALA B 262 -14.62 -63.29 -2.79
C ALA B 262 -14.75 -61.82 -3.16
N ALA B 263 -14.02 -60.97 -2.43
CA ALA B 263 -14.05 -59.54 -2.66
C ALA B 263 -12.68 -58.95 -2.36
N ALA B 264 -12.46 -57.74 -2.89
CA ALA B 264 -11.21 -57.03 -2.65
C ALA B 264 -11.50 -55.54 -2.61
N TYR B 265 -10.89 -54.84 -1.66
CA TYR B 265 -11.05 -53.40 -1.52
C TYR B 265 -9.68 -52.75 -1.36
N TYR B 266 -9.57 -51.51 -1.84
CA TYR B 266 -8.34 -50.76 -1.77
C TYR B 266 -8.62 -49.37 -1.20
N VAL B 267 -7.67 -48.84 -0.45
CA VAL B 267 -7.80 -47.56 0.23
C VAL B 267 -6.76 -46.60 -0.34
N GLY B 268 -7.22 -45.45 -0.83
CA GLY B 268 -6.35 -44.40 -1.31
C GLY B 268 -6.42 -43.18 -0.40
N TYR B 269 -5.52 -42.23 -0.66
CA TYR B 269 -5.43 -41.00 0.10
C TYR B 269 -5.60 -39.80 -0.83
N LEU B 270 -6.41 -38.84 -0.39
CA LEU B 270 -6.66 -37.64 -1.17
C LEU B 270 -5.76 -36.49 -0.71
N GLN B 271 -5.38 -35.66 -1.66
CA GLN B 271 -4.48 -34.54 -1.42
C GLN B 271 -5.05 -33.26 -2.03
N PRO B 272 -4.70 -32.09 -1.48
CA PRO B 272 -5.17 -30.82 -2.09
C PRO B 272 -4.39 -30.45 -3.36
N ARG B 273 -4.75 -31.11 -4.45
CA ARG B 273 -4.15 -30.86 -5.75
C ARG B 273 -5.18 -30.26 -6.69
N THR B 274 -4.71 -29.42 -7.61
CA THR B 274 -5.56 -28.83 -8.63
C THR B 274 -5.66 -29.78 -9.82
N PHE B 275 -6.88 -29.96 -10.33
CA PHE B 275 -7.13 -30.86 -11.44
C PHE B 275 -7.80 -30.11 -12.58
N LEU B 276 -7.70 -30.69 -13.77
CA LEU B 276 -8.31 -30.14 -14.98
C LEU B 276 -9.40 -31.08 -15.44
N LEU B 277 -10.55 -30.51 -15.80
CA LEU B 277 -11.73 -31.28 -16.17
C LEU B 277 -12.24 -30.82 -17.53
N LYS B 278 -12.48 -31.76 -18.42
CA LYS B 278 -13.11 -31.49 -19.70
C LYS B 278 -14.53 -32.04 -19.68
N TYR B 279 -15.43 -31.35 -20.37
CA TYR B 279 -16.83 -31.75 -20.42
C TYR B 279 -17.26 -31.87 -21.88
N ASN B 280 -18.12 -32.84 -22.14
CA ASN B 280 -18.68 -33.04 -23.47
C ASN B 280 -19.99 -32.27 -23.56
N GLU B 281 -20.81 -32.59 -24.56
CA GLU B 281 -22.13 -31.99 -24.76
C GLU B 281 -23.02 -32.16 -23.52
N ASN B 282 -23.07 -33.37 -22.96
CA ASN B 282 -23.78 -33.64 -21.71
C ASN B 282 -23.05 -33.15 -20.48
N GLY B 283 -21.80 -32.73 -20.60
CA GLY B 283 -21.03 -32.41 -19.42
C GLY B 283 -20.69 -33.62 -18.58
N THR B 284 -20.49 -34.77 -19.22
CA THR B 284 -19.93 -35.92 -18.54
C THR B 284 -18.42 -35.91 -18.73
N ILE B 285 -17.67 -36.08 -17.64
CA ILE B 285 -16.22 -35.99 -17.71
C ILE B 285 -15.67 -37.22 -18.40
N THR B 286 -14.90 -37.02 -19.47
CA THR B 286 -14.35 -38.11 -20.26
C THR B 286 -12.92 -38.46 -19.85
N ASP B 287 -12.17 -37.49 -19.35
CA ASP B 287 -10.80 -37.63 -18.89
C ASP B 287 -10.43 -36.47 -17.98
N ALA B 288 -9.37 -36.66 -17.20
CA ALA B 288 -8.89 -35.61 -16.31
C ALA B 288 -7.39 -35.77 -16.10
N VAL B 289 -6.71 -34.66 -15.86
CA VAL B 289 -5.28 -34.67 -15.55
C VAL B 289 -5.04 -34.02 -14.20
N ASP B 290 -3.89 -34.34 -13.64
CA ASP B 290 -3.40 -33.77 -12.39
C ASP B 290 -2.31 -32.76 -12.74
N CYS B 291 -2.45 -31.54 -12.24
CA CYS B 291 -1.48 -30.49 -12.56
C CYS B 291 -0.12 -30.78 -11.95
N ALA B 292 -0.08 -31.17 -10.68
CA ALA B 292 1.18 -31.38 -9.98
C ALA B 292 1.64 -32.84 -10.04
N LEU B 293 1.72 -33.39 -11.25
CA LEU B 293 2.19 -34.76 -11.45
C LEU B 293 3.44 -34.84 -12.32
N ASP B 294 3.41 -34.20 -13.48
CA ASP B 294 4.40 -34.34 -14.53
C ASP B 294 4.42 -32.97 -15.20
N PRO B 295 5.59 -32.44 -15.55
CA PRO B 295 5.63 -31.14 -16.24
C PRO B 295 4.91 -31.11 -17.58
N LEU B 296 4.72 -32.27 -18.24
CA LEU B 296 3.81 -32.32 -19.39
C LEU B 296 2.38 -32.00 -18.95
N SER B 297 1.96 -32.55 -17.81
CA SER B 297 0.65 -32.23 -17.28
C SER B 297 0.60 -30.80 -16.73
N GLU B 298 1.74 -30.25 -16.33
CA GLU B 298 1.79 -28.83 -15.98
C GLU B 298 1.54 -27.96 -17.21
N THR B 299 2.05 -28.38 -18.37
CA THR B 299 1.78 -27.65 -19.61
C THR B 299 0.30 -27.69 -19.95
N LYS B 300 -0.33 -28.86 -19.81
CA LYS B 300 -1.77 -28.97 -20.04
C LYS B 300 -2.55 -28.14 -19.03
N CYS B 301 -2.10 -28.12 -17.78
CA CYS B 301 -2.78 -27.35 -16.75
C CYS B 301 -2.58 -25.85 -16.94
N THR B 302 -1.47 -25.44 -17.57
CA THR B 302 -1.24 -24.02 -17.80
C THR B 302 -1.92 -23.54 -19.08
N LEU B 303 -1.87 -24.34 -20.14
CA LEU B 303 -2.46 -23.96 -21.41
C LEU B 303 -3.97 -24.20 -21.46
N LYS B 304 -4.53 -24.84 -20.43
CA LYS B 304 -5.97 -25.11 -20.32
C LYS B 304 -6.50 -25.90 -21.52
N SER B 305 -5.71 -26.85 -22.00
CA SER B 305 -6.10 -27.64 -23.15
C SER B 305 -5.53 -29.04 -23.03
N PHE B 306 -6.34 -30.03 -23.35
CA PHE B 306 -5.86 -31.40 -23.30
C PHE B 306 -4.89 -31.70 -24.44
N THR B 307 -5.13 -31.14 -25.62
CA THR B 307 -4.15 -31.22 -26.69
C THR B 307 -3.21 -30.03 -26.60
N VAL B 308 -1.93 -30.30 -26.84
CA VAL B 308 -0.89 -29.28 -26.82
C VAL B 308 -0.05 -29.48 -28.08
N GLU B 309 0.24 -28.39 -28.78
CA GLU B 309 1.04 -28.43 -29.99
C GLU B 309 2.52 -28.37 -29.64
N LYS B 310 3.36 -28.52 -30.66
CA LYS B 310 4.80 -28.60 -30.45
C LYS B 310 5.38 -27.22 -30.18
N GLY B 311 6.09 -27.07 -29.07
CA GLY B 311 6.69 -25.80 -28.74
C GLY B 311 7.22 -25.81 -27.31
N ILE B 312 7.56 -24.61 -26.84
CA ILE B 312 8.07 -24.39 -25.49
C ILE B 312 7.09 -23.49 -24.75
N TYR B 313 6.69 -23.91 -23.55
CA TYR B 313 5.72 -23.17 -22.76
C TYR B 313 6.19 -23.08 -21.32
N GLN B 314 5.90 -21.96 -20.67
CA GLN B 314 6.22 -21.79 -19.26
C GLN B 314 5.12 -22.43 -18.42
N THR B 315 5.51 -23.18 -17.40
CA THR B 315 4.55 -23.91 -16.57
C THR B 315 4.49 -23.38 -15.15
N SER B 316 5.61 -23.32 -14.45
CA SER B 316 5.62 -22.94 -13.04
C SER B 316 6.90 -22.18 -12.76
N ASN B 317 7.18 -21.99 -11.47
CA ASN B 317 8.35 -21.27 -11.01
C ASN B 317 9.17 -22.16 -10.09
N PHE B 318 10.49 -22.08 -10.23
CA PHE B 318 11.41 -22.87 -9.43
C PHE B 318 11.86 -22.06 -8.22
N ARG B 319 11.92 -22.73 -7.07
CA ARG B 319 12.36 -22.10 -5.83
C ARG B 319 13.28 -23.06 -5.08
N VAL B 320 14.13 -22.49 -4.24
CA VAL B 320 15.06 -23.25 -3.42
C VAL B 320 14.53 -23.28 -1.99
N GLN B 321 14.29 -24.47 -1.47
CA GLN B 321 13.82 -24.63 -0.10
C GLN B 321 15.02 -24.63 0.84
N PRO B 322 15.11 -23.69 1.77
CA PRO B 322 16.23 -23.69 2.72
C PRO B 322 16.14 -24.85 3.70
N THR B 323 17.31 -25.28 4.19
CA THR B 323 17.40 -26.38 5.13
C THR B 323 17.52 -25.92 6.57
N GLU B 324 18.51 -25.07 6.88
CA GLU B 324 18.74 -24.58 8.22
C GLU B 324 18.27 -23.14 8.34
N SER B 325 17.62 -22.83 9.46
CA SER B 325 17.14 -21.48 9.77
C SER B 325 17.91 -21.00 11.00
N ILE B 326 19.06 -20.38 10.77
CA ILE B 326 19.90 -19.85 11.83
C ILE B 326 19.65 -18.35 11.97
N VAL B 327 19.69 -17.87 13.21
CA VAL B 327 19.46 -16.45 13.49
C VAL B 327 20.75 -15.72 13.11
N ARG B 328 20.79 -15.17 11.90
CA ARG B 328 21.99 -14.55 11.36
C ARG B 328 21.72 -13.11 10.92
N PHE B 329 24.14 -15.30 14.53
CA PHE B 329 25.24 -14.42 14.17
C PHE B 329 26.20 -14.29 15.37
N PRO B 330 27.46 -14.67 15.17
CA PRO B 330 28.38 -14.84 16.31
C PRO B 330 28.79 -13.54 16.98
N ASN B 331 29.51 -13.65 18.10
CA ASN B 331 29.83 -12.50 18.92
C ASN B 331 31.28 -12.53 19.37
N ILE B 332 31.85 -11.35 19.55
CA ILE B 332 33.02 -11.14 20.38
C ILE B 332 32.53 -10.37 21.60
N THR B 333 32.42 -11.05 22.73
CA THR B 333 31.96 -10.47 23.97
C THR B 333 33.06 -10.57 25.02
N ASN B 334 33.05 -9.64 25.96
CA ASN B 334 34.04 -9.66 27.03
C ASN B 334 33.82 -10.84 27.95
N LEU B 335 34.90 -11.46 28.39
CA LEU B 335 34.83 -12.64 29.24
C LEU B 335 34.85 -12.21 30.71
N CYS B 336 34.15 -12.98 31.54
CA CYS B 336 34.10 -12.72 32.97
C CYS B 336 35.48 -12.85 33.60
N PRO B 337 35.79 -11.99 34.58
CA PRO B 337 37.11 -12.04 35.21
C PRO B 337 37.28 -13.29 36.08
N PHE B 338 37.42 -14.43 35.42
CA PHE B 338 37.63 -15.70 36.10
C PHE B 338 39.09 -15.97 36.40
N GLY B 339 40.01 -15.17 35.86
CA GLY B 339 41.43 -15.49 35.97
C GLY B 339 42.01 -15.21 37.34
N GLU B 340 41.75 -14.01 37.87
CA GLU B 340 42.28 -13.58 39.15
C GLU B 340 41.49 -14.13 40.32
N VAL B 341 40.46 -14.92 40.06
CA VAL B 341 39.78 -15.67 41.11
C VAL B 341 39.93 -17.17 40.97
N PHE B 342 40.32 -17.69 39.80
CA PHE B 342 40.56 -19.13 39.65
C PHE B 342 42.04 -19.45 39.65
N ASN B 343 42.82 -18.85 38.73
CA ASN B 343 44.25 -19.14 38.73
C ASN B 343 44.91 -18.05 39.57
N ALA B 344 44.54 -17.94 40.84
CA ALA B 344 45.02 -16.83 41.66
C ALA B 344 46.21 -17.30 42.48
N THR B 345 47.24 -16.45 42.57
CA THR B 345 48.50 -16.81 43.23
C THR B 345 48.30 -17.19 44.70
N ARG B 346 47.31 -16.60 45.36
CA ARG B 346 46.98 -16.96 46.74
C ARG B 346 45.49 -16.78 46.97
N PHE B 347 44.84 -17.84 47.45
CA PHE B 347 43.44 -17.81 47.86
C PHE B 347 43.32 -17.31 49.31
N ALA B 348 42.09 -17.19 49.77
CA ALA B 348 41.81 -16.73 51.13
C ALA B 348 41.79 -17.90 52.09
N SER B 349 41.72 -17.57 53.38
CA SER B 349 41.71 -18.58 54.43
C SER B 349 40.30 -19.16 54.61
N VAL B 350 40.21 -20.19 55.45
CA VAL B 350 38.94 -20.88 55.66
C VAL B 350 37.97 -20.01 56.45
N TYR B 351 38.46 -19.29 57.47
CA TYR B 351 37.56 -18.52 58.31
C TYR B 351 37.06 -17.25 57.63
N ALA B 352 37.84 -16.71 56.69
CA ALA B 352 37.50 -15.48 55.97
C ALA B 352 37.73 -15.74 54.49
N TRP B 353 36.69 -16.22 53.81
CA TRP B 353 36.76 -16.46 52.39
C TRP B 353 36.71 -15.15 51.61
N ASN B 354 37.30 -15.16 50.42
CA ASN B 354 37.32 -13.98 49.56
C ASN B 354 36.03 -13.97 48.74
N ARG B 355 35.17 -13.00 49.01
CA ARG B 355 33.89 -12.87 48.32
C ARG B 355 34.02 -11.84 47.21
N LYS B 356 33.75 -12.26 45.98
CA LYS B 356 33.86 -11.39 44.81
C LYS B 356 32.59 -11.48 44.00
N ARG B 357 32.13 -10.32 43.52
CA ARG B 357 30.94 -10.22 42.68
C ARG B 357 31.36 -10.20 41.23
N ILE B 358 30.72 -11.01 40.40
CA ILE B 358 30.96 -11.02 38.96
C ILE B 358 29.68 -10.53 38.28
N SER B 359 29.82 -9.53 37.42
CA SER B 359 28.68 -8.93 36.75
C SER B 359 29.15 -8.35 35.42
N ASN B 360 28.17 -8.11 34.54
CA ASN B 360 28.38 -7.43 33.25
C ASN B 360 29.40 -8.15 32.37
N CYS B 361 29.22 -9.45 32.19
CA CYS B 361 30.07 -10.25 31.32
C CYS B 361 29.33 -11.52 30.92
N VAL B 362 30.05 -12.42 30.27
CA VAL B 362 29.50 -13.70 29.81
C VAL B 362 30.32 -14.82 30.43
N ALA B 363 29.65 -15.73 31.14
CA ALA B 363 30.32 -16.80 31.86
C ALA B 363 30.50 -18.00 30.93
N ASP B 364 31.73 -18.23 30.50
CA ASP B 364 32.07 -19.38 29.66
C ASP B 364 32.94 -20.33 30.47
N TYR B 365 32.42 -21.53 30.75
N TYR B 365 32.42 -21.53 30.74
CA TYR B 365 33.15 -22.53 31.52
CA TYR B 365 33.13 -22.54 31.51
C TYR B 365 33.86 -23.55 30.63
C TYR B 365 33.84 -23.57 30.64
N SER B 366 33.79 -23.41 29.32
CA SER B 366 34.44 -24.36 28.42
C SER B 366 35.95 -24.16 28.34
N VAL B 367 36.47 -23.03 28.80
CA VAL B 367 37.90 -22.78 28.81
C VAL B 367 38.53 -23.13 30.16
N LEU B 368 37.75 -23.70 31.08
CA LEU B 368 38.25 -23.98 32.43
C LEU B 368 39.11 -25.24 32.46
N TYR B 369 38.86 -26.21 31.59
CA TYR B 369 39.63 -27.44 31.56
C TYR B 369 40.74 -27.41 30.52
N ASN B 370 41.23 -26.22 30.15
CA ASN B 370 42.30 -26.13 29.16
C ASN B 370 43.63 -26.59 29.74
N SER B 371 43.90 -26.30 31.02
CA SER B 371 45.17 -26.68 31.62
C SER B 371 45.10 -27.24 33.03
N ALA B 372 43.94 -27.30 33.66
CA ALA B 372 43.79 -27.92 34.98
C ALA B 372 42.65 -28.93 34.95
N SER B 373 42.85 -30.06 35.63
CA SER B 373 41.85 -31.10 35.72
C SER B 373 41.09 -30.96 37.03
N PHE B 374 39.76 -30.94 36.93
CA PHE B 374 38.94 -30.84 38.12
C PHE B 374 38.82 -32.19 38.81
N SER B 375 38.43 -32.15 40.08
CA SER B 375 38.19 -33.36 40.87
C SER B 375 36.71 -33.66 41.05
N THR B 376 35.87 -32.64 41.24
CA THR B 376 34.44 -32.84 41.39
C THR B 376 33.69 -31.78 40.60
N PHE B 377 32.45 -32.11 40.22
CA PHE B 377 31.58 -31.17 39.53
C PHE B 377 30.15 -31.61 39.82
N LYS B 378 29.49 -30.93 40.75
CA LYS B 378 28.15 -31.30 41.20
C LYS B 378 27.35 -30.02 41.44
N CYS B 379 26.50 -29.66 40.49
CA CYS B 379 25.68 -28.47 40.58
C CYS B 379 24.37 -28.78 41.30
N TYR B 380 23.83 -27.76 41.97
CA TYR B 380 22.59 -27.89 42.74
C TYR B 380 21.50 -27.04 42.09
N GLY B 381 20.36 -27.65 41.82
CA GLY B 381 19.22 -26.96 41.27
C GLY B 381 19.28 -26.71 39.78
N VAL B 382 20.33 -27.15 39.10
CA VAL B 382 20.48 -26.92 37.67
C VAL B 382 21.36 -28.04 37.11
N SER B 383 20.99 -28.54 35.94
CA SER B 383 21.76 -29.62 35.31
C SER B 383 23.13 -29.11 34.86
N PRO B 384 24.19 -29.91 35.01
CA PRO B 384 25.51 -29.50 34.52
C PRO B 384 25.56 -29.26 33.02
N THR B 385 24.73 -29.95 32.24
CA THR B 385 24.69 -29.71 30.80
C THR B 385 23.89 -28.47 30.43
N LYS B 386 23.04 -27.97 31.33
CA LYS B 386 22.13 -26.87 31.05
C LYS B 386 22.68 -25.52 31.49
N LEU B 387 23.91 -25.48 32.03
CA LEU B 387 24.50 -24.21 32.44
C LEU B 387 24.86 -23.30 31.27
N ASN B 388 24.82 -23.80 30.03
CA ASN B 388 25.26 -23.00 28.89
C ASN B 388 24.24 -21.93 28.54
N ASP B 389 23.03 -22.33 28.15
CA ASP B 389 22.05 -21.41 27.58
C ASP B 389 21.13 -20.82 28.66
N LEU B 390 21.73 -20.28 29.72
CA LEU B 390 21.00 -19.60 30.78
C LEU B 390 21.65 -18.25 31.06
N CYS B 391 20.82 -17.23 31.25
CA CYS B 391 21.29 -15.91 31.68
C CYS B 391 20.86 -15.70 33.11
N PHE B 392 21.82 -15.32 33.96
CA PHE B 392 21.62 -15.31 35.40
C PHE B 392 21.77 -13.90 35.96
N THR B 393 21.19 -13.69 37.15
CA THR B 393 21.15 -12.37 37.73
C THR B 393 22.43 -12.03 38.49
N ASN B 394 22.70 -12.78 39.56
CA ASN B 394 23.79 -12.45 40.46
C ASN B 394 24.64 -13.68 40.69
N VAL B 395 25.93 -13.44 40.85
CA VAL B 395 26.87 -14.52 41.12
C VAL B 395 27.82 -14.08 42.22
N TYR B 396 28.06 -14.98 43.16
CA TYR B 396 28.93 -14.73 44.30
C TYR B 396 29.93 -15.87 44.38
N ALA B 397 31.22 -15.51 44.40
CA ALA B 397 32.29 -16.49 44.38
C ALA B 397 33.07 -16.42 45.68
N ASP B 398 33.30 -17.57 46.30
CA ASP B 398 34.07 -17.68 47.54
C ASP B 398 35.23 -18.64 47.31
N SER B 399 36.44 -18.20 47.60
CA SER B 399 37.65 -18.99 47.39
C SER B 399 38.30 -19.29 48.73
N PHE B 400 38.52 -20.57 48.99
CA PHE B 400 39.16 -21.05 50.22
C PHE B 400 39.60 -22.50 50.00
N VAL B 401 40.73 -22.85 50.61
CA VAL B 401 41.39 -24.13 50.36
C VAL B 401 41.28 -25.01 51.59
N ILE B 402 40.78 -26.23 51.41
CA ILE B 402 40.69 -27.24 52.46
C ILE B 402 41.35 -28.52 51.96
N ARG B 403 41.30 -29.56 52.81
CA ARG B 403 41.91 -30.84 52.49
C ARG B 403 40.99 -31.65 51.57
N GLY B 404 41.32 -32.92 51.38
CA GLY B 404 40.59 -33.80 50.50
C GLY B 404 39.61 -34.74 51.15
N ASP B 405 39.43 -34.67 52.47
CA ASP B 405 38.47 -35.53 53.15
C ASP B 405 37.26 -34.76 53.69
N GLU B 406 37.32 -33.43 53.73
CA GLU B 406 36.17 -32.60 54.09
C GLU B 406 35.50 -32.00 52.87
N VAL B 407 35.82 -32.50 51.67
CA VAL B 407 35.19 -32.00 50.45
C VAL B 407 33.70 -32.31 50.45
N ARG B 408 33.30 -33.43 51.04
CA ARG B 408 31.88 -33.76 51.11
C ARG B 408 31.13 -32.94 52.15
N GLN B 409 31.84 -32.23 53.04
CA GLN B 409 31.17 -31.41 54.03
C GLN B 409 30.57 -30.15 53.43
N ILE B 410 31.07 -29.69 52.29
CA ILE B 410 30.55 -28.46 51.67
C ILE B 410 29.37 -28.89 50.80
N ALA B 411 28.23 -29.08 51.45
CA ALA B 411 26.95 -29.46 50.87
C ALA B 411 25.87 -29.32 51.94
N PRO B 412 24.67 -28.87 51.58
CA PRO B 412 23.60 -28.79 52.58
C PRO B 412 23.11 -30.18 52.99
N GLY B 413 22.66 -30.26 54.25
CA GLY B 413 22.05 -31.47 54.76
C GLY B 413 22.92 -32.33 55.64
N GLN B 414 24.24 -32.12 55.65
CA GLN B 414 25.16 -32.92 56.44
C GLN B 414 25.97 -32.02 57.37
N THR B 415 26.56 -32.65 58.38
CA THR B 415 27.37 -31.98 59.39
C THR B 415 28.85 -32.33 59.20
N GLY B 416 29.67 -31.82 60.11
CA GLY B 416 31.09 -32.07 60.05
C GLY B 416 31.85 -31.09 60.95
N LYS B 417 33.12 -30.89 60.61
CA LYS B 417 33.97 -29.95 61.34
C LYS B 417 34.12 -28.61 60.62
N ILE B 418 33.99 -28.60 59.29
CA ILE B 418 34.07 -27.37 58.51
C ILE B 418 32.66 -26.92 58.20
N ALA B 419 31.75 -27.88 58.03
CA ALA B 419 30.37 -27.59 57.66
C ALA B 419 29.59 -26.91 58.79
N ASP B 420 30.04 -27.02 60.04
CA ASP B 420 29.32 -26.46 61.16
C ASP B 420 30.12 -25.42 61.93
N TYR B 421 31.37 -25.15 61.55
CA TYR B 421 32.20 -24.24 62.32
C TYR B 421 32.87 -23.19 61.45
N ASN B 422 33.06 -23.49 60.16
CA ASN B 422 33.72 -22.56 59.26
C ASN B 422 32.78 -22.06 58.16
N TYR B 423 32.21 -22.96 57.36
CA TYR B 423 31.39 -22.57 56.22
C TYR B 423 30.15 -23.46 56.17
N LYS B 424 28.98 -22.85 56.27
CA LYS B 424 27.72 -23.58 56.20
C LYS B 424 26.84 -22.94 55.14
N LEU B 425 26.29 -23.77 54.26
CA LEU B 425 25.44 -23.37 53.15
C LEU B 425 23.97 -23.56 53.51
N PRO B 426 23.08 -22.75 52.96
CA PRO B 426 21.65 -22.92 53.24
C PRO B 426 21.10 -24.21 52.64
N ASP B 427 19.98 -24.66 53.21
CA ASP B 427 19.30 -25.83 52.67
C ASP B 427 18.74 -25.56 51.29
N ASP B 428 18.20 -24.36 51.08
CA ASP B 428 17.67 -23.95 49.78
C ASP B 428 18.73 -23.23 48.95
N PHE B 429 19.88 -23.87 48.78
CA PHE B 429 21.01 -23.29 48.05
C PHE B 429 21.12 -23.92 46.68
N THR B 430 21.15 -23.09 45.65
CA THR B 430 21.43 -23.54 44.30
C THR B 430 22.74 -22.95 43.82
N GLY B 431 23.43 -23.68 42.96
CA GLY B 431 24.74 -23.30 42.51
C GLY B 431 25.57 -24.53 42.21
N CYS B 432 26.88 -24.33 42.14
CA CYS B 432 27.80 -25.42 41.82
C CYS B 432 29.10 -25.23 42.60
N VAL B 433 29.83 -26.31 42.76
CA VAL B 433 31.09 -26.32 43.48
C VAL B 433 32.17 -26.95 42.59
N ILE B 434 33.33 -26.30 42.53
CA ILE B 434 34.45 -26.78 41.73
C ILE B 434 35.63 -27.03 42.66
N ALA B 435 36.46 -28.01 42.30
CA ALA B 435 37.62 -28.37 43.10
C ALA B 435 38.67 -29.01 42.18
N TRP B 436 39.92 -28.91 42.62
CA TRP B 436 41.03 -29.51 41.88
C TRP B 436 42.19 -29.77 42.83
N ASN B 437 43.11 -30.62 42.38
CA ASN B 437 44.30 -30.93 43.15
C ASN B 437 45.33 -29.83 42.98
N SER B 438 45.93 -29.39 44.08
CA SER B 438 46.86 -28.26 44.08
C SER B 438 48.09 -28.59 44.93
N ASN B 439 48.69 -29.77 44.68
CA ASN B 439 49.91 -30.14 45.39
C ASN B 439 51.10 -29.27 45.02
N ASN B 440 51.08 -28.65 43.84
CA ASN B 440 52.17 -27.79 43.40
C ASN B 440 51.97 -26.35 43.84
N LEU B 441 50.72 -25.87 43.85
CA LEU B 441 50.46 -24.48 44.24
C LEU B 441 50.58 -24.29 45.75
N ASP B 442 50.33 -25.34 46.52
CA ASP B 442 50.41 -25.26 47.98
C ASP B 442 51.34 -26.33 48.53
N SER B 443 51.34 -26.51 49.85
CA SER B 443 52.14 -27.51 50.56
C SER B 443 53.63 -27.34 50.29
N LYS B 444 54.14 -26.20 50.72
CA LYS B 444 55.57 -25.92 50.64
C LYS B 444 56.33 -26.83 51.62
N VAL B 445 57.54 -27.21 51.23
CA VAL B 445 58.36 -28.09 52.05
C VAL B 445 58.85 -27.28 53.25
N GLY B 446 58.28 -27.55 54.43
CA GLY B 446 58.58 -26.79 55.62
C GLY B 446 57.34 -26.35 56.35
N GLY B 447 56.20 -26.37 55.67
CA GLY B 447 54.94 -26.05 56.30
C GLY B 447 54.59 -24.58 56.35
N ASN B 448 54.49 -23.93 55.19
CA ASN B 448 54.01 -22.55 55.12
C ASN B 448 52.52 -22.55 55.42
N TYR B 449 52.16 -22.33 56.68
CA TYR B 449 50.82 -22.65 57.17
C TYR B 449 49.93 -21.40 57.16
N ASN B 450 49.57 -20.98 55.95
CA ASN B 450 48.50 -19.98 55.80
C ASN B 450 47.15 -20.65 55.56
N TYR B 451 46.81 -21.60 56.42
CA TYR B 451 45.58 -22.40 56.32
C TYR B 451 44.82 -22.36 57.64
N LEU B 452 44.64 -21.18 58.20
CA LEU B 452 43.97 -21.04 59.49
C LEU B 452 42.47 -21.22 59.35
N TYR B 453 41.86 -21.94 60.29
CA TYR B 453 40.42 -22.20 60.27
C TYR B 453 39.88 -22.02 61.69
N ARG B 454 38.64 -22.47 61.90
CA ARG B 454 37.95 -22.33 63.17
C ARG B 454 37.62 -23.71 63.72
N LEU B 455 37.90 -23.92 65.01
CA LEU B 455 37.60 -25.18 65.68
C LEU B 455 36.39 -25.10 66.60
N PHE B 456 36.18 -23.98 67.29
CA PHE B 456 35.17 -23.87 68.32
C PHE B 456 34.31 -22.64 68.11
N ARG B 457 33.02 -22.78 68.39
CA ARG B 457 32.10 -21.66 68.40
C ARG B 457 31.04 -21.93 69.46
N LYS B 458 30.41 -20.84 69.94
CA LYS B 458 29.38 -20.97 70.96
C LYS B 458 28.14 -21.67 70.41
N SER B 459 27.71 -21.31 69.21
CA SER B 459 26.54 -21.89 68.58
C SER B 459 26.89 -22.31 67.15
N ASN B 460 25.93 -22.98 66.51
CA ASN B 460 26.12 -23.40 65.12
C ASN B 460 26.07 -22.20 64.20
N LEU B 461 26.90 -22.23 63.16
CA LEU B 461 26.95 -21.16 62.19
C LEU B 461 25.77 -21.24 61.23
N LYS B 462 25.07 -20.13 61.07
CA LYS B 462 23.96 -20.05 60.12
C LYS B 462 24.52 -19.92 58.70
N PRO B 463 23.72 -20.32 57.71
CA PRO B 463 24.06 -20.09 56.32
C PRO B 463 24.54 -18.69 55.98
N PHE B 464 25.64 -18.63 55.23
CA PHE B 464 26.21 -17.40 54.62
C PHE B 464 26.58 -16.36 55.68
N GLU B 465 27.33 -16.81 56.68
CA GLU B 465 27.86 -15.92 57.72
C GLU B 465 29.35 -16.19 57.91
N ARG B 466 30.12 -15.12 58.05
CA ARG B 466 31.56 -15.19 58.17
C ARG B 466 31.97 -14.83 59.60
N ASP B 467 32.83 -15.65 60.19
CA ASP B 467 33.37 -15.41 61.52
C ASP B 467 34.80 -14.93 61.39
N ILE B 468 35.09 -13.79 62.00
CA ILE B 468 36.41 -13.15 61.90
C ILE B 468 37.08 -12.97 63.25
N SER B 469 36.33 -12.89 64.35
CA SER B 469 36.89 -12.60 65.66
C SER B 469 37.79 -13.72 66.15
N THR B 470 38.86 -13.33 66.84
CA THR B 470 39.85 -14.26 67.39
C THR B 470 39.66 -14.51 68.87
N GLU B 471 38.44 -14.33 69.38
CA GLU B 471 38.19 -14.47 70.81
C GLU B 471 38.33 -15.92 71.26
N ILE B 472 38.70 -16.08 72.53
CA ILE B 472 39.02 -17.40 73.07
C ILE B 472 37.76 -18.23 73.20
N TYR B 473 37.90 -19.55 73.01
CA TYR B 473 36.77 -20.47 72.95
C TYR B 473 36.07 -20.58 74.32
N GLN B 474 35.02 -21.41 74.34
CA GLN B 474 33.93 -21.38 75.31
C GLN B 474 34.34 -21.19 76.77
N ALA B 475 35.08 -22.16 77.30
CA ALA B 475 35.57 -22.18 78.69
C ALA B 475 34.43 -21.96 79.70
N GLY B 476 33.51 -22.93 79.70
CA GLY B 476 32.30 -22.79 80.51
C GLY B 476 32.58 -22.84 82.00
N SER B 477 33.53 -23.67 82.42
CA SER B 477 33.79 -23.84 83.85
C SER B 477 34.55 -22.64 84.42
N THR B 478 35.75 -22.38 83.92
CA THR B 478 36.53 -21.27 84.43
C THR B 478 36.67 -20.16 83.36
N PRO B 479 36.65 -18.90 83.78
CA PRO B 479 36.83 -17.81 82.81
C PRO B 479 38.28 -17.73 82.34
N CYS B 480 38.46 -17.57 81.02
CA CYS B 480 39.80 -17.42 80.47
C CYS B 480 40.38 -16.05 80.76
N ASN B 481 39.54 -15.01 80.64
CA ASN B 481 39.91 -13.61 80.92
C ASN B 481 41.08 -13.14 80.06
N GLY B 482 41.08 -13.56 78.79
CA GLY B 482 42.10 -13.09 77.86
C GLY B 482 43.46 -13.72 78.06
N VAL B 483 43.54 -15.04 77.99
CA VAL B 483 44.78 -15.79 78.15
C VAL B 483 44.66 -17.08 77.36
N GLU B 484 45.80 -17.73 77.12
CA GLU B 484 45.85 -19.03 76.46
C GLU B 484 46.46 -20.07 77.39
N GLY B 485 46.03 -20.05 78.66
CA GLY B 485 46.52 -21.00 79.63
C GLY B 485 45.72 -22.28 79.64
N PHE B 486 45.46 -22.80 80.85
CA PHE B 486 44.72 -24.05 80.97
C PHE B 486 43.24 -23.78 80.66
N ASN B 487 42.62 -24.71 79.92
CA ASN B 487 41.25 -24.59 79.42
C ASN B 487 41.06 -23.33 78.55
N CYS B 488 42.12 -22.91 77.87
CA CYS B 488 42.12 -21.68 77.08
C CYS B 488 42.90 -21.92 75.80
N TYR B 489 42.19 -22.00 74.67
CA TYR B 489 42.79 -22.21 73.36
C TYR B 489 42.30 -21.12 72.42
N PHE B 490 43.18 -20.67 71.53
CA PHE B 490 42.72 -19.84 70.44
C PHE B 490 41.99 -20.70 69.42
N PRO B 491 40.93 -20.18 68.77
CA PRO B 491 40.17 -20.99 67.81
C PRO B 491 40.81 -21.11 66.44
N LEU B 492 42.08 -20.74 66.27
CA LEU B 492 42.74 -20.72 64.97
C LEU B 492 43.85 -21.76 64.97
N GLN B 493 43.69 -22.81 64.16
CA GLN B 493 44.74 -23.78 63.90
C GLN B 493 44.90 -23.95 62.39
N SER B 494 46.07 -24.41 62.00
CA SER B 494 46.42 -24.56 60.59
C SER B 494 46.40 -26.02 60.18
N TYR B 495 46.27 -26.24 58.87
CA TYR B 495 46.24 -27.59 58.34
C TYR B 495 47.62 -28.26 58.44
N GLY B 496 48.68 -27.50 58.16
CA GLY B 496 50.01 -28.06 58.15
C GLY B 496 50.23 -29.00 56.98
N PHE B 497 50.13 -28.46 55.76
CA PHE B 497 50.23 -29.28 54.57
C PHE B 497 51.66 -29.73 54.32
N GLN B 498 51.79 -30.84 53.59
CA GLN B 498 53.06 -31.41 53.23
C GLN B 498 52.90 -32.11 51.88
N PRO B 499 53.86 -31.93 50.96
CA PRO B 499 53.74 -32.60 49.65
C PRO B 499 53.86 -34.11 49.71
N THR B 500 54.45 -34.66 50.77
CA THR B 500 54.60 -36.09 50.93
C THR B 500 53.44 -36.74 51.68
N ASN B 501 52.41 -35.96 52.03
CA ASN B 501 51.27 -36.47 52.78
C ASN B 501 50.34 -37.27 51.88
N GLY B 502 49.29 -37.82 52.47
CA GLY B 502 48.37 -38.68 51.75
C GLY B 502 47.39 -37.92 50.88
N VAL B 503 46.54 -38.69 50.20
CA VAL B 503 45.54 -38.12 49.30
C VAL B 503 44.49 -37.36 50.09
N GLY B 504 44.12 -37.88 51.26
CA GLY B 504 43.19 -37.15 52.13
C GLY B 504 43.80 -35.96 52.83
N TYR B 505 45.13 -35.81 52.79
CA TYR B 505 45.83 -34.70 53.40
C TYR B 505 46.38 -33.73 52.36
N GLN B 506 45.82 -33.73 51.16
CA GLN B 506 46.21 -32.99 49.96
C GLN B 506 45.51 -31.64 49.90
N PRO B 507 46.20 -30.59 49.45
CA PRO B 507 45.55 -29.29 49.28
C PRO B 507 44.55 -29.31 48.13
N TYR B 508 43.29 -29.02 48.45
CA TYR B 508 42.21 -28.98 47.47
C TYR B 508 41.60 -27.57 47.48
N ARG B 509 41.89 -26.79 46.45
CA ARG B 509 41.30 -25.47 46.31
C ARG B 509 39.88 -25.61 45.81
N VAL B 510 38.91 -25.25 46.66
CA VAL B 510 37.49 -25.35 46.32
C VAL B 510 36.92 -23.95 46.19
N VAL B 511 36.07 -23.76 45.18
CA VAL B 511 35.36 -22.50 44.96
C VAL B 511 33.88 -22.81 44.88
N VAL B 512 33.09 -22.13 45.69
CA VAL B 512 31.65 -22.28 45.71
C VAL B 512 31.01 -21.06 45.08
N LEU B 513 29.99 -21.30 44.28
CA LEU B 513 29.30 -20.27 43.52
C LEU B 513 27.81 -20.32 43.82
N SER B 514 27.24 -19.16 44.13
CA SER B 514 25.81 -19.05 44.42
C SER B 514 25.05 -18.56 43.20
N PHE B 515 23.92 -19.21 42.92
CA PHE B 515 23.11 -18.89 41.76
C PHE B 515 21.75 -18.35 42.19
N GLU B 516 21.09 -17.66 41.25
CA GLU B 516 19.75 -17.13 41.49
C GLU B 516 19.10 -16.93 40.11
N LEU B 517 18.06 -17.70 39.83
CA LEU B 517 17.48 -17.77 38.48
C LEU B 517 16.08 -17.19 38.46
N LEU B 518 15.81 -16.35 37.46
CA LEU B 518 14.47 -15.91 37.06
C LEU B 518 13.74 -15.19 38.18
N HIS B 519 14.47 -14.41 38.98
CA HIS B 519 13.85 -13.61 40.04
C HIS B 519 14.36 -12.18 40.13
N ALA B 520 15.40 -11.82 39.37
CA ALA B 520 15.98 -10.49 39.41
C ALA B 520 16.41 -10.14 37.99
N PRO B 521 16.64 -8.84 37.71
CA PRO B 521 17.26 -8.48 36.42
C PRO B 521 18.64 -9.12 36.28
N ALA B 522 18.94 -9.56 35.06
CA ALA B 522 20.12 -10.34 34.77
C ALA B 522 21.20 -9.47 34.12
N THR B 523 22.43 -9.62 34.59
CA THR B 523 23.56 -8.90 34.03
C THR B 523 24.66 -9.80 33.48
N VAL B 524 24.59 -11.10 33.73
CA VAL B 524 25.54 -12.06 33.17
C VAL B 524 24.76 -13.15 32.45
N CYS B 525 25.04 -13.31 31.15
CA CYS B 525 24.38 -14.29 30.31
C CYS B 525 25.33 -15.45 30.02
N GLY B 526 24.86 -16.37 29.17
CA GLY B 526 25.62 -17.54 28.81
C GLY B 526 26.38 -17.35 27.50
N PRO B 527 27.21 -18.34 27.15
CA PRO B 527 27.98 -18.24 25.91
C PRO B 527 27.18 -18.46 24.63
N LYS B 528 25.92 -18.88 24.74
CA LYS B 528 25.12 -19.14 23.55
C LYS B 528 24.77 -17.85 22.83
N LYS B 529 24.84 -17.88 21.50
CA LYS B 529 24.55 -16.71 20.68
C LYS B 529 23.05 -16.49 20.56
N ASN B 544 22.77 -10.03 12.23
CA ASN B 544 22.79 -8.58 12.24
C ASN B 544 22.47 -7.99 10.87
N GLY B 545 23.36 -8.27 9.91
CA GLY B 545 23.45 -7.58 8.63
C GLY B 545 22.14 -7.34 7.91
N LEU B 546 21.52 -8.39 7.40
CA LEU B 546 20.07 -8.36 7.30
C LEU B 546 19.47 -9.67 7.82
N THR B 547 20.01 -10.79 7.33
CA THR B 547 19.73 -12.18 7.72
C THR B 547 20.62 -13.02 6.84
N GLY B 548 20.87 -14.27 7.24
CA GLY B 548 21.52 -15.22 6.36
C GLY B 548 20.56 -15.85 5.38
N THR B 549 20.11 -15.07 4.39
CA THR B 549 19.06 -15.50 3.46
C THR B 549 19.56 -15.53 2.02
N GLY B 550 20.71 -16.14 1.79
CA GLY B 550 21.17 -16.38 0.43
C GLY B 550 22.29 -17.38 0.45
N VAL B 551 22.75 -17.76 -0.75
CA VAL B 551 23.95 -18.56 -0.84
C VAL B 551 25.12 -17.69 -0.40
N LEU B 552 26.07 -18.30 0.30
CA LEU B 552 27.16 -17.58 0.93
C LEU B 552 28.45 -17.89 0.19
N THR B 553 29.14 -16.84 -0.29
CA THR B 553 30.31 -17.05 -1.10
C THR B 553 31.36 -15.97 -0.78
N GLU B 554 32.61 -16.30 -1.09
CA GLU B 554 33.74 -15.45 -0.76
C GLU B 554 33.77 -14.21 -1.66
N SER B 555 34.62 -13.25 -1.29
CA SER B 555 34.78 -12.02 -2.04
C SER B 555 36.15 -11.44 -1.73
N ASN B 556 36.44 -10.28 -2.34
CA ASN B 556 37.73 -9.61 -2.16
C ASN B 556 37.56 -8.11 -1.97
N LYS B 557 36.43 -7.68 -1.41
CA LYS B 557 36.19 -6.26 -1.18
C LYS B 557 36.86 -5.84 0.14
N LYS B 558 36.63 -4.59 0.56
CA LYS B 558 37.19 -4.08 1.80
C LYS B 558 36.12 -3.29 2.53
N PHE B 559 35.70 -3.77 3.69
CA PHE B 559 34.74 -3.06 4.52
C PHE B 559 35.49 -2.16 5.50
N LEU B 560 34.98 -0.95 5.70
CA LEU B 560 35.52 -0.06 6.71
C LEU B 560 35.22 -0.63 8.11
N PRO B 561 36.10 -0.37 9.08
CA PRO B 561 35.94 -1.01 10.41
C PRO B 561 34.67 -0.62 11.15
N PHE B 562 34.06 0.51 10.82
CA PHE B 562 32.80 0.91 11.45
C PHE B 562 31.58 0.43 10.68
N GLN B 563 31.77 -0.32 9.60
CA GLN B 563 30.68 -0.76 8.75
C GLN B 563 30.38 -2.24 8.98
N GLN B 564 29.13 -2.63 8.74
CA GLN B 564 28.67 -3.98 8.94
C GLN B 564 28.16 -4.64 7.67
N PHE B 565 27.31 -3.95 6.90
CA PHE B 565 26.65 -4.52 5.75
C PHE B 565 26.69 -3.55 4.59
N GLY B 566 26.67 -4.09 3.36
CA GLY B 566 26.76 -3.28 2.17
C GLY B 566 25.62 -3.56 1.21
N ARG B 567 25.46 -2.64 0.26
CA ARG B 567 24.42 -2.73 -0.75
C ARG B 567 24.99 -2.46 -2.12
N ASP B 568 24.30 -2.96 -3.14
CA ASP B 568 24.67 -2.73 -4.53
C ASP B 568 23.92 -1.50 -5.05
N ILE B 569 23.93 -1.33 -6.38
CA ILE B 569 23.21 -0.21 -6.99
C ILE B 569 21.71 -0.35 -6.83
N ALA B 570 21.20 -1.59 -6.84
CA ALA B 570 19.77 -1.86 -6.78
C ALA B 570 19.20 -1.83 -5.36
N ASP B 571 19.95 -1.28 -4.39
CA ASP B 571 19.51 -1.10 -3.01
C ASP B 571 19.13 -2.43 -2.35
N THR B 572 19.92 -3.47 -2.62
CA THR B 572 19.72 -4.77 -2.01
C THR B 572 21.00 -5.18 -1.28
N THR B 573 20.84 -5.77 -0.10
CA THR B 573 21.99 -6.17 0.71
C THR B 573 22.66 -7.38 0.08
N ASP B 574 23.95 -7.25 -0.24
CA ASP B 574 24.68 -8.34 -0.87
C ASP B 574 26.09 -8.53 -0.32
N ALA B 575 26.49 -7.78 0.70
CA ALA B 575 27.83 -7.90 1.24
C ALA B 575 27.78 -7.61 2.74
N VAL B 576 28.16 -8.59 3.55
CA VAL B 576 28.12 -8.46 5.00
C VAL B 576 29.52 -8.72 5.55
N ARG B 577 29.77 -8.20 6.75
CA ARG B 577 31.03 -8.40 7.45
C ARG B 577 30.77 -9.12 8.76
N ASP B 578 31.55 -10.16 9.02
CA ASP B 578 31.42 -10.89 10.27
C ASP B 578 32.08 -10.10 11.40
N PRO B 579 31.35 -9.75 12.46
CA PRO B 579 31.94 -8.98 13.55
C PRO B 579 32.73 -9.83 14.52
N GLN B 580 32.63 -11.15 14.42
CA GLN B 580 33.44 -12.03 15.25
C GLN B 580 34.81 -12.26 14.61
N THR B 581 34.84 -12.62 13.34
CA THR B 581 36.07 -12.83 12.61
C THR B 581 36.24 -11.73 11.57
N LEU B 582 37.38 -11.05 11.59
CA LEU B 582 37.64 -9.92 10.71
C LEU B 582 37.90 -10.45 9.31
N GLU B 583 36.81 -10.75 8.59
CA GLU B 583 36.87 -11.28 7.24
C GLU B 583 35.73 -10.68 6.44
N ILE B 584 35.88 -10.69 5.12
CA ILE B 584 34.84 -10.25 4.21
C ILE B 584 34.21 -11.47 3.56
N LEU B 585 32.90 -11.42 3.35
CA LEU B 585 32.15 -12.59 2.91
C LEU B 585 30.81 -12.11 2.37
N ASP B 586 30.57 -12.31 1.09
CA ASP B 586 29.38 -11.74 0.44
C ASP B 586 28.18 -12.67 0.56
N ILE B 587 27.01 -12.10 0.30
CA ILE B 587 25.75 -12.83 0.29
C ILE B 587 25.11 -12.65 -1.08
N THR B 588 24.79 -13.76 -1.73
CA THR B 588 24.08 -13.75 -2.99
C THR B 588 22.75 -14.46 -2.82
N PRO B 589 21.63 -13.87 -3.25
CA PRO B 589 20.32 -14.48 -2.99
C PRO B 589 20.13 -15.79 -3.74
N CYS B 590 19.16 -16.57 -3.25
CA CYS B 590 18.92 -17.91 -3.76
C CYS B 590 18.44 -17.87 -5.22
N SER B 591 18.93 -18.82 -6.00
CA SER B 591 18.63 -18.87 -7.42
C SER B 591 17.18 -19.29 -7.66
N PHE B 592 16.59 -18.72 -8.70
CA PHE B 592 15.23 -19.05 -9.09
C PHE B 592 15.07 -18.70 -10.57
N GLY B 593 13.98 -19.19 -11.15
CA GLY B 593 13.68 -18.89 -12.54
C GLY B 593 12.46 -19.66 -12.99
N GLY B 594 12.05 -19.35 -14.21
CA GLY B 594 10.94 -20.06 -14.80
C GLY B 594 11.30 -21.49 -15.16
N VAL B 595 10.29 -22.34 -15.17
CA VAL B 595 10.44 -23.75 -15.54
C VAL B 595 9.82 -23.93 -16.92
N SER B 596 10.64 -24.33 -17.89
CA SER B 596 10.21 -24.54 -19.25
C SER B 596 10.41 -26.00 -19.63
N VAL B 597 9.43 -26.57 -20.31
CA VAL B 597 9.47 -27.97 -20.71
C VAL B 597 9.15 -28.04 -22.20
N ILE B 598 9.98 -28.78 -22.93
CA ILE B 598 9.77 -28.95 -24.36
C ILE B 598 8.73 -30.05 -24.54
N THR B 599 7.52 -29.67 -24.95
CA THR B 599 6.46 -30.63 -25.20
C THR B 599 6.38 -30.88 -26.69
N PRO B 600 6.66 -32.10 -27.16
CA PRO B 600 6.69 -32.40 -28.60
C PRO B 600 5.38 -32.16 -29.34
N GLY B 601 4.29 -31.90 -28.63
CA GLY B 601 2.97 -32.04 -29.19
C GLY B 601 2.34 -33.25 -28.55
N THR B 602 1.16 -33.07 -27.93
CA THR B 602 0.45 -34.19 -27.31
C THR B 602 0.11 -35.25 -28.35
N ASN B 603 -0.29 -34.80 -29.54
CA ASN B 603 -0.34 -35.67 -30.71
C ASN B 603 1.00 -35.60 -31.44
N THR B 604 2.10 -35.79 -30.70
CA THR B 604 3.32 -36.26 -31.33
C THR B 604 3.98 -37.34 -30.48
N SER B 605 4.00 -37.11 -29.18
CA SER B 605 4.73 -37.92 -28.20
C SER B 605 4.34 -37.43 -26.81
N ASN B 606 5.00 -37.97 -25.79
CA ASN B 606 4.80 -37.50 -24.42
C ASN B 606 6.09 -37.21 -23.68
N GLN B 607 7.26 -37.36 -24.30
CA GLN B 607 8.55 -37.13 -23.66
C GLN B 607 8.70 -35.68 -23.22
N VAL B 608 9.54 -35.41 -22.23
CA VAL B 608 9.66 -34.09 -21.64
C VAL B 608 11.11 -33.70 -21.55
N ALA B 609 11.44 -32.48 -21.99
CA ALA B 609 12.76 -31.89 -21.87
C ALA B 609 12.60 -30.64 -21.00
N VAL B 610 12.80 -30.81 -19.70
CA VAL B 610 12.50 -29.76 -18.74
C VAL B 610 13.75 -28.89 -18.54
N LEU B 611 13.58 -27.58 -18.67
CA LEU B 611 14.68 -26.62 -18.56
C LEU B 611 14.50 -25.80 -17.30
N TYR B 612 15.37 -26.01 -16.31
CA TYR B 612 15.44 -25.14 -15.15
C TYR B 612 16.30 -23.93 -15.50
N GLN B 613 15.70 -22.75 -15.54
CA GLN B 613 16.41 -21.56 -15.99
C GLN B 613 17.28 -20.98 -14.88
N ASP B 614 18.30 -20.24 -15.30
CA ASP B 614 19.17 -19.39 -14.47
C ASP B 614 19.97 -20.17 -13.43
N VAL B 615 20.02 -21.50 -13.51
CA VAL B 615 20.68 -22.30 -12.49
C VAL B 615 21.68 -23.24 -13.14
N ASN B 616 22.65 -23.68 -12.34
CA ASN B 616 23.55 -24.75 -12.74
C ASN B 616 22.85 -26.10 -12.59
N CYS B 617 23.53 -27.17 -12.99
CA CYS B 617 22.97 -28.51 -12.91
C CYS B 617 23.37 -29.22 -11.61
N THR B 618 23.56 -28.46 -10.54
CA THR B 618 23.88 -29.02 -9.23
C THR B 618 22.83 -28.73 -8.17
N GLU B 619 22.12 -27.60 -8.27
CA GLU B 619 21.13 -27.23 -7.27
C GLU B 619 19.79 -27.93 -7.47
N VAL B 620 19.61 -28.66 -8.57
CA VAL B 620 18.36 -29.36 -8.82
C VAL B 620 18.23 -30.57 -7.91
N ASN B 641 21.73 -37.28 -19.63
CA ASN B 641 20.91 -36.24 -20.21
C ASN B 641 21.02 -34.94 -19.42
N VAL B 642 22.26 -34.54 -19.15
CA VAL B 642 22.54 -33.32 -18.39
C VAL B 642 23.38 -32.40 -19.27
N PHE B 643 22.91 -31.17 -19.47
CA PHE B 643 23.60 -30.16 -20.26
C PHE B 643 23.25 -28.80 -19.66
N GLN B 644 24.28 -27.96 -19.50
CA GLN B 644 24.16 -26.61 -18.94
C GLN B 644 24.16 -25.56 -20.04
N THR B 645 23.08 -24.78 -20.12
CA THR B 645 22.97 -23.67 -21.05
C THR B 645 23.28 -22.36 -20.34
N ARG B 646 23.39 -21.29 -21.12
CA ARG B 646 23.39 -19.96 -20.53
C ARG B 646 22.02 -19.60 -19.96
N ALA B 647 20.96 -20.15 -20.55
CA ALA B 647 19.62 -19.97 -19.99
C ALA B 647 19.49 -20.70 -18.64
N GLY B 648 20.04 -21.90 -18.54
CA GLY B 648 19.99 -22.65 -17.31
C GLY B 648 20.24 -24.12 -17.55
N CYS B 649 20.01 -24.91 -16.49
CA CYS B 649 20.23 -26.34 -16.56
C CYS B 649 19.13 -27.03 -17.37
N LEU B 650 19.51 -28.03 -18.14
CA LEU B 650 18.59 -28.80 -18.99
C LEU B 650 18.68 -30.26 -18.61
N ILE B 651 17.51 -30.89 -18.43
CA ILE B 651 17.41 -32.33 -18.20
C ILE B 651 16.47 -32.93 -19.24
N GLY B 652 16.65 -34.22 -19.50
CA GLY B 652 15.82 -34.94 -20.45
C GLY B 652 16.29 -34.89 -21.89
N ALA B 653 17.37 -34.17 -22.18
CA ALA B 653 17.90 -34.08 -23.54
C ALA B 653 19.39 -34.38 -23.51
N GLU B 654 19.86 -35.07 -24.54
CA GLU B 654 21.26 -35.44 -24.66
C GLU B 654 21.98 -34.50 -25.61
N HIS B 655 23.19 -34.08 -25.22
CA HIS B 655 23.97 -33.20 -26.06
C HIS B 655 24.46 -33.91 -27.32
N VAL B 656 24.28 -33.24 -28.46
CA VAL B 656 24.67 -33.77 -29.76
C VAL B 656 25.48 -32.68 -30.45
N ASN B 657 26.77 -32.93 -30.66
CA ASN B 657 27.68 -31.96 -31.26
C ASN B 657 27.27 -31.59 -32.68
N ASN B 658 27.00 -32.60 -33.52
CA ASN B 658 26.59 -32.35 -34.89
C ASN B 658 25.26 -31.62 -34.95
N SER B 659 25.18 -30.63 -35.82
CA SER B 659 24.13 -29.62 -35.74
C SER B 659 23.00 -29.93 -36.70
N TYR B 660 21.77 -29.75 -36.22
CA TYR B 660 20.55 -29.91 -37.00
C TYR B 660 19.90 -28.55 -37.18
N GLU B 661 18.76 -28.54 -37.89
CA GLU B 661 17.97 -27.34 -38.04
C GLU B 661 17.18 -27.07 -36.77
N CYS B 662 17.06 -25.80 -36.41
CA CYS B 662 16.39 -25.42 -35.18
C CYS B 662 14.89 -25.60 -35.29
N ASP B 663 14.29 -26.22 -34.27
CA ASP B 663 12.85 -26.38 -34.19
C ASP B 663 12.25 -25.71 -32.96
N ILE B 664 12.79 -25.99 -31.78
CA ILE B 664 12.24 -25.47 -30.54
C ILE B 664 13.25 -24.48 -29.93
N PRO B 665 12.89 -23.20 -29.81
CA PRO B 665 13.81 -22.21 -29.24
C PRO B 665 13.88 -22.31 -27.72
N ILE B 666 15.10 -22.36 -27.18
CA ILE B 666 15.32 -22.20 -25.75
C ILE B 666 16.25 -21.03 -25.44
N GLY B 667 17.34 -20.89 -26.20
CA GLY B 667 18.23 -19.78 -25.98
C GLY B 667 19.70 -20.15 -26.13
N ALA B 668 20.56 -19.13 -26.21
CA ALA B 668 22.01 -19.28 -26.25
C ALA B 668 22.47 -20.13 -27.43
N GLY B 669 21.77 -20.01 -28.56
CA GLY B 669 22.14 -20.73 -29.76
C GLY B 669 21.90 -22.22 -29.70
N ILE B 670 21.02 -22.68 -28.81
CA ILE B 670 20.72 -24.09 -28.63
C ILE B 670 19.27 -24.32 -29.00
N CYS B 671 19.01 -25.42 -29.72
CA CYS B 671 17.65 -25.77 -30.11
C CYS B 671 17.43 -27.25 -29.89
N ALA B 672 16.16 -27.67 -29.96
CA ALA B 672 15.77 -29.05 -29.76
C ALA B 672 14.94 -29.54 -30.93
N SER B 673 15.12 -30.81 -31.27
CA SER B 673 14.38 -31.46 -32.35
C SER B 673 14.16 -32.92 -31.96
N TYR B 674 13.72 -33.74 -32.92
CA TYR B 674 13.51 -35.15 -32.68
C TYR B 674 14.09 -35.95 -33.83
N GLN B 675 15.12 -36.75 -33.53
CA GLN B 675 15.82 -37.58 -34.49
C GLN B 675 15.98 -38.97 -33.89
N THR B 676 15.74 -39.99 -34.72
CA THR B 676 15.86 -41.38 -34.27
C THR B 676 17.31 -41.76 -33.96
N SER B 689 13.34 -45.56 -29.67
CA SER B 689 14.51 -44.97 -30.33
C SER B 689 14.36 -43.46 -30.42
N GLN B 690 13.13 -42.98 -30.35
CA GLN B 690 12.87 -41.55 -30.40
C GLN B 690 13.25 -40.91 -29.07
N SER B 691 14.05 -39.85 -29.12
CA SER B 691 14.50 -39.17 -27.92
C SER B 691 14.74 -37.70 -28.23
N ILE B 692 14.77 -36.90 -27.19
CA ILE B 692 14.94 -35.46 -27.30
C ILE B 692 16.44 -35.13 -27.36
N ILE B 693 16.80 -34.21 -28.23
CA ILE B 693 18.19 -33.86 -28.45
C ILE B 693 18.38 -32.37 -28.22
N ALA B 694 19.56 -32.01 -27.71
CA ALA B 694 19.98 -30.63 -27.55
C ALA B 694 21.23 -30.40 -28.39
N TYR B 695 21.18 -29.37 -29.23
CA TYR B 695 22.23 -29.15 -30.22
C TYR B 695 22.34 -27.66 -30.52
N THR B 696 23.51 -27.28 -31.05
CA THR B 696 23.68 -25.93 -31.56
C THR B 696 22.91 -25.78 -32.86
N MET B 697 22.20 -24.65 -33.00
CA MET B 697 21.40 -24.44 -34.20
C MET B 697 22.28 -24.19 -35.41
N SER B 698 21.76 -24.57 -36.57
CA SER B 698 22.46 -24.44 -37.84
C SER B 698 21.87 -23.27 -38.61
N LEU B 699 22.75 -22.40 -39.10
CA LEU B 699 22.33 -21.25 -39.90
C LEU B 699 22.24 -21.57 -41.39
N GLY B 700 22.60 -22.78 -41.78
CA GLY B 700 22.56 -23.20 -43.17
C GLY B 700 23.88 -23.79 -43.63
N ALA B 701 23.81 -24.43 -44.80
CA ALA B 701 24.99 -25.01 -45.40
C ALA B 701 25.94 -23.93 -45.90
N GLU B 702 27.24 -24.21 -45.82
CA GLU B 702 28.24 -23.26 -46.26
C GLU B 702 28.53 -23.42 -47.75
N ASN B 703 28.84 -22.29 -48.39
CA ASN B 703 29.19 -22.27 -49.81
C ASN B 703 30.45 -21.44 -49.98
N SER B 704 31.41 -21.99 -50.72
CA SER B 704 32.65 -21.30 -51.04
C SER B 704 32.53 -20.77 -52.47
N VAL B 705 32.51 -19.45 -52.61
CA VAL B 705 32.36 -18.82 -53.91
C VAL B 705 33.71 -18.81 -54.62
N ALA B 706 33.77 -19.43 -55.79
CA ALA B 706 34.98 -19.47 -56.61
C ALA B 706 35.15 -18.10 -57.24
N TYR B 707 35.77 -17.18 -56.49
CA TYR B 707 35.88 -15.80 -56.91
C TYR B 707 37.25 -15.55 -57.53
N SER B 708 37.25 -15.08 -58.77
CA SER B 708 38.46 -14.69 -59.49
C SER B 708 38.07 -13.74 -60.61
N ASN B 709 38.91 -12.75 -60.86
CA ASN B 709 38.69 -11.68 -61.85
C ASN B 709 39.09 -12.14 -63.24
N ASN B 710 38.70 -13.36 -63.57
CA ASN B 710 38.81 -13.84 -64.94
C ASN B 710 37.65 -14.78 -65.18
N SER B 711 36.77 -14.89 -64.21
CA SER B 711 35.65 -15.83 -64.24
C SER B 711 34.36 -15.09 -63.96
N ILE B 712 33.31 -15.46 -64.70
CA ILE B 712 32.00 -14.84 -64.59
C ILE B 712 30.98 -15.97 -64.63
N ALA B 713 29.91 -15.85 -63.87
CA ALA B 713 28.82 -16.81 -63.88
C ALA B 713 27.58 -16.17 -64.46
N ILE B 714 27.04 -16.77 -65.52
CA ILE B 714 25.84 -16.28 -66.21
C ILE B 714 24.82 -17.40 -66.22
N PRO B 715 23.59 -17.17 -65.78
CA PRO B 715 22.59 -18.25 -65.78
C PRO B 715 22.15 -18.63 -67.18
N THR B 716 21.72 -19.88 -67.32
CA THR B 716 21.23 -20.41 -68.58
C THR B 716 19.76 -20.83 -68.56
N ASN B 717 19.20 -21.13 -67.40
CA ASN B 717 17.82 -21.52 -67.26
C ASN B 717 17.21 -20.74 -66.10
N PHE B 718 15.91 -20.44 -66.21
CA PHE B 718 15.18 -19.78 -65.13
C PHE B 718 13.99 -20.64 -64.72
N THR B 719 13.65 -20.59 -63.44
CA THR B 719 12.41 -21.17 -62.95
C THR B 719 11.57 -20.06 -62.33
N ILE B 720 10.28 -20.04 -62.66
CA ILE B 720 9.35 -19.06 -62.12
C ILE B 720 8.67 -19.67 -60.93
N SER B 721 8.87 -19.09 -59.76
CA SER B 721 8.28 -19.56 -58.51
C SER B 721 7.20 -18.59 -58.06
N VAL B 722 6.28 -19.09 -57.25
CA VAL B 722 5.23 -18.29 -56.64
C VAL B 722 5.34 -18.44 -55.13
N THR B 723 5.58 -17.33 -54.44
CA THR B 723 5.71 -17.30 -52.99
C THR B 723 4.47 -16.68 -52.37
N THR B 724 4.02 -17.28 -51.27
CA THR B 724 2.80 -16.83 -50.60
C THR B 724 3.18 -15.99 -49.39
N GLU B 725 2.63 -14.79 -49.33
CA GLU B 725 2.85 -13.86 -48.23
C GLU B 725 1.51 -13.49 -47.61
N ILE B 726 1.41 -13.62 -46.29
CA ILE B 726 0.17 -13.39 -45.56
C ILE B 726 0.38 -12.21 -44.62
N LEU B 727 -0.50 -11.21 -44.71
CA LEU B 727 -0.42 -10.03 -43.88
C LEU B 727 -1.77 -9.77 -43.23
N PRO B 728 -1.83 -9.61 -41.91
CA PRO B 728 -3.09 -9.22 -41.27
C PRO B 728 -3.48 -7.80 -41.64
N VAL B 729 -4.80 -7.57 -41.73
CA VAL B 729 -5.31 -6.29 -42.18
C VAL B 729 -6.26 -5.70 -41.14
N SER B 730 -7.27 -6.47 -40.75
CA SER B 730 -8.33 -5.95 -39.90
C SER B 730 -8.33 -6.69 -38.56
N MET B 731 -9.35 -6.40 -37.75
CA MET B 731 -9.45 -6.93 -36.42
C MET B 731 -10.92 -7.11 -36.08
N THR B 732 -11.19 -7.99 -35.11
CA THR B 732 -12.55 -8.21 -34.63
C THR B 732 -13.02 -6.98 -33.88
N LYS B 733 -14.01 -6.28 -34.44
CA LYS B 733 -14.48 -5.01 -33.89
C LYS B 733 -15.34 -5.30 -32.67
N THR B 734 -14.69 -5.45 -31.52
CA THR B 734 -15.37 -5.65 -30.24
C THR B 734 -15.53 -4.31 -29.55
N SER B 735 -16.74 -4.04 -29.07
CA SER B 735 -17.06 -2.78 -28.40
C SER B 735 -17.79 -3.12 -27.11
N VAL B 736 -17.03 -3.22 -26.02
CA VAL B 736 -17.62 -3.46 -24.70
C VAL B 736 -18.27 -2.18 -24.22
N ASP B 737 -19.12 -2.28 -23.21
CA ASP B 737 -19.89 -1.14 -22.76
C ASP B 737 -19.55 -0.82 -21.31
N CYS B 738 -19.52 0.48 -21.01
CA CYS B 738 -19.32 0.96 -19.65
C CYS B 738 -20.21 0.39 -18.57
N THR B 739 -21.51 0.66 -18.67
CA THR B 739 -22.42 0.24 -17.61
C THR B 739 -22.65 -1.26 -17.64
N MET B 740 -22.70 -1.85 -18.83
CA MET B 740 -23.06 -3.26 -18.95
C MET B 740 -21.96 -4.19 -18.46
N TYR B 741 -20.71 -3.73 -18.47
CA TYR B 741 -19.62 -4.58 -17.99
C TYR B 741 -19.55 -4.59 -16.48
N ILE B 742 -19.62 -3.42 -15.85
CA ILE B 742 -19.37 -3.30 -14.42
C ILE B 742 -20.66 -3.38 -13.62
N CYS B 743 -21.69 -2.65 -14.04
CA CYS B 743 -22.89 -2.50 -13.23
C CYS B 743 -24.14 -2.96 -13.95
N GLY B 744 -24.08 -4.13 -14.58
CA GLY B 744 -25.24 -4.66 -15.28
C GLY B 744 -26.35 -5.03 -14.31
N ASP B 745 -27.55 -4.50 -14.57
CA ASP B 745 -28.77 -4.76 -13.79
C ASP B 745 -28.61 -4.37 -12.32
N SER B 746 -28.22 -3.12 -12.12
CA SER B 746 -28.09 -2.57 -10.78
C SER B 746 -28.28 -1.06 -10.86
N THR B 747 -28.63 -0.47 -9.71
CA THR B 747 -28.80 0.97 -9.63
C THR B 747 -27.85 1.64 -8.65
N GLU B 748 -27.28 0.90 -7.68
CA GLU B 748 -26.29 1.52 -6.81
C GLU B 748 -24.93 1.54 -7.46
N CYS B 749 -24.61 0.53 -8.28
CA CYS B 749 -23.38 0.54 -9.04
C CYS B 749 -23.39 1.64 -10.11
N SER B 750 -24.53 1.85 -10.76
CA SER B 750 -24.64 2.92 -11.74
C SER B 750 -24.56 4.29 -11.08
N ASN B 751 -25.09 4.42 -9.86
CA ASN B 751 -24.95 5.67 -9.12
C ASN B 751 -23.50 5.92 -8.72
N LEU B 752 -22.79 4.87 -8.30
CA LEU B 752 -21.42 5.03 -7.83
C LEU B 752 -20.41 5.10 -8.97
N LEU B 753 -20.80 4.67 -10.18
CA LEU B 753 -19.87 4.72 -11.31
C LEU B 753 -19.66 6.14 -11.79
N LEU B 754 -20.68 7.00 -11.65
CA LEU B 754 -20.56 8.39 -12.04
C LEU B 754 -19.66 9.20 -11.11
N GLN B 755 -19.30 8.65 -9.94
CA GLN B 755 -18.38 9.33 -9.04
C GLN B 755 -16.95 9.36 -9.58
N TYR B 756 -16.62 8.50 -10.53
CA TYR B 756 -15.28 8.43 -11.08
C TYR B 756 -15.07 9.38 -12.24
N GLY B 757 -16.14 10.03 -12.72
CA GLY B 757 -16.02 11.02 -13.76
C GLY B 757 -16.19 10.48 -15.16
N SER B 758 -15.42 11.03 -16.08
CA SER B 758 -15.54 10.72 -17.50
C SER B 758 -14.57 9.64 -17.94
N PHE B 759 -14.24 8.72 -17.04
CA PHE B 759 -13.31 7.63 -17.31
C PHE B 759 -13.87 6.73 -18.39
N CYS B 760 -15.04 6.17 -18.10
CA CYS B 760 -15.58 5.16 -18.98
C CYS B 760 -16.24 5.76 -20.21
N THR B 761 -16.53 7.06 -20.22
CA THR B 761 -16.99 7.66 -21.46
C THR B 761 -15.83 7.83 -22.43
N GLN B 762 -14.62 8.11 -21.92
CA GLN B 762 -13.46 8.23 -22.78
C GLN B 762 -12.95 6.85 -23.18
N LEU B 763 -13.28 5.84 -22.38
CA LEU B 763 -12.93 4.47 -22.72
C LEU B 763 -13.81 3.97 -23.86
N ASN B 764 -15.10 4.32 -23.82
CA ASN B 764 -16.00 3.95 -24.91
C ASN B 764 -15.69 4.75 -26.18
N ARG B 765 -15.26 6.01 -26.02
CA ARG B 765 -14.88 6.81 -27.17
C ARG B 765 -13.63 6.23 -27.85
N ALA B 766 -12.66 5.77 -27.05
CA ALA B 766 -11.47 5.15 -27.62
C ALA B 766 -11.79 3.87 -28.36
N LEU B 767 -12.68 3.04 -27.80
CA LEU B 767 -13.03 1.79 -28.46
C LEU B 767 -13.83 2.02 -29.73
N THR B 768 -14.73 3.01 -29.72
CA THR B 768 -15.50 3.35 -30.91
C THR B 768 -14.59 3.87 -32.02
N GLY B 769 -13.63 4.73 -31.67
CA GLY B 769 -12.67 5.20 -32.66
C GLY B 769 -11.73 4.11 -33.13
N ILE B 770 -11.47 3.11 -32.29
CA ILE B 770 -10.67 1.96 -32.70
C ILE B 770 -11.44 1.14 -33.74
N ALA B 771 -12.73 0.92 -33.53
CA ALA B 771 -13.54 0.18 -34.48
C ALA B 771 -13.70 0.94 -35.79
N VAL B 772 -13.78 2.28 -35.71
CA VAL B 772 -13.83 3.10 -36.92
C VAL B 772 -12.52 3.00 -37.69
N GLU B 773 -11.40 3.00 -36.97
CA GLU B 773 -10.09 2.90 -37.60
C GLU B 773 -9.91 1.58 -38.33
N GLN B 774 -10.35 0.48 -37.72
CA GLN B 774 -10.22 -0.81 -38.39
C GLN B 774 -11.24 -0.98 -39.51
N ASP B 775 -12.33 -0.22 -39.47
CA ASP B 775 -13.21 -0.14 -40.63
C ASP B 775 -12.53 0.59 -41.77
N LYS B 776 -11.75 1.63 -41.45
CA LYS B 776 -11.05 2.41 -42.47
C LYS B 776 -9.91 1.61 -43.10
N ASN B 777 -9.28 0.71 -42.35
CA ASN B 777 -8.09 0.02 -42.84
C ASN B 777 -8.41 -0.91 -44.01
N THR B 778 -9.56 -1.58 -43.98
CA THR B 778 -9.95 -2.43 -45.09
C THR B 778 -10.22 -1.62 -46.34
N GLN B 779 -10.82 -0.44 -46.19
CA GLN B 779 -11.06 0.44 -47.34
C GLN B 779 -9.76 0.97 -47.90
N GLU B 780 -8.77 1.22 -47.04
CA GLU B 780 -7.48 1.73 -47.49
C GLU B 780 -6.72 0.68 -48.28
N VAL B 781 -6.76 -0.58 -47.84
CA VAL B 781 -5.94 -1.61 -48.46
C VAL B 781 -6.61 -2.27 -49.66
N PHE B 782 -7.93 -2.13 -49.81
CA PHE B 782 -8.64 -2.81 -50.88
C PHE B 782 -9.20 -1.86 -51.94
N ALA B 783 -9.76 -0.72 -51.54
CA ALA B 783 -10.35 0.21 -52.49
C ALA B 783 -9.26 1.12 -53.09
N GLN B 784 -8.33 0.49 -53.80
CA GLN B 784 -7.30 1.23 -54.52
C GLN B 784 -7.80 1.76 -55.86
N VAL B 785 -8.95 1.29 -56.33
CA VAL B 785 -9.54 1.74 -57.58
C VAL B 785 -10.99 2.12 -57.32
N LYS B 786 -11.51 3.02 -58.17
CA LYS B 786 -12.89 3.46 -58.07
C LYS B 786 -13.78 2.79 -59.11
N GLN B 787 -13.30 1.73 -59.74
CA GLN B 787 -14.05 1.04 -60.79
C GLN B 787 -13.99 -0.46 -60.55
N ILE B 788 -14.96 -1.16 -61.11
CA ILE B 788 -15.06 -2.61 -61.01
C ILE B 788 -14.78 -3.21 -62.39
N TYR B 789 -13.83 -4.13 -62.45
CA TYR B 789 -13.47 -4.81 -63.69
C TYR B 789 -13.87 -6.27 -63.57
N LYS B 790 -14.65 -6.74 -64.53
CA LYS B 790 -15.04 -8.15 -64.57
C LYS B 790 -14.00 -8.95 -65.35
N THR B 791 -14.00 -10.25 -65.13
CA THR B 791 -13.10 -11.13 -65.87
C THR B 791 -13.54 -11.22 -67.33
N PRO B 792 -12.60 -11.23 -68.28
CA PRO B 792 -12.98 -11.37 -69.67
C PRO B 792 -13.47 -12.76 -69.98
N PRO B 793 -14.36 -12.93 -70.96
CA PRO B 793 -14.78 -14.28 -71.37
C PRO B 793 -13.65 -15.10 -71.99
N ILE B 794 -12.61 -14.46 -72.51
CA ILE B 794 -11.45 -15.17 -73.04
C ILE B 794 -10.59 -15.61 -71.85
N LYS B 795 -10.34 -16.92 -71.76
CA LYS B 795 -9.62 -17.47 -70.62
C LYS B 795 -8.22 -17.94 -70.96
N ASP B 796 -7.82 -17.88 -72.24
CA ASP B 796 -6.49 -18.31 -72.64
C ASP B 796 -5.55 -17.09 -72.64
N PHE B 797 -4.80 -16.94 -71.55
CA PHE B 797 -3.91 -15.79 -71.46
C PHE B 797 -2.49 -16.16 -71.87
N GLY B 798 -2.36 -16.76 -73.05
CA GLY B 798 -1.08 -17.27 -73.49
C GLY B 798 -0.69 -18.60 -72.88
N GLY B 799 -1.66 -19.37 -72.40
CA GLY B 799 -1.40 -20.64 -71.76
C GLY B 799 -1.40 -20.59 -70.24
N PHE B 800 -1.55 -19.40 -69.66
CA PHE B 800 -1.46 -19.22 -68.21
C PHE B 800 -2.82 -19.52 -67.60
N ASN B 801 -2.92 -20.63 -66.87
CA ASN B 801 -4.16 -20.96 -66.18
C ASN B 801 -4.44 -19.95 -65.08
N PHE B 802 -5.72 -19.61 -64.92
CA PHE B 802 -6.09 -18.68 -63.86
C PHE B 802 -7.41 -19.03 -63.17
N SER B 803 -7.98 -20.21 -63.43
CA SER B 803 -9.24 -20.58 -62.78
C SER B 803 -9.08 -20.76 -61.27
N GLN B 804 -7.87 -21.10 -60.83
CA GLN B 804 -7.59 -21.14 -59.40
C GLN B 804 -7.43 -19.76 -58.79
N ILE B 805 -7.27 -18.72 -59.61
CA ILE B 805 -7.12 -17.36 -59.14
C ILE B 805 -8.42 -16.57 -59.24
N LEU B 806 -9.03 -16.55 -60.43
CA LEU B 806 -10.30 -15.89 -60.60
C LEU B 806 -11.42 -16.70 -59.92
N PRO B 807 -12.44 -16.04 -59.38
CA PRO B 807 -13.47 -16.76 -58.62
C PRO B 807 -14.55 -17.36 -59.51
N ASP B 808 -15.45 -18.13 -58.90
CA ASP B 808 -16.55 -18.76 -59.62
C ASP B 808 -17.81 -17.95 -59.45
N PRO B 809 -18.37 -17.36 -60.52
CA PRO B 809 -19.63 -16.62 -60.36
C PRO B 809 -20.83 -17.50 -60.09
N SER B 810 -20.75 -18.81 -60.33
CA SER B 810 -21.88 -19.69 -60.11
C SER B 810 -22.13 -19.97 -58.64
N LYS B 811 -21.12 -19.79 -57.78
CA LYS B 811 -21.28 -20.03 -56.35
C LYS B 811 -21.20 -18.73 -55.56
N SER B 813 -21.06 -17.38 -52.28
CA SER B 813 -19.95 -16.43 -52.24
C SER B 813 -19.07 -16.56 -53.47
N LYS B 814 -18.71 -15.42 -54.07
CA LYS B 814 -17.88 -15.39 -55.27
C LYS B 814 -16.41 -15.50 -54.85
N ARG B 815 -16.01 -16.73 -54.56
CA ARG B 815 -14.66 -17.02 -54.09
C ARG B 815 -14.03 -18.09 -54.97
N SER B 816 -12.71 -18.12 -54.98
CA SER B 816 -11.96 -19.12 -55.73
C SER B 816 -11.59 -20.29 -54.82
N PHE B 817 -10.83 -21.24 -55.38
CA PHE B 817 -10.35 -22.37 -54.59
C PHE B 817 -9.38 -21.90 -53.51
N ILE B 818 -8.48 -20.98 -53.83
CA ILE B 818 -7.50 -20.50 -52.86
C ILE B 818 -8.20 -19.74 -51.73
N GLU B 819 -9.20 -18.93 -52.08
CA GLU B 819 -9.96 -18.21 -51.06
C GLU B 819 -10.80 -19.15 -50.21
N ASP B 820 -11.30 -20.24 -50.79
CA ASP B 820 -12.05 -21.22 -50.02
C ASP B 820 -11.16 -21.95 -49.02
N LEU B 821 -9.92 -22.27 -49.43
CA LEU B 821 -8.99 -22.91 -48.50
C LEU B 821 -8.58 -21.95 -47.38
N LEU B 822 -8.43 -20.66 -47.71
CA LEU B 822 -8.10 -19.67 -46.69
C LEU B 822 -9.25 -19.44 -45.73
N PHE B 823 -10.49 -19.48 -46.24
CA PHE B 823 -11.65 -19.26 -45.40
C PHE B 823 -11.96 -20.46 -44.51
N ASN B 824 -11.64 -21.67 -44.96
CA ASN B 824 -12.01 -22.88 -44.24
C ASN B 824 -11.03 -23.25 -43.14
N LYS B 825 -10.04 -22.40 -42.85
CA LYS B 825 -9.01 -22.71 -41.86
C LYS B 825 -8.84 -21.57 -40.87
N VAL B 826 -9.96 -21.08 -40.34
CA VAL B 826 -9.95 -20.06 -39.30
C VAL B 826 -10.83 -20.53 -38.15
N THR B 827 -10.54 -20.00 -36.96
CA THR B 827 -11.28 -20.38 -35.76
C THR B 827 -12.10 -19.20 -35.24
N LYS B 854 -23.05 -14.53 -24.89
CA LYS B 854 -23.19 -13.45 -25.88
C LYS B 854 -23.51 -12.13 -25.20
N PHE B 855 -24.61 -12.10 -24.46
CA PHE B 855 -25.09 -10.86 -23.84
C PHE B 855 -24.53 -10.76 -22.41
N ASN B 856 -23.21 -10.55 -22.34
CA ASN B 856 -22.52 -10.39 -21.07
C ASN B 856 -21.87 -9.01 -20.96
N GLY B 857 -22.37 -8.02 -21.71
CA GLY B 857 -21.82 -6.68 -21.69
C GLY B 857 -20.83 -6.37 -22.80
N LEU B 858 -20.41 -7.38 -23.56
CA LEU B 858 -19.42 -7.22 -24.62
C LEU B 858 -20.09 -7.49 -25.95
N THR B 859 -19.99 -6.54 -26.88
CA THR B 859 -20.69 -6.58 -28.15
C THR B 859 -19.68 -6.51 -29.29
N VAL B 860 -19.86 -7.37 -30.28
CA VAL B 860 -19.02 -7.38 -31.47
C VAL B 860 -19.79 -6.74 -32.63
N LEU B 861 -19.15 -5.79 -33.30
CA LEU B 861 -19.80 -5.11 -34.41
C LEU B 861 -19.39 -5.72 -35.74
N PRO B 862 -20.34 -5.95 -36.65
CA PRO B 862 -19.99 -6.51 -37.94
C PRO B 862 -19.20 -5.51 -38.77
N PRO B 863 -18.31 -5.98 -39.64
CA PRO B 863 -17.56 -5.06 -40.49
C PRO B 863 -18.43 -4.47 -41.58
N LEU B 864 -18.04 -3.28 -42.05
CA LEU B 864 -18.75 -2.63 -43.15
C LEU B 864 -18.58 -3.41 -44.45
N LEU B 865 -17.35 -3.77 -44.78
CA LEU B 865 -17.05 -4.52 -45.99
C LEU B 865 -17.11 -6.00 -45.65
N THR B 866 -18.08 -6.71 -46.21
CA THR B 866 -18.25 -8.12 -45.92
C THR B 866 -17.22 -8.96 -46.66
N ASP B 867 -17.23 -10.26 -46.41
CA ASP B 867 -16.30 -11.18 -47.07
C ASP B 867 -16.58 -11.26 -48.56
N GLU B 868 -17.86 -11.26 -48.95
CA GLU B 868 -18.21 -11.24 -50.36
C GLU B 868 -17.80 -9.93 -51.02
N MET B 869 -18.00 -8.81 -50.32
CA MET B 869 -17.65 -7.50 -50.87
C MET B 869 -16.15 -7.36 -51.02
N ILE B 870 -15.38 -7.87 -50.07
CA ILE B 870 -13.92 -7.83 -50.16
C ILE B 870 -13.44 -8.75 -51.28
N ALA B 871 -14.06 -9.92 -51.43
CA ALA B 871 -13.67 -10.84 -52.50
C ALA B 871 -13.98 -10.26 -53.86
N GLN B 872 -15.06 -9.49 -53.98
CA GLN B 872 -15.35 -8.82 -55.25
C GLN B 872 -14.39 -7.67 -55.50
N TYR B 873 -13.87 -7.05 -54.44
CA TYR B 873 -12.82 -6.05 -54.61
C TYR B 873 -11.55 -6.68 -55.16
N THR B 874 -11.17 -7.84 -54.62
CA THR B 874 -9.97 -8.52 -55.09
C THR B 874 -10.14 -9.07 -56.50
N SER B 875 -11.35 -9.52 -56.85
CA SER B 875 -11.60 -10.01 -58.20
C SER B 875 -11.48 -8.89 -59.23
N ALA B 876 -11.93 -7.68 -58.87
CA ALA B 876 -11.76 -6.53 -59.74
C ALA B 876 -10.29 -6.15 -59.86
N LEU B 877 -9.55 -6.23 -58.75
CA LEU B 877 -8.12 -5.96 -58.80
C LEU B 877 -7.39 -7.02 -59.63
N LEU B 878 -7.85 -8.28 -59.54
CA LEU B 878 -7.27 -9.34 -60.35
C LEU B 878 -7.55 -9.12 -61.83
N ALA B 879 -8.76 -8.68 -62.17
CA ALA B 879 -9.10 -8.42 -63.56
C ALA B 879 -8.32 -7.21 -64.10
N GLY B 880 -8.08 -6.22 -63.24
CA GLY B 880 -7.30 -5.07 -63.67
C GLY B 880 -5.85 -5.40 -63.95
N THR B 881 -5.22 -6.20 -63.08
CA THR B 881 -3.81 -6.53 -63.25
C THR B 881 -3.58 -7.62 -64.28
N ILE B 882 -4.63 -8.30 -64.74
CA ILE B 882 -4.46 -9.31 -65.78
C ILE B 882 -4.76 -8.77 -67.17
N THR B 883 -5.51 -7.67 -67.28
CA THR B 883 -5.87 -7.10 -68.56
C THR B 883 -5.29 -5.71 -68.79
N SER B 884 -4.72 -5.08 -67.76
CA SER B 884 -4.17 -3.73 -67.92
C SER B 884 -2.81 -3.52 -67.28
N GLY B 885 -2.34 -4.41 -66.41
CA GLY B 885 -1.05 -4.19 -65.79
C GLY B 885 -1.11 -3.09 -64.75
N TRP B 886 -0.19 -2.13 -64.88
CA TRP B 886 -0.17 -0.97 -63.99
C TRP B 886 -0.93 0.22 -64.56
N THR B 887 -1.43 0.13 -65.78
CA THR B 887 -2.09 1.27 -66.41
C THR B 887 -3.44 1.57 -65.76
N PHE B 888 -4.17 0.55 -65.32
CA PHE B 888 -5.44 0.80 -64.65
C PHE B 888 -5.26 1.35 -63.25
N GLY B 889 -4.11 1.11 -62.62
CA GLY B 889 -3.80 1.76 -61.36
C GLY B 889 -3.23 3.15 -61.51
N ALA B 890 -2.66 3.47 -62.67
CA ALA B 890 -2.14 4.79 -62.95
C ALA B 890 -3.12 5.66 -63.73
N GLY B 891 -4.30 5.15 -64.04
CA GLY B 891 -5.27 5.93 -64.79
C GLY B 891 -6.44 5.11 -65.31
N ALA B 892 -6.74 5.27 -66.60
CA ALA B 892 -7.88 4.60 -67.20
C ALA B 892 -7.55 3.13 -67.48
N ALA B 893 -8.59 2.40 -67.91
CA ALA B 893 -8.44 0.98 -68.22
C ALA B 893 -7.84 0.85 -69.61
N LEU B 894 -6.57 0.45 -69.67
CA LEU B 894 -5.84 0.32 -70.92
C LEU B 894 -5.60 -1.17 -71.16
N GLN B 895 -6.32 -1.74 -72.13
CA GLN B 895 -6.22 -3.17 -72.37
C GLN B 895 -4.88 -3.54 -72.99
N ILE B 896 -4.44 -4.76 -72.71
CA ILE B 896 -3.13 -5.25 -73.13
C ILE B 896 -3.18 -6.77 -73.11
N PRO B 897 -2.56 -7.45 -74.08
CA PRO B 897 -2.44 -8.91 -73.99
C PRO B 897 -1.57 -9.32 -72.81
N PHE B 898 -1.88 -10.51 -72.27
CA PHE B 898 -1.15 -10.98 -71.10
C PHE B 898 0.27 -11.40 -71.46
N ALA B 899 0.46 -11.98 -72.64
CA ALA B 899 1.81 -12.25 -73.11
C ALA B 899 2.57 -10.97 -73.43
N MET B 900 1.85 -9.91 -73.81
CA MET B 900 2.48 -8.61 -74.00
C MET B 900 2.69 -7.88 -72.68
N GLN B 901 1.82 -8.12 -71.70
CA GLN B 901 2.04 -7.57 -70.36
C GLN B 901 3.26 -8.19 -69.71
N MET B 902 3.54 -9.46 -70.01
CA MET B 902 4.76 -10.09 -69.54
C MET B 902 6.00 -9.45 -70.13
N ALA B 903 5.90 -8.87 -71.32
CA ALA B 903 7.07 -8.37 -72.04
C ALA B 903 7.69 -7.17 -71.33
N TYR B 904 6.86 -6.22 -70.90
CA TYR B 904 7.39 -5.05 -70.22
C TYR B 904 7.93 -5.38 -68.84
N ARG B 905 7.35 -6.38 -68.17
CA ARG B 905 7.84 -6.78 -66.86
C ARG B 905 9.13 -7.59 -66.95
N PHE B 906 9.29 -8.40 -67.99
CA PHE B 906 10.57 -9.06 -68.23
C PHE B 906 11.64 -8.05 -68.62
N ASN B 907 11.25 -7.01 -69.36
CA ASN B 907 12.18 -5.94 -69.73
C ASN B 907 12.60 -5.14 -68.50
N GLY B 908 11.71 -4.99 -67.51
CA GLY B 908 12.00 -4.18 -66.35
C GLY B 908 13.02 -4.76 -65.39
N ILE B 909 13.34 -6.05 -65.52
CA ILE B 909 14.33 -6.69 -64.68
C ILE B 909 15.62 -6.97 -65.47
N GLY B 910 15.81 -6.28 -66.59
CA GLY B 910 17.03 -6.45 -67.36
C GLY B 910 17.12 -7.73 -68.14
N VAL B 911 16.00 -8.37 -68.43
CA VAL B 911 15.96 -9.61 -69.19
C VAL B 911 15.39 -9.32 -70.56
N THR B 912 16.09 -9.75 -71.60
CA THR B 912 15.62 -9.57 -72.97
C THR B 912 14.32 -10.34 -73.20
N GLN B 913 13.40 -9.74 -73.96
CA GLN B 913 12.07 -10.29 -74.15
C GLN B 913 12.02 -11.42 -75.16
N ASN B 914 13.15 -11.78 -75.79
CA ASN B 914 13.14 -12.87 -76.75
C ASN B 914 12.92 -14.22 -76.06
N VAL B 915 13.43 -14.37 -74.84
CA VAL B 915 13.27 -15.63 -74.10
C VAL B 915 11.81 -15.82 -73.69
N LEU B 916 11.04 -14.73 -73.66
CA LEU B 916 9.64 -14.83 -73.31
C LEU B 916 8.83 -15.50 -74.40
N TYR B 917 8.93 -15.00 -75.63
CA TYR B 917 8.18 -15.53 -76.75
C TYR B 917 8.72 -16.87 -77.25
N GLU B 918 9.89 -17.29 -76.78
CA GLU B 918 10.41 -18.61 -77.05
C GLU B 918 10.05 -19.62 -75.98
N ASN B 919 9.63 -19.16 -74.80
CA ASN B 919 9.32 -20.04 -73.67
C ASN B 919 8.00 -19.69 -73.02
N GLN B 920 7.00 -19.33 -73.82
CA GLN B 920 5.66 -19.09 -73.28
C GLN B 920 5.07 -20.37 -72.69
N LYS B 921 5.19 -21.47 -73.43
CA LYS B 921 4.62 -22.73 -72.97
C LYS B 921 5.41 -23.33 -71.82
N LEU B 922 6.70 -23.00 -71.72
CA LEU B 922 7.52 -23.51 -70.62
C LEU B 922 7.11 -22.87 -69.30
N ILE B 923 6.99 -21.54 -69.27
CA ILE B 923 6.65 -20.86 -68.03
C ILE B 923 5.17 -20.98 -67.72
N ALA B 924 4.33 -21.29 -68.71
CA ALA B 924 2.93 -21.59 -68.43
C ALA B 924 2.82 -22.87 -67.63
N ASN B 925 3.59 -23.90 -67.99
CA ASN B 925 3.62 -25.13 -67.21
C ASN B 925 4.26 -24.90 -65.85
N GLN B 926 5.28 -24.03 -65.79
CA GLN B 926 5.90 -23.71 -64.52
C GLN B 926 4.95 -22.96 -63.60
N PHE B 927 4.16 -22.03 -64.16
CA PHE B 927 3.19 -21.29 -63.35
C PHE B 927 2.09 -22.21 -62.82
N ASN B 928 1.57 -23.10 -63.67
CA ASN B 928 0.49 -23.98 -63.25
C ASN B 928 0.98 -25.04 -62.29
N SER B 929 2.24 -25.47 -62.42
CA SER B 929 2.82 -26.38 -61.43
C SER B 929 3.04 -25.67 -60.10
N ALA B 930 3.45 -24.40 -60.15
CA ALA B 930 3.70 -23.64 -58.92
C ALA B 930 2.40 -23.33 -58.17
N ILE B 931 1.30 -23.14 -58.90
CA ILE B 931 0.00 -22.91 -58.26
C ILE B 931 -0.42 -24.17 -57.50
N GLY B 932 -0.13 -25.34 -58.05
CA GLY B 932 -0.46 -26.59 -57.38
C GLY B 932 0.25 -26.78 -56.05
N LYS B 933 1.47 -26.25 -55.92
CA LYS B 933 2.17 -26.33 -54.64
C LYS B 933 1.47 -25.52 -53.57
N ILE B 934 0.91 -24.36 -53.95
CA ILE B 934 0.18 -23.54 -53.00
C ILE B 934 -1.11 -24.23 -52.56
N GLN B 935 -1.80 -24.87 -53.49
CA GLN B 935 -3.06 -25.54 -53.18
C GLN B 935 -2.85 -26.70 -52.23
N ASP B 936 -1.80 -27.49 -52.45
CA ASP B 936 -1.51 -28.61 -51.56
C ASP B 936 -0.99 -28.13 -50.21
N SER B 937 -0.20 -27.06 -50.20
CA SER B 937 0.32 -26.53 -48.94
C SER B 937 -0.80 -25.95 -48.07
N LEU B 938 -1.77 -25.30 -48.70
CA LEU B 938 -2.89 -24.75 -47.95
C LEU B 938 -3.86 -25.84 -47.49
N SER B 939 -4.07 -26.88 -48.31
CA SER B 939 -5.01 -27.93 -47.95
C SER B 939 -4.44 -28.92 -46.94
N SER B 940 -3.11 -29.04 -46.86
CA SER B 940 -2.51 -30.04 -45.98
C SER B 940 -2.67 -29.67 -44.51
N THR B 941 -2.36 -28.42 -44.16
CA THR B 941 -2.35 -28.02 -42.76
C THR B 941 -2.59 -26.52 -42.66
N ALA B 942 -2.88 -26.07 -41.44
CA ALA B 942 -3.14 -24.68 -41.13
C ALA B 942 -1.93 -23.98 -40.50
N SER B 943 -0.75 -24.58 -40.59
CA SER B 943 0.44 -23.99 -40.00
C SER B 943 0.94 -22.78 -40.78
N ALA B 944 0.54 -22.65 -42.04
CA ALA B 944 0.96 -21.53 -42.87
C ALA B 944 0.08 -20.29 -42.68
N LEU B 945 -0.97 -20.38 -41.86
CA LEU B 945 -1.86 -19.26 -41.61
C LEU B 945 -1.62 -18.64 -40.23
N GLY B 946 -0.39 -18.69 -39.74
CA GLY B 946 -0.10 -18.20 -38.40
C GLY B 946 -0.16 -16.69 -38.28
N LYS B 947 -0.01 -15.98 -39.40
CA LYS B 947 -0.05 -14.52 -39.37
C LYS B 947 -1.44 -14.00 -39.05
N LEU B 948 -2.48 -14.75 -39.39
CA LEU B 948 -3.85 -14.42 -39.00
C LEU B 948 -4.33 -15.18 -37.78
N GLN B 949 -3.78 -16.38 -37.54
CA GLN B 949 -4.14 -17.13 -36.34
C GLN B 949 -3.63 -16.44 -35.07
N ASP B 950 -2.51 -15.74 -35.16
CA ASP B 950 -2.01 -14.96 -34.03
C ASP B 950 -2.98 -13.83 -33.69
N VAL B 951 -3.52 -13.17 -34.71
CA VAL B 951 -4.45 -12.06 -34.48
C VAL B 951 -5.77 -12.58 -33.91
N VAL B 952 -6.24 -13.72 -34.41
CA VAL B 952 -7.48 -14.30 -33.93
C VAL B 952 -7.33 -14.79 -32.50
N ASN B 953 -6.22 -15.46 -32.19
CA ASN B 953 -5.99 -15.95 -30.83
C ASN B 953 -5.83 -14.80 -29.84
N GLN B 954 -5.14 -13.74 -30.23
CA GLN B 954 -4.96 -12.61 -29.32
C GLN B 954 -6.26 -11.85 -29.09
N ASN B 955 -7.14 -11.81 -30.09
CA ASN B 955 -8.42 -11.14 -29.92
C ASN B 955 -9.47 -12.01 -29.28
N ALA B 956 -9.25 -13.33 -29.22
CA ALA B 956 -10.21 -14.22 -28.57
C ALA B 956 -9.80 -14.53 -27.14
N GLN B 957 -8.51 -14.71 -26.88
CA GLN B 957 -8.05 -14.98 -25.52
C GLN B 957 -8.24 -13.75 -24.64
N ALA B 958 -7.99 -12.55 -25.17
CA ALA B 958 -8.19 -11.33 -24.38
C ALA B 958 -9.67 -11.11 -24.08
N LEU B 959 -10.54 -11.48 -25.02
CA LEU B 959 -11.98 -11.42 -24.76
C LEU B 959 -12.38 -12.43 -23.69
N ASN B 960 -11.75 -13.60 -23.69
CA ASN B 960 -12.12 -14.65 -22.74
C ASN B 960 -11.69 -14.31 -21.32
N THR B 961 -10.49 -13.75 -21.15
CA THR B 961 -10.05 -13.41 -19.80
C THR B 961 -10.78 -12.16 -19.28
N LEU B 962 -11.24 -11.29 -20.17
CA LEU B 962 -12.08 -10.18 -19.75
C LEU B 962 -13.44 -10.68 -19.25
N VAL B 963 -13.98 -11.71 -19.91
CA VAL B 963 -15.20 -12.35 -19.44
C VAL B 963 -14.95 -13.04 -18.10
N LYS B 964 -13.81 -13.71 -17.96
CA LYS B 964 -13.49 -14.42 -16.73
C LYS B 964 -13.10 -13.50 -15.59
N GLN B 965 -12.77 -12.23 -15.87
CA GLN B 965 -12.24 -11.38 -14.82
C GLN B 965 -13.33 -10.90 -13.86
N LEU B 966 -14.56 -10.67 -14.35
CA LEU B 966 -15.63 -10.20 -13.47
C LEU B 966 -16.19 -11.30 -12.57
N SER B 967 -15.60 -12.50 -12.60
CA SER B 967 -15.87 -13.52 -11.60
C SER B 967 -14.99 -13.38 -10.36
N SER B 968 -14.02 -12.46 -10.38
CA SER B 968 -13.12 -12.28 -9.25
C SER B 968 -13.81 -11.48 -8.15
N ASN B 969 -13.51 -11.85 -6.90
CA ASN B 969 -14.15 -11.20 -5.76
C ASN B 969 -13.62 -9.79 -5.51
N PHE B 970 -12.33 -9.57 -5.80
CA PHE B 970 -11.63 -8.29 -5.56
C PHE B 970 -11.75 -7.85 -4.11
N GLY B 971 -11.66 -8.81 -3.19
CA GLY B 971 -11.75 -8.53 -1.77
C GLY B 971 -13.15 -8.59 -1.20
N ALA B 972 -14.18 -8.70 -2.03
CA ALA B 972 -15.55 -8.81 -1.56
C ALA B 972 -15.89 -10.27 -1.28
N ILE B 973 -17.07 -10.51 -0.72
CA ILE B 973 -17.49 -11.89 -0.45
C ILE B 973 -17.94 -12.58 -1.72
N SER B 974 -18.64 -11.87 -2.60
CA SER B 974 -19.12 -12.44 -3.84
C SER B 974 -18.90 -11.46 -4.98
N SER B 975 -18.63 -12.01 -6.17
CA SER B 975 -18.40 -11.19 -7.35
C SER B 975 -19.69 -10.74 -8.03
N VAL B 976 -20.82 -11.33 -7.68
CA VAL B 976 -22.11 -10.96 -8.26
C VAL B 976 -22.68 -9.80 -7.45
N LEU B 977 -23.09 -8.75 -8.16
CA LEU B 977 -23.58 -7.54 -7.49
C LEU B 977 -24.90 -7.80 -6.76
N ASN B 978 -25.72 -8.71 -7.27
CA ASN B 978 -27.00 -9.01 -6.63
C ASN B 978 -26.80 -9.65 -5.26
N ASP B 979 -25.81 -10.55 -5.13
CA ASP B 979 -25.54 -11.20 -3.86
C ASP B 979 -24.88 -10.28 -2.85
N ILE B 980 -24.39 -9.12 -3.27
CA ILE B 980 -23.83 -8.14 -2.34
C ILE B 980 -24.72 -6.91 -2.17
N LEU B 981 -25.80 -6.78 -2.95
CA LEU B 981 -26.73 -5.68 -2.81
C LEU B 981 -27.98 -6.06 -2.03
N SER B 982 -28.58 -7.20 -2.36
CA SER B 982 -29.78 -7.68 -1.69
C SER B 982 -29.47 -8.45 -0.41
N ARG B 983 -28.20 -8.67 -0.09
CA ARG B 983 -27.81 -9.48 1.05
C ARG B 983 -26.78 -8.77 1.94
N LEU B 984 -26.78 -7.44 1.95
CA LEU B 984 -25.79 -6.71 2.72
C LEU B 984 -26.34 -5.35 3.13
N ASP B 985 -25.72 -4.77 4.15
CA ASP B 985 -26.05 -3.42 4.56
C ASP B 985 -25.56 -2.41 3.54
N PRO B 986 -26.26 -1.29 3.39
CA PRO B 986 -25.79 -0.22 2.49
C PRO B 986 -24.41 0.33 2.86
N PRO B 987 -24.04 0.49 4.15
CA PRO B 987 -22.65 0.87 4.41
C PRO B 987 -21.66 -0.27 4.22
N GLU B 988 -22.04 -1.51 4.57
CA GLU B 988 -21.12 -2.62 4.43
C GLU B 988 -21.00 -3.13 3.00
N ALA B 989 -21.91 -2.73 2.10
CA ALA B 989 -21.80 -3.08 0.70
C ALA B 989 -21.21 -1.97 -0.17
N GLU B 990 -21.20 -0.73 0.34
CA GLU B 990 -20.62 0.38 -0.40
C GLU B 990 -19.13 0.18 -0.61
N VAL B 991 -18.43 -0.31 0.42
CA VAL B 991 -17.00 -0.61 0.28
C VAL B 991 -16.79 -1.77 -0.67
N GLN B 992 -17.65 -2.79 -0.60
CA GLN B 992 -17.49 -3.96 -1.44
C GLN B 992 -17.80 -3.66 -2.90
N ILE B 993 -18.84 -2.86 -3.15
CA ILE B 993 -19.16 -2.52 -4.54
C ILE B 993 -18.15 -1.53 -5.09
N ASP B 994 -17.49 -0.75 -4.22
CA ASP B 994 -16.42 0.12 -4.67
C ASP B 994 -15.18 -0.68 -5.05
N ARG B 995 -14.90 -1.75 -4.30
CA ARG B 995 -13.79 -2.63 -4.63
C ARG B 995 -14.03 -3.34 -5.95
N LEU B 996 -15.26 -3.77 -6.21
CA LEU B 996 -15.57 -4.43 -7.46
C LEU B 996 -15.53 -3.45 -8.63
N ILE B 997 -15.92 -2.20 -8.39
CA ILE B 997 -15.84 -1.17 -9.42
C ILE B 997 -14.38 -0.88 -9.78
N THR B 998 -13.53 -0.76 -8.76
CA THR B 998 -12.12 -0.47 -9.00
C THR B 998 -11.42 -1.65 -9.69
N GLY B 999 -11.76 -2.87 -9.30
CA GLY B 999 -11.16 -4.03 -9.93
C GLY B 999 -11.56 -4.19 -11.38
N ARG B 1000 -12.86 -3.99 -11.68
CA ARG B 1000 -13.33 -4.13 -13.04
C ARG B 1000 -12.87 -2.98 -13.94
N LEU B 1001 -12.74 -1.77 -13.37
CA LEU B 1001 -12.22 -0.65 -14.14
C LEU B 1001 -10.74 -0.85 -14.47
N GLN B 1002 -9.99 -1.43 -13.54
CA GLN B 1002 -8.57 -1.70 -13.80
C GLN B 1002 -8.41 -2.77 -14.88
N SER B 1003 -9.28 -3.77 -14.89
CA SER B 1003 -9.24 -4.77 -15.95
C SER B 1003 -9.62 -4.17 -17.29
N LEU B 1004 -10.60 -3.26 -17.29
CA LEU B 1004 -10.97 -2.58 -18.53
C LEU B 1004 -9.86 -1.65 -19.01
N GLN B 1005 -9.09 -1.09 -18.07
CA GLN B 1005 -7.94 -0.27 -18.44
C GLN B 1005 -6.88 -1.13 -19.13
N THR B 1006 -6.58 -2.29 -18.57
CA THR B 1006 -5.56 -3.16 -19.14
C THR B 1006 -6.00 -3.75 -20.47
N TYR B 1007 -7.29 -4.08 -20.59
CA TYR B 1007 -7.80 -4.67 -21.82
C TYR B 1007 -7.73 -3.68 -22.98
N VAL B 1008 -8.21 -2.46 -22.76
CA VAL B 1008 -8.27 -1.47 -23.83
C VAL B 1008 -6.86 -1.00 -24.21
N THR B 1009 -5.98 -0.85 -23.22
CA THR B 1009 -4.59 -0.49 -23.51
C THR B 1009 -3.89 -1.55 -24.34
N GLN B 1010 -4.11 -2.82 -24.01
CA GLN B 1010 -3.53 -3.91 -24.81
C GLN B 1010 -4.16 -3.97 -26.20
N GLN B 1011 -5.46 -3.67 -26.30
CA GLN B 1011 -6.09 -3.61 -27.61
C GLN B 1011 -5.61 -2.42 -28.42
N LEU B 1012 -5.33 -1.30 -27.74
CA LEU B 1012 -4.82 -0.11 -28.42
C LEU B 1012 -3.44 -0.35 -29.01
N ILE B 1013 -2.56 -1.01 -28.26
CA ILE B 1013 -1.22 -1.31 -28.75
C ILE B 1013 -1.28 -2.37 -29.86
N ARG B 1014 -2.16 -3.36 -29.70
CA ARG B 1014 -2.33 -4.37 -30.75
C ARG B 1014 -2.91 -3.75 -32.02
N ALA B 1015 -3.80 -2.77 -31.87
CA ALA B 1015 -4.37 -2.11 -33.03
C ALA B 1015 -3.36 -1.23 -33.74
N ALA B 1016 -2.43 -0.63 -33.00
CA ALA B 1016 -1.36 0.15 -33.62
C ALA B 1016 -0.43 -0.74 -34.43
N GLU B 1017 -0.17 -1.95 -33.94
CA GLU B 1017 0.61 -2.92 -34.71
C GLU B 1017 -0.15 -3.37 -35.95
N ILE B 1018 -1.47 -3.56 -35.83
CA ILE B 1018 -2.30 -3.92 -36.96
C ILE B 1018 -2.34 -2.78 -37.98
N ARG B 1019 -2.41 -1.54 -37.49
CA ARG B 1019 -2.37 -0.38 -38.38
C ARG B 1019 -1.06 -0.30 -39.14
N ALA B 1020 0.06 -0.61 -38.47
CA ALA B 1020 1.35 -0.67 -39.15
C ALA B 1020 1.39 -1.80 -40.18
N SER B 1021 0.78 -2.95 -39.85
CA SER B 1021 0.74 -4.06 -40.78
C SER B 1021 -0.19 -3.76 -41.95
N ALA B 1022 -1.30 -3.05 -41.69
CA ALA B 1022 -2.20 -2.67 -42.77
C ALA B 1022 -1.57 -1.63 -43.69
N ASN B 1023 -0.76 -0.72 -43.14
CA ASN B 1023 -0.05 0.24 -43.98
C ASN B 1023 0.99 -0.45 -44.86
N LEU B 1024 1.66 -1.47 -44.31
CA LEU B 1024 2.59 -2.25 -45.11
C LEU B 1024 1.87 -3.03 -46.20
N ALA B 1025 0.69 -3.56 -45.90
CA ALA B 1025 -0.09 -4.27 -46.90
C ALA B 1025 -0.61 -3.33 -47.98
N ALA B 1026 -1.01 -2.12 -47.58
CA ALA B 1026 -1.48 -1.14 -48.55
C ALA B 1026 -0.35 -0.67 -49.46
N THR B 1027 0.85 -0.51 -48.91
CA THR B 1027 2.00 -0.16 -49.74
C THR B 1027 2.36 -1.29 -50.69
N LYS B 1028 2.27 -2.54 -50.22
CA LYS B 1028 2.53 -3.67 -51.10
C LYS B 1028 1.45 -3.84 -52.15
N MET B 1029 0.19 -3.52 -51.82
CA MET B 1029 -0.85 -3.56 -52.83
C MET B 1029 -0.69 -2.45 -53.86
N SER B 1030 -0.23 -1.27 -53.41
CA SER B 1030 -0.07 -0.14 -54.32
C SER B 1030 1.16 -0.28 -55.21
N GLU B 1031 2.16 -1.05 -54.80
CA GLU B 1031 3.40 -1.17 -55.55
C GLU B 1031 3.60 -2.54 -56.19
N CYS B 1032 3.53 -3.60 -55.38
CA CYS B 1032 3.77 -4.94 -55.91
C CYS B 1032 2.62 -5.40 -56.80
N VAL B 1033 1.39 -5.11 -56.41
CA VAL B 1033 0.21 -5.53 -57.18
C VAL B 1033 -0.11 -4.56 -58.30
N LEU B 1034 -0.19 -3.27 -57.98
CA LEU B 1034 -0.60 -2.25 -58.94
C LEU B 1034 0.52 -1.82 -59.88
N GLY B 1035 1.63 -2.56 -59.93
CA GLY B 1035 2.72 -2.18 -60.79
C GLY B 1035 3.90 -3.10 -60.60
N GLN B 1036 5.01 -2.74 -61.23
CA GLN B 1036 6.26 -3.48 -61.13
C GLN B 1036 7.19 -2.76 -60.17
N SER B 1037 7.66 -3.47 -59.15
CA SER B 1037 8.53 -2.91 -58.12
C SER B 1037 9.94 -3.46 -58.33
N LYS B 1038 10.90 -2.55 -58.47
CA LYS B 1038 12.30 -2.92 -58.61
C LYS B 1038 13.01 -3.04 -57.28
N ARG B 1039 12.31 -2.88 -56.16
CA ARG B 1039 12.92 -3.05 -54.85
C ARG B 1039 13.23 -4.52 -54.61
N VAL B 1040 14.44 -4.79 -54.17
CA VAL B 1040 14.89 -6.16 -53.94
C VAL B 1040 14.27 -6.68 -52.64
N ASP B 1041 13.70 -7.89 -52.71
CA ASP B 1041 13.10 -8.58 -51.56
C ASP B 1041 11.93 -7.79 -50.97
N PHE B 1042 11.11 -7.21 -51.84
CA PHE B 1042 9.84 -6.63 -51.44
C PHE B 1042 8.65 -7.48 -51.86
N CYS B 1043 8.83 -8.40 -52.79
CA CYS B 1043 7.81 -9.32 -53.27
C CYS B 1043 8.37 -10.74 -53.27
N GLY B 1044 8.99 -11.14 -52.17
CA GLY B 1044 9.62 -12.43 -52.08
C GLY B 1044 11.02 -12.42 -52.68
N LYS B 1045 11.71 -13.54 -52.50
CA LYS B 1045 13.08 -13.66 -52.98
C LYS B 1045 13.10 -13.78 -54.50
N GLY B 1046 13.96 -13.01 -55.14
CA GLY B 1046 14.13 -13.04 -56.58
C GLY B 1046 13.58 -11.79 -57.24
N TYR B 1047 13.76 -11.74 -58.55
CA TYR B 1047 13.30 -10.58 -59.32
C TYR B 1047 11.78 -10.59 -59.45
N HIS B 1048 11.19 -9.40 -59.33
CA HIS B 1048 9.75 -9.27 -59.26
C HIS B 1048 9.11 -9.31 -60.65
N LEU B 1049 7.99 -10.02 -60.77
CA LEU B 1049 7.17 -9.98 -61.97
C LEU B 1049 5.80 -9.36 -61.69
N MET B 1050 5.02 -9.92 -60.77
CA MET B 1050 3.76 -9.32 -60.32
C MET B 1050 3.39 -9.94 -58.98
N SER B 1051 2.17 -9.67 -58.53
CA SER B 1051 1.58 -10.36 -57.41
C SER B 1051 0.07 -10.32 -57.56
N PHE B 1052 -0.60 -11.32 -57.00
CA PHE B 1052 -2.05 -11.44 -57.10
C PHE B 1052 -2.66 -11.36 -55.72
N PRO B 1053 -3.55 -10.40 -55.45
CA PRO B 1053 -4.16 -10.30 -54.13
C PRO B 1053 -5.27 -11.33 -53.96
N GLN B 1054 -5.34 -11.91 -52.77
CA GLN B 1054 -6.34 -12.90 -52.43
C GLN B 1054 -7.01 -12.53 -51.12
N SER B 1055 -8.31 -12.79 -51.03
CA SER B 1055 -9.03 -12.47 -49.82
C SER B 1055 -8.68 -13.46 -48.71
N ALA B 1056 -8.84 -13.01 -47.47
CA ALA B 1056 -8.57 -13.82 -46.30
C ALA B 1056 -9.43 -13.31 -45.17
N PRO B 1057 -9.84 -14.18 -44.24
CA PRO B 1057 -10.60 -13.70 -43.07
C PRO B 1057 -9.71 -12.87 -42.16
N HIS B 1058 -10.07 -11.59 -41.99
CA HIS B 1058 -9.32 -10.62 -41.20
C HIS B 1058 -7.88 -10.49 -41.68
N GLY B 1059 -7.70 -10.38 -42.99
CA GLY B 1059 -6.38 -10.22 -43.55
C GLY B 1059 -6.42 -10.28 -45.06
N VAL B 1060 -5.22 -10.25 -45.64
CA VAL B 1060 -5.04 -10.36 -47.08
C VAL B 1060 -3.89 -11.34 -47.34
N VAL B 1061 -3.89 -11.91 -48.54
CA VAL B 1061 -2.87 -12.87 -48.95
C VAL B 1061 -2.36 -12.46 -50.32
N PHE B 1062 -1.05 -12.30 -50.44
CA PHE B 1062 -0.41 -11.96 -51.70
C PHE B 1062 0.26 -13.19 -52.29
N LEU B 1063 0.09 -13.38 -53.60
CA LEU B 1063 0.76 -14.46 -54.32
C LEU B 1063 1.75 -13.80 -55.27
N HIS B 1064 2.95 -13.53 -54.75
CA HIS B 1064 4.00 -12.92 -55.55
C HIS B 1064 4.53 -13.90 -56.59
N VAL B 1065 4.70 -13.41 -57.81
CA VAL B 1065 5.31 -14.19 -58.89
C VAL B 1065 6.71 -13.65 -59.07
N THR B 1066 7.71 -14.47 -58.80
CA THR B 1066 9.10 -14.05 -58.85
C THR B 1066 9.81 -14.73 -60.01
N TYR B 1067 11.10 -14.41 -60.15
CA TYR B 1067 11.91 -14.86 -61.28
C TYR B 1067 13.30 -15.20 -60.73
N VAL B 1068 13.62 -16.48 -60.65
CA VAL B 1068 14.91 -16.91 -60.12
C VAL B 1068 15.60 -17.83 -61.12
N PRO B 1069 16.92 -17.81 -61.19
CA PRO B 1069 17.64 -18.78 -62.03
C PRO B 1069 17.98 -20.05 -61.27
N ALA B 1070 18.20 -21.12 -62.03
CA ALA B 1070 18.51 -22.41 -61.44
C ALA B 1070 19.76 -23.05 -62.00
N GLN B 1071 20.03 -22.89 -63.29
CA GLN B 1071 21.19 -23.49 -63.94
C GLN B 1071 22.16 -22.38 -64.35
N GLU B 1072 23.43 -22.53 -63.96
CA GLU B 1072 24.44 -21.52 -64.19
C GLU B 1072 25.71 -22.17 -64.69
N LYS B 1073 26.50 -21.42 -65.46
CA LYS B 1073 27.75 -21.89 -66.03
C LYS B 1073 28.85 -20.86 -65.77
N ASN B 1074 30.08 -21.36 -65.63
CA ASN B 1074 31.23 -20.49 -65.57
C ASN B 1074 31.63 -20.05 -66.98
N PHE B 1075 32.04 -18.78 -67.08
CA PHE B 1075 32.62 -18.25 -68.31
C PHE B 1075 33.81 -17.38 -67.95
N THR B 1076 34.72 -17.23 -68.89
CA THR B 1076 35.82 -16.28 -68.72
C THR B 1076 35.36 -14.90 -69.22
N THR B 1077 35.83 -13.85 -68.53
CA THR B 1077 35.34 -12.49 -68.76
C THR B 1077 36.49 -11.52 -68.98
N ALA B 1078 36.13 -10.35 -69.51
CA ALA B 1078 37.03 -9.21 -69.67
C ALA B 1078 36.18 -7.96 -69.70
N PRO B 1079 36.64 -6.84 -69.16
CA PRO B 1079 35.82 -5.62 -69.16
C PRO B 1079 35.78 -4.88 -70.48
N ALA B 1080 36.72 -5.11 -71.40
CA ALA B 1080 36.76 -4.35 -72.64
C ALA B 1080 37.37 -5.17 -73.76
N ILE B 1081 37.16 -4.71 -74.98
CA ILE B 1081 37.59 -5.38 -76.20
C ILE B 1081 38.42 -4.40 -77.02
N CYS B 1082 39.58 -4.85 -77.50
CA CYS B 1082 40.43 -4.07 -78.39
C CYS B 1082 40.24 -4.56 -79.82
N HIS B 1083 39.88 -3.65 -80.72
CA HIS B 1083 39.74 -3.98 -82.14
C HIS B 1083 40.93 -3.51 -82.95
N ASP B 1084 41.23 -2.21 -82.88
CA ASP B 1084 42.37 -1.65 -83.60
C ASP B 1084 43.11 -0.62 -82.76
N GLY B 1085 43.12 -0.80 -81.44
CA GLY B 1085 43.76 0.12 -80.52
C GLY B 1085 42.82 0.95 -79.67
N LYS B 1086 41.51 0.83 -79.87
CA LYS B 1086 40.52 1.56 -79.09
C LYS B 1086 39.69 0.57 -78.26
N ALA B 1087 39.37 0.97 -77.04
CA ALA B 1087 38.63 0.10 -76.14
C ALA B 1087 37.14 0.09 -76.50
N HIS B 1088 36.53 -1.08 -76.31
CA HIS B 1088 35.11 -1.27 -76.57
C HIS B 1088 34.43 -1.76 -75.30
N PHE B 1089 33.51 -0.96 -74.78
CA PHE B 1089 32.73 -1.30 -73.60
C PHE B 1089 31.31 -1.70 -73.99
N PRO B 1090 30.70 -2.66 -73.29
CA PRO B 1090 29.34 -3.06 -73.64
C PRO B 1090 28.31 -2.03 -73.17
N ARG B 1091 27.31 -1.80 -74.02
CA ARG B 1091 26.21 -0.93 -73.61
C ARG B 1091 25.38 -1.57 -72.51
N GLU B 1092 25.18 -2.89 -72.59
CA GLU B 1092 24.48 -3.63 -71.56
C GLU B 1092 25.16 -4.98 -71.40
N GLY B 1093 25.01 -5.57 -70.22
CA GLY B 1093 25.57 -6.87 -69.98
C GLY B 1093 27.09 -6.84 -69.86
N VAL B 1094 27.66 -8.03 -70.02
CA VAL B 1094 29.09 -8.27 -69.80
C VAL B 1094 29.64 -9.04 -71.01
N PHE B 1095 30.93 -9.36 -70.92
CA PHE B 1095 31.61 -10.14 -71.94
C PHE B 1095 31.84 -11.55 -71.42
N VAL B 1096 31.53 -12.55 -72.24
CA VAL B 1096 31.69 -13.95 -71.86
C VAL B 1096 32.46 -14.65 -72.96
N SER B 1097 33.18 -15.71 -72.60
CA SER B 1097 33.90 -16.45 -73.63
C SER B 1097 33.87 -17.96 -73.37
N ASN B 1098 33.24 -18.63 -74.32
CA ASN B 1098 33.55 -20.00 -74.74
C ASN B 1098 35.04 -20.33 -74.59
N GLY B 1099 35.92 -19.52 -75.18
CA GLY B 1099 37.34 -19.82 -75.11
C GLY B 1099 38.01 -19.70 -76.46
N THR B 1100 37.21 -19.56 -77.51
CA THR B 1100 37.71 -19.23 -78.84
C THR B 1100 37.24 -17.85 -79.26
N HIS B 1101 35.93 -17.60 -79.24
CA HIS B 1101 35.38 -16.29 -79.56
C HIS B 1101 34.72 -15.70 -78.32
N TRP B 1102 34.67 -14.37 -78.29
CA TRP B 1102 34.06 -13.64 -77.18
C TRP B 1102 32.67 -13.18 -77.58
N PHE B 1103 31.70 -13.39 -76.68
CA PHE B 1103 30.32 -13.00 -76.91
C PHE B 1103 29.87 -12.03 -75.84
N VAL B 1104 28.76 -11.35 -76.11
CA VAL B 1104 28.17 -10.37 -75.21
C VAL B 1104 26.78 -10.86 -74.83
N THR B 1105 26.51 -10.92 -73.52
CA THR B 1105 25.20 -11.32 -73.03
C THR B 1105 24.83 -10.46 -71.84
N GLN B 1106 23.53 -10.41 -71.55
CA GLN B 1106 23.07 -9.70 -70.38
C GLN B 1106 23.42 -10.48 -69.12
N ARG B 1107 23.42 -9.77 -67.99
CA ARG B 1107 23.86 -10.35 -66.73
C ARG B 1107 22.85 -11.31 -66.11
N ASN B 1108 21.64 -11.39 -66.66
CA ASN B 1108 20.60 -12.23 -66.09
C ASN B 1108 20.25 -13.44 -66.94
N PHE B 1109 20.65 -13.47 -68.21
CA PHE B 1109 20.41 -14.62 -69.05
C PHE B 1109 21.55 -14.76 -70.04
N TYR B 1110 21.84 -16.00 -70.42
CA TYR B 1110 22.91 -16.28 -71.39
C TYR B 1110 22.32 -16.24 -72.79
N GLU B 1111 22.53 -15.11 -73.48
CA GLU B 1111 22.27 -15.02 -74.92
C GLU B 1111 23.63 -14.75 -75.54
N PRO B 1112 24.24 -15.72 -76.23
CA PRO B 1112 25.51 -15.42 -76.93
C PRO B 1112 25.25 -14.79 -78.30
N GLN B 1113 25.68 -13.54 -78.46
CA GLN B 1113 25.61 -12.85 -79.75
C GLN B 1113 26.98 -12.29 -80.12
N ILE B 1114 27.18 -12.10 -81.43
CA ILE B 1114 28.47 -11.58 -81.91
C ILE B 1114 28.59 -10.09 -81.59
N ILE B 1115 29.83 -9.62 -81.56
CA ILE B 1115 30.13 -8.25 -81.18
C ILE B 1115 29.97 -7.36 -82.41
N THR B 1116 28.91 -6.57 -82.44
CA THR B 1116 28.66 -5.60 -83.50
C THR B 1116 28.90 -4.20 -82.97
N THR B 1117 28.66 -3.20 -83.83
CA THR B 1117 28.71 -1.82 -83.40
C THR B 1117 27.43 -1.38 -82.69
N ASP B 1118 26.36 -2.16 -82.80
CA ASP B 1118 25.09 -1.82 -82.16
C ASP B 1118 25.13 -2.07 -80.65
N ASN B 1119 25.83 -3.11 -80.21
CA ASN B 1119 25.80 -3.52 -78.82
C ASN B 1119 27.05 -3.12 -78.04
N THR B 1120 27.90 -2.27 -78.61
CA THR B 1120 29.06 -1.75 -77.88
C THR B 1120 29.37 -0.36 -78.40
N PHE B 1121 30.14 0.39 -77.62
CA PHE B 1121 30.49 1.77 -77.97
C PHE B 1121 31.99 1.97 -77.81
N VAL B 1122 32.57 2.75 -78.72
CA VAL B 1122 33.99 3.08 -78.66
C VAL B 1122 34.20 4.14 -77.59
N SER B 1123 35.16 3.90 -76.70
CA SER B 1123 35.45 4.86 -75.64
C SER B 1123 36.88 4.65 -75.18
N GLY B 1124 37.68 5.71 -75.23
CA GLY B 1124 39.05 5.66 -74.75
C GLY B 1124 39.97 4.87 -75.68
N ASN B 1125 41.13 4.54 -75.15
CA ASN B 1125 42.15 3.76 -75.86
C ASN B 1125 42.39 2.45 -75.13
N CYS B 1126 43.27 1.63 -75.69
CA CYS B 1126 43.53 0.29 -75.17
C CYS B 1126 44.82 0.21 -74.36
N ASP B 1127 45.50 1.34 -74.14
CA ASP B 1127 46.77 1.35 -73.42
C ASP B 1127 46.62 1.80 -71.97
N VAL B 1128 45.38 1.97 -71.49
CA VAL B 1128 45.14 2.46 -70.15
C VAL B 1128 44.39 1.44 -69.30
N VAL B 1129 43.41 0.74 -69.87
CA VAL B 1129 42.60 -0.20 -69.11
C VAL B 1129 43.41 -1.45 -68.80
N ILE B 1130 43.20 -1.99 -67.60
CA ILE B 1130 43.96 -3.13 -67.11
C ILE B 1130 43.12 -4.39 -67.25
N GLY B 1131 43.69 -5.43 -67.87
CA GLY B 1131 43.04 -6.72 -68.00
C GLY B 1131 42.15 -6.86 -69.23
N ILE B 1132 42.71 -6.62 -70.42
CA ILE B 1132 41.96 -6.52 -71.66
C ILE B 1132 42.48 -7.60 -72.62
N VAL B 1133 41.64 -7.96 -73.59
CA VAL B 1133 41.99 -8.93 -74.63
C VAL B 1133 41.71 -8.31 -76.00
N ASN B 1134 42.41 -8.84 -77.02
CA ASN B 1134 42.22 -8.41 -78.40
C ASN B 1134 41.12 -9.24 -79.07
N ASN B 1135 40.13 -8.57 -79.64
CA ASN B 1135 39.07 -9.23 -80.40
C ASN B 1135 38.57 -8.31 -81.50
N THR B 1136 38.50 -8.81 -82.72
CA THR B 1136 37.99 -8.01 -83.83
C THR B 1136 36.48 -7.83 -83.69
N VAL B 1137 36.02 -6.58 -83.80
CA VAL B 1137 34.61 -6.26 -83.70
C VAL B 1137 33.99 -6.34 -85.09
N TYR B 1138 32.89 -7.09 -85.21
CA TYR B 1138 32.26 -7.35 -86.50
C TYR B 1138 31.45 -6.12 -86.90
N ASP B 1139 31.95 -5.37 -87.88
CA ASP B 1139 31.26 -4.17 -88.33
C ASP B 1139 30.29 -4.53 -89.45
N PRO B 1140 28.98 -4.32 -89.27
CA PRO B 1140 28.03 -4.62 -90.36
C PRO B 1140 28.04 -3.61 -91.49
N LEU B 1141 28.76 -2.50 -91.35
CA LEU B 1141 28.83 -1.51 -92.41
C LEU B 1141 29.80 -1.89 -93.52
N GLN B 1142 30.76 -2.77 -93.25
CA GLN B 1142 31.76 -3.13 -94.25
C GLN B 1142 31.28 -4.06 -95.38
N PRO B 1143 30.36 -5.02 -95.21
CA PRO B 1143 29.93 -5.78 -96.40
C PRO B 1143 28.90 -5.07 -97.24
N GLU B 1144 28.18 -4.08 -96.70
CA GLU B 1144 27.16 -3.39 -97.47
C GLU B 1144 27.77 -2.47 -98.52
N LEU B 1145 28.94 -1.89 -98.24
CA LEU B 1145 29.61 -1.06 -99.23
C LEU B 1145 30.08 -1.88 -100.43
N ASP B 1146 30.59 -3.09 -100.18
CA ASP B 1146 31.00 -3.97 -101.27
C ASP B 1146 29.80 -4.50 -102.03
N SER B 1147 28.72 -4.80 -101.32
CA SER B 1147 27.50 -5.31 -101.95
C SER B 1147 26.67 -4.19 -102.54
N GLN C 14 37.46 30.39 40.17
CA GLN C 14 36.23 29.85 39.61
C GLN C 14 35.41 30.96 38.94
N CYS C 15 34.98 31.94 39.73
CA CYS C 15 34.22 33.07 39.22
C CYS C 15 35.09 34.19 38.70
N VAL C 16 36.41 34.07 38.80
CA VAL C 16 37.34 35.09 38.34
C VAL C 16 37.57 34.90 36.85
N ASN C 17 37.30 35.93 36.06
CA ASN C 17 37.49 35.88 34.63
C ASN C 17 38.89 36.37 34.26
N LEU C 18 39.33 35.98 33.06
CA LEU C 18 40.63 36.39 32.56
C LEU C 18 40.57 37.85 32.11
N THR C 19 41.41 38.68 32.70
CA THR C 19 41.43 40.11 32.40
C THR C 19 42.35 40.47 31.24
N THR C 20 43.09 39.51 30.70
CA THR C 20 43.98 39.76 29.56
C THR C 20 43.31 39.44 28.23
N ARG C 21 41.99 39.58 28.14
CA ARG C 21 41.24 39.27 26.93
C ARG C 21 40.80 40.55 26.24
N THR C 22 40.95 40.58 24.92
CA THR C 22 40.54 41.71 24.09
C THR C 22 39.45 41.24 23.14
N GLN C 23 38.32 41.95 23.13
CA GLN C 23 37.21 41.58 22.27
C GLN C 23 37.52 41.93 20.82
N LEU C 24 37.27 41.00 19.91
CA LEU C 24 37.50 41.17 18.50
C LEU C 24 36.24 40.80 17.72
N PRO C 25 36.00 41.44 16.57
CA PRO C 25 34.83 41.09 15.78
C PRO C 25 34.95 39.69 15.20
N PRO C 26 33.84 38.96 15.07
CA PRO C 26 33.88 37.59 14.50
C PRO C 26 34.00 37.58 12.97
N ALA C 27 35.24 37.69 12.51
CA ALA C 27 35.52 37.62 11.08
C ALA C 27 35.22 36.22 10.54
N TYR C 28 34.81 36.16 9.28
CA TYR C 28 34.41 34.92 8.64
C TYR C 28 35.35 34.60 7.48
N THR C 29 35.51 33.31 7.20
CA THR C 29 36.25 32.84 6.03
C THR C 29 35.36 31.88 5.24
N ASN C 30 35.88 31.28 4.17
CA ASN C 30 35.09 30.37 3.35
C ASN C 30 35.68 28.96 3.40
N SER C 31 34.83 27.99 3.10
CA SER C 31 35.22 26.59 2.99
C SER C 31 34.89 26.10 1.59
N PHE C 32 35.88 25.51 0.92
CA PHE C 32 35.68 25.05 -0.46
C PHE C 32 34.92 23.73 -0.49
N THR C 33 35.51 22.68 0.08
CA THR C 33 34.90 21.35 0.07
C THR C 33 35.01 20.66 1.42
N ARG C 34 34.98 21.42 2.51
CA ARG C 34 35.10 20.85 3.83
C ARG C 34 33.73 20.37 4.33
N GLY C 35 33.75 19.74 5.50
CA GLY C 35 32.52 19.28 6.15
C GLY C 35 31.79 18.16 5.45
N VAL C 36 32.51 17.14 4.98
CA VAL C 36 31.92 15.96 4.37
C VAL C 36 32.35 14.74 5.17
N TYR C 37 31.38 13.96 5.64
CA TYR C 37 31.61 12.78 6.46
C TYR C 37 30.80 11.62 5.91
N TYR C 38 31.12 10.43 6.38
CA TYR C 38 30.35 9.25 6.01
C TYR C 38 29.02 9.27 6.76
N PRO C 39 27.88 9.30 6.06
CA PRO C 39 26.60 9.43 6.77
C PRO C 39 26.08 8.13 7.35
N ASP C 40 26.52 6.98 6.84
CA ASP C 40 25.99 5.70 7.28
C ASP C 40 27.14 4.69 7.30
N LYS C 41 26.81 3.43 7.52
CA LYS C 41 27.81 2.38 7.68
C LYS C 41 27.68 1.34 6.58
N VAL C 42 27.52 1.78 5.34
CA VAL C 42 27.37 0.90 4.19
C VAL C 42 28.54 1.15 3.24
N PHE C 43 29.12 0.05 2.76
CA PHE C 43 30.28 0.11 1.87
C PHE C 43 29.81 0.20 0.41
N ARG C 44 30.45 1.08 -0.35
CA ARG C 44 30.15 1.27 -1.76
C ARG C 44 31.44 1.28 -2.57
N SER C 45 31.36 0.82 -3.81
CA SER C 45 32.52 0.70 -4.68
C SER C 45 32.16 1.21 -6.07
N SER C 46 32.74 2.35 -6.46
CA SER C 46 32.63 2.93 -7.80
C SER C 46 31.18 3.21 -8.18
N VAL C 47 30.37 3.64 -7.21
CA VAL C 47 28.96 3.93 -7.42
C VAL C 47 28.62 5.22 -6.70
N LEU C 48 27.56 5.88 -7.15
CA LEU C 48 27.16 7.19 -6.63
C LEU C 48 25.69 7.16 -6.26
N HIS C 49 25.39 7.46 -4.99
CA HIS C 49 24.03 7.78 -4.57
C HIS C 49 24.08 8.99 -3.65
N SER C 50 22.92 9.59 -3.44
CA SER C 50 22.77 10.78 -2.63
C SER C 50 22.23 10.42 -1.24
N THR C 51 22.54 11.29 -0.27
CA THR C 51 22.08 11.14 1.10
C THR C 51 21.54 12.49 1.58
N GLN C 52 20.63 12.42 2.55
CA GLN C 52 19.97 13.60 3.10
C GLN C 52 20.23 13.67 4.60
N ASP C 53 21.36 14.27 4.98
CA ASP C 53 21.65 14.52 6.38
C ASP C 53 22.13 15.96 6.56
N LEU C 54 22.59 16.30 7.75
CA LEU C 54 23.08 17.64 8.02
C LEU C 54 24.54 17.74 7.54
N PHE C 55 24.78 18.62 6.57
CA PHE C 55 26.10 18.78 5.98
C PHE C 55 26.48 20.25 5.97
N LEU C 56 27.79 20.50 5.92
CA LEU C 56 28.28 21.87 5.77
C LEU C 56 28.27 22.24 4.30
N PRO C 57 27.62 23.33 3.92
CA PRO C 57 27.56 23.73 2.50
C PRO C 57 28.91 24.17 1.96
N PHE C 58 29.07 23.98 0.65
CA PHE C 58 30.25 24.51 -0.03
C PHE C 58 30.10 26.01 -0.24
N PHE C 59 31.24 26.71 -0.21
CA PHE C 59 31.33 28.16 -0.38
C PHE C 59 30.48 28.91 0.64
N SER C 60 30.39 28.36 1.85
CA SER C 60 29.66 28.97 2.95
C SER C 60 30.64 29.74 3.83
N ASN C 61 30.16 30.20 4.98
CA ASN C 61 30.98 30.95 5.93
C ASN C 61 31.03 30.22 7.26
N VAL C 62 32.24 30.05 7.78
CA VAL C 62 32.46 29.57 9.14
C VAL C 62 33.08 30.72 9.94
N THR C 63 32.63 30.86 11.18
CA THR C 63 33.19 31.92 12.03
C THR C 63 34.63 31.57 12.39
N TRP C 64 35.44 32.60 12.68
CA TRP C 64 36.84 32.41 13.04
C TRP C 64 37.04 32.90 14.46
N PHE C 65 37.58 32.03 15.31
CA PHE C 65 37.86 32.35 16.70
C PHE C 65 39.36 32.22 16.96
N HIS C 66 39.88 33.13 17.78
CA HIS C 66 41.30 33.21 18.06
C HIS C 66 41.63 32.65 19.44
N ALA C 67 42.86 32.15 19.58
CA ALA C 67 43.37 31.70 20.86
C ALA C 67 44.79 32.18 21.09
N ILE C 68 45.15 33.33 20.52
CA ILE C 68 46.47 33.91 20.67
C ILE C 68 46.49 34.79 21.92
N HIS C 69 47.66 34.89 22.55
CA HIS C 69 47.90 35.67 23.77
C HIS C 69 47.44 37.12 23.69
N LYS C 77 46.18 38.04 21.01
CA LYS C 77 45.51 39.24 21.49
C LYS C 77 44.07 38.96 21.94
N ARG C 78 43.42 38.01 21.27
CA ARG C 78 42.01 37.72 21.51
C ARG C 78 41.85 36.42 22.27
N PHE C 79 41.01 36.44 23.31
CA PHE C 79 40.62 35.24 24.03
C PHE C 79 39.15 35.36 24.39
N ASP C 80 38.35 34.41 23.89
CA ASP C 80 36.92 34.40 24.16
C ASP C 80 36.39 33.00 23.90
N ASN C 81 35.53 32.53 24.80
CA ASN C 81 34.90 31.21 24.69
C ASN C 81 33.40 31.39 24.77
N PRO C 82 32.74 31.72 23.67
CA PRO C 82 31.30 31.97 23.69
C PRO C 82 30.51 30.67 23.79
N VAL C 83 29.20 30.83 23.99
CA VAL C 83 28.26 29.71 24.05
C VAL C 83 27.37 29.79 22.83
N LEU C 84 27.28 28.68 22.09
CA LEU C 84 26.58 28.69 20.82
C LEU C 84 25.50 27.61 20.79
N PRO C 85 24.41 27.83 20.05
CA PRO C 85 23.39 26.79 19.90
C PRO C 85 23.93 25.57 19.16
N PHE C 86 23.35 24.41 19.46
CA PHE C 86 23.80 23.15 18.90
C PHE C 86 22.71 22.36 18.19
N ASN C 87 21.45 22.76 18.28
CA ASN C 87 20.36 21.99 17.68
C ASN C 87 20.40 22.01 16.16
N ASP C 88 21.03 23.00 15.56
CA ASP C 88 21.15 23.06 14.10
C ASP C 88 22.30 22.23 13.56
N GLY C 89 23.20 21.76 14.42
CA GLY C 89 24.38 21.05 13.97
C GLY C 89 25.55 21.99 13.76
N VAL C 90 26.69 21.70 14.38
CA VAL C 90 27.85 22.58 14.37
C VAL C 90 29.03 21.83 13.75
N TYR C 91 29.61 22.41 12.71
CA TYR C 91 30.84 21.90 12.14
C TYR C 91 32.02 22.49 12.90
N PHE C 92 33.05 21.66 13.13
CA PHE C 92 34.22 22.07 13.88
C PHE C 92 35.47 21.90 13.03
N ALA C 93 36.40 22.83 13.17
CA ALA C 93 37.65 22.80 12.43
C ALA C 93 38.73 23.49 13.25
N SER C 94 39.86 22.83 13.45
CA SER C 94 40.95 23.36 14.24
C SER C 94 42.26 23.32 13.47
N THR C 95 43.02 24.40 13.57
CA THR C 95 44.40 24.44 13.08
C THR C 95 45.31 24.54 14.30
N GLU C 96 46.27 23.61 14.40
CA GLU C 96 47.00 23.42 15.64
C GLU C 96 48.50 23.30 15.36
N LYS C 97 49.29 23.84 16.28
CA LYS C 97 50.75 23.73 16.23
C LYS C 97 51.34 23.21 17.53
N SER C 98 50.77 23.59 18.68
CA SER C 98 51.35 23.23 19.98
C SER C 98 50.34 22.58 20.92
N ASN C 99 49.29 21.96 20.37
CA ASN C 99 48.32 21.15 21.12
C ASN C 99 47.62 21.95 22.22
N ILE C 100 47.22 23.18 21.90
CA ILE C 100 46.49 24.00 22.86
C ILE C 100 45.08 23.46 23.08
N ILE C 101 44.40 23.09 22.00
CA ILE C 101 43.04 22.59 22.10
C ILE C 101 43.08 21.15 22.59
N ARG C 102 42.35 20.87 23.66
CA ARG C 102 42.35 19.56 24.30
C ARG C 102 41.01 18.86 24.20
N GLY C 103 39.94 19.49 24.67
CA GLY C 103 38.64 18.87 24.67
C GLY C 103 37.50 19.85 24.54
N TRP C 104 36.29 19.41 24.85
CA TRP C 104 35.12 20.27 24.77
C TRP C 104 34.13 19.88 25.86
N ILE C 105 33.22 20.80 26.18
CA ILE C 105 32.20 20.60 27.20
C ILE C 105 30.84 20.73 26.54
N PHE C 106 30.00 19.71 26.68
CA PHE C 106 28.68 19.68 26.07
C PHE C 106 27.67 19.60 27.20
N GLY C 107 26.79 20.59 27.27
CA GLY C 107 25.75 20.60 28.29
C GLY C 107 24.46 21.18 27.77
N THR C 108 23.33 20.62 28.22
CA THR C 108 22.03 21.14 27.81
C THR C 108 21.79 22.53 28.38
N THR C 109 22.08 22.73 29.67
CA THR C 109 22.00 24.03 30.30
C THR C 109 23.32 24.53 30.84
N LEU C 110 24.39 23.72 30.77
CA LEU C 110 25.73 24.03 31.28
C LEU C 110 25.65 24.41 32.76
N ASP C 111 25.11 23.47 33.55
CA ASP C 111 24.96 23.66 34.98
C ASP C 111 24.80 22.29 35.63
N SER C 112 24.46 22.29 36.92
CA SER C 112 24.22 21.07 37.66
C SER C 112 22.77 20.63 37.62
N LYS C 113 21.90 21.40 36.96
CA LYS C 113 20.49 21.02 36.90
C LYS C 113 20.27 19.84 35.96
N THR C 114 20.96 19.81 34.83
CA THR C 114 20.81 18.77 33.83
C THR C 114 22.15 18.06 33.62
N GLN C 115 22.06 16.85 33.08
CA GLN C 115 23.26 16.08 32.77
C GLN C 115 24.00 16.70 31.60
N SER C 116 25.33 16.59 31.64
CA SER C 116 26.19 17.17 30.61
C SER C 116 27.20 16.12 30.15
N LEU C 117 27.66 16.28 28.91
CA LEU C 117 28.55 15.29 28.29
C LEU C 117 29.99 15.75 28.46
N LEU C 118 30.81 14.88 29.05
CA LEU C 118 32.24 15.09 29.17
C LEU C 118 32.95 14.22 28.13
N ILE C 119 33.75 14.84 27.26
CA ILE C 119 34.53 14.09 26.29
C ILE C 119 35.98 14.56 26.22
N VAL C 120 36.44 15.29 27.24
CA VAL C 120 37.81 15.79 27.27
C VAL C 120 38.79 14.64 27.48
N ASN C 121 40.09 14.90 27.33
CA ASN C 121 41.09 13.83 27.30
C ASN C 121 42.08 13.99 28.45
N ASN C 122 42.29 12.88 29.16
CA ASN C 122 43.41 12.69 30.10
C ASN C 122 44.61 12.27 29.26
N ALA C 123 45.18 13.26 28.57
CA ALA C 123 46.35 13.12 27.69
C ALA C 123 46.12 12.07 26.61
N THR C 124 46.23 10.79 26.98
CA THR C 124 46.00 9.69 26.05
C THR C 124 44.60 9.10 26.22
N ASN C 125 44.26 8.68 27.43
CA ASN C 125 42.96 8.08 27.70
C ASN C 125 41.87 9.14 27.73
N VAL C 126 41.10 9.25 26.64
CA VAL C 126 40.06 10.25 26.53
C VAL C 126 38.97 9.97 27.56
N VAL C 127 38.60 10.99 28.32
CA VAL C 127 37.63 10.84 29.42
C VAL C 127 36.25 11.13 28.83
N ILE C 128 35.55 10.08 28.42
CA ILE C 128 34.14 10.18 28.05
C ILE C 128 33.29 9.78 29.24
N LYS C 129 32.57 10.76 29.79
CA LYS C 129 31.70 10.57 30.93
C LYS C 129 30.44 11.40 30.72
N VAL C 130 29.36 11.01 31.41
CA VAL C 130 28.15 11.80 31.48
C VAL C 130 27.70 11.89 32.92
N CYS C 131 28.00 13.02 33.57
CA CYS C 131 27.50 13.33 34.91
C CYS C 131 26.97 14.76 34.94
N GLU C 132 26.54 15.19 36.11
CA GLU C 132 26.06 16.56 36.31
C GLU C 132 27.18 17.40 36.92
N PHE C 133 28.16 17.73 36.08
CA PHE C 133 29.32 18.47 36.53
C PHE C 133 28.97 19.94 36.81
N GLN C 134 29.68 20.51 37.77
CA GLN C 134 29.55 21.93 38.07
C GLN C 134 30.69 22.68 37.38
N PHE C 135 30.33 23.61 36.51
CA PHE C 135 31.29 24.32 35.67
C PHE C 135 31.47 25.75 36.17
N CYS C 136 32.66 26.29 35.93
CA CYS C 136 32.98 27.66 36.30
C CYS C 136 32.66 28.60 35.14
N ASN C 137 32.92 29.89 35.34
CA ASN C 137 32.70 30.88 34.29
C ASN C 137 33.73 30.77 33.17
N ASP C 138 34.90 30.21 33.44
CA ASP C 138 35.95 30.05 32.43
C ASP C 138 36.80 28.85 32.80
N PRO C 139 36.48 27.68 32.26
CA PRO C 139 37.30 26.49 32.54
C PRO C 139 38.49 26.43 31.60
N PHE C 140 39.67 26.15 32.16
CA PHE C 140 40.89 25.98 31.36
C PHE C 140 41.81 25.01 32.09
N LEU C 141 43.06 24.97 31.65
CA LEU C 141 44.08 24.12 32.26
C LEU C 141 45.25 24.98 32.71
N GLY C 142 45.88 24.55 33.80
CA GLY C 142 47.00 25.28 34.38
C GLY C 142 48.33 24.65 34.02
N VAL C 143 49.29 25.49 33.67
CA VAL C 143 50.65 25.07 33.32
C VAL C 143 51.62 25.73 34.28
N TYR C 144 52.49 24.92 34.89
CA TYR C 144 53.43 25.43 35.88
C TYR C 144 54.86 24.99 35.56
N TYR C 145 55.77 25.21 36.52
CA TYR C 145 57.19 24.87 36.39
C TYR C 145 57.84 25.57 35.20
N HIS C 146 57.84 26.91 35.25
CA HIS C 146 58.37 27.75 34.19
C HIS C 146 59.74 28.31 34.54
N LYS C 147 60.49 27.64 35.40
CA LYS C 147 61.82 28.12 35.79
C LYS C 147 62.87 27.73 34.75
N ASN C 148 63.07 26.43 34.56
CA ASN C 148 64.02 25.92 33.58
C ASN C 148 63.58 24.53 33.14
N ASN C 149 63.73 24.25 31.84
CA ASN C 149 63.26 23.02 31.20
C ASN C 149 61.77 22.80 31.47
N LYS C 150 60.97 23.75 31.00
CA LYS C 150 59.55 23.76 31.31
C LYS C 150 58.80 22.69 30.52
N SER C 151 58.84 22.77 29.18
CA SER C 151 58.19 21.87 28.24
C SER C 151 56.67 21.82 28.43
N TRP C 152 56.10 22.89 29.01
CA TRP C 152 54.65 23.06 29.20
C TRP C 152 54.04 21.92 29.98
N MET C 153 54.46 21.80 31.24
CA MET C 153 53.95 20.76 32.12
C MET C 153 52.69 21.24 32.83
N GLU C 154 51.64 20.43 32.76
CA GLU C 154 50.33 20.78 33.31
C GLU C 154 50.10 20.05 34.62
N SER C 155 49.77 20.82 35.67
CA SER C 155 49.51 20.25 36.98
C SER C 155 48.18 20.69 37.59
N GLU C 156 47.46 21.62 36.97
CA GLU C 156 46.19 22.10 37.49
C GLU C 156 45.07 21.67 36.55
N PHE C 157 44.02 21.07 37.12
CA PHE C 157 42.85 20.62 36.38
C PHE C 157 41.66 21.43 36.87
N ARG C 158 41.28 22.45 36.10
CA ARG C 158 40.20 23.37 36.45
C ARG C 158 39.09 23.34 35.41
N VAL C 159 38.73 22.14 34.95
CA VAL C 159 37.65 22.01 33.97
C VAL C 159 36.30 22.08 34.66
N TYR C 160 36.12 21.30 35.74
CA TYR C 160 34.86 21.24 36.45
C TYR C 160 35.12 21.30 37.95
N SER C 161 34.10 21.66 38.70
CA SER C 161 34.20 21.78 40.16
C SER C 161 33.92 20.44 40.85
N SER C 162 32.73 19.88 40.61
CA SER C 162 32.33 18.62 41.22
C SER C 162 31.62 17.77 40.17
N ALA C 163 31.17 16.59 40.60
CA ALA C 163 30.48 15.67 39.71
C ALA C 163 29.57 14.76 40.53
N ASN C 164 28.37 14.51 40.02
CA ASN C 164 27.43 13.61 40.68
C ASN C 164 26.48 13.04 39.64
N ASN C 165 25.87 11.90 40.00
CA ASN C 165 24.90 11.18 39.17
C ASN C 165 25.48 10.82 37.81
N CYS C 166 26.56 10.03 37.86
CA CYS C 166 27.25 9.61 36.65
C CYS C 166 26.54 8.42 36.01
N THR C 167 26.44 8.45 34.68
CA THR C 167 25.81 7.38 33.92
C THR C 167 26.75 6.65 32.97
N PHE C 168 27.91 7.23 32.66
CA PHE C 168 28.87 6.60 31.78
C PHE C 168 30.26 7.06 32.17
N GLU C 169 31.26 6.22 31.91
CA GLU C 169 32.65 6.56 32.19
C GLU C 169 33.55 5.74 31.29
N TYR C 170 34.50 6.39 30.63
CA TYR C 170 35.51 5.73 29.82
C TYR C 170 36.88 6.25 30.20
N VAL C 171 37.85 5.36 30.29
CA VAL C 171 39.23 5.74 30.57
C VAL C 171 40.12 5.33 29.40
N PHE C 186 51.44 26.64 10.96
CA PHE C 186 50.73 25.50 11.52
C PHE C 186 51.07 24.22 10.78
N LYS C 187 50.96 23.08 11.45
CA LYS C 187 51.35 21.80 10.90
C LYS C 187 50.23 20.77 10.85
N ASN C 188 49.24 20.85 11.73
CA ASN C 188 48.19 19.85 11.82
C ASN C 188 46.82 20.50 11.71
N LEU C 189 45.90 19.82 11.03
CA LEU C 189 44.52 20.27 10.88
C LEU C 189 43.60 19.18 11.42
N ARG C 190 42.63 19.59 12.24
CA ARG C 190 41.65 18.67 12.81
C ARG C 190 40.25 19.18 12.47
N GLU C 191 39.46 18.35 11.82
CA GLU C 191 38.08 18.66 11.48
C GLU C 191 37.14 17.70 12.21
N PHE C 192 36.08 18.26 12.80
CA PHE C 192 35.14 17.48 13.59
C PHE C 192 33.71 17.88 13.24
N VAL C 193 32.81 16.90 13.27
CA VAL C 193 31.37 17.14 13.30
C VAL C 193 30.80 16.37 14.49
N PHE C 194 30.01 17.05 15.31
CA PHE C 194 29.35 16.45 16.46
C PHE C 194 27.85 16.56 16.27
N LYS C 195 27.14 15.47 16.50
CA LYS C 195 25.69 15.44 16.30
C LYS C 195 25.09 14.36 17.18
N ASN C 196 23.77 14.48 17.39
CA ASN C 196 23.00 13.51 18.17
C ASN C 196 21.88 12.95 17.30
N ILE C 197 21.75 11.62 17.31
CA ILE C 197 20.70 10.94 16.55
C ILE C 197 19.90 10.13 17.57
N ASP C 198 18.79 10.71 18.05
CA ASP C 198 17.90 10.11 19.04
C ASP C 198 18.65 9.68 20.31
N GLY C 199 19.52 10.56 20.79
CA GLY C 199 20.31 10.28 21.97
C GLY C 199 21.63 9.59 21.73
N TYR C 200 21.94 9.23 20.49
CA TYR C 200 23.20 8.58 20.14
C TYR C 200 24.15 9.63 19.59
N PHE C 201 25.33 9.72 20.18
CA PHE C 201 26.31 10.75 19.81
C PHE C 201 27.31 10.18 18.83
N LYS C 202 27.52 10.90 17.73
CA LYS C 202 28.45 10.50 16.68
C LYS C 202 29.56 11.54 16.56
N ILE C 203 30.80 11.07 16.45
CA ILE C 203 31.96 11.93 16.29
C ILE C 203 32.72 11.51 15.04
N TYR C 204 33.35 12.48 14.38
CA TYR C 204 34.11 12.25 13.17
C TYR C 204 35.40 13.06 13.22
N SER C 205 36.46 12.50 12.63
CA SER C 205 37.74 13.23 12.62
C SER C 205 38.58 12.74 11.45
N LYS C 206 39.59 13.55 11.11
CA LYS C 206 40.57 13.22 10.08
C LYS C 206 41.80 14.08 10.31
N HIS C 207 42.98 13.46 10.22
CA HIS C 207 44.25 14.12 10.44
C HIS C 207 44.98 14.29 9.12
N THR C 208 45.44 15.51 8.85
CA THR C 208 46.17 15.79 7.62
C THR C 208 47.15 16.94 7.86
N PRO C 209 48.35 16.87 7.28
CA PRO C 209 49.29 17.99 7.43
C PRO C 209 48.86 19.20 6.62
N ILE C 210 49.21 20.38 7.13
CA ILE C 210 48.88 21.65 6.49
C ILE C 210 50.08 22.59 6.62
N ASN C 211 50.04 23.67 5.84
CA ASN C 211 51.04 24.74 5.95
C ASN C 211 50.33 26.04 5.57
N LEU C 212 49.86 26.77 6.57
CA LEU C 212 49.10 27.99 6.33
C LEU C 212 49.21 28.87 7.56
N VAL C 213 48.55 30.03 7.51
CA VAL C 213 48.48 30.95 8.64
C VAL C 213 47.01 31.18 9.00
N ARG C 214 46.25 31.70 8.04
CA ARG C 214 44.84 32.04 8.27
C ARG C 214 43.90 31.26 7.36
N ASP C 215 44.14 31.27 6.06
CA ASP C 215 43.18 30.74 5.09
C ASP C 215 43.16 29.22 5.10
N LEU C 216 41.95 28.65 5.10
CA LEU C 216 41.79 27.22 4.99
C LEU C 216 42.18 26.76 3.58
N PRO C 217 42.74 25.55 3.45
CA PRO C 217 43.10 25.06 2.12
C PRO C 217 41.87 24.76 1.27
N GLN C 218 42.05 24.91 -0.04
CA GLN C 218 41.00 24.59 -1.01
C GLN C 218 41.11 23.15 -1.48
N GLY C 219 41.17 22.22 -0.53
CA GLY C 219 41.26 20.81 -0.83
C GLY C 219 40.09 20.02 -0.30
N PHE C 220 40.25 18.70 -0.17
CA PHE C 220 39.17 17.84 0.31
C PHE C 220 39.73 16.86 1.33
N SER C 221 38.88 16.51 2.30
CA SER C 221 39.22 15.53 3.31
C SER C 221 37.97 14.73 3.67
N ALA C 222 38.13 13.42 3.84
CA ALA C 222 37.05 12.53 4.23
C ALA C 222 37.09 12.34 5.74
N LEU C 223 35.94 12.51 6.39
CA LEU C 223 35.85 12.47 7.84
C LEU C 223 35.34 11.11 8.29
N GLU C 224 36.15 10.42 9.11
CA GLU C 224 35.95 9.05 9.54
C GLU C 224 35.37 9.01 10.95
N PRO C 225 34.36 8.18 11.22
CA PRO C 225 33.87 8.02 12.59
C PRO C 225 34.89 7.30 13.46
N LEU C 226 34.77 7.52 14.77
CA LEU C 226 35.69 6.92 15.74
C LEU C 226 35.00 5.93 16.67
N VAL C 227 33.99 6.39 17.41
CA VAL C 227 33.25 5.57 18.35
C VAL C 227 31.79 6.02 18.33
N ASP C 228 30.96 5.32 19.09
CA ASP C 228 29.55 5.66 19.26
C ASP C 228 29.26 5.81 20.74
N LEU C 229 28.55 6.89 21.10
CA LEU C 229 28.29 7.23 22.49
C LEU C 229 26.79 7.34 22.71
N PRO C 230 26.13 6.31 23.24
CA PRO C 230 24.68 6.42 23.54
C PRO C 230 24.40 7.21 24.81
N ILE C 231 24.53 8.53 24.70
CA ILE C 231 24.39 9.39 25.87
C ILE C 231 22.92 9.56 26.27
N GLY C 232 22.00 9.46 25.32
CA GLY C 232 20.57 9.49 25.60
C GLY C 232 20.04 10.80 26.16
N ILE C 233 20.78 11.90 26.07
CA ILE C 233 20.34 13.18 26.61
C ILE C 233 20.39 14.22 25.51
N ASN C 234 19.71 15.33 25.74
CA ASN C 234 19.71 16.45 24.80
C ASN C 234 21.06 17.14 24.79
N ILE C 235 21.34 17.83 23.68
CA ILE C 235 22.49 18.73 23.64
C ILE C 235 22.10 20.00 22.89
N THR C 236 22.16 21.14 23.58
CA THR C 236 21.74 22.41 23.02
C THR C 236 22.87 23.44 22.95
N ARG C 237 23.84 23.37 23.86
CA ARG C 237 24.91 24.35 23.92
C ARG C 237 26.23 23.63 24.17
N PHE C 238 27.32 24.26 23.73
CA PHE C 238 28.64 23.65 23.87
C PHE C 238 29.69 24.73 24.08
N GLN C 239 30.84 24.31 24.60
CA GLN C 239 31.97 25.19 24.81
C GLN C 239 33.25 24.50 24.34
N THR C 240 34.35 25.24 24.38
CA THR C 240 35.64 24.75 23.92
C THR C 240 36.68 24.93 25.02
N LEU C 241 37.46 23.89 25.28
CA LEU C 241 38.52 23.96 26.27
C LEU C 241 39.74 24.67 25.71
N LEU C 242 40.41 25.43 26.57
CA LEU C 242 41.60 26.17 26.19
C LEU C 242 42.68 25.95 27.25
N ALA C 243 43.93 26.18 26.86
CA ALA C 243 45.08 26.02 27.74
C ALA C 243 45.71 27.36 28.03
N LEU C 244 46.14 27.56 29.28
CA LEU C 244 46.76 28.79 29.71
C LEU C 244 47.96 28.48 30.60
N HIS C 245 48.91 29.40 30.63
CA HIS C 245 50.13 29.25 31.43
C HIS C 245 50.42 30.53 32.19
N ARG C 246 51.13 30.39 33.30
CA ARG C 246 51.52 31.53 34.11
C ARG C 246 52.84 31.21 34.81
N SER C 247 53.81 32.11 34.68
CA SER C 247 55.12 31.92 35.29
C SER C 247 55.18 32.55 36.68
N SER C 255 42.62 33.91 38.79
CA SER C 255 42.70 33.45 37.41
C SER C 255 42.45 34.60 36.43
N SER C 256 43.34 35.58 36.44
CA SER C 256 43.20 36.75 35.58
C SER C 256 44.49 37.15 34.87
N GLY C 257 45.64 36.65 35.28
CA GLY C 257 46.91 37.01 34.65
C GLY C 257 47.50 35.91 33.79
N TRP C 258 46.66 34.96 33.37
CA TRP C 258 47.14 33.82 32.59
C TRP C 258 47.43 34.24 31.15
N THR C 259 48.36 33.52 30.53
CA THR C 259 48.78 33.77 29.16
C THR C 259 48.92 32.44 28.44
N ALA C 260 48.78 32.47 27.11
CA ALA C 260 48.94 31.26 26.31
C ALA C 260 49.84 31.52 25.10
N GLY C 261 49.93 30.54 24.21
CA GLY C 261 50.75 30.66 23.02
C GLY C 261 49.99 31.17 21.81
N ALA C 262 49.91 30.35 20.77
CA ALA C 262 49.23 30.73 19.54
C ALA C 262 48.41 29.55 19.04
N ALA C 263 47.11 29.76 18.87
CA ALA C 263 46.22 28.73 18.36
C ALA C 263 45.00 29.40 17.73
N ALA C 264 44.30 28.62 16.90
CA ALA C 264 43.09 29.11 16.25
C ALA C 264 42.21 27.93 15.90
N TYR C 265 40.91 28.21 15.77
CA TYR C 265 39.95 27.17 15.40
C TYR C 265 38.75 27.83 14.72
N TYR C 266 38.00 27.02 13.98
CA TYR C 266 36.83 27.47 13.25
C TYR C 266 35.61 26.67 13.67
N VAL C 267 34.46 27.34 13.67
CA VAL C 267 33.19 26.74 14.03
C VAL C 267 32.20 26.98 12.91
N GLY C 268 31.54 25.92 12.44
CA GLY C 268 30.56 26.00 11.39
C GLY C 268 29.16 25.69 11.87
N TYR C 269 28.24 25.71 10.91
CA TYR C 269 26.84 25.37 11.16
C TYR C 269 26.34 24.48 10.03
N LEU C 270 25.36 23.64 10.35
CA LEU C 270 24.84 22.66 9.41
C LEU C 270 23.38 22.94 9.08
N GLN C 271 22.99 22.57 7.86
CA GLN C 271 21.62 22.61 7.42
C GLN C 271 21.26 21.26 6.80
N PRO C 272 20.02 20.79 6.99
CA PRO C 272 19.64 19.48 6.41
C PRO C 272 19.40 19.54 4.91
N ARG C 273 20.48 19.49 4.14
CA ARG C 273 20.42 19.51 2.69
C ARG C 273 21.09 18.27 2.11
N THR C 274 20.67 17.91 0.91
CA THR C 274 21.16 16.69 0.26
C THR C 274 22.54 16.90 -0.33
N PHE C 275 23.30 15.81 -0.39
CA PHE C 275 24.67 15.83 -0.87
C PHE C 275 24.90 14.65 -1.80
N LEU C 276 25.88 14.79 -2.69
CA LEU C 276 26.33 13.71 -3.54
C LEU C 276 27.66 13.16 -3.02
N LEU C 277 27.80 11.85 -3.04
CA LEU C 277 29.00 11.19 -2.56
C LEU C 277 29.59 10.33 -3.67
N LYS C 278 30.89 10.49 -3.91
CA LYS C 278 31.61 9.71 -4.90
C LYS C 278 32.50 8.70 -4.19
N TYR C 279 32.40 7.45 -4.59
CA TYR C 279 33.17 6.36 -4.01
C TYR C 279 34.15 5.84 -5.05
N ASN C 280 35.40 5.65 -4.63
CA ASN C 280 36.44 5.12 -5.50
C ASN C 280 36.29 3.60 -5.58
N GLU C 281 37.31 2.92 -6.11
CA GLU C 281 37.18 1.47 -6.27
C GLU C 281 37.23 0.75 -4.93
N ASN C 282 37.92 1.30 -3.93
CA ASN C 282 37.71 0.67 -2.64
C ASN C 282 36.44 1.19 -2.00
N GLY C 283 36.54 2.28 -1.24
CA GLY C 283 35.36 2.82 -0.57
C GLY C 283 35.43 4.28 -0.17
N THR C 284 36.51 4.97 -0.51
CA THR C 284 36.77 6.25 0.12
C THR C 284 36.14 7.40 -0.66
N ILE C 285 35.66 8.40 0.08
CA ILE C 285 35.03 9.57 -0.52
C ILE C 285 36.12 10.43 -1.15
N THR C 286 36.10 10.56 -2.47
CA THR C 286 37.09 11.35 -3.18
C THR C 286 36.69 12.82 -3.27
N ASP C 287 35.44 13.09 -3.61
CA ASP C 287 34.92 14.45 -3.65
C ASP C 287 33.40 14.40 -3.54
N ALA C 288 32.81 15.56 -3.25
CA ALA C 288 31.38 15.65 -3.01
C ALA C 288 30.80 16.84 -3.76
N VAL C 289 29.49 16.78 -4.00
CA VAL C 289 28.76 17.84 -4.69
C VAL C 289 27.45 18.08 -3.96
N ASP C 290 27.18 19.32 -3.60
CA ASP C 290 25.90 19.69 -3.02
C ASP C 290 24.91 20.07 -4.13
N CYS C 291 23.63 20.11 -3.78
CA CYS C 291 22.58 20.35 -4.76
C CYS C 291 21.87 21.69 -4.55
N ALA C 292 22.48 22.63 -3.83
CA ALA C 292 21.81 23.89 -3.57
C ALA C 292 22.74 25.11 -3.64
N LEU C 293 23.87 25.01 -4.35
CA LEU C 293 24.76 26.15 -4.50
C LEU C 293 24.91 26.57 -5.96
N ASP C 294 25.18 25.63 -6.85
CA ASP C 294 25.36 25.92 -8.26
C ASP C 294 24.37 25.12 -9.09
N PRO C 295 23.74 25.74 -10.10
CA PRO C 295 22.86 24.97 -10.99
C PRO C 295 23.58 23.89 -11.78
N LEU C 296 24.87 24.04 -12.04
CA LEU C 296 25.65 22.95 -12.62
C LEU C 296 25.70 21.76 -11.66
N SER C 297 25.91 22.03 -10.38
CA SER C 297 25.85 20.98 -9.37
C SER C 297 24.44 20.40 -9.24
N GLU C 298 23.41 21.22 -9.46
CA GLU C 298 22.04 20.72 -9.46
C GLU C 298 21.80 19.78 -10.64
N THR C 299 22.37 20.09 -11.81
CA THR C 299 22.30 19.18 -12.95
C THR C 299 23.02 17.88 -12.66
N LYS C 300 24.18 17.97 -11.98
CA LYS C 300 24.87 16.76 -11.54
C LYS C 300 24.02 15.93 -10.60
N CYS C 301 23.33 16.58 -9.67
CA CYS C 301 22.48 15.87 -8.72
C CYS C 301 21.29 15.21 -9.40
N THR C 302 20.64 15.90 -10.34
CA THR C 302 19.47 15.32 -11.00
C THR C 302 19.83 14.33 -12.08
N LEU C 303 21.09 14.33 -12.57
CA LEU C 303 21.53 13.31 -13.50
C LEU C 303 22.22 12.15 -12.81
N LYS C 304 22.52 12.27 -11.51
CA LYS C 304 23.14 11.22 -10.69
C LYS C 304 24.49 10.78 -11.25
N SER C 305 25.20 11.70 -11.90
CA SER C 305 26.52 11.43 -12.46
C SER C 305 27.40 12.65 -12.26
N PHE C 306 28.67 12.41 -11.95
CA PHE C 306 29.58 13.51 -11.67
C PHE C 306 29.93 14.28 -12.95
N THR C 307 30.09 13.57 -14.06
CA THR C 307 30.42 14.20 -15.33
C THR C 307 29.13 14.54 -16.08
N VAL C 308 29.03 15.76 -16.56
CA VAL C 308 27.89 16.21 -17.32
C VAL C 308 28.31 16.41 -18.78
N GLU C 309 27.34 16.32 -19.68
CA GLU C 309 27.56 16.49 -21.11
C GLU C 309 26.85 17.75 -21.59
N LYS C 310 27.18 18.14 -22.82
CA LYS C 310 26.57 19.33 -23.42
C LYS C 310 25.10 19.06 -23.73
N GLY C 311 24.21 19.78 -23.07
CA GLY C 311 22.78 19.59 -23.27
C GLY C 311 22.00 20.39 -22.25
N ILE C 312 20.69 20.44 -22.48
CA ILE C 312 19.76 21.10 -21.56
C ILE C 312 19.07 20.04 -20.72
N TYR C 313 18.97 20.30 -19.42
CA TYR C 313 18.40 19.36 -18.48
C TYR C 313 17.44 20.08 -17.54
N GLN C 314 16.34 19.41 -17.21
CA GLN C 314 15.37 19.92 -16.25
C GLN C 314 15.80 19.49 -14.86
N THR C 315 15.92 20.45 -13.95
CA THR C 315 16.40 20.18 -12.60
C THR C 315 15.32 20.36 -11.54
N SER C 316 14.67 21.51 -11.50
CA SER C 316 13.69 21.79 -10.45
C SER C 316 12.48 22.47 -11.08
N ASN C 317 11.56 22.92 -10.24
CA ASN C 317 10.33 23.58 -10.67
C ASN C 317 10.24 24.94 -10.02
N PHE C 318 9.77 25.92 -10.78
CA PHE C 318 9.67 27.30 -10.32
C PHE C 318 8.24 27.60 -9.88
N ARG C 319 8.10 28.09 -8.65
CA ARG C 319 6.81 28.45 -8.09
C ARG C 319 6.88 29.88 -7.56
N VAL C 320 5.84 30.66 -7.80
CA VAL C 320 5.81 32.05 -7.36
C VAL C 320 5.58 32.10 -5.87
N GLN C 321 6.49 32.74 -5.14
CA GLN C 321 6.30 32.96 -3.72
C GLN C 321 5.27 34.06 -3.52
N PRO C 322 4.17 33.81 -2.80
CA PRO C 322 3.13 34.83 -2.66
C PRO C 322 3.57 35.96 -1.73
N THR C 323 3.33 37.20 -2.18
CA THR C 323 3.69 38.36 -1.37
C THR C 323 2.73 38.56 -0.21
N GLU C 324 1.49 38.13 -0.35
CA GLU C 324 0.50 38.29 0.71
C GLU C 324 -0.55 37.18 0.59
N SER C 325 -1.30 36.99 1.65
CA SER C 325 -2.34 35.96 1.73
C SER C 325 -3.71 36.58 1.99
N ILE C 326 -4.02 37.66 1.29
CA ILE C 326 -5.32 38.31 1.47
C ILE C 326 -6.42 37.47 0.84
N VAL C 327 -7.61 37.50 1.45
CA VAL C 327 -8.76 36.72 1.01
C VAL C 327 -9.81 37.68 0.46
N ARG C 328 -10.34 37.35 -0.72
CA ARG C 328 -11.37 38.16 -1.34
C ARG C 328 -12.71 37.95 -0.63
N PHE C 329 -12.96 38.76 0.40
CA PHE C 329 -14.12 38.62 1.27
C PHE C 329 -14.92 39.92 1.26
N PRO C 330 -16.24 39.86 1.18
CA PRO C 330 -16.98 41.10 0.97
C PRO C 330 -17.03 42.07 2.16
N ASN C 331 -17.82 43.11 1.94
CA ASN C 331 -17.90 44.46 2.49
C ASN C 331 -19.32 44.47 3.15
N ILE C 332 -19.45 44.79 4.46
CA ILE C 332 -20.62 45.41 5.15
C ILE C 332 -21.93 44.63 5.02
N THR C 333 -22.52 44.29 6.16
CA THR C 333 -23.80 43.64 6.13
C THR C 333 -24.64 44.29 7.20
N ASN C 334 -25.90 43.87 7.27
CA ASN C 334 -26.83 44.44 8.23
C ASN C 334 -26.37 44.15 9.66
N LEU C 335 -26.62 45.10 10.54
CA LEU C 335 -26.27 44.99 11.95
C LEU C 335 -27.52 44.61 12.76
N CYS C 336 -27.29 43.92 13.87
CA CYS C 336 -28.42 43.30 14.56
C CYS C 336 -29.03 44.26 15.57
N PRO C 337 -30.36 44.36 15.62
CA PRO C 337 -31.02 45.27 16.57
C PRO C 337 -30.96 44.77 18.00
N PHE C 338 -29.78 44.86 18.61
CA PHE C 338 -29.59 44.52 20.02
C PHE C 338 -29.98 45.66 20.94
N GLY C 339 -30.38 46.82 20.39
CA GLY C 339 -30.70 47.96 21.22
C GLY C 339 -31.95 47.77 22.06
N GLU C 340 -32.98 47.15 21.49
CA GLU C 340 -34.23 46.93 22.21
C GLU C 340 -34.23 45.63 23.01
N VAL C 341 -33.14 44.88 23.01
CA VAL C 341 -33.01 43.66 23.80
C VAL C 341 -32.22 43.91 25.07
N PHE C 342 -31.06 44.54 24.95
CA PHE C 342 -30.27 44.92 26.11
C PHE C 342 -30.80 46.19 26.75
N ASN C 343 -30.92 47.25 25.98
CA ASN C 343 -31.43 48.54 26.46
C ASN C 343 -32.93 48.62 26.24
N ALA C 344 -33.65 47.75 26.93
CA ALA C 344 -35.11 47.77 26.91
C ALA C 344 -35.59 48.51 28.14
N THR C 345 -36.36 49.58 27.92
CA THR C 345 -36.87 50.40 29.02
C THR C 345 -37.79 49.63 29.96
N ARG C 346 -38.42 48.56 29.47
CA ARG C 346 -39.21 47.67 30.31
C ARG C 346 -38.98 46.25 29.83
N PHE C 347 -38.48 45.40 30.72
CA PHE C 347 -38.22 44.01 30.41
C PHE C 347 -39.51 43.20 30.55
N ALA C 348 -39.40 41.87 30.48
CA ALA C 348 -40.52 40.97 30.65
C ALA C 348 -40.48 40.34 32.04
N SER C 349 -41.66 39.91 32.48
CA SER C 349 -41.75 39.23 33.77
C SER C 349 -41.17 37.81 33.66
N VAL C 350 -40.87 37.24 34.83
CA VAL C 350 -40.27 35.91 34.87
C VAL C 350 -41.30 34.86 34.45
N TYR C 351 -42.55 35.00 34.91
CA TYR C 351 -43.59 34.03 34.56
C TYR C 351 -43.98 34.09 33.09
N ALA C 352 -43.72 35.22 32.40
CA ALA C 352 -44.07 35.37 31.00
C ALA C 352 -42.96 36.18 30.33
N TRP C 353 -42.02 35.49 29.69
CA TRP C 353 -40.91 36.14 29.01
C TRP C 353 -41.30 36.51 27.59
N ASN C 354 -40.50 37.39 26.98
CA ASN C 354 -40.68 37.81 25.60
C ASN C 354 -39.57 37.18 24.76
N ARG C 355 -39.94 36.22 23.92
CA ARG C 355 -38.98 35.57 23.05
C ARG C 355 -38.82 36.40 21.77
N LYS C 356 -37.58 36.79 21.48
CA LYS C 356 -37.27 37.63 20.33
C LYS C 356 -36.35 36.87 19.39
N ARG C 357 -36.73 36.82 18.11
CA ARG C 357 -35.93 36.17 17.08
C ARG C 357 -35.17 37.24 16.29
N ILE C 358 -33.85 37.15 16.30
CA ILE C 358 -32.99 38.09 15.59
C ILE C 358 -32.48 37.38 14.34
N SER C 359 -32.82 37.91 13.17
CA SER C 359 -32.49 37.27 11.92
C SER C 359 -32.00 38.28 10.90
N ASN C 360 -31.15 37.81 9.98
CA ASN C 360 -30.70 38.54 8.79
C ASN C 360 -29.94 39.82 9.16
N CYS C 361 -28.92 39.66 10.00
CA CYS C 361 -28.04 40.76 10.37
C CYS C 361 -26.73 40.18 10.90
N VAL C 362 -25.93 41.02 11.56
CA VAL C 362 -24.66 40.62 12.13
C VAL C 362 -24.64 40.98 13.60
N ALA C 363 -24.39 40.00 14.46
CA ALA C 363 -24.33 40.18 15.91
C ALA C 363 -22.88 40.45 16.29
N ASP C 364 -22.62 41.64 16.82
CA ASP C 364 -21.30 42.02 17.32
C ASP C 364 -21.38 42.21 18.84
N TYR C 365 -20.50 41.53 19.56
N TYR C 365 -20.49 41.53 19.55
CA TYR C 365 -20.48 41.60 21.02
CA TYR C 365 -20.47 41.58 21.01
C TYR C 365 -19.44 42.56 21.55
C TYR C 365 -19.43 42.55 21.56
N SER C 366 -18.80 43.35 20.69
CA SER C 366 -17.79 44.29 21.12
C SER C 366 -18.36 45.63 21.60
N VAL C 367 -19.66 45.86 21.43
CA VAL C 367 -20.28 47.13 21.76
C VAL C 367 -21.18 47.05 22.98
N LEU C 368 -21.38 45.86 23.56
CA LEU C 368 -22.27 45.75 24.70
C LEU C 368 -21.65 46.34 25.97
N TYR C 369 -20.32 46.31 26.08
CA TYR C 369 -19.63 46.82 27.25
C TYR C 369 -19.16 48.26 27.08
N ASN C 370 -19.71 48.99 26.10
CA ASN C 370 -19.33 50.38 25.91
C ASN C 370 -19.82 51.26 27.07
N SER C 371 -21.03 50.99 27.57
CA SER C 371 -21.54 51.68 28.75
C SER C 371 -22.22 50.77 29.75
N ALA C 372 -22.49 49.51 29.41
CA ALA C 372 -23.15 48.58 30.30
C ALA C 372 -22.12 47.58 30.84
N SER C 373 -22.10 47.41 32.16
CA SER C 373 -21.13 46.53 32.81
C SER C 373 -21.80 45.19 33.09
N PHE C 374 -21.20 44.11 32.57
CA PHE C 374 -21.72 42.78 32.78
C PHE C 374 -21.39 42.27 34.19
N SER C 375 -22.00 41.17 34.56
CA SER C 375 -21.78 40.54 35.85
C SER C 375 -21.23 39.13 35.75
N THR C 376 -21.76 38.29 34.88
CA THR C 376 -21.30 36.91 34.75
C THR C 376 -21.27 36.49 33.29
N PHE C 377 -20.24 35.72 32.92
CA PHE C 377 -20.02 35.23 31.57
C PHE C 377 -19.80 33.73 31.63
N LYS C 378 -20.82 32.95 31.25
CA LYS C 378 -20.65 31.50 31.11
C LYS C 378 -21.39 31.05 29.86
N CYS C 379 -20.65 30.57 28.87
CA CYS C 379 -21.21 30.04 27.63
C CYS C 379 -21.10 28.52 27.67
N TYR C 380 -22.21 27.84 27.35
CA TYR C 380 -22.27 26.39 27.38
C TYR C 380 -22.12 25.84 25.96
N GLY C 381 -21.25 24.85 25.80
CA GLY C 381 -21.00 24.23 24.52
C GLY C 381 -19.90 24.88 23.71
N VAL C 382 -19.74 26.20 23.85
CA VAL C 382 -18.71 26.95 23.14
C VAL C 382 -17.92 27.77 24.15
N SER C 383 -16.70 28.16 23.75
CA SER C 383 -15.91 28.98 24.64
C SER C 383 -16.11 30.46 24.34
N PRO C 384 -16.04 31.32 25.37
CA PRO C 384 -16.22 32.76 25.13
C PRO C 384 -15.13 33.39 24.27
N THR C 385 -13.96 32.78 24.15
CA THR C 385 -12.89 33.33 23.33
C THR C 385 -13.14 33.09 21.84
N LYS C 386 -13.81 32.00 21.49
CA LYS C 386 -13.93 31.57 20.10
C LYS C 386 -15.20 32.08 19.41
N LEU C 387 -15.96 32.96 20.07
CA LEU C 387 -17.28 33.37 19.56
C LEU C 387 -17.22 34.17 18.26
N ASN C 388 -16.04 34.63 17.84
CA ASN C 388 -15.96 35.44 16.63
C ASN C 388 -16.04 34.59 15.36
N ASP C 389 -15.18 33.57 15.25
CA ASP C 389 -15.05 32.82 14.00
C ASP C 389 -15.94 31.59 13.95
N LEU C 390 -17.22 31.77 14.25
CA LEU C 390 -18.28 30.80 13.94
C LEU C 390 -19.58 31.56 13.95
N CYS C 391 -20.62 30.96 13.37
CA CYS C 391 -21.86 31.69 13.23
C CYS C 391 -23.05 30.73 13.28
N PHE C 392 -24.20 31.27 13.65
CA PHE C 392 -25.34 30.50 14.13
C PHE C 392 -26.50 30.57 13.15
N THR C 393 -27.41 29.60 13.27
CA THR C 393 -28.60 29.56 12.43
C THR C 393 -29.69 30.48 12.97
N ASN C 394 -30.10 30.26 14.21
CA ASN C 394 -31.15 31.07 14.83
C ASN C 394 -30.78 31.36 16.27
N VAL C 395 -31.12 32.55 16.73
CA VAL C 395 -30.91 32.96 18.11
C VAL C 395 -32.23 33.44 18.69
N TYR C 396 -32.51 33.05 19.93
CA TYR C 396 -33.75 33.42 20.62
C TYR C 396 -33.38 34.08 21.94
N ALA C 397 -33.90 35.29 22.16
CA ALA C 397 -33.60 36.06 23.36
C ALA C 397 -34.77 35.94 24.33
N ASP C 398 -34.51 35.32 25.48
CA ASP C 398 -35.50 35.18 26.55
C ASP C 398 -35.09 36.13 27.68
N SER C 399 -35.83 37.22 27.83
CA SER C 399 -35.48 38.28 28.76
C SER C 399 -36.36 38.23 30.00
N PHE C 400 -35.71 38.17 31.16
CA PHE C 400 -36.41 38.25 32.44
C PHE C 400 -35.44 38.78 33.48
N VAL C 401 -35.99 39.33 34.56
CA VAL C 401 -35.20 39.94 35.63
C VAL C 401 -35.41 39.12 36.90
N ILE C 402 -34.30 38.64 37.48
CA ILE C 402 -34.35 37.82 38.69
C ILE C 402 -33.54 38.48 39.78
N ARG C 403 -33.45 37.83 40.94
CA ARG C 403 -32.69 38.34 42.07
C ARG C 403 -31.21 38.03 41.88
N GLY C 404 -30.39 38.48 42.85
CA GLY C 404 -28.96 38.27 42.78
C GLY C 404 -28.50 36.96 43.35
N ASP C 405 -29.30 36.35 44.22
CA ASP C 405 -28.97 35.06 44.82
C ASP C 405 -29.54 33.88 44.05
N GLU C 406 -30.25 34.13 42.95
CA GLU C 406 -30.83 33.07 42.12
C GLU C 406 -30.17 33.02 40.75
N VAL C 407 -29.00 33.64 40.58
CA VAL C 407 -28.32 33.66 39.29
C VAL C 407 -27.63 32.35 38.95
N ARG C 408 -27.54 31.42 39.90
CA ARG C 408 -26.93 30.13 39.65
C ARG C 408 -27.94 29.07 39.20
N GLN C 409 -29.23 29.41 39.19
CA GLN C 409 -30.26 28.46 38.78
C GLN C 409 -30.48 28.46 37.27
N ILE C 410 -29.98 29.46 36.55
CA ILE C 410 -30.17 29.52 35.09
C ILE C 410 -28.98 28.78 34.48
N ALA C 411 -29.07 27.45 34.49
CA ALA C 411 -28.07 26.52 33.98
C ALA C 411 -28.65 25.11 34.00
N PRO C 412 -28.34 24.28 33.02
CA PRO C 412 -28.82 22.88 33.06
C PRO C 412 -28.13 22.09 34.16
N GLY C 413 -28.87 21.11 34.69
CA GLY C 413 -28.33 20.16 35.64
C GLY C 413 -28.66 20.42 37.09
N GLN C 414 -29.14 21.62 37.45
CA GLN C 414 -29.43 21.96 38.82
C GLN C 414 -30.88 22.42 38.96
N THR C 415 -31.42 22.23 40.15
CA THR C 415 -32.78 22.65 40.51
C THR C 415 -32.70 23.85 41.45
N GLY C 416 -33.86 24.26 41.97
CA GLY C 416 -33.92 25.40 42.86
C GLY C 416 -35.33 25.92 43.06
N LYS C 417 -35.51 27.23 42.89
CA LYS C 417 -36.82 27.86 42.94
C LYS C 417 -37.32 28.34 41.59
N ILE C 418 -36.41 28.66 40.68
CA ILE C 418 -36.76 29.02 39.31
C ILE C 418 -36.51 27.88 38.33
N ALA C 419 -35.46 27.08 38.55
CA ALA C 419 -35.07 26.03 37.61
C ALA C 419 -36.09 24.91 37.48
N ASP C 420 -37.00 24.77 38.45
CA ASP C 420 -38.04 23.75 38.38
C ASP C 420 -39.46 24.31 38.41
N TYR C 421 -39.63 25.59 38.68
CA TYR C 421 -40.95 26.19 38.78
C TYR C 421 -41.21 27.31 37.79
N ASN C 422 -40.18 28.04 37.36
CA ASN C 422 -40.38 29.17 36.46
C ASN C 422 -39.69 28.97 35.11
N TYR C 423 -38.38 28.70 35.09
CA TYR C 423 -37.63 28.63 33.84
C TYR C 423 -36.66 27.47 33.91
N LYS C 424 -36.82 26.50 33.01
CA LYS C 424 -35.97 25.31 32.97
C LYS C 424 -35.24 25.25 31.63
N LEU C 425 -33.92 25.10 31.70
CA LEU C 425 -33.01 24.97 30.57
C LEU C 425 -32.78 23.49 30.25
N PRO C 426 -32.81 23.12 28.97
CA PRO C 426 -32.53 21.72 28.60
C PRO C 426 -31.07 21.36 28.87
N ASP C 427 -30.84 20.06 29.07
CA ASP C 427 -29.49 19.57 29.32
C ASP C 427 -28.60 19.73 28.08
N ASP C 428 -29.16 19.49 26.90
CA ASP C 428 -28.42 19.64 25.65
C ASP C 428 -28.65 21.04 25.06
N PHE C 429 -28.24 22.04 25.83
CA PHE C 429 -28.42 23.45 25.47
C PHE C 429 -27.07 24.09 25.20
N THR C 430 -26.99 24.86 24.13
CA THR C 430 -25.81 25.64 23.80
C THR C 430 -26.20 27.10 23.67
N GLY C 431 -25.24 27.98 23.93
CA GLY C 431 -25.47 29.41 23.92
C GLY C 431 -24.75 30.06 25.08
N CYS C 432 -25.21 31.25 25.43
CA CYS C 432 -24.61 32.00 26.53
C CYS C 432 -25.68 32.82 27.22
N VAL C 433 -25.39 33.21 28.46
CA VAL C 433 -26.33 33.96 29.28
C VAL C 433 -25.64 35.23 29.77
N ILE C 434 -26.35 36.35 29.70
CA ILE C 434 -25.82 37.65 30.10
C ILE C 434 -26.67 38.20 31.24
N ALA C 435 -26.01 38.68 32.28
CA ALA C 435 -26.66 39.35 33.40
C ALA C 435 -25.87 40.61 33.75
N TRP C 436 -26.60 41.68 34.07
CA TRP C 436 -25.97 42.95 34.41
C TRP C 436 -26.78 43.65 35.50
N ASN C 437 -26.13 44.58 36.19
CA ASN C 437 -26.75 45.29 37.29
C ASN C 437 -27.82 46.25 36.77
N SER C 438 -28.97 46.25 37.44
CA SER C 438 -30.08 47.14 37.11
C SER C 438 -30.67 47.73 38.38
N ASN C 439 -29.81 48.14 39.31
CA ASN C 439 -30.29 48.73 40.57
C ASN C 439 -30.89 50.11 40.34
N ASN C 440 -30.44 50.83 39.31
CA ASN C 440 -31.02 52.11 38.95
C ASN C 440 -32.09 51.98 37.89
N LEU C 441 -31.97 50.99 37.01
CA LEU C 441 -33.00 50.76 35.99
C LEU C 441 -34.28 50.22 36.60
N ASP C 442 -34.16 49.40 37.64
CA ASP C 442 -35.32 48.81 38.31
C ASP C 442 -35.30 49.12 39.80
N SER C 443 -36.20 48.46 40.55
CA SER C 443 -36.32 48.61 42.01
C SER C 443 -36.58 50.07 42.40
N LYS C 444 -37.72 50.58 41.94
CA LYS C 444 -38.11 51.95 42.24
C LYS C 444 -38.52 52.08 43.71
N VAL C 445 -38.50 53.32 44.19
CA VAL C 445 -38.93 53.60 45.56
C VAL C 445 -40.44 53.49 45.64
N GLY C 446 -40.92 52.66 46.56
CA GLY C 446 -42.35 52.42 46.73
C GLY C 446 -42.80 51.03 46.35
N GLY C 447 -41.96 50.25 45.68
CA GLY C 447 -42.32 48.87 45.36
C GLY C 447 -43.10 48.71 44.07
N ASN C 448 -42.51 49.13 42.95
CA ASN C 448 -43.12 48.91 41.65
C ASN C 448 -42.99 47.43 41.29
N TYR C 449 -43.98 46.64 41.69
CA TYR C 449 -43.85 45.18 41.70
C TYR C 449 -44.43 44.56 40.42
N ASN C 450 -43.87 44.99 39.28
CA ASN C 450 -44.14 44.35 38.00
C ASN C 450 -43.16 43.20 37.78
N TYR C 451 -43.21 42.23 38.70
CA TYR C 451 -42.17 41.22 38.85
C TYR C 451 -42.77 39.84 39.10
N LEU C 452 -43.82 39.50 38.36
CA LEU C 452 -44.62 38.31 38.65
C LEU C 452 -43.83 37.04 38.33
N TYR C 453 -43.70 36.16 39.33
CA TYR C 453 -43.06 34.86 39.14
C TYR C 453 -43.90 33.79 39.84
N ARG C 454 -43.65 32.54 39.47
CA ARG C 454 -44.46 31.42 39.94
C ARG C 454 -43.89 30.83 41.22
N LEU C 455 -44.79 30.48 42.14
CA LEU C 455 -44.41 29.85 43.41
C LEU C 455 -44.63 28.34 43.38
N PHE C 456 -45.86 27.90 43.10
CA PHE C 456 -46.22 26.50 43.16
C PHE C 456 -46.76 26.03 41.80
N ARG C 457 -46.50 24.77 41.48
CA ARG C 457 -47.07 24.13 40.31
C ARG C 457 -47.18 22.64 40.57
N LYS C 458 -48.05 21.99 39.80
CA LYS C 458 -48.32 20.56 39.99
C LYS C 458 -47.09 19.71 39.69
N SER C 459 -46.39 20.01 38.60
CA SER C 459 -45.21 19.24 38.20
C SER C 459 -44.12 20.19 37.74
N ASN C 460 -42.90 19.69 37.73
CA ASN C 460 -41.77 20.45 37.21
C ASN C 460 -41.91 20.65 35.71
N LEU C 461 -41.49 21.82 35.24
CA LEU C 461 -41.67 22.16 33.84
C LEU C 461 -40.71 21.39 32.94
N LYS C 462 -41.22 20.95 31.80
CA LYS C 462 -40.36 20.45 30.74
C LYS C 462 -39.54 21.61 30.16
N PRO C 463 -38.35 21.34 29.63
CA PRO C 463 -37.49 22.43 29.14
C PRO C 463 -38.12 23.20 27.98
N PHE C 464 -37.85 24.50 27.97
CA PHE C 464 -38.33 25.45 26.96
C PHE C 464 -39.85 25.44 26.86
N GLU C 465 -40.49 25.71 28.00
CA GLU C 465 -41.95 25.83 28.07
C GLU C 465 -42.31 27.01 28.95
N ARG C 466 -43.42 27.65 28.60
CA ARG C 466 -43.91 28.83 29.31
C ARG C 466 -45.29 28.55 29.87
N ASP C 467 -45.50 28.91 31.13
CA ASP C 467 -46.79 28.75 31.81
C ASP C 467 -47.33 30.14 32.12
N ILE C 468 -48.36 30.55 31.38
CA ILE C 468 -48.95 31.88 31.55
C ILE C 468 -50.24 31.85 32.37
N SER C 469 -50.79 30.67 32.64
CA SER C 469 -52.06 30.57 33.35
C SER C 469 -51.92 31.00 34.80
N THR C 470 -52.94 31.69 35.30
CA THR C 470 -52.99 32.17 36.67
C THR C 470 -53.92 31.33 37.56
N GLU C 471 -54.10 30.05 37.20
CA GLU C 471 -55.03 29.19 37.91
C GLU C 471 -54.46 28.80 39.28
N ILE C 472 -55.25 28.04 40.03
CA ILE C 472 -54.93 27.70 41.41
C ILE C 472 -53.80 26.68 41.48
N TYR C 473 -53.24 26.50 42.68
CA TYR C 473 -52.19 25.52 42.92
C TYR C 473 -52.83 24.17 43.26
N GLN C 474 -52.04 23.26 43.84
CA GLN C 474 -52.44 21.86 43.95
C GLN C 474 -53.71 21.68 44.79
N ALA C 475 -53.64 22.02 46.09
CA ALA C 475 -54.74 21.88 47.04
C ALA C 475 -55.29 20.46 47.06
N GLY C 476 -54.43 19.53 47.50
CA GLY C 476 -54.75 18.11 47.39
C GLY C 476 -55.91 17.68 48.27
N SER C 477 -56.02 18.24 49.47
CA SER C 477 -57.05 17.80 50.41
C SER C 477 -58.43 18.31 50.00
N THR C 478 -58.60 19.63 49.93
CA THR C 478 -59.90 20.18 49.58
C THR C 478 -59.79 21.05 48.33
N PRO C 479 -60.79 21.01 47.45
CA PRO C 479 -60.77 21.86 46.26
C PRO C 479 -61.00 23.32 46.62
N CYS C 480 -60.32 24.21 45.88
CA CYS C 480 -60.55 25.63 46.08
C CYS C 480 -61.87 26.08 45.46
N ASN C 481 -62.25 25.50 44.31
CA ASN C 481 -63.46 25.88 43.56
C ASN C 481 -63.44 27.35 43.16
N GLY C 482 -62.25 27.85 42.81
CA GLY C 482 -62.11 29.22 42.33
C GLY C 482 -62.33 30.29 43.38
N VAL C 483 -61.50 30.29 44.43
CA VAL C 483 -61.60 31.26 45.52
C VAL C 483 -60.18 31.48 46.05
N GLU C 484 -60.01 32.52 46.86
CA GLU C 484 -58.76 32.85 47.52
C GLU C 484 -58.96 32.69 49.03
N GLY C 485 -59.58 31.57 49.43
CA GLY C 485 -59.86 31.32 50.82
C GLY C 485 -58.84 30.45 51.52
N PHE C 486 -59.30 29.48 52.30
CA PHE C 486 -58.40 28.59 53.03
C PHE C 486 -57.75 27.60 52.06
N ASN C 487 -56.44 27.43 52.21
CA ASN C 487 -55.61 26.57 51.35
C ASN C 487 -55.73 26.97 49.88
N CYS C 488 -55.81 28.27 49.62
CA CYS C 488 -55.91 28.80 48.26
C CYS C 488 -54.91 29.94 48.10
N TYR C 489 -54.10 29.86 47.05
CA TYR C 489 -53.07 30.85 46.78
C TYR C 489 -53.08 31.20 45.30
N PHE C 490 -52.32 32.24 44.95
CA PHE C 490 -51.98 32.50 43.56
C PHE C 490 -50.52 32.14 43.36
N PRO C 491 -50.20 31.25 42.43
CA PRO C 491 -48.77 30.99 42.13
C PRO C 491 -48.04 32.22 41.62
N LEU C 492 -48.71 33.09 40.89
CA LEU C 492 -48.07 34.30 40.38
C LEU C 492 -47.89 35.30 41.51
N GLN C 493 -46.63 35.62 41.82
CA GLN C 493 -46.28 36.50 42.93
C GLN C 493 -45.11 37.37 42.49
N SER C 494 -45.09 38.61 42.99
CA SER C 494 -44.00 39.53 42.69
C SER C 494 -42.91 39.44 43.76
N TYR C 495 -41.68 39.81 43.34
CA TYR C 495 -40.55 39.79 44.26
C TYR C 495 -40.67 40.88 45.32
N GLY C 496 -41.10 42.08 44.92
CA GLY C 496 -41.18 43.20 45.84
C GLY C 496 -39.82 43.83 46.08
N PHE C 497 -39.23 44.39 45.03
CA PHE C 497 -37.88 44.92 45.11
C PHE C 497 -37.84 46.24 45.87
N GLN C 498 -36.63 46.63 46.29
CA GLN C 498 -36.36 47.86 47.01
C GLN C 498 -34.94 48.28 46.69
N PRO C 499 -34.71 49.58 46.43
CA PRO C 499 -33.34 50.03 46.13
C PRO C 499 -32.39 49.95 47.32
N THR C 500 -32.90 49.90 48.55
CA THR C 500 -32.08 49.81 49.74
C THR C 500 -31.80 48.37 50.16
N ASN C 501 -32.21 47.39 49.35
CA ASN C 501 -32.02 45.99 49.69
C ASN C 501 -30.56 45.58 49.48
N GLY C 502 -30.27 44.31 49.73
CA GLY C 502 -28.93 43.79 49.64
C GLY C 502 -28.49 43.53 48.21
N VAL C 503 -27.27 43.00 48.09
CA VAL C 503 -26.73 42.66 46.77
C VAL C 503 -27.52 41.53 46.12
N GLY C 504 -27.87 40.51 46.90
CA GLY C 504 -28.66 39.41 46.38
C GLY C 504 -30.11 39.76 46.12
N TYR C 505 -30.60 40.84 46.73
CA TYR C 505 -31.97 41.31 46.53
C TYR C 505 -32.00 42.55 45.65
N GLN C 506 -31.11 42.59 44.66
CA GLN C 506 -30.98 43.66 43.68
C GLN C 506 -31.25 43.10 42.29
N PRO C 507 -32.02 43.80 41.45
CA PRO C 507 -32.48 43.21 40.18
C PRO C 507 -31.34 43.01 39.19
N TYR C 508 -31.29 41.81 38.62
CA TYR C 508 -30.33 41.45 37.58
C TYR C 508 -31.12 41.07 36.33
N ARG C 509 -31.03 41.90 35.29
CA ARG C 509 -31.70 41.60 34.03
C ARG C 509 -30.95 40.50 33.29
N VAL C 510 -31.66 39.43 32.94
CA VAL C 510 -31.06 38.23 32.37
C VAL C 510 -31.67 37.99 31.00
N VAL C 511 -30.80 37.89 29.98
CA VAL C 511 -31.21 37.51 28.63
C VAL C 511 -30.51 36.21 28.30
N VAL C 512 -31.28 35.19 27.94
CA VAL C 512 -30.74 33.87 27.60
C VAL C 512 -30.82 33.71 26.09
N LEU C 513 -29.69 33.34 25.48
CA LEU C 513 -29.59 33.20 24.03
C LEU C 513 -29.34 31.72 23.69
N SER C 514 -30.13 31.21 22.75
CA SER C 514 -30.01 29.82 22.30
C SER C 514 -29.31 29.79 20.96
N PHE C 515 -28.28 28.96 20.84
CA PHE C 515 -27.46 28.88 19.65
C PHE C 515 -27.74 27.60 18.88
N GLU C 516 -27.26 27.56 17.64
CA GLU C 516 -27.38 26.39 16.78
C GLU C 516 -26.29 26.46 15.73
N LEU C 517 -25.37 25.50 15.74
CA LEU C 517 -24.17 25.56 14.93
C LEU C 517 -24.09 24.36 13.99
N LEU C 518 -23.81 24.62 12.71
CA LEU C 518 -23.43 23.63 11.71
C LEU C 518 -24.50 22.54 11.52
N HIS C 519 -25.76 22.94 11.59
CA HIS C 519 -26.85 22.00 11.36
C HIS C 519 -27.97 22.53 10.48
N ALA C 520 -27.95 23.81 10.10
CA ALA C 520 -29.03 24.42 9.33
C ALA C 520 -28.46 25.66 8.64
N PRO C 521 -29.11 26.13 7.57
CA PRO C 521 -28.68 27.39 6.95
C PRO C 521 -28.76 28.57 7.92
N ALA C 522 -27.76 29.44 7.85
CA ALA C 522 -27.61 30.52 8.82
C ALA C 522 -28.20 31.81 8.27
N THR C 523 -28.72 32.63 9.19
CA THR C 523 -29.24 33.96 8.87
C THR C 523 -28.38 35.07 9.46
N VAL C 524 -28.00 34.94 10.73
CA VAL C 524 -27.16 35.92 11.40
C VAL C 524 -25.77 35.32 11.58
N CYS C 525 -24.74 36.09 11.24
CA CYS C 525 -23.38 35.61 11.42
C CYS C 525 -22.48 36.73 11.93
N GLY C 526 -21.24 36.39 12.22
CA GLY C 526 -20.34 37.23 12.99
C GLY C 526 -19.79 38.38 12.18
N PRO C 527 -19.07 39.27 12.87
CA PRO C 527 -18.51 40.47 12.22
C PRO C 527 -17.15 40.27 11.56
N LYS C 528 -16.68 39.04 11.41
CA LYS C 528 -15.37 38.83 10.81
C LYS C 528 -15.41 39.15 9.32
N LYS C 529 -14.39 39.89 8.87
CA LYS C 529 -14.24 40.19 7.45
C LYS C 529 -13.58 39.00 6.73
N ASN C 544 -14.07 34.46 -1.34
CA ASN C 544 -15.37 34.03 -0.81
C ASN C 544 -16.12 33.17 -1.82
N GLY C 545 -16.16 33.63 -3.06
CA GLY C 545 -16.80 32.86 -4.12
C GLY C 545 -16.06 31.57 -4.44
N LEU C 546 -14.73 31.61 -4.36
CA LEU C 546 -13.90 30.42 -4.57
C LEU C 546 -12.67 30.53 -3.68
N THR C 547 -11.82 29.52 -3.76
CA THR C 547 -10.56 29.50 -3.03
C THR C 547 -9.45 29.07 -3.98
N GLY C 548 -8.41 29.90 -4.08
CA GLY C 548 -7.29 29.59 -4.95
C GLY C 548 -6.37 30.76 -5.19
N THR C 549 -5.08 30.48 -5.34
CA THR C 549 -4.11 31.53 -5.58
C THR C 549 -4.22 32.06 -7.01
N GLY C 550 -3.83 33.32 -7.19
CA GLY C 550 -3.84 33.93 -8.49
C GLY C 550 -3.83 35.45 -8.43
N VAL C 551 -3.07 36.08 -9.34
CA VAL C 551 -3.01 37.53 -9.37
C VAL C 551 -4.23 38.07 -10.13
N LEU C 552 -4.52 39.35 -9.88
CA LEU C 552 -5.75 39.96 -10.37
C LEU C 552 -5.41 41.13 -11.29
N THR C 553 -6.35 41.44 -12.18
CA THR C 553 -6.20 42.54 -13.12
C THR C 553 -7.58 42.98 -13.56
N GLU C 554 -7.64 44.13 -14.23
CA GLU C 554 -8.90 44.65 -14.74
C GLU C 554 -9.40 43.81 -15.90
N SER C 555 -10.72 43.82 -16.09
CA SER C 555 -11.37 43.05 -17.13
C SER C 555 -12.34 43.92 -17.91
N ASN C 556 -12.53 43.57 -19.18
CA ASN C 556 -13.44 44.30 -20.07
C ASN C 556 -14.77 43.58 -20.25
N LYS C 557 -15.02 42.52 -19.50
CA LYS C 557 -16.24 41.74 -19.65
C LYS C 557 -17.39 42.34 -18.85
N LYS C 558 -18.60 42.22 -19.38
CA LYS C 558 -19.78 42.55 -18.60
C LYS C 558 -20.14 41.38 -17.71
N PHE C 559 -20.85 41.68 -16.63
CA PHE C 559 -21.27 40.66 -15.67
C PHE C 559 -22.75 40.80 -15.41
N LEU C 560 -23.42 39.66 -15.27
CA LEU C 560 -24.82 39.66 -14.88
C LEU C 560 -24.94 40.08 -13.42
N PRO C 561 -26.00 40.81 -13.05
CA PRO C 561 -26.13 41.27 -11.66
C PRO C 561 -26.26 40.15 -10.64
N PHE C 562 -26.89 39.03 -11.00
CA PHE C 562 -27.09 37.93 -10.07
C PHE C 562 -25.88 37.01 -9.96
N GLN C 563 -24.94 37.09 -10.91
CA GLN C 563 -23.82 36.17 -10.94
C GLN C 563 -22.73 36.61 -9.96
N GLN C 564 -21.86 35.67 -9.63
CA GLN C 564 -20.79 35.90 -8.66
C GLN C 564 -19.39 35.72 -9.24
N PHE C 565 -19.19 34.69 -10.06
CA PHE C 565 -17.87 34.42 -10.64
C PHE C 565 -18.07 33.91 -12.06
N GLY C 566 -16.95 33.81 -12.80
CA GLY C 566 -17.00 33.41 -14.19
C GLY C 566 -15.97 32.35 -14.52
N ARG C 567 -16.09 31.79 -15.72
CA ARG C 567 -15.21 30.73 -16.17
C ARG C 567 -14.82 30.98 -17.63
N ASP C 568 -13.71 30.35 -18.03
CA ASP C 568 -13.14 30.53 -19.36
C ASP C 568 -13.84 29.62 -20.37
N ILE C 569 -13.25 29.53 -21.57
CA ILE C 569 -13.80 28.70 -22.64
C ILE C 569 -13.58 27.21 -22.42
N ALA C 570 -12.73 26.83 -21.46
CA ALA C 570 -12.39 25.44 -21.23
C ALA C 570 -12.46 25.11 -19.74
N ASP C 571 -13.51 25.60 -19.07
CA ASP C 571 -13.79 25.34 -17.64
C ASP C 571 -12.62 25.79 -16.75
N THR C 572 -12.23 27.05 -16.90
CA THR C 572 -11.17 27.65 -16.10
C THR C 572 -11.71 28.90 -15.43
N THR C 573 -11.78 28.88 -14.10
CA THR C 573 -12.30 30.01 -13.34
C THR C 573 -11.33 31.18 -13.43
N ASP C 574 -11.68 32.21 -14.20
CA ASP C 574 -10.83 33.39 -14.34
C ASP C 574 -11.50 34.69 -13.94
N ALA C 575 -12.79 34.68 -13.65
CA ALA C 575 -13.52 35.92 -13.38
C ALA C 575 -14.18 35.82 -12.03
N VAL C 576 -14.01 36.85 -11.21
CA VAL C 576 -14.72 36.99 -9.94
C VAL C 576 -15.20 38.44 -9.86
N ARG C 577 -16.49 38.62 -9.63
CA ARG C 577 -17.01 39.98 -9.52
C ARG C 577 -16.57 40.60 -8.19
N ASP C 578 -16.45 41.91 -8.19
CA ASP C 578 -16.17 42.64 -6.96
C ASP C 578 -17.45 42.77 -6.17
N PRO C 579 -17.56 42.18 -4.98
CA PRO C 579 -18.81 42.27 -4.22
C PRO C 579 -19.07 43.64 -3.62
N GLN C 580 -18.07 44.53 -3.61
CA GLN C 580 -18.22 45.83 -2.99
C GLN C 580 -18.43 46.98 -3.96
N THR C 581 -17.94 46.86 -5.19
CA THR C 581 -18.05 47.94 -6.16
C THR C 581 -18.52 47.37 -7.50
N LEU C 582 -19.08 48.25 -8.32
CA LEU C 582 -19.51 47.88 -9.68
C LEU C 582 -18.27 47.81 -10.56
N GLU C 583 -17.52 46.72 -10.39
CA GLU C 583 -16.25 46.54 -11.08
C GLU C 583 -16.01 45.05 -11.27
N ILE C 584 -15.44 44.68 -12.41
CA ILE C 584 -15.11 43.30 -12.70
C ILE C 584 -13.58 43.17 -12.72
N LEU C 585 -13.10 42.03 -12.26
CA LEU C 585 -11.67 41.76 -12.24
C LEU C 585 -11.40 40.38 -12.84
N ASP C 586 -10.22 40.24 -13.45
CA ASP C 586 -9.81 39.02 -14.12
C ASP C 586 -8.78 38.30 -13.25
N ILE C 587 -9.06 37.04 -12.95
CA ILE C 587 -8.13 36.19 -12.20
C ILE C 587 -7.27 35.44 -13.21
N THR C 588 -5.96 35.61 -13.12
CA THR C 588 -5.08 34.85 -13.98
C THR C 588 -4.03 34.13 -13.13
N PRO C 589 -3.62 32.93 -13.54
CA PRO C 589 -2.58 32.22 -12.81
C PRO C 589 -1.25 32.95 -12.86
N CYS C 590 -0.45 32.73 -11.82
CA CYS C 590 0.86 33.37 -11.74
C CYS C 590 1.81 32.78 -12.78
N SER C 591 2.94 33.47 -12.98
CA SER C 591 3.96 33.03 -13.93
C SER C 591 4.54 31.69 -13.50
N PHE C 592 4.22 30.64 -14.25
CA PHE C 592 4.51 29.28 -13.82
C PHE C 592 5.28 28.54 -14.90
N GLY C 593 6.19 27.68 -14.46
CA GLY C 593 6.98 26.88 -15.38
C GLY C 593 8.08 26.17 -14.64
N GLY C 594 8.76 25.29 -15.38
CA GLY C 594 9.87 24.54 -14.83
C GLY C 594 11.17 25.32 -14.86
N VAL C 595 12.22 24.68 -14.36
CA VAL C 595 13.58 25.23 -14.39
C VAL C 595 14.44 24.30 -15.22
N SER C 596 15.02 24.83 -16.29
CA SER C 596 15.95 24.09 -17.14
C SER C 596 17.28 24.83 -17.14
N VAL C 597 18.35 24.11 -16.83
CA VAL C 597 19.68 24.68 -16.68
C VAL C 597 20.52 24.28 -17.89
N ILE C 598 21.09 25.27 -18.57
CA ILE C 598 21.92 25.04 -19.74
C ILE C 598 23.38 25.20 -19.34
N THR C 599 24.17 24.18 -19.62
CA THR C 599 25.59 24.22 -19.34
C THR C 599 26.30 23.27 -20.29
N PRO C 600 27.53 23.56 -20.66
CA PRO C 600 28.35 22.57 -21.35
C PRO C 600 28.95 21.61 -20.33
N GLY C 601 29.81 20.71 -20.79
CA GLY C 601 30.30 19.63 -19.95
C GLY C 601 31.27 20.12 -18.89
N THR C 602 31.62 19.20 -17.97
CA THR C 602 32.63 19.51 -16.97
C THR C 602 33.99 19.74 -17.61
N ASN C 603 34.27 18.99 -18.68
CA ASN C 603 35.50 19.16 -19.46
C ASN C 603 35.56 20.53 -20.13
N THR C 604 34.40 21.07 -20.55
CA THR C 604 34.34 22.31 -21.33
C THR C 604 34.63 23.54 -20.49
N SER C 605 33.80 23.75 -19.47
CA SER C 605 33.71 25.02 -18.75
C SER C 605 32.89 24.83 -17.48
N ASN C 606 32.57 25.94 -16.80
CA ASN C 606 31.72 25.89 -15.62
C ASN C 606 30.53 26.84 -15.71
N GLN C 607 30.43 27.66 -16.75
CA GLN C 607 29.40 28.68 -16.83
C GLN C 607 28.02 28.07 -17.02
N VAL C 608 27.01 28.74 -16.48
CA VAL C 608 25.64 28.24 -16.44
C VAL C 608 24.69 29.40 -16.75
N ALA C 609 23.71 29.15 -17.61
CA ALA C 609 22.63 30.09 -17.86
C ALA C 609 21.31 29.36 -17.69
N VAL C 610 20.59 29.67 -16.61
CA VAL C 610 19.31 29.03 -16.33
C VAL C 610 18.19 29.80 -17.03
N LEU C 611 17.04 29.14 -17.17
CA LEU C 611 15.87 29.76 -17.79
C LEU C 611 14.62 29.11 -17.21
N TYR C 612 13.50 29.81 -17.38
CA TYR C 612 12.18 29.29 -17.04
C TYR C 612 11.26 29.47 -18.22
N GLN C 613 10.41 28.48 -18.48
CA GLN C 613 9.57 28.48 -19.66
C GLN C 613 8.31 29.31 -19.46
N ASP C 614 7.99 30.13 -20.46
CA ASP C 614 6.75 30.91 -20.53
C ASP C 614 6.58 31.84 -19.33
N VAL C 615 7.68 32.44 -18.89
CA VAL C 615 7.66 33.37 -17.77
C VAL C 615 7.99 34.77 -18.28
N ASN C 616 7.88 35.75 -17.39
CA ASN C 616 8.20 37.14 -17.70
C ASN C 616 9.30 37.60 -16.74
N CYS C 617 10.30 38.28 -17.31
CA CYS C 617 11.50 38.66 -16.56
C CYS C 617 11.21 39.58 -15.38
N THR C 618 10.17 40.43 -15.50
CA THR C 618 9.87 41.43 -14.50
C THR C 618 9.38 40.83 -13.19
N GLU C 619 9.04 39.55 -13.19
CA GLU C 619 8.59 38.86 -11.98
C GLU C 619 9.75 38.20 -11.24
N VAL C 620 10.66 37.55 -11.94
CA VAL C 620 11.74 36.81 -11.30
C VAL C 620 12.83 37.75 -10.80
N ASN C 641 22.64 39.71 -16.62
CA ASN C 641 22.54 39.22 -17.99
C ASN C 641 21.13 38.73 -18.28
N VAL C 642 20.14 39.55 -17.98
CA VAL C 642 18.74 39.20 -18.16
C VAL C 642 18.30 39.58 -19.56
N PHE C 643 17.93 38.58 -20.35
CA PHE C 643 17.42 38.79 -21.70
C PHE C 643 16.11 38.04 -21.86
N GLN C 644 15.15 38.68 -22.52
CA GLN C 644 13.81 38.11 -22.70
C GLN C 644 13.76 37.38 -24.04
N THR C 645 13.44 36.09 -23.99
CA THR C 645 13.33 35.26 -25.18
C THR C 645 11.86 34.98 -25.48
N ARG C 646 11.64 34.31 -26.62
CA ARG C 646 10.29 33.91 -26.99
C ARG C 646 9.78 32.80 -26.07
N ALA C 647 10.67 31.91 -25.64
CA ALA C 647 10.29 30.77 -24.81
C ALA C 647 10.30 31.07 -23.32
N GLY C 648 10.79 32.23 -22.91
CA GLY C 648 10.82 32.57 -21.50
C GLY C 648 11.90 33.60 -21.21
N CYS C 649 12.30 33.66 -19.95
CA CYS C 649 13.31 34.59 -19.48
C CYS C 649 14.61 33.84 -19.26
N LEU C 650 15.66 34.23 -19.98
CA LEU C 650 16.97 33.60 -19.90
C LEU C 650 17.94 34.55 -19.22
N ILE C 651 18.56 34.09 -18.14
CA ILE C 651 19.52 34.89 -17.40
C ILE C 651 20.86 34.18 -17.41
N GLY C 652 21.94 34.95 -17.25
CA GLY C 652 23.27 34.42 -17.26
C GLY C 652 23.94 34.34 -18.62
N ALA C 653 23.23 34.69 -19.69
CA ALA C 653 23.77 34.64 -21.04
C ALA C 653 23.54 35.96 -21.74
N GLU C 654 24.41 36.27 -22.69
CA GLU C 654 24.29 37.50 -23.46
C GLU C 654 23.72 37.20 -24.84
N HIS C 655 22.96 38.15 -25.37
CA HIS C 655 22.28 38.01 -26.65
C HIS C 655 22.97 38.86 -27.70
N VAL C 656 23.10 38.33 -28.90
CA VAL C 656 23.65 39.08 -30.03
C VAL C 656 22.69 38.96 -31.21
N ASN C 657 22.93 39.78 -32.24
CA ASN C 657 22.23 39.63 -33.51
C ASN C 657 22.80 38.45 -34.31
N ASN C 658 24.10 38.20 -34.18
CA ASN C 658 24.82 37.27 -35.05
C ASN C 658 24.28 35.86 -34.92
N SER C 659 24.04 35.22 -36.06
CA SER C 659 23.40 33.91 -36.11
C SER C 659 24.45 32.85 -36.46
N TYR C 660 24.44 31.76 -35.68
CA TYR C 660 25.36 30.65 -35.93
C TYR C 660 24.62 29.33 -35.96
N GLU C 661 25.37 28.23 -36.03
CA GLU C 661 24.78 26.90 -35.96
C GLU C 661 24.23 26.64 -34.56
N CYS C 662 23.06 26.00 -34.49
CA CYS C 662 22.41 25.73 -33.22
C CYS C 662 23.11 24.58 -32.51
N ASP C 663 23.69 24.87 -31.34
CA ASP C 663 24.34 23.85 -30.53
C ASP C 663 23.46 23.35 -29.40
N ILE C 664 22.77 24.24 -28.69
CA ILE C 664 21.86 23.85 -27.62
C ILE C 664 20.52 24.53 -27.91
N PRO C 665 19.39 23.95 -27.53
CA PRO C 665 18.10 24.59 -27.80
C PRO C 665 17.63 25.50 -26.68
N ILE C 666 16.95 26.58 -27.09
CA ILE C 666 16.23 27.46 -26.20
C ILE C 666 14.73 27.28 -26.33
N GLY C 667 14.21 27.40 -27.54
CA GLY C 667 12.78 27.33 -27.79
C GLY C 667 12.32 28.46 -28.68
N ALA C 668 11.44 28.13 -29.65
CA ALA C 668 10.85 29.08 -30.58
C ALA C 668 11.91 29.84 -31.39
N GLY C 669 12.69 29.07 -32.14
CA GLY C 669 13.65 29.66 -33.07
C GLY C 669 14.89 30.24 -32.42
N ILE C 670 15.12 29.99 -31.14
CA ILE C 670 16.26 30.53 -30.41
C ILE C 670 17.17 29.39 -30.01
N CYS C 671 18.48 29.60 -30.12
CA CYS C 671 19.47 28.62 -29.73
C CYS C 671 20.61 29.31 -29.02
N ALA C 672 21.29 28.58 -28.15
CA ALA C 672 22.41 29.10 -27.40
C ALA C 672 23.64 28.23 -27.63
N SER C 673 24.81 28.79 -27.34
CA SER C 673 26.06 28.09 -27.57
C SER C 673 27.13 28.67 -26.66
N TYR C 674 28.23 27.93 -26.54
CA TYR C 674 29.39 28.37 -25.76
C TYR C 674 30.54 28.59 -26.74
N GLN C 675 30.82 29.85 -27.03
CA GLN C 675 31.88 30.22 -27.96
C GLN C 675 33.14 30.60 -27.19
N THR C 676 34.18 30.97 -27.94
CA THR C 676 35.45 31.37 -27.34
C THR C 676 35.69 32.87 -27.51
N SER C 689 36.78 36.34 -21.46
CA SER C 689 36.81 35.97 -22.87
C SER C 689 35.90 34.78 -23.13
N GLN C 690 35.63 34.00 -22.09
CA GLN C 690 34.80 32.81 -22.18
C GLN C 690 33.42 33.11 -21.61
N SER C 691 32.38 32.91 -22.42
CA SER C 691 31.01 33.16 -21.99
C SER C 691 30.07 32.32 -22.84
N ILE C 692 28.86 32.16 -22.35
CA ILE C 692 27.81 31.45 -23.07
C ILE C 692 26.97 32.48 -23.85
N ILE C 693 26.76 32.21 -25.12
CA ILE C 693 26.11 33.17 -26.01
C ILE C 693 24.67 32.74 -26.27
N ALA C 694 23.83 33.70 -26.60
CA ALA C 694 22.45 33.47 -27.00
C ALA C 694 22.19 34.20 -28.31
N TYR C 695 21.44 33.57 -29.20
CA TYR C 695 21.30 34.06 -30.56
C TYR C 695 20.10 33.40 -31.22
N THR C 696 19.82 33.81 -32.45
CA THR C 696 18.79 33.21 -33.28
C THR C 696 19.45 32.17 -34.18
N MET C 697 18.84 30.98 -34.26
CA MET C 697 19.45 29.88 -34.97
C MET C 697 19.48 30.14 -36.47
N SER C 698 20.50 29.58 -37.12
CA SER C 698 20.67 29.68 -38.56
C SER C 698 20.35 28.34 -39.19
N LEU C 699 19.70 28.38 -40.36
CA LEU C 699 19.27 27.18 -41.05
C LEU C 699 20.26 26.77 -42.14
N GLY C 700 21.50 27.21 -42.05
CA GLY C 700 22.53 26.88 -43.01
C GLY C 700 23.04 28.12 -43.73
N ALA C 701 24.07 27.89 -44.55
CA ALA C 701 24.63 28.96 -45.35
C ALA C 701 23.68 29.33 -46.48
N GLU C 702 23.40 30.62 -46.61
CA GLU C 702 22.51 31.12 -47.66
C GLU C 702 23.34 31.37 -48.92
N ASN C 703 22.95 30.73 -50.03
CA ASN C 703 23.62 30.92 -51.30
C ASN C 703 22.56 31.10 -52.39
N SER C 704 22.83 32.03 -53.31
CA SER C 704 21.91 32.33 -54.39
C SER C 704 22.28 31.47 -55.60
N VAL C 705 21.33 30.65 -56.04
CA VAL C 705 21.51 29.77 -57.20
C VAL C 705 21.46 30.61 -58.47
N ALA C 706 21.86 30.04 -59.59
CA ALA C 706 22.02 30.75 -60.85
C ALA C 706 21.19 30.12 -61.96
N TYR C 707 19.89 29.92 -61.69
CA TYR C 707 18.96 29.49 -62.72
C TYR C 707 18.91 30.52 -63.84
N SER C 708 18.78 30.01 -65.06
CA SER C 708 18.83 30.75 -66.31
C SER C 708 18.04 30.00 -67.37
N ASN C 709 18.52 30.04 -68.60
CA ASN C 709 17.94 29.25 -69.68
C ASN C 709 18.87 28.13 -70.11
N ASN C 710 20.17 28.36 -69.99
CA ASN C 710 21.17 27.47 -70.57
C ASN C 710 22.30 27.23 -69.58
N SER C 711 22.46 28.15 -68.63
CA SER C 711 23.46 28.04 -67.59
C SER C 711 23.22 26.80 -66.74
N ILE C 712 24.16 25.87 -66.78
CA ILE C 712 24.04 24.59 -66.09
C ILE C 712 25.29 24.41 -65.23
N ALA C 713 25.17 23.52 -64.25
CA ALA C 713 26.31 23.11 -63.44
C ALA C 713 26.30 21.59 -63.39
N ILE C 714 27.20 20.96 -64.14
CA ILE C 714 27.38 19.52 -64.07
C ILE C 714 28.76 19.26 -63.48
N PRO C 715 28.97 18.16 -62.77
CA PRO C 715 30.26 17.94 -62.12
C PRO C 715 31.24 17.20 -63.01
N THR C 716 32.53 17.39 -62.70
CA THR C 716 33.61 16.73 -63.40
C THR C 716 34.41 15.78 -62.51
N ASN C 717 34.10 15.73 -61.21
CA ASN C 717 34.85 14.94 -60.25
C ASN C 717 33.88 14.32 -59.26
N PHE C 718 34.24 13.14 -58.75
CA PHE C 718 33.45 12.49 -57.71
C PHE C 718 34.35 12.13 -56.53
N THR C 719 33.78 12.17 -55.33
CA THR C 719 34.42 11.64 -54.13
C THR C 719 33.50 10.57 -53.55
N ILE C 720 33.87 9.31 -53.75
CA ILE C 720 33.10 8.22 -53.17
C ILE C 720 33.33 8.22 -51.66
N SER C 721 32.26 8.43 -50.90
CA SER C 721 32.33 8.51 -49.45
C SER C 721 31.33 7.53 -48.86
N VAL C 722 31.57 7.17 -47.61
CA VAL C 722 30.69 6.24 -46.90
C VAL C 722 30.06 6.98 -45.73
N THR C 723 28.84 6.58 -45.40
CA THR C 723 28.06 7.21 -44.33
C THR C 723 27.49 6.11 -43.44
N THR C 724 27.78 6.20 -42.14
CA THR C 724 27.28 5.21 -41.20
C THR C 724 25.84 5.51 -40.82
N GLU C 725 25.07 4.44 -40.61
CA GLU C 725 23.69 4.54 -40.17
C GLU C 725 23.46 3.50 -39.08
N ILE C 726 22.89 3.93 -37.96
CA ILE C 726 22.72 3.09 -36.79
C ILE C 726 21.23 2.95 -36.51
N LEU C 727 20.74 1.70 -36.46
CA LEU C 727 19.35 1.42 -36.18
C LEU C 727 19.26 0.35 -35.11
N PRO C 728 18.46 0.55 -34.06
CA PRO C 728 18.25 -0.52 -33.09
C PRO C 728 17.41 -1.64 -33.68
N VAL C 729 17.61 -2.85 -33.15
CA VAL C 729 16.92 -4.04 -33.62
C VAL C 729 16.12 -4.70 -32.50
N SER C 730 16.78 -5.00 -31.38
CA SER C 730 16.15 -5.71 -30.29
C SER C 730 16.62 -5.10 -28.98
N MET C 731 16.19 -5.70 -27.87
CA MET C 731 16.62 -5.28 -26.55
C MET C 731 16.72 -6.52 -25.66
N THR C 732 16.85 -6.30 -24.36
CA THR C 732 16.95 -7.41 -23.42
C THR C 732 15.57 -8.04 -23.23
N LYS C 733 15.51 -9.37 -23.33
CA LYS C 733 14.26 -10.11 -23.14
C LYS C 733 14.03 -10.28 -21.65
N THR C 734 13.06 -9.54 -21.11
CA THR C 734 12.79 -9.53 -19.68
C THR C 734 11.43 -10.17 -19.42
N SER C 735 11.41 -11.19 -18.58
CA SER C 735 10.17 -11.84 -18.13
C SER C 735 10.04 -11.65 -16.63
N VAL C 736 8.86 -11.22 -16.18
CA VAL C 736 8.62 -10.91 -14.77
C VAL C 736 7.55 -11.87 -14.26
N ASP C 737 7.86 -12.57 -13.17
CA ASP C 737 6.86 -13.39 -12.52
C ASP C 737 6.12 -12.58 -11.45
N CYS C 738 4.94 -13.08 -11.07
CA CYS C 738 4.02 -12.35 -10.20
C CYS C 738 4.30 -12.59 -8.72
N THR C 739 4.35 -13.85 -8.31
CA THR C 739 4.39 -14.19 -6.88
C THR C 739 5.68 -13.76 -6.22
N MET C 740 6.81 -13.96 -6.89
CA MET C 740 8.10 -13.60 -6.28
C MET C 740 8.25 -12.09 -6.18
N TYR C 741 7.73 -11.35 -7.15
CA TYR C 741 7.84 -9.89 -7.10
C TYR C 741 6.88 -9.29 -6.08
N ILE C 742 5.66 -9.79 -6.01
CA ILE C 742 4.59 -9.12 -5.29
C ILE C 742 4.38 -9.72 -3.91
N CYS C 743 4.28 -11.04 -3.80
CA CYS C 743 4.10 -11.70 -2.52
C CYS C 743 5.18 -12.77 -2.33
N GLY C 744 6.44 -12.40 -2.56
CA GLY C 744 7.56 -13.32 -2.42
C GLY C 744 7.72 -13.89 -1.03
N ASP C 745 7.83 -15.22 -0.95
CA ASP C 745 7.98 -15.97 0.30
C ASP C 745 6.84 -15.68 1.26
N SER C 746 5.61 -15.78 0.76
CA SER C 746 4.42 -15.61 1.60
C SER C 746 3.27 -16.36 0.94
N THR C 747 2.86 -17.47 1.56
CA THR C 747 1.74 -18.25 1.02
C THR C 747 0.41 -17.54 1.23
N GLU C 748 0.26 -16.86 2.36
CA GLU C 748 -1.01 -16.20 2.66
C GLU C 748 -1.20 -14.94 1.83
N CYS C 749 -0.11 -14.30 1.41
CA CYS C 749 -0.24 -13.19 0.47
C CYS C 749 -0.72 -13.65 -0.90
N SER C 750 -0.44 -14.91 -1.25
CA SER C 750 -0.97 -15.46 -2.49
C SER C 750 -2.48 -15.61 -2.43
N ASN C 751 -3.05 -15.76 -1.23
CA ASN C 751 -4.51 -15.83 -1.09
C ASN C 751 -5.15 -14.50 -1.46
N LEU C 752 -4.53 -13.38 -1.08
CA LEU C 752 -5.00 -12.08 -1.56
C LEU C 752 -4.54 -11.76 -2.96
N LEU C 753 -3.56 -12.49 -3.48
CA LEU C 753 -3.17 -12.31 -4.87
C LEU C 753 -4.17 -12.95 -5.84
N LEU C 754 -4.63 -14.15 -5.54
CA LEU C 754 -5.49 -14.87 -6.49
C LEU C 754 -6.95 -14.40 -6.43
N GLN C 755 -7.31 -13.54 -5.48
CA GLN C 755 -8.64 -12.96 -5.51
C GLN C 755 -8.81 -11.93 -6.63
N TYR C 756 -7.71 -11.47 -7.22
CA TYR C 756 -7.77 -10.67 -8.43
C TYR C 756 -7.90 -11.51 -9.69
N GLY C 757 -7.76 -12.83 -9.57
CA GLY C 757 -7.95 -13.72 -10.70
C GLY C 757 -6.77 -13.78 -11.65
N SER C 758 -7.08 -13.76 -12.95
CA SER C 758 -6.07 -13.86 -14.00
C SER C 758 -5.57 -12.50 -14.47
N PHE C 759 -5.56 -11.52 -13.56
CA PHE C 759 -5.19 -10.15 -13.96
C PHE C 759 -3.71 -10.03 -14.30
N CYS C 760 -2.84 -10.66 -13.51
CA CYS C 760 -1.42 -10.50 -13.82
C CYS C 760 -0.87 -11.64 -14.64
N THR C 761 -1.66 -12.70 -14.86
CA THR C 761 -1.35 -13.68 -15.89
C THR C 761 -1.31 -13.03 -17.27
N GLN C 762 -2.14 -12.01 -17.49
CA GLN C 762 -2.06 -11.22 -18.72
C GLN C 762 -0.71 -10.52 -18.84
N LEU C 763 -0.20 -9.97 -17.74
CA LEU C 763 1.11 -9.34 -17.77
C LEU C 763 2.22 -10.34 -18.07
N ASN C 764 2.14 -11.53 -17.46
CA ASN C 764 3.14 -12.57 -17.73
C ASN C 764 3.08 -13.03 -19.19
N ARG C 765 1.87 -13.18 -19.72
CA ARG C 765 1.70 -13.57 -21.12
C ARG C 765 2.23 -12.51 -22.08
N ALA C 766 1.98 -11.23 -21.77
CA ALA C 766 2.53 -10.15 -22.57
C ALA C 766 4.05 -10.12 -22.48
N LEU C 767 4.60 -10.39 -21.30
CA LEU C 767 6.04 -10.34 -21.11
C LEU C 767 6.77 -11.54 -21.69
N THR C 768 6.08 -12.63 -21.98
CA THR C 768 6.73 -13.69 -22.76
C THR C 768 6.47 -13.54 -24.26
N GLY C 769 5.31 -12.98 -24.64
CA GLY C 769 5.07 -12.69 -26.05
C GLY C 769 6.01 -11.62 -26.58
N ILE C 770 6.40 -10.67 -25.71
CA ILE C 770 7.35 -9.63 -26.12
C ILE C 770 8.72 -10.25 -26.40
N ALA C 771 9.12 -11.28 -25.64
CA ALA C 771 10.40 -11.93 -25.88
C ALA C 771 10.35 -12.78 -27.15
N VAL C 772 9.21 -13.44 -27.38
CA VAL C 772 9.02 -14.16 -28.64
C VAL C 772 9.09 -13.19 -29.83
N GLU C 773 8.50 -12.00 -29.66
CA GLU C 773 8.56 -10.98 -30.70
C GLU C 773 9.98 -10.50 -30.94
N GLN C 774 10.77 -10.32 -29.87
CA GLN C 774 12.16 -9.91 -30.05
C GLN C 774 12.98 -10.97 -30.77
N ASP C 775 12.77 -12.25 -30.43
CA ASP C 775 13.46 -13.33 -31.11
C ASP C 775 13.10 -13.36 -32.59
N LYS C 776 11.81 -13.22 -32.90
CA LYS C 776 11.35 -13.18 -34.29
C LYS C 776 11.94 -11.98 -35.02
N ASN C 777 12.04 -10.84 -34.34
CA ASN C 777 12.58 -9.64 -34.95
C ASN C 777 14.04 -9.81 -35.33
N THR C 778 14.86 -10.30 -34.39
CA THR C 778 16.28 -10.51 -34.68
C THR C 778 16.48 -11.55 -35.78
N GLN C 779 15.71 -12.65 -35.73
CA GLN C 779 15.84 -13.69 -36.75
C GLN C 779 15.43 -13.18 -38.13
N GLU C 780 14.33 -12.43 -38.21
CA GLU C 780 13.87 -11.94 -39.51
C GLU C 780 14.76 -10.83 -40.06
N VAL C 781 15.42 -10.04 -39.20
CA VAL C 781 16.28 -8.98 -39.70
C VAL C 781 17.70 -9.46 -40.00
N PHE C 782 18.13 -10.59 -39.45
CA PHE C 782 19.49 -11.05 -39.73
C PHE C 782 19.59 -12.29 -40.61
N ALA C 783 18.56 -13.13 -40.66
CA ALA C 783 18.59 -14.36 -41.44
C ALA C 783 17.91 -14.13 -42.80
N GLN C 784 18.55 -13.28 -43.60
CA GLN C 784 18.00 -12.98 -44.92
C GLN C 784 18.39 -14.02 -45.97
N VAL C 785 19.52 -14.71 -45.78
CA VAL C 785 20.03 -15.66 -46.76
C VAL C 785 20.06 -17.05 -46.13
N LYS C 786 19.57 -18.03 -46.89
CA LYS C 786 19.49 -19.41 -46.40
C LYS C 786 20.86 -20.08 -46.31
N GLN C 787 21.88 -19.53 -46.98
CA GLN C 787 23.21 -20.13 -46.99
C GLN C 787 24.23 -19.15 -46.44
N ILE C 788 25.34 -19.70 -45.96
CA ILE C 788 26.44 -18.91 -45.40
C ILE C 788 27.59 -18.96 -46.39
N TYR C 789 28.13 -17.80 -46.72
CA TYR C 789 29.21 -17.68 -47.69
C TYR C 789 30.49 -17.24 -46.99
N LYS C 790 31.62 -17.79 -47.43
CA LYS C 790 32.92 -17.48 -46.86
C LYS C 790 33.77 -16.75 -47.90
N THR C 791 34.51 -15.75 -47.44
CA THR C 791 35.38 -15.02 -48.34
C THR C 791 36.57 -15.88 -48.73
N PRO C 792 36.89 -15.97 -50.01
CA PRO C 792 38.01 -16.82 -50.46
C PRO C 792 39.34 -16.24 -50.03
N PRO C 793 40.39 -17.06 -49.96
CA PRO C 793 41.73 -16.53 -49.63
C PRO C 793 42.25 -15.55 -50.66
N ILE C 794 41.78 -15.61 -51.91
CA ILE C 794 42.17 -14.63 -52.91
C ILE C 794 41.55 -13.28 -52.55
N LYS C 795 42.41 -12.29 -52.30
CA LYS C 795 41.98 -10.98 -51.84
C LYS C 795 42.20 -9.90 -52.91
N ASP C 796 41.97 -10.25 -54.17
CA ASP C 796 42.05 -9.29 -55.26
C ASP C 796 40.68 -8.65 -55.48
N PHE C 797 40.29 -7.84 -54.50
CA PHE C 797 38.99 -7.17 -54.51
C PHE C 797 39.09 -5.82 -55.23
N GLY C 798 39.68 -5.81 -56.43
CA GLY C 798 39.85 -4.58 -57.17
C GLY C 798 40.78 -3.57 -56.53
N GLY C 799 41.66 -4.00 -55.64
CA GLY C 799 42.51 -3.10 -54.90
C GLY C 799 41.84 -2.43 -53.71
N PHE C 800 40.65 -2.86 -53.34
CA PHE C 800 39.88 -2.21 -52.27
C PHE C 800 40.17 -2.93 -50.96
N ASN C 801 40.61 -2.18 -49.96
CA ASN C 801 40.83 -2.76 -48.64
C ASN C 801 39.49 -3.17 -48.03
N PHE C 802 39.46 -4.38 -47.47
CA PHE C 802 38.29 -4.86 -46.77
C PHE C 802 38.61 -5.54 -45.44
N SER C 803 39.88 -5.76 -45.12
CA SER C 803 40.26 -6.40 -43.86
C SER C 803 39.84 -5.59 -42.65
N GLN C 804 39.64 -4.27 -42.81
CA GLN C 804 39.14 -3.46 -41.71
C GLN C 804 37.68 -3.75 -41.39
N ILE C 805 36.91 -4.27 -42.36
CA ILE C 805 35.50 -4.55 -42.15
C ILE C 805 35.18 -6.04 -42.15
N LEU C 806 36.13 -6.89 -42.49
CA LEU C 806 35.89 -8.33 -42.47
C LEU C 806 36.18 -8.90 -41.08
N PRO C 807 35.23 -9.61 -40.48
CA PRO C 807 35.46 -10.17 -39.15
C PRO C 807 36.51 -11.27 -39.15
N ASP C 808 37.22 -11.37 -38.04
CA ASP C 808 38.24 -12.39 -37.86
C ASP C 808 37.83 -13.33 -36.73
N PRO C 809 37.61 -14.62 -37.00
CA PRO C 809 37.17 -15.53 -35.93
C PRO C 809 38.25 -15.88 -34.92
N SER C 810 39.51 -15.55 -35.19
CA SER C 810 40.60 -15.88 -34.28
C SER C 810 40.65 -14.96 -33.06
N LYS C 811 39.90 -13.87 -33.05
CA LYS C 811 39.86 -12.97 -31.91
C LYS C 811 38.93 -13.49 -30.82
N SER C 813 35.30 -12.32 -30.02
CA SER C 813 35.31 -13.55 -30.81
C SER C 813 35.38 -13.23 -32.30
N LYS C 814 34.24 -13.39 -32.98
CA LYS C 814 34.13 -13.10 -34.41
C LYS C 814 33.84 -11.61 -34.58
N ARG C 815 34.89 -10.81 -34.52
CA ARG C 815 34.76 -9.37 -34.64
C ARG C 815 35.69 -8.85 -35.71
N SER C 816 35.32 -7.73 -36.31
CA SER C 816 36.17 -6.99 -37.22
C SER C 816 36.83 -5.83 -36.46
N PHE C 817 37.56 -4.99 -37.19
CA PHE C 817 38.14 -3.81 -36.58
C PHE C 817 37.06 -2.79 -36.21
N ILE C 818 36.04 -2.66 -37.07
CA ILE C 818 34.93 -1.74 -36.78
C ILE C 818 34.08 -2.27 -35.64
N GLU C 819 33.82 -3.58 -35.63
CA GLU C 819 32.92 -4.17 -34.64
C GLU C 819 33.50 -4.15 -33.23
N ASP C 820 34.83 -4.10 -33.09
CA ASP C 820 35.42 -3.98 -31.76
C ASP C 820 35.08 -2.64 -31.11
N LEU C 821 35.14 -1.56 -31.89
CA LEU C 821 34.74 -0.25 -31.37
C LEU C 821 33.24 -0.19 -31.14
N LEU C 822 32.45 -0.90 -31.94
CA LEU C 822 31.02 -0.94 -31.72
C LEU C 822 30.64 -1.82 -30.54
N PHE C 823 31.54 -2.67 -30.08
CA PHE C 823 31.27 -3.56 -28.97
C PHE C 823 31.86 -3.08 -27.65
N ASN C 824 32.92 -2.26 -27.68
CA ASN C 824 33.55 -1.76 -26.47
C ASN C 824 32.96 -0.43 -26.01
N LYS C 825 31.93 0.07 -26.68
CA LYS C 825 31.34 1.35 -26.32
C LYS C 825 29.87 1.23 -25.98
N VAL C 826 29.51 0.24 -25.16
CA VAL C 826 28.14 0.05 -24.70
C VAL C 826 28.15 -0.02 -23.19
N THR C 827 27.16 0.62 -22.57
CA THR C 827 27.05 0.65 -21.11
C THR C 827 26.00 -0.35 -20.63
N LYS C 854 18.72 -8.03 -8.88
CA LYS C 854 19.07 -8.99 -9.92
C LYS C 854 18.29 -10.28 -9.75
N PHE C 855 17.98 -10.62 -8.50
CA PHE C 855 17.23 -11.82 -8.15
C PHE C 855 16.05 -11.48 -7.26
N ASN C 856 15.27 -10.49 -7.66
CA ASN C 856 14.13 -9.97 -6.92
C ASN C 856 12.90 -9.97 -7.82
N GLY C 857 12.65 -11.14 -8.43
CA GLY C 857 11.51 -11.33 -9.31
C GLY C 857 11.79 -11.04 -10.77
N LEU C 858 13.01 -10.66 -11.12
CA LEU C 858 13.35 -10.30 -12.48
C LEU C 858 14.09 -11.45 -13.15
N THR C 859 13.78 -11.68 -14.42
CA THR C 859 14.44 -12.69 -15.23
C THR C 859 14.82 -12.08 -16.57
N VAL C 860 16.07 -12.26 -16.96
CA VAL C 860 16.57 -11.78 -18.25
C VAL C 860 16.84 -13.00 -19.12
N LEU C 861 15.98 -13.23 -20.10
CA LEU C 861 16.12 -14.37 -20.98
C LEU C 861 17.15 -14.07 -22.06
N PRO C 862 18.15 -14.93 -22.27
CA PRO C 862 19.10 -14.71 -23.35
C PRO C 862 18.44 -14.91 -24.69
N PRO C 863 18.88 -14.18 -25.73
CA PRO C 863 18.27 -14.32 -27.05
C PRO C 863 18.72 -15.60 -27.73
N LEU C 864 17.95 -16.00 -28.75
CA LEU C 864 18.31 -17.17 -29.54
C LEU C 864 19.59 -16.93 -30.32
N LEU C 865 19.65 -15.84 -31.08
CA LEU C 865 20.80 -15.53 -31.92
C LEU C 865 21.80 -14.76 -31.05
N THR C 866 22.86 -15.44 -30.63
CA THR C 866 23.92 -14.81 -29.88
C THR C 866 24.85 -14.07 -30.85
N ASP C 867 25.87 -13.41 -30.29
CA ASP C 867 26.74 -12.57 -31.11
C ASP C 867 27.63 -13.36 -32.05
N GLU C 868 27.97 -14.61 -31.71
CA GLU C 868 28.75 -15.45 -32.61
C GLU C 868 28.03 -15.70 -33.92
N MET C 869 26.77 -16.13 -33.86
CA MET C 869 26.01 -16.41 -35.05
C MET C 869 25.43 -15.15 -35.69
N ILE C 870 25.27 -14.07 -34.92
CA ILE C 870 24.96 -12.77 -35.52
C ILE C 870 26.13 -12.32 -36.40
N ALA C 871 27.35 -12.46 -35.90
CA ALA C 871 28.53 -12.13 -36.70
C ALA C 871 28.73 -13.10 -37.85
N GLN C 872 28.32 -14.37 -37.67
CA GLN C 872 28.36 -15.32 -38.77
C GLN C 872 27.42 -14.90 -39.89
N TYR C 873 26.19 -14.47 -39.54
CA TYR C 873 25.26 -13.97 -40.54
C TYR C 873 25.79 -12.71 -41.22
N THR C 874 26.40 -11.81 -40.45
CA THR C 874 26.96 -10.59 -41.01
C THR C 874 28.12 -10.90 -41.96
N SER C 875 28.97 -11.87 -41.59
CA SER C 875 30.07 -12.27 -42.47
C SER C 875 29.57 -12.93 -43.74
N ALA C 876 28.50 -13.73 -43.63
CA ALA C 876 27.89 -14.31 -44.81
C ALA C 876 27.33 -13.25 -45.74
N LEU C 877 26.68 -12.22 -45.15
CA LEU C 877 26.18 -11.10 -45.95
C LEU C 877 27.30 -10.34 -46.62
N LEU C 878 28.40 -10.13 -45.89
CA LEU C 878 29.56 -9.43 -46.46
C LEU C 878 30.17 -10.21 -47.62
N ALA C 879 30.32 -11.53 -47.44
CA ALA C 879 30.88 -12.36 -48.50
C ALA C 879 29.97 -12.39 -49.72
N GLY C 880 28.65 -12.48 -49.49
CA GLY C 880 27.71 -12.46 -50.61
C GLY C 880 27.74 -11.15 -51.37
N THR C 881 27.70 -10.03 -50.64
CA THR C 881 27.68 -8.74 -51.30
C THR C 881 29.04 -8.35 -51.88
N ILE C 882 30.12 -9.04 -51.50
CA ILE C 882 31.43 -8.74 -52.07
C ILE C 882 31.71 -9.62 -53.28
N THR C 883 31.49 -10.93 -53.19
CA THR C 883 31.83 -11.83 -54.28
C THR C 883 30.68 -12.07 -55.25
N SER C 884 29.46 -11.63 -54.94
CA SER C 884 28.33 -11.84 -55.85
C SER C 884 27.41 -10.65 -56.00
N GLY C 885 27.45 -9.65 -55.11
CA GLY C 885 26.60 -8.48 -55.25
C GLY C 885 25.19 -8.65 -54.73
N TRP C 886 24.24 -8.83 -55.65
CA TRP C 886 22.83 -8.95 -55.31
C TRP C 886 22.17 -10.18 -55.91
N THR C 887 22.84 -10.89 -56.82
CA THR C 887 22.27 -12.08 -57.41
C THR C 887 22.16 -13.21 -56.38
N PHE C 888 23.01 -13.22 -55.36
CA PHE C 888 22.90 -14.23 -54.32
C PHE C 888 21.66 -14.02 -53.46
N GLY C 889 21.15 -12.80 -53.36
CA GLY C 889 19.89 -12.55 -52.69
C GLY C 889 18.72 -12.68 -53.63
N ALA C 890 18.98 -12.54 -54.92
CA ALA C 890 17.96 -12.72 -55.95
C ALA C 890 17.84 -14.18 -56.42
N GLY C 891 18.67 -15.07 -55.88
CA GLY C 891 18.65 -16.46 -56.28
C GLY C 891 19.89 -17.20 -55.81
N ALA C 892 20.55 -17.92 -56.72
CA ALA C 892 21.79 -18.60 -56.39
C ALA C 892 22.95 -17.60 -56.34
N ALA C 893 24.07 -18.05 -55.82
CA ALA C 893 25.27 -17.21 -55.74
C ALA C 893 25.97 -17.21 -57.08
N LEU C 894 25.92 -16.08 -57.78
CA LEU C 894 26.51 -15.94 -59.10
C LEU C 894 27.88 -15.28 -58.98
N GLN C 895 28.91 -15.93 -59.50
CA GLN C 895 30.27 -15.41 -59.42
C GLN C 895 30.43 -14.21 -60.34
N ILE C 896 30.86 -13.09 -59.78
CA ILE C 896 31.09 -11.86 -60.54
C ILE C 896 32.36 -11.21 -60.00
N PRO C 897 33.21 -10.62 -60.83
CA PRO C 897 34.32 -9.82 -60.29
C PRO C 897 33.98 -8.37 -60.02
N PHE C 898 34.83 -7.75 -59.19
CA PHE C 898 34.49 -6.46 -58.60
C PHE C 898 34.58 -5.31 -59.58
N ALA C 899 35.28 -5.47 -60.71
CA ALA C 899 35.33 -4.41 -61.71
C ALA C 899 33.95 -4.18 -62.34
N MET C 900 33.34 -5.22 -62.88
CA MET C 900 31.99 -5.05 -63.39
C MET C 900 30.94 -5.02 -62.29
N GLN C 901 31.27 -5.49 -61.10
CA GLN C 901 30.41 -5.26 -59.95
C GLN C 901 30.29 -3.76 -59.65
N MET C 902 31.40 -3.03 -59.76
CA MET C 902 31.36 -1.58 -59.66
C MET C 902 30.71 -0.96 -60.89
N ALA C 903 30.93 -1.54 -62.07
CA ALA C 903 30.41 -0.96 -63.30
C ALA C 903 28.89 -0.99 -63.35
N TYR C 904 28.27 -2.09 -62.92
CA TYR C 904 26.82 -2.14 -62.92
C TYR C 904 26.22 -1.18 -61.89
N ARG C 905 26.86 -1.06 -60.73
CA ARG C 905 26.34 -0.14 -59.72
C ARG C 905 26.56 1.31 -60.14
N PHE C 906 27.56 1.58 -60.97
CA PHE C 906 27.67 2.89 -61.60
C PHE C 906 26.58 3.09 -62.65
N ASN C 907 26.25 2.02 -63.38
CA ASN C 907 25.17 2.09 -64.35
C ASN C 907 23.80 2.25 -63.71
N GLY C 908 23.66 1.89 -62.43
CA GLY C 908 22.39 2.04 -61.75
C GLY C 908 22.03 3.45 -61.38
N ILE C 909 22.97 4.39 -61.47
CA ILE C 909 22.73 5.79 -61.17
C ILE C 909 22.92 6.68 -62.40
N GLY C 910 23.07 6.09 -63.58
CA GLY C 910 23.22 6.86 -64.80
C GLY C 910 24.63 7.20 -65.18
N VAL C 911 25.63 6.54 -64.61
CA VAL C 911 27.03 6.78 -64.94
C VAL C 911 27.53 5.60 -65.77
N THR C 912 28.11 5.90 -66.92
CA THR C 912 28.71 4.86 -67.74
C THR C 912 29.98 4.33 -67.09
N GLN C 913 30.46 3.19 -67.57
CA GLN C 913 31.65 2.56 -67.00
C GLN C 913 32.94 3.13 -67.56
N ASN C 914 32.91 4.33 -68.12
CA ASN C 914 34.14 5.00 -68.55
C ASN C 914 35.02 5.38 -67.37
N VAL C 915 34.42 5.61 -66.20
CA VAL C 915 35.17 6.04 -65.03
C VAL C 915 36.01 4.92 -64.42
N LEU C 916 35.75 3.66 -64.81
CA LEU C 916 36.41 2.50 -64.22
C LEU C 916 37.92 2.56 -64.40
N TYR C 917 38.37 2.50 -65.65
CA TYR C 917 39.81 2.53 -65.91
C TYR C 917 40.43 3.88 -65.63
N GLU C 918 39.65 4.95 -65.73
CA GLU C 918 40.19 6.29 -65.49
C GLU C 918 40.52 6.49 -64.02
N ASN C 919 39.66 6.03 -63.12
CA ASN C 919 39.78 6.39 -61.71
C ASN C 919 39.66 5.18 -60.79
N GLN C 920 40.08 3.99 -61.24
CA GLN C 920 40.10 2.83 -60.34
C GLN C 920 41.03 3.05 -59.15
N LYS C 921 42.23 3.58 -59.40
CA LYS C 921 43.18 3.84 -58.32
C LYS C 921 42.66 4.91 -57.38
N LEU C 922 42.05 5.96 -57.94
CA LEU C 922 41.48 7.03 -57.14
C LEU C 922 40.34 6.52 -56.27
N ILE C 923 39.45 5.70 -56.84
CA ILE C 923 38.32 5.15 -56.09
C ILE C 923 38.83 4.24 -54.98
N ALA C 924 39.90 3.49 -55.26
CA ALA C 924 40.51 2.64 -54.23
C ALA C 924 41.04 3.47 -53.07
N ASN C 925 41.80 4.53 -53.37
CA ASN C 925 42.35 5.35 -52.29
C ASN C 925 41.26 6.07 -51.51
N GLN C 926 40.24 6.58 -52.21
CA GLN C 926 39.13 7.27 -51.55
C GLN C 926 38.35 6.32 -50.64
N PHE C 927 38.08 5.11 -51.12
CA PHE C 927 37.36 4.13 -50.32
C PHE C 927 38.18 3.68 -49.12
N ASN C 928 39.49 3.50 -49.30
CA ASN C 928 40.33 3.08 -48.19
C ASN C 928 40.46 4.17 -47.13
N SER C 929 40.45 5.44 -47.56
CA SER C 929 40.42 6.52 -46.57
C SER C 929 39.06 6.61 -45.88
N ALA C 930 37.98 6.40 -46.64
CA ALA C 930 36.64 6.53 -46.09
C ALA C 930 36.32 5.42 -45.10
N ILE C 931 36.88 4.22 -45.30
CA ILE C 931 36.70 3.14 -44.33
C ILE C 931 37.36 3.50 -43.00
N GLY C 932 38.59 4.03 -43.06
CA GLY C 932 39.28 4.43 -41.84
C GLY C 932 38.70 5.66 -41.16
N LYS C 933 37.98 6.49 -41.91
CA LYS C 933 37.33 7.66 -41.31
C LYS C 933 36.28 7.24 -40.27
N ILE C 934 35.53 6.17 -40.54
CA ILE C 934 34.54 5.68 -39.58
C ILE C 934 35.23 5.19 -38.31
N GLN C 935 36.35 4.47 -38.47
CA GLN C 935 37.10 3.98 -37.31
C GLN C 935 37.63 5.15 -36.49
N ASP C 936 38.15 6.17 -37.15
CA ASP C 936 38.65 7.36 -36.44
C ASP C 936 37.53 8.08 -35.69
N SER C 937 36.37 8.22 -36.34
CA SER C 937 35.24 8.91 -35.69
C SER C 937 34.71 8.13 -34.50
N LEU C 938 34.60 6.80 -34.63
CA LEU C 938 34.10 5.98 -33.53
C LEU C 938 35.09 5.90 -32.39
N SER C 939 36.40 5.93 -32.69
CA SER C 939 37.38 5.98 -31.62
C SER C 939 37.41 7.36 -30.95
N SER C 940 37.13 8.42 -31.72
CA SER C 940 37.16 9.76 -31.15
C SER C 940 35.97 10.01 -30.24
N THR C 941 34.76 9.64 -30.68
CA THR C 941 33.57 9.94 -29.91
C THR C 941 32.58 8.79 -30.00
N ALA C 942 31.71 8.71 -28.99
CA ALA C 942 30.64 7.73 -28.93
C ALA C 942 29.27 8.34 -29.17
N SER C 943 29.21 9.59 -29.65
CA SER C 943 27.94 10.24 -29.89
C SER C 943 27.22 9.67 -31.11
N ALA C 944 27.91 8.95 -31.97
CA ALA C 944 27.27 8.32 -33.12
C ALA C 944 26.42 7.11 -32.73
N LEU C 945 26.73 6.48 -31.59
CA LEU C 945 26.00 5.32 -31.10
C LEU C 945 24.91 5.70 -30.11
N GLY C 946 24.34 6.91 -30.25
CA GLY C 946 23.29 7.33 -29.35
C GLY C 946 22.02 6.52 -29.48
N LYS C 947 21.69 6.08 -30.70
CA LYS C 947 20.50 5.27 -30.91
C LYS C 947 20.60 3.94 -30.19
N LEU C 948 21.78 3.32 -30.21
CA LEU C 948 21.98 2.07 -29.50
C LEU C 948 22.19 2.27 -28.01
N GLN C 949 22.66 3.45 -27.59
CA GLN C 949 22.84 3.69 -26.16
C GLN C 949 21.53 4.01 -25.47
N ASP C 950 20.62 4.72 -26.16
CA ASP C 950 19.38 5.16 -25.52
C ASP C 950 18.48 3.98 -25.18
N VAL C 951 18.45 2.95 -26.02
CA VAL C 951 17.56 1.82 -25.77
C VAL C 951 17.99 1.04 -24.53
N VAL C 952 19.30 0.82 -24.38
CA VAL C 952 19.77 0.05 -23.23
C VAL C 952 19.72 0.92 -21.98
N ASN C 953 19.91 2.24 -22.10
CA ASN C 953 19.77 3.12 -20.95
C ASN C 953 18.32 3.17 -20.47
N GLN C 954 17.37 3.26 -21.40
CA GLN C 954 15.96 3.28 -21.02
C GLN C 954 15.52 1.95 -20.42
N ASN C 955 16.00 0.83 -20.98
CA ASN C 955 15.68 -0.47 -20.41
C ASN C 955 16.24 -0.63 -19.00
N ALA C 956 17.50 -0.21 -18.80
CA ALA C 956 18.09 -0.29 -17.46
C ALA C 956 17.39 0.64 -16.47
N GLN C 957 17.01 1.83 -16.92
CA GLN C 957 16.31 2.77 -16.04
C GLN C 957 14.93 2.25 -15.65
N ALA C 958 14.20 1.67 -16.61
CA ALA C 958 12.89 1.09 -16.29
C ALA C 958 13.02 -0.10 -15.35
N LEU C 959 14.03 -0.95 -15.57
CA LEU C 959 14.25 -2.09 -14.68
C LEU C 959 14.62 -1.63 -13.28
N ASN C 960 15.48 -0.60 -13.18
CA ASN C 960 15.87 -0.08 -11.87
C ASN C 960 14.69 0.59 -11.16
N THR C 961 13.83 1.28 -11.91
CA THR C 961 12.63 1.86 -11.32
C THR C 961 11.69 0.79 -10.81
N LEU C 962 11.53 -0.30 -11.58
CA LEU C 962 10.69 -1.41 -11.12
C LEU C 962 11.27 -2.08 -9.88
N VAL C 963 12.61 -2.16 -9.80
CA VAL C 963 13.25 -2.72 -8.62
C VAL C 963 13.01 -1.82 -7.40
N LYS C 964 13.21 -0.51 -7.57
CA LYS C 964 13.12 0.42 -6.46
C LYS C 964 11.68 0.76 -6.07
N GLN C 965 10.69 0.40 -6.90
CA GLN C 965 9.30 0.73 -6.58
C GLN C 965 8.80 -0.05 -5.37
N LEU C 966 9.25 -1.30 -5.19
CA LEU C 966 8.70 -2.12 -4.11
C LEU C 966 9.19 -1.71 -2.73
N SER C 967 10.14 -0.80 -2.64
CA SER C 967 10.56 -0.25 -1.35
C SER C 967 9.64 0.87 -0.88
N SER C 968 8.66 1.26 -1.69
CA SER C 968 7.73 2.32 -1.33
C SER C 968 6.56 1.78 -0.53
N ASN C 969 5.80 2.68 0.08
CA ASN C 969 4.70 2.32 0.96
C ASN C 969 3.37 2.22 0.23
N PHE C 970 3.14 3.12 -0.73
CA PHE C 970 1.86 3.24 -1.46
C PHE C 970 0.70 3.45 -0.49
N GLY C 971 0.92 4.27 0.54
CA GLY C 971 -0.09 4.56 1.54
C GLY C 971 -0.16 3.58 2.68
N ALA C 972 0.58 2.47 2.63
CA ALA C 972 0.58 1.52 3.72
C ALA C 972 1.51 1.99 4.84
N ILE C 973 1.44 1.28 5.98
CA ILE C 973 2.26 1.66 7.14
C ILE C 973 3.69 1.15 7.03
N SER C 974 3.98 0.25 6.11
CA SER C 974 5.33 -0.27 5.91
C SER C 974 5.46 -0.80 4.50
N SER C 975 6.71 -1.01 4.08
CA SER C 975 6.99 -1.53 2.75
C SER C 975 7.36 -3.01 2.74
N VAL C 976 7.94 -3.51 3.82
CA VAL C 976 8.31 -4.93 3.89
C VAL C 976 7.07 -5.76 4.20
N LEU C 977 6.92 -6.88 3.49
CA LEU C 977 5.78 -7.77 3.68
C LEU C 977 5.80 -8.43 5.05
N ASN C 978 6.98 -8.82 5.52
CA ASN C 978 7.05 -9.47 6.83
C ASN C 978 6.87 -8.48 7.96
N ASP C 979 7.27 -7.21 7.74
CA ASP C 979 7.15 -6.21 8.80
C ASP C 979 5.71 -5.88 9.11
N ILE C 980 4.83 -6.06 8.14
CA ILE C 980 3.41 -5.86 8.40
C ILE C 980 2.73 -7.16 8.77
N LEU C 981 3.19 -8.28 8.18
CA LEU C 981 2.52 -9.56 8.43
C LEU C 981 2.80 -10.09 9.82
N SER C 982 4.04 -9.98 10.29
CA SER C 982 4.43 -10.53 11.59
C SER C 982 4.21 -9.57 12.74
N ARG C 983 3.68 -8.37 12.48
CA ARG C 983 3.44 -7.38 13.52
C ARG C 983 1.96 -7.05 13.67
N LEU C 984 1.29 -6.72 12.56
CA LEU C 984 -0.10 -6.34 12.66
C LEU C 984 -0.98 -7.57 12.89
N ASP C 985 -2.23 -7.34 13.22
CA ASP C 985 -3.19 -8.35 13.53
C ASP C 985 -3.71 -8.98 12.23
N PRO C 986 -4.30 -10.18 12.31
CA PRO C 986 -4.88 -10.84 11.12
C PRO C 986 -5.94 -10.02 10.41
N PRO C 987 -7.00 -9.48 11.10
CA PRO C 987 -8.04 -8.79 10.32
C PRO C 987 -7.75 -7.32 10.11
N GLU C 988 -6.54 -6.87 10.45
CA GLU C 988 -6.21 -5.46 10.28
C GLU C 988 -5.05 -5.26 9.31
N ALA C 989 -4.14 -6.25 9.18
CA ALA C 989 -3.12 -6.20 8.13
C ALA C 989 -3.69 -6.39 6.73
N GLU C 990 -4.94 -6.86 6.61
CA GLU C 990 -5.51 -7.18 5.31
C GLU C 990 -5.65 -5.95 4.42
N VAL C 991 -6.12 -4.83 4.99
CA VAL C 991 -6.32 -3.63 4.19
C VAL C 991 -4.99 -3.04 3.75
N GLN C 992 -3.99 -3.05 4.64
CA GLN C 992 -2.67 -2.55 4.30
C GLN C 992 -1.99 -3.43 3.24
N ILE C 993 -2.16 -4.75 3.35
CA ILE C 993 -1.66 -5.68 2.32
C ILE C 993 -2.35 -5.43 0.99
N ASP C 994 -3.67 -5.20 1.00
CA ASP C 994 -4.39 -4.92 -0.24
C ASP C 994 -3.89 -3.62 -0.88
N ARG C 995 -3.59 -2.61 -0.05
CA ARG C 995 -3.01 -1.37 -0.56
C ARG C 995 -1.66 -1.62 -1.21
N LEU C 996 -0.81 -2.41 -0.56
CA LEU C 996 0.49 -2.73 -1.11
C LEU C 996 0.38 -3.52 -2.42
N ILE C 997 -0.56 -4.46 -2.48
CA ILE C 997 -0.75 -5.27 -3.68
C ILE C 997 -1.24 -4.40 -4.83
N THR C 998 -2.19 -3.50 -4.56
CA THR C 998 -2.69 -2.61 -5.61
C THR C 998 -1.60 -1.68 -6.12
N GLY C 999 -0.76 -1.17 -5.20
CA GLY C 999 0.31 -0.30 -5.64
C GLY C 999 1.35 -1.01 -6.47
N ARG C 1000 1.77 -2.20 -6.05
CA ARG C 1000 2.74 -2.96 -6.83
C ARG C 1000 2.16 -3.44 -8.15
N LEU C 1001 0.86 -3.74 -8.17
CA LEU C 1001 0.20 -4.13 -9.42
C LEU C 1001 0.12 -2.96 -10.39
N GLN C 1002 -0.14 -1.75 -9.87
CA GLN C 1002 -0.14 -0.57 -10.74
C GLN C 1002 1.26 -0.28 -11.28
N SER C 1003 2.29 -0.48 -10.45
CA SER C 1003 3.67 -0.29 -10.92
C SER C 1003 4.02 -1.31 -12.00
N LEU C 1004 3.62 -2.56 -11.83
CA LEU C 1004 3.85 -3.59 -12.85
C LEU C 1004 3.07 -3.28 -14.12
N GLN C 1005 1.84 -2.78 -13.99
CA GLN C 1005 1.06 -2.40 -15.15
C GLN C 1005 1.71 -1.27 -15.93
N THR C 1006 2.21 -0.26 -15.21
CA THR C 1006 2.92 0.84 -15.87
C THR C 1006 4.19 0.36 -16.56
N TYR C 1007 4.94 -0.53 -15.91
CA TYR C 1007 6.16 -1.07 -16.50
C TYR C 1007 5.86 -1.87 -17.77
N VAL C 1008 4.84 -2.73 -17.70
CA VAL C 1008 4.47 -3.56 -18.84
C VAL C 1008 3.99 -2.71 -20.00
N THR C 1009 3.15 -1.71 -19.72
CA THR C 1009 2.65 -0.83 -20.77
C THR C 1009 3.77 -0.04 -21.43
N GLN C 1010 4.66 0.56 -20.62
CA GLN C 1010 5.76 1.34 -21.18
C GLN C 1010 6.70 0.48 -22.00
N GLN C 1011 7.02 -0.73 -21.51
CA GLN C 1011 7.85 -1.64 -22.28
C GLN C 1011 7.16 -2.09 -23.56
N LEU C 1012 5.83 -2.22 -23.54
CA LEU C 1012 5.12 -2.64 -24.75
C LEU C 1012 5.14 -1.57 -25.82
N ILE C 1013 4.91 -0.30 -25.46
CA ILE C 1013 5.00 0.76 -26.47
C ILE C 1013 6.44 0.96 -26.93
N ARG C 1014 7.41 0.80 -26.01
CA ARG C 1014 8.82 0.90 -26.40
C ARG C 1014 9.19 -0.20 -27.38
N ALA C 1015 8.69 -1.42 -27.17
CA ALA C 1015 8.94 -2.50 -28.11
C ALA C 1015 8.20 -2.31 -29.41
N ALA C 1016 7.04 -1.64 -29.38
CA ALA C 1016 6.36 -1.30 -30.63
C ALA C 1016 7.21 -0.35 -31.47
N GLU C 1017 7.80 0.66 -30.81
CA GLU C 1017 8.68 1.58 -31.53
C GLU C 1017 9.95 0.87 -32.01
N ILE C 1018 10.46 -0.06 -31.19
CA ILE C 1018 11.63 -0.84 -31.58
C ILE C 1018 11.32 -1.73 -32.78
N ARG C 1019 10.12 -2.32 -32.80
CA ARG C 1019 9.70 -3.13 -33.93
C ARG C 1019 9.56 -2.29 -35.19
N ALA C 1020 9.04 -1.07 -35.05
CA ALA C 1020 8.97 -0.17 -36.21
C ALA C 1020 10.37 0.18 -36.73
N SER C 1021 11.29 0.49 -35.82
CA SER C 1021 12.66 0.81 -36.22
C SER C 1021 13.37 -0.39 -36.84
N ALA C 1022 13.10 -1.58 -36.32
CA ALA C 1022 13.74 -2.78 -36.86
C ALA C 1022 13.12 -3.22 -38.18
N ASN C 1023 11.83 -2.96 -38.39
CA ASN C 1023 11.24 -3.18 -39.70
C ASN C 1023 11.81 -2.19 -40.71
N LEU C 1024 12.08 -0.95 -40.27
CA LEU C 1024 12.80 -0.01 -41.11
C LEU C 1024 14.21 -0.52 -41.41
N ALA C 1025 14.85 -1.14 -40.42
CA ALA C 1025 16.19 -1.72 -40.63
C ALA C 1025 16.15 -2.87 -41.63
N ALA C 1026 15.12 -3.71 -41.56
CA ALA C 1026 14.97 -4.78 -42.53
C ALA C 1026 14.69 -4.23 -43.93
N THR C 1027 13.91 -3.16 -44.02
CA THR C 1027 13.69 -2.49 -45.29
C THR C 1027 15.00 -1.92 -45.85
N LYS C 1028 15.83 -1.35 -44.99
CA LYS C 1028 17.15 -0.88 -45.40
C LYS C 1028 18.03 -2.05 -45.86
N MET C 1029 17.95 -3.17 -45.16
CA MET C 1029 18.84 -4.30 -45.45
C MET C 1029 18.48 -4.99 -46.75
N SER C 1030 17.18 -5.20 -47.00
CA SER C 1030 16.77 -5.95 -48.17
C SER C 1030 16.93 -5.18 -49.47
N GLU C 1031 17.05 -3.85 -49.40
CA GLU C 1031 17.15 -3.03 -50.60
C GLU C 1031 18.46 -2.28 -50.76
N CYS C 1032 19.20 -2.05 -49.67
CA CYS C 1032 20.47 -1.33 -49.72
C CYS C 1032 21.66 -2.29 -49.63
N VAL C 1033 21.65 -3.21 -48.67
CA VAL C 1033 22.68 -4.22 -48.60
C VAL C 1033 22.50 -5.26 -49.70
N LEU C 1034 21.28 -5.74 -49.87
CA LEU C 1034 20.98 -6.85 -50.75
C LEU C 1034 20.73 -6.43 -52.19
N GLY C 1035 20.91 -5.16 -52.50
CA GLY C 1035 20.68 -4.69 -53.86
C GLY C 1035 20.96 -3.20 -53.95
N GLN C 1036 20.62 -2.65 -55.11
CA GLN C 1036 20.78 -1.22 -55.35
C GLN C 1036 19.41 -0.56 -55.36
N SER C 1037 19.27 0.53 -54.61
CA SER C 1037 18.00 1.23 -54.47
C SER C 1037 18.09 2.59 -55.13
N LYS C 1038 17.08 2.92 -55.94
CA LYS C 1038 17.01 4.21 -56.61
C LYS C 1038 16.29 5.27 -55.78
N ARG C 1039 15.85 4.93 -54.57
CA ARG C 1039 15.21 5.89 -53.70
C ARG C 1039 16.27 6.78 -53.07
N VAL C 1040 16.20 8.09 -53.35
CA VAL C 1040 17.20 9.01 -52.85
C VAL C 1040 17.02 9.22 -51.36
N ASP C 1041 18.14 9.48 -50.67
CA ASP C 1041 18.21 9.67 -49.22
C ASP C 1041 17.68 8.47 -48.45
N PHE C 1042 17.83 7.27 -49.02
CA PHE C 1042 17.53 6.04 -48.32
C PHE C 1042 18.77 5.32 -47.83
N CYS C 1043 19.93 5.64 -48.39
CA CYS C 1043 21.23 5.11 -47.97
C CYS C 1043 22.22 6.25 -47.81
N GLY C 1044 21.81 7.28 -47.08
CA GLY C 1044 22.63 8.46 -46.89
C GLY C 1044 22.47 9.47 -48.01
N LYS C 1045 23.12 10.61 -47.82
CA LYS C 1045 23.08 11.67 -48.83
C LYS C 1045 23.87 11.28 -50.05
N GLY C 1046 23.30 11.55 -51.23
CA GLY C 1046 23.95 11.25 -52.49
C GLY C 1046 23.41 9.99 -53.14
N TYR C 1047 23.91 9.74 -54.35
CA TYR C 1047 23.53 8.54 -55.08
C TYR C 1047 24.12 7.32 -54.39
N HIS C 1048 23.30 6.28 -54.23
CA HIS C 1048 23.68 5.11 -53.46
C HIS C 1048 24.15 4.00 -54.40
N LEU C 1049 25.31 3.43 -54.09
CA LEU C 1049 25.84 2.28 -54.83
C LEU C 1049 25.57 0.97 -54.09
N MET C 1050 26.07 0.83 -52.87
CA MET C 1050 25.92 -0.37 -52.07
C MET C 1050 26.20 -0.01 -50.62
N SER C 1051 26.08 -0.99 -49.74
CA SER C 1051 26.27 -0.74 -48.32
C SER C 1051 26.79 -2.00 -47.63
N PHE C 1052 27.30 -1.81 -46.42
CA PHE C 1052 27.94 -2.87 -45.65
C PHE C 1052 27.26 -2.98 -44.28
N PRO C 1053 26.60 -4.09 -43.97
CA PRO C 1053 26.07 -4.28 -42.62
C PRO C 1053 27.18 -4.66 -41.65
N GLN C 1054 27.00 -4.22 -40.39
CA GLN C 1054 27.95 -4.55 -39.34
C GLN C 1054 27.19 -4.94 -38.09
N SER C 1055 27.74 -5.89 -37.34
CA SER C 1055 27.11 -6.34 -36.11
C SER C 1055 27.23 -5.26 -35.03
N ALA C 1056 26.26 -5.25 -34.12
CA ALA C 1056 26.21 -4.27 -33.06
C ALA C 1056 25.42 -4.85 -31.90
N PRO C 1057 25.69 -4.42 -30.66
CA PRO C 1057 24.89 -4.91 -29.52
C PRO C 1057 23.47 -4.35 -29.58
N HIS C 1058 22.49 -5.25 -29.64
CA HIS C 1058 21.06 -4.91 -29.71
C HIS C 1058 20.74 -4.02 -30.90
N GLY C 1059 21.39 -4.27 -32.04
CA GLY C 1059 21.12 -3.50 -33.22
C GLY C 1059 22.05 -3.87 -34.35
N VAL C 1060 21.96 -3.10 -35.44
CA VAL C 1060 22.79 -3.29 -36.61
C VAL C 1060 23.30 -1.93 -37.06
N VAL C 1061 24.46 -1.93 -37.72
CA VAL C 1061 25.10 -0.71 -38.22
C VAL C 1061 25.40 -0.90 -39.69
N PHE C 1062 24.94 0.04 -40.52
CA PHE C 1062 25.18 0.02 -41.94
C PHE C 1062 26.29 0.99 -42.31
N LEU C 1063 27.02 0.66 -43.37
CA LEU C 1063 28.06 1.51 -43.94
C LEU C 1063 27.68 1.79 -45.39
N HIS C 1064 26.87 2.83 -45.60
CA HIS C 1064 26.31 3.11 -46.92
C HIS C 1064 27.37 3.79 -47.78
N VAL C 1065 27.80 3.11 -48.84
CA VAL C 1065 28.75 3.69 -49.80
C VAL C 1065 27.96 4.54 -50.79
N THR C 1066 28.15 5.87 -50.70
CA THR C 1066 27.40 6.81 -51.52
C THR C 1066 28.31 7.47 -52.55
N TYR C 1067 27.68 8.21 -53.46
CA TYR C 1067 28.35 8.84 -54.60
C TYR C 1067 28.11 10.35 -54.53
N VAL C 1068 29.11 11.10 -54.11
CA VAL C 1068 29.00 12.55 -53.94
C VAL C 1068 30.03 13.22 -54.83
N PRO C 1069 29.63 14.10 -55.75
CA PRO C 1069 30.60 14.86 -56.54
C PRO C 1069 31.16 16.05 -55.79
N ALA C 1070 32.32 16.52 -56.25
CA ALA C 1070 33.04 17.60 -55.57
C ALA C 1070 33.21 18.84 -56.41
N GLN C 1071 33.78 18.74 -57.60
CA GLN C 1071 34.07 19.89 -58.44
C GLN C 1071 33.04 20.02 -59.55
N GLU C 1072 32.77 21.26 -59.95
CA GLU C 1072 31.76 21.56 -60.94
C GLU C 1072 32.28 22.57 -61.96
N LYS C 1073 31.70 22.54 -63.15
CA LYS C 1073 31.97 23.49 -64.21
C LYS C 1073 30.67 23.99 -64.79
N ASN C 1074 30.63 25.27 -65.16
CA ASN C 1074 29.43 25.93 -65.67
C ASN C 1074 29.62 26.22 -67.15
N PHE C 1075 28.68 25.76 -67.98
CA PHE C 1075 28.69 26.10 -69.39
C PHE C 1075 27.28 26.08 -69.95
N THR C 1076 27.18 26.39 -71.25
CA THR C 1076 25.93 26.70 -71.92
C THR C 1076 25.35 25.45 -72.58
N THR C 1077 24.02 25.28 -72.47
CA THR C 1077 23.30 24.14 -73.02
C THR C 1077 22.22 24.60 -74.00
N ALA C 1078 21.63 23.62 -74.70
CA ALA C 1078 20.50 23.81 -75.59
C ALA C 1078 19.83 22.46 -75.79
N PRO C 1079 18.49 22.40 -75.82
CA PRO C 1079 17.83 21.08 -75.81
C PRO C 1079 17.98 20.29 -77.10
N ALA C 1080 18.22 20.93 -78.24
CA ALA C 1080 18.33 20.21 -79.50
C ALA C 1080 19.23 20.98 -80.45
N ILE C 1081 19.63 20.30 -81.53
CA ILE C 1081 20.46 20.90 -82.57
C ILE C 1081 19.78 20.69 -83.91
N CYS C 1082 20.15 21.51 -84.88
CA CYS C 1082 19.58 21.48 -86.22
C CYS C 1082 20.67 21.06 -87.20
N HIS C 1083 20.53 19.86 -87.77
CA HIS C 1083 21.50 19.37 -88.74
C HIS C 1083 21.19 19.93 -90.13
N ASP C 1084 20.02 19.61 -90.66
CA ASP C 1084 19.56 20.08 -91.96
C ASP C 1084 18.18 20.70 -91.86
N GLY C 1085 17.95 21.47 -90.80
CA GLY C 1085 16.65 22.06 -90.55
C GLY C 1085 15.71 21.21 -89.72
N LYS C 1086 16.10 19.97 -89.40
CA LYS C 1086 15.30 19.09 -88.56
C LYS C 1086 15.87 19.03 -87.16
N ALA C 1087 14.98 18.92 -86.17
CA ALA C 1087 15.38 18.90 -84.78
C ALA C 1087 15.96 17.53 -84.41
N HIS C 1088 17.08 17.56 -83.68
CA HIS C 1088 17.75 16.34 -83.22
C HIS C 1088 17.69 16.32 -81.70
N PHE C 1089 16.78 15.52 -81.14
CA PHE C 1089 16.66 15.37 -79.70
C PHE C 1089 17.49 14.17 -79.23
N PRO C 1090 18.18 14.29 -78.11
CA PRO C 1090 19.08 13.21 -77.68
C PRO C 1090 18.31 12.06 -77.04
N ARG C 1091 18.71 10.83 -77.38
CA ARG C 1091 18.15 9.66 -76.73
C ARG C 1091 18.58 9.58 -75.28
N GLU C 1092 19.86 9.82 -75.02
CA GLU C 1092 20.37 9.96 -73.67
C GLU C 1092 21.39 11.08 -73.66
N GLY C 1093 21.50 11.77 -72.52
CA GLY C 1093 22.44 12.84 -72.37
C GLY C 1093 21.88 14.20 -72.74
N VAL C 1094 22.66 15.24 -72.48
CA VAL C 1094 22.27 16.62 -72.68
C VAL C 1094 23.35 17.33 -73.48
N PHE C 1095 22.94 18.09 -74.49
CA PHE C 1095 23.89 18.91 -75.24
C PHE C 1095 24.45 20.01 -74.35
N VAL C 1096 25.78 20.15 -74.34
CA VAL C 1096 26.46 21.21 -73.63
C VAL C 1096 27.44 21.87 -74.59
N SER C 1097 27.77 23.13 -74.31
CA SER C 1097 28.66 23.90 -75.17
C SER C 1097 29.65 24.67 -74.32
N ASN C 1098 30.95 24.42 -74.53
CA ASN C 1098 31.96 25.24 -73.87
C ASN C 1098 32.07 26.62 -74.50
N GLY C 1099 31.57 26.79 -75.73
CA GLY C 1099 31.64 28.06 -76.43
C GLY C 1099 31.99 27.87 -77.89
N THR C 1100 32.77 26.84 -78.21
CA THR C 1100 33.21 26.57 -79.57
C THR C 1100 32.47 25.41 -80.22
N HIS C 1101 32.26 24.31 -79.49
CA HIS C 1101 31.58 23.15 -80.05
C HIS C 1101 30.46 22.68 -79.15
N TRP C 1102 29.85 21.53 -79.47
CA TRP C 1102 28.76 20.97 -78.70
C TRP C 1102 29.02 19.49 -78.44
N PHE C 1103 28.76 19.06 -77.21
CA PHE C 1103 29.00 17.69 -76.80
C PHE C 1103 27.82 17.17 -76.00
N VAL C 1104 27.68 15.85 -75.95
CA VAL C 1104 26.63 15.20 -75.18
C VAL C 1104 27.23 14.64 -73.90
N THR C 1105 26.61 14.95 -72.76
CA THR C 1105 27.12 14.56 -71.46
C THR C 1105 25.99 14.01 -70.60
N GLN C 1106 26.34 13.18 -69.64
CA GLN C 1106 25.37 12.69 -68.68
C GLN C 1106 25.13 13.71 -67.57
N ARG C 1107 24.08 13.48 -66.78
CA ARG C 1107 23.75 14.37 -65.69
C ARG C 1107 24.80 14.34 -64.60
N ASN C 1108 25.24 13.13 -64.23
CA ASN C 1108 26.02 12.95 -63.01
C ASN C 1108 27.48 13.36 -63.14
N PHE C 1109 28.07 13.23 -64.33
CA PHE C 1109 29.49 13.48 -64.48
C PHE C 1109 29.78 13.95 -65.89
N TYR C 1110 30.75 14.84 -66.03
CA TYR C 1110 31.05 15.50 -67.29
C TYR C 1110 31.94 14.62 -68.16
N GLU C 1111 31.50 14.37 -69.39
CA GLU C 1111 32.26 13.54 -70.33
C GLU C 1111 31.95 14.05 -71.73
N PRO C 1112 32.79 14.93 -72.29
CA PRO C 1112 32.51 15.50 -73.62
C PRO C 1112 32.63 14.46 -74.73
N GLN C 1113 31.51 14.17 -75.39
CA GLN C 1113 31.44 13.15 -76.42
C GLN C 1113 31.07 13.79 -77.75
N ILE C 1114 31.58 13.19 -78.83
CA ILE C 1114 31.28 13.66 -80.17
C ILE C 1114 29.81 13.37 -80.49
N ILE C 1115 29.14 14.37 -81.08
CA ILE C 1115 27.74 14.22 -81.46
C ILE C 1115 27.62 13.18 -82.57
N THR C 1116 26.79 12.17 -82.35
CA THR C 1116 26.71 11.01 -83.22
C THR C 1116 25.23 10.65 -83.38
N THR C 1117 24.95 9.84 -84.40
CA THR C 1117 23.57 9.44 -84.69
C THR C 1117 23.00 8.57 -83.57
N ASP C 1118 23.82 7.71 -82.97
CA ASP C 1118 23.34 6.66 -82.08
C ASP C 1118 22.68 7.19 -80.81
N ASN C 1119 23.03 8.39 -80.37
CA ASN C 1119 22.43 8.99 -79.18
C ASN C 1119 21.59 10.21 -79.54
N THR C 1120 20.91 10.16 -80.68
CA THR C 1120 20.00 11.22 -81.09
C THR C 1120 18.97 10.62 -82.04
N PHE C 1121 17.91 11.40 -82.30
CA PHE C 1121 16.86 10.96 -83.20
C PHE C 1121 16.18 12.17 -83.80
N VAL C 1122 15.47 11.95 -84.90
CA VAL C 1122 14.79 13.00 -85.63
C VAL C 1122 13.35 13.10 -85.14
N SER C 1123 12.93 14.31 -84.78
CA SER C 1123 11.55 14.53 -84.33
C SER C 1123 11.19 15.99 -84.57
N GLY C 1124 10.17 16.22 -85.39
CA GLY C 1124 9.68 17.57 -85.61
C GLY C 1124 10.59 18.40 -86.51
N ASN C 1125 10.44 19.71 -86.39
CA ASN C 1125 11.21 20.68 -87.16
C ASN C 1125 11.97 21.59 -86.20
N CYS C 1126 12.67 22.57 -86.77
CA CYS C 1126 13.51 23.48 -86.01
C CYS C 1126 12.92 24.88 -85.86
N ASP C 1127 11.66 25.06 -86.26
CA ASP C 1127 11.01 26.37 -86.19
C ASP C 1127 10.00 26.47 -85.06
N VAL C 1128 9.91 25.46 -84.19
CA VAL C 1128 8.90 25.45 -83.14
C VAL C 1128 9.58 25.27 -81.78
N VAL C 1129 10.75 24.63 -81.76
CA VAL C 1129 11.44 24.34 -80.51
C VAL C 1129 12.13 25.59 -80.00
N ILE C 1130 11.93 25.91 -78.72
CA ILE C 1130 12.49 27.09 -78.10
C ILE C 1130 13.89 26.78 -77.57
N GLY C 1131 14.78 27.76 -77.68
CA GLY C 1131 16.14 27.58 -77.20
C GLY C 1131 17.01 26.68 -78.04
N ILE C 1132 16.61 26.42 -79.28
CA ILE C 1132 17.36 25.48 -80.12
C ILE C 1132 18.57 26.17 -80.72
N VAL C 1133 19.54 25.36 -81.13
CA VAL C 1133 20.73 25.83 -81.86
C VAL C 1133 20.86 24.99 -83.12
N ASN C 1134 21.84 25.32 -83.95
CA ASN C 1134 22.14 24.54 -85.14
C ASN C 1134 23.56 23.97 -85.04
N ASN C 1135 23.69 22.67 -85.32
CA ASN C 1135 24.98 22.02 -85.37
C ASN C 1135 24.85 20.78 -86.24
N THR C 1136 25.93 20.46 -86.96
CA THR C 1136 25.92 19.32 -87.87
C THR C 1136 26.16 18.03 -87.10
N VAL C 1137 25.31 17.03 -87.35
CA VAL C 1137 25.50 15.70 -86.77
C VAL C 1137 26.60 14.98 -87.54
N TYR C 1138 27.60 14.48 -86.83
CA TYR C 1138 28.73 13.82 -87.47
C TYR C 1138 28.31 12.40 -87.79
N ASP C 1139 27.90 12.17 -89.03
CA ASP C 1139 27.41 10.87 -89.45
C ASP C 1139 28.58 9.89 -89.56
N PRO C 1140 28.53 8.74 -88.88
CA PRO C 1140 29.63 7.76 -89.01
C PRO C 1140 29.76 7.17 -90.39
N LEU C 1141 28.71 7.21 -91.22
CA LEU C 1141 28.80 6.65 -92.56
C LEU C 1141 29.61 7.52 -93.51
N GLN C 1142 29.76 8.82 -93.19
CA GLN C 1142 30.52 9.72 -94.07
C GLN C 1142 31.99 9.37 -94.21
N PRO C 1143 32.78 9.14 -93.14
CA PRO C 1143 34.18 8.74 -93.38
C PRO C 1143 34.32 7.34 -93.92
N GLU C 1144 33.37 6.44 -93.63
CA GLU C 1144 33.40 5.11 -94.22
C GLU C 1144 33.14 5.15 -95.72
N LEU C 1145 32.25 6.05 -96.16
CA LEU C 1145 32.00 6.20 -97.58
C LEU C 1145 33.16 6.90 -98.28
N ASP C 1146 33.73 7.93 -97.64
CA ASP C 1146 34.84 8.66 -98.24
C ASP C 1146 36.14 7.87 -98.22
N SER C 1147 36.24 6.85 -97.36
CA SER C 1147 37.44 6.02 -97.30
C SER C 1147 37.43 4.97 -98.42
N VAL D 2 -18.79 -18.79 63.90
CA VAL D 2 -17.45 -18.69 63.34
C VAL D 2 -16.53 -17.97 64.32
N GLN D 3 -15.70 -18.75 65.02
CA GLN D 3 -14.74 -18.21 65.97
C GLN D 3 -13.44 -18.97 65.87
N LEU D 4 -12.33 -18.24 65.85
CA LEU D 4 -11.00 -18.82 65.73
C LEU D 4 -10.18 -18.39 66.94
N VAL D 5 -9.74 -19.36 67.74
CA VAL D 5 -9.00 -19.11 68.96
C VAL D 5 -7.60 -19.69 68.81
N GLU D 6 -6.59 -18.84 69.02
CA GLU D 6 -5.20 -19.23 68.85
C GLU D 6 -4.50 -19.33 70.21
N SER D 7 -3.52 -20.23 70.28
CA SER D 7 -2.76 -20.45 71.50
C SER D 7 -1.44 -21.10 71.14
N GLY D 8 -0.54 -21.16 72.12
CA GLY D 8 0.74 -21.83 71.97
C GLY D 8 1.93 -20.89 71.84
N GLY D 9 1.71 -19.60 71.66
CA GLY D 9 2.82 -18.67 71.54
C GLY D 9 3.51 -18.41 72.86
N GLY D 10 4.75 -17.95 72.78
CA GLY D 10 5.51 -17.63 73.97
C GLY D 10 6.95 -17.30 73.63
N LEU D 11 7.72 -17.04 74.68
CA LEU D 11 9.13 -16.75 74.52
C LEU D 11 9.90 -18.01 74.19
N VAL D 12 10.74 -17.94 73.16
CA VAL D 12 11.47 -19.12 72.69
C VAL D 12 12.81 -18.67 72.11
N GLN D 13 13.88 -19.31 72.53
CA GLN D 13 15.18 -19.07 71.92
C GLN D 13 15.17 -19.68 70.51
N PRO D 14 15.73 -18.98 69.52
CA PRO D 14 15.82 -19.56 68.16
C PRO D 14 16.67 -20.82 68.13
N GLY D 15 16.05 -21.93 67.73
CA GLY D 15 16.73 -23.20 67.63
C GLY D 15 15.90 -24.36 68.13
N ARG D 16 15.02 -24.10 69.09
CA ARG D 16 14.19 -25.14 69.69
C ARG D 16 12.76 -25.04 69.15
N SER D 17 11.94 -26.01 69.55
CA SER D 17 10.58 -26.12 69.07
C SER D 17 9.61 -25.41 70.00
N LEU D 18 8.52 -24.89 69.42
CA LEU D 18 7.45 -24.27 70.18
C LEU D 18 6.15 -24.46 69.39
N ARG D 19 5.38 -25.48 69.75
CA ARG D 19 4.20 -25.86 69.00
C ARG D 19 3.01 -25.01 69.39
N LEU D 20 2.28 -24.52 68.40
CA LEU D 20 1.11 -23.66 68.58
C LEU D 20 -0.10 -24.29 67.90
N SER D 21 -1.28 -23.79 68.25
CA SER D 21 -2.52 -24.31 67.70
C SER D 21 -3.53 -23.17 67.56
N CYS D 22 -4.34 -23.26 66.50
CA CYS D 22 -5.50 -22.38 66.32
C CYS D 22 -6.75 -23.24 66.34
N ALA D 23 -7.62 -22.99 67.32
CA ALA D 23 -8.84 -23.76 67.46
C ALA D 23 -9.91 -23.25 66.50
N ALA D 24 -10.60 -24.18 65.85
CA ALA D 24 -11.65 -23.86 64.89
C ALA D 24 -13.01 -24.19 65.51
N SER D 25 -13.86 -23.18 65.65
CA SER D 25 -15.19 -23.34 66.20
C SER D 25 -16.18 -22.54 65.36
N GLY D 26 -17.44 -22.99 65.38
CA GLY D 26 -18.45 -22.35 64.55
C GLY D 26 -18.27 -22.58 63.07
N PHE D 27 -17.61 -23.67 62.68
CA PHE D 27 -17.29 -23.95 61.29
C PHE D 27 -17.69 -25.38 60.99
N ASN D 28 -18.63 -25.55 60.06
CA ASN D 28 -19.09 -26.88 59.68
C ASN D 28 -18.00 -27.62 58.92
N PHE D 29 -18.03 -28.94 59.00
CA PHE D 29 -17.00 -29.76 58.38
C PHE D 29 -17.20 -29.80 56.87
N ASP D 30 -16.18 -29.40 56.12
CA ASP D 30 -16.24 -29.40 54.66
C ASP D 30 -14.80 -29.43 54.14
N ASP D 31 -14.65 -29.15 52.84
CA ASP D 31 -13.37 -29.23 52.14
C ASP D 31 -12.72 -27.86 51.98
N TYR D 32 -12.85 -26.99 52.98
CA TYR D 32 -12.21 -25.68 52.92
C TYR D 32 -10.69 -25.83 53.02
N ALA D 33 -9.98 -24.84 52.50
CA ALA D 33 -8.53 -24.82 52.59
C ALA D 33 -8.14 -23.90 53.74
N MET D 34 -7.43 -24.44 54.73
CA MET D 34 -6.93 -23.64 55.84
C MET D 34 -5.53 -23.14 55.52
N HIS D 35 -5.30 -21.85 55.76
CA HIS D 35 -3.98 -21.24 55.58
C HIS D 35 -3.53 -20.58 56.87
N TRP D 36 -2.23 -20.34 56.96
CA TRP D 36 -1.64 -19.56 58.05
C TRP D 36 -1.42 -18.13 57.60
N ALA D 37 -1.07 -17.28 58.58
CA ALA D 37 -0.67 -15.90 58.30
C ALA D 37 0.15 -15.41 59.48
N ARG D 38 1.08 -14.52 59.19
CA ARG D 38 1.90 -13.88 60.22
C ARG D 38 2.04 -12.41 59.87
N GLN D 39 2.49 -11.62 60.86
CA GLN D 39 2.70 -10.19 60.67
C GLN D 39 3.66 -9.70 61.75
N VAL D 40 4.84 -9.28 61.34
CA VAL D 40 5.74 -8.58 62.27
C VAL D 40 5.15 -7.21 62.57
N PRO D 41 5.03 -6.81 63.84
CA PRO D 41 4.45 -5.49 64.14
C PRO D 41 5.30 -4.35 63.59
N GLY D 42 4.61 -3.32 63.09
CA GLY D 42 5.25 -2.18 62.49
C GLY D 42 5.16 -2.10 60.99
N LYS D 43 4.76 -3.18 60.32
CA LYS D 43 4.67 -3.22 58.85
C LYS D 43 3.57 -4.20 58.49
N GLY D 44 3.33 -4.39 57.20
CA GLY D 44 2.28 -5.26 56.67
C GLY D 44 2.47 -6.74 56.99
N LEU D 45 1.84 -7.57 56.18
CA LEU D 45 1.59 -8.99 56.47
C LEU D 45 2.43 -9.91 55.58
N GLU D 46 2.56 -11.16 56.02
CA GLU D 46 3.23 -12.20 55.23
C GLU D 46 2.45 -13.49 55.40
N TRP D 47 2.53 -14.35 54.39
CA TRP D 47 1.83 -15.63 54.38
C TRP D 47 2.81 -16.76 54.69
N VAL D 48 2.35 -17.74 55.45
CA VAL D 48 3.21 -18.80 55.97
C VAL D 48 2.98 -20.14 55.25
N SER D 49 1.77 -20.68 55.35
CA SER D 49 1.53 -22.04 54.88
C SER D 49 0.06 -22.21 54.50
N GLY D 50 -0.29 -23.42 54.08
CA GLY D 50 -1.66 -23.75 53.71
C GLY D 50 -1.89 -25.23 53.49
N ILE D 51 -3.11 -25.69 53.75
CA ILE D 51 -3.50 -27.09 53.57
C ILE D 51 -4.88 -27.10 52.94
N SER D 52 -5.05 -27.95 51.91
CA SER D 52 -6.29 -28.04 51.15
C SER D 52 -6.93 -29.40 51.35
N GLY D 53 -7.99 -29.67 50.59
CA GLY D 53 -8.78 -30.88 50.76
C GLY D 53 -8.06 -32.13 50.27
N ASN D 54 -8.69 -33.27 50.59
CA ASN D 54 -8.21 -34.64 50.30
C ASN D 54 -6.73 -34.82 50.66
N SER D 55 -6.32 -34.20 51.77
CA SER D 55 -4.94 -34.16 52.27
C SER D 55 -3.94 -33.69 51.23
N GLY D 56 -2.65 -33.90 51.49
CA GLY D 56 -1.55 -33.52 50.62
C GLY D 56 -1.55 -32.03 50.33
N SER D 57 -1.01 -31.67 49.17
CA SER D 57 -1.11 -30.33 48.58
C SER D 57 -0.60 -29.24 49.52
N VAL D 58 0.51 -29.53 50.20
CA VAL D 58 1.08 -28.57 51.14
C VAL D 58 2.04 -27.65 50.40
N GLU D 59 2.12 -26.40 50.86
CA GLU D 59 3.03 -25.43 50.29
C GLU D 59 3.30 -24.35 51.34
N TYR D 60 4.48 -23.76 51.24
CA TYR D 60 4.93 -22.72 52.15
C TYR D 60 5.31 -21.47 51.34
N ALA D 61 5.88 -20.49 52.02
CA ALA D 61 6.38 -19.30 51.34
C ALA D 61 7.74 -19.61 50.73
N ASP D 62 8.42 -18.57 50.20
CA ASP D 62 9.64 -18.80 49.44
C ASP D 62 10.82 -19.16 50.34
N SER D 63 10.97 -18.48 51.47
CA SER D 63 12.17 -18.58 52.29
C SER D 63 12.00 -19.43 53.54
N VAL D 64 10.92 -20.21 53.62
CA VAL D 64 10.66 -21.00 54.83
C VAL D 64 10.56 -22.47 54.49
N LYS D 65 11.30 -22.92 53.48
CA LYS D 65 11.19 -24.28 53.00
C LYS D 65 11.76 -25.29 53.98
N GLY D 66 10.99 -26.33 54.26
CA GLY D 66 11.50 -27.49 54.97
C GLY D 66 11.78 -27.30 56.45
N ARG D 67 11.11 -26.35 57.11
CA ARG D 67 11.29 -26.17 58.54
C ARG D 67 9.99 -26.13 59.32
N PHE D 68 8.84 -26.28 58.67
CA PHE D 68 7.57 -26.41 59.34
C PHE D 68 6.93 -27.75 58.99
N ALA D 69 6.10 -28.26 59.88
CA ALA D 69 5.40 -29.54 59.68
C ALA D 69 3.91 -29.35 59.86
N MET D 70 3.12 -30.00 59.01
CA MET D 70 1.67 -29.85 59.02
C MET D 70 0.98 -31.18 59.29
N SER D 71 -0.07 -31.12 60.11
CA SER D 71 -1.00 -32.21 60.32
C SER D 71 -2.37 -31.63 60.65
N ARG D 72 -3.39 -32.15 59.99
CA ARG D 72 -4.77 -31.71 60.19
C ARG D 72 -5.62 -32.88 60.67
N ASP D 73 -6.37 -32.64 61.76
CA ASP D 73 -7.29 -33.63 62.32
C ASP D 73 -8.69 -33.05 62.27
N ASN D 74 -9.52 -33.57 61.36
CA ASN D 74 -10.88 -33.07 61.18
C ASN D 74 -11.81 -33.50 62.30
N ALA D 75 -11.48 -34.58 63.02
CA ALA D 75 -12.35 -35.05 64.09
C ALA D 75 -12.29 -34.12 65.31
N LYS D 76 -11.10 -33.70 65.70
CA LYS D 76 -10.95 -32.82 66.85
C LYS D 76 -11.23 -31.35 66.52
N ASN D 77 -11.32 -31.00 65.23
CA ASN D 77 -11.52 -29.63 64.76
C ASN D 77 -10.46 -28.68 65.30
N SER D 78 -9.21 -29.16 65.34
CA SER D 78 -8.07 -28.38 65.81
C SER D 78 -6.97 -28.41 64.77
N LEU D 79 -6.17 -27.36 64.74
CA LEU D 79 -5.09 -27.21 63.78
C LEU D 79 -3.74 -27.28 64.50
N TYR D 80 -2.78 -27.95 63.87
CA TYR D 80 -1.47 -28.18 64.46
C TYR D 80 -0.39 -27.71 63.50
N LEU D 81 0.56 -26.93 64.01
CA LEU D 81 1.76 -26.54 63.30
C LEU D 81 2.97 -26.80 64.18
N GLU D 82 3.96 -27.48 63.63
CA GLU D 82 5.19 -27.81 64.37
C GLU D 82 6.29 -26.82 64.00
N MET D 83 7.01 -26.35 65.02
CA MET D 83 8.08 -25.39 64.84
C MET D 83 9.42 -26.09 64.86
N ASN D 84 10.29 -25.74 63.93
CA ASN D 84 11.61 -26.34 63.82
C ASN D 84 12.55 -25.33 63.17
N SER D 85 13.78 -25.27 63.68
CA SER D 85 14.86 -24.42 63.17
C SER D 85 14.44 -22.94 63.16
N LEU D 86 14.14 -22.44 64.34
CA LEU D 86 13.65 -21.08 64.49
C LEU D 86 14.81 -20.08 64.38
N ARG D 87 14.50 -18.91 63.82
CA ARG D 87 15.43 -17.81 63.70
C ARG D 87 14.84 -16.56 64.34
N THR D 88 15.63 -15.49 64.37
CA THR D 88 15.23 -14.27 65.07
C THR D 88 14.18 -13.46 64.32
N GLU D 89 14.02 -13.68 63.02
CA GLU D 89 13.09 -12.90 62.21
C GLU D 89 11.66 -13.44 62.26
N ASP D 90 11.42 -14.53 62.98
CA ASP D 90 10.11 -15.16 63.06
C ASP D 90 9.21 -14.54 64.12
N THR D 91 9.64 -13.45 64.76
CA THR D 91 8.82 -12.80 65.78
C THR D 91 7.65 -12.08 65.13
N ALA D 92 6.44 -12.55 65.41
CA ALA D 92 5.23 -12.02 64.80
C ALA D 92 4.04 -12.45 65.64
N LEU D 93 2.84 -12.04 65.22
CA LEU D 93 1.61 -12.57 65.76
C LEU D 93 0.97 -13.44 64.69
N TYR D 94 0.70 -14.70 65.03
CA TYR D 94 0.27 -15.69 64.05
C TYR D 94 -1.25 -15.64 63.89
N TYR D 95 -1.69 -15.60 62.63
CA TYR D 95 -3.10 -15.53 62.29
C TYR D 95 -3.50 -16.79 61.53
N CYS D 96 -4.67 -17.33 61.84
CA CYS D 96 -5.20 -18.51 61.18
C CYS D 96 -6.44 -18.14 60.37
N ALA D 97 -6.51 -18.62 59.14
CA ALA D 97 -7.60 -18.31 58.23
C ALA D 97 -8.14 -19.58 57.60
N LYS D 98 -9.45 -19.62 57.38
CA LYS D 98 -10.12 -20.76 56.79
C LYS D 98 -10.62 -20.51 55.37
N GLU D 99 -10.69 -19.24 54.96
CA GLU D 99 -10.91 -18.79 53.58
C GLU D 99 -12.33 -19.05 53.05
N THR D 100 -13.13 -19.81 53.80
CA THR D 100 -14.57 -20.06 53.71
C THR D 100 -15.18 -20.09 52.31
N THR D 101 -14.52 -20.75 51.35
CA THR D 101 -15.13 -21.02 50.04
C THR D 101 -14.91 -22.48 49.63
N PRO D 102 -15.57 -23.46 50.32
CA PRO D 102 -15.34 -24.88 50.04
C PRO D 102 -16.16 -25.43 48.88
N TRP D 103 -16.18 -24.70 47.77
CA TRP D 103 -16.87 -25.12 46.55
C TRP D 103 -15.87 -25.78 45.62
N GLY D 104 -16.31 -26.84 44.93
CA GLY D 104 -15.43 -27.57 44.03
C GLY D 104 -14.94 -26.72 42.87
N ILE D 105 -15.79 -25.84 42.37
CA ILE D 105 -15.41 -24.86 41.35
C ILE D 105 -15.00 -23.57 42.06
N TYR D 106 -13.80 -23.07 41.72
CA TYR D 106 -13.23 -21.83 42.28
C TYR D 106 -13.08 -21.92 43.80
N ARG D 107 -12.18 -22.82 44.21
CA ARG D 107 -11.80 -22.88 45.62
C ARG D 107 -10.88 -21.74 46.01
N SER D 108 -10.24 -21.09 45.04
CA SER D 108 -9.28 -20.03 45.32
C SER D 108 -10.01 -18.70 45.54
N GLY D 109 -9.22 -17.66 45.78
CA GLY D 109 -9.79 -16.35 46.10
C GLY D 109 -10.53 -16.33 47.42
N GLY D 110 -9.97 -16.96 48.45
CA GLY D 110 -10.68 -17.16 49.70
C GLY D 110 -10.80 -15.89 50.52
N LEU D 111 -11.93 -15.77 51.21
CA LEU D 111 -12.19 -14.67 52.14
C LEU D 111 -11.55 -15.05 53.46
N ASP D 112 -10.32 -14.56 53.69
CA ASP D 112 -9.50 -15.00 54.80
C ASP D 112 -10.08 -14.51 56.12
N VAL D 113 -10.67 -15.43 56.90
CA VAL D 113 -11.17 -15.08 58.21
C VAL D 113 -10.00 -14.85 59.17
N TRP D 114 -10.28 -14.17 60.27
CA TRP D 114 -9.23 -13.77 61.20
C TRP D 114 -9.67 -13.98 62.63
N GLY D 115 -8.82 -14.62 63.43
CA GLY D 115 -9.07 -14.83 64.84
C GLY D 115 -8.41 -13.75 65.70
N GLN D 116 -8.25 -14.09 66.97
CA GLN D 116 -7.58 -13.17 67.89
C GLN D 116 -6.10 -13.06 67.57
N GLY D 117 -5.43 -14.21 67.40
CA GLY D 117 -4.04 -14.21 67.00
C GLY D 117 -3.06 -14.32 68.14
N THR D 118 -2.40 -15.48 68.28
CA THR D 118 -1.35 -15.63 69.27
C THR D 118 -0.06 -15.00 68.75
N THR D 119 0.77 -14.55 69.69
CA THR D 119 2.00 -13.85 69.37
C THR D 119 3.19 -14.66 69.86
N VAL D 120 4.20 -14.82 69.00
CA VAL D 120 5.43 -15.51 69.34
C VAL D 120 6.54 -14.48 69.45
N THR D 121 7.27 -14.50 70.56
CA THR D 121 8.39 -13.60 70.80
C THR D 121 9.68 -14.42 70.74
N VAL D 122 10.44 -14.24 69.67
CA VAL D 122 11.69 -14.98 69.47
C VAL D 122 12.81 -13.99 69.77
N SER D 123 13.29 -14.00 71.01
CA SER D 123 14.31 -13.09 71.49
C SER D 123 15.59 -13.85 71.79
N SER D 124 16.72 -13.27 71.40
CA SER D 124 18.04 -13.89 71.64
C SER D 124 18.56 -13.58 73.04
CA ASP E 1 8.13 -14.75 43.29
C ASP E 1 7.54 -13.71 42.35
N ILE E 2 6.54 -12.97 42.85
CA ILE E 2 5.87 -11.94 42.08
C ILE E 2 6.17 -10.59 42.73
N GLN E 3 6.74 -9.68 41.95
CA GLN E 3 7.12 -8.36 42.46
C GLN E 3 5.92 -7.43 42.36
N MET E 4 5.41 -7.00 43.51
CA MET E 4 4.24 -6.14 43.56
C MET E 4 4.67 -4.73 43.94
N THR E 5 4.31 -3.77 43.10
CA THR E 5 4.61 -2.36 43.33
C THR E 5 3.32 -1.56 43.39
N GLN E 6 3.31 -0.54 44.23
CA GLN E 6 2.16 0.33 44.40
C GLN E 6 2.60 1.78 44.37
N SER E 7 1.74 2.64 43.82
CA SER E 7 2.02 4.06 43.71
C SER E 7 0.74 4.85 43.97
N PRO E 8 0.82 5.96 44.71
CA PRO E 8 2.00 6.52 45.40
C PRO E 8 2.24 5.87 46.76
N SER E 9 3.41 6.09 47.37
CA SER E 9 3.70 5.51 48.67
C SER E 9 2.96 6.22 49.79
N SER E 10 2.60 7.49 49.60
CA SER E 10 1.87 8.25 50.61
C SER E 10 1.00 9.29 49.93
N LEU E 11 -0.03 9.74 50.65
CA LEU E 11 -0.96 10.73 50.12
C LEU E 11 -1.63 11.45 51.28
N SER E 12 -2.20 12.61 50.96
CA SER E 12 -2.99 13.39 51.91
C SER E 12 -4.26 13.83 51.21
N ALA E 13 -5.40 13.68 51.90
CA ALA E 13 -6.69 14.01 51.29
C ALA E 13 -7.64 14.51 52.37
N SER E 14 -8.64 15.27 51.92
CA SER E 14 -9.69 15.79 52.78
C SER E 14 -10.90 14.86 52.71
N VAL E 15 -12.03 15.32 53.25
CA VAL E 15 -13.26 14.56 53.23
C VAL E 15 -14.09 14.99 52.03
N GLY E 16 -14.42 14.04 51.15
CA GLY E 16 -15.30 14.28 50.03
C GLY E 16 -14.63 14.48 48.69
N ASP E 17 -13.30 14.40 48.62
CA ASP E 17 -12.58 14.60 47.37
C ASP E 17 -12.45 13.27 46.63
N ARG E 18 -11.61 13.25 45.60
CA ARG E 18 -11.39 12.06 44.79
C ARG E 18 -9.93 11.63 44.90
N VAL E 19 -9.70 10.36 45.20
CA VAL E 19 -8.36 9.79 45.30
C VAL E 19 -8.34 8.50 44.49
N THR E 20 -7.29 8.32 43.69
CA THR E 20 -7.11 7.13 42.88
C THR E 20 -5.95 6.31 43.42
N ILE E 21 -6.18 5.01 43.60
CA ILE E 21 -5.19 4.08 44.11
C ILE E 21 -4.95 3.01 43.05
N THR E 22 -3.69 2.79 42.69
CA THR E 22 -3.34 1.85 41.65
C THR E 22 -2.20 0.94 42.11
N CYS E 23 -2.27 -0.32 41.71
CA CYS E 23 -1.19 -1.27 41.88
C CYS E 23 -0.88 -1.89 40.52
N ARG E 24 0.37 -2.30 40.34
CA ARG E 24 0.85 -2.81 39.06
C ARG E 24 1.57 -4.13 39.27
N ALA E 25 1.21 -5.12 38.48
CA ALA E 25 1.84 -6.43 38.55
C ALA E 25 3.05 -6.48 37.62
N SER E 26 3.82 -7.56 37.74
CA SER E 26 4.97 -7.80 36.89
C SER E 26 4.66 -8.68 35.69
N GLN E 27 3.48 -9.30 35.65
CA GLN E 27 3.11 -10.20 34.57
C GLN E 27 1.60 -10.14 34.41
N SER E 28 1.06 -11.03 33.57
CA SER E 28 -0.39 -11.15 33.44
C SER E 28 -0.98 -11.67 34.74
N ILE E 29 -2.05 -11.02 35.20
CA ILE E 29 -2.67 -11.35 36.47
C ILE E 29 -4.17 -11.54 36.25
N HIS E 30 -4.62 -11.20 35.03
CA HIS E 30 -6.03 -11.19 34.64
C HIS E 30 -6.86 -10.34 35.59
N SER E 31 -7.51 -10.97 36.56
CA SER E 31 -8.32 -10.23 37.52
C SER E 31 -8.20 -10.74 38.95
N PHE E 32 -7.31 -11.70 39.23
CA PHE E 32 -7.23 -12.31 40.57
C PHE E 32 -6.44 -11.38 41.49
N LEU E 33 -7.13 -10.37 42.01
CA LEU E 33 -6.58 -9.46 42.99
C LEU E 33 -7.60 -9.22 44.09
N SER E 34 -7.13 -8.66 45.20
CA SER E 34 -7.98 -8.32 46.33
C SER E 34 -7.64 -6.92 46.83
N TRP E 35 -8.65 -6.19 47.28
CA TRP E 35 -8.47 -4.87 47.89
C TRP E 35 -8.69 -4.99 49.39
N TYR E 36 -7.67 -4.63 50.16
CA TYR E 36 -7.66 -4.80 51.60
C TYR E 36 -7.56 -3.46 52.30
N GLN E 37 -8.11 -3.40 53.50
CA GLN E 37 -8.04 -2.22 54.35
C GLN E 37 -7.55 -2.65 55.73
N GLN E 38 -6.64 -1.85 56.29
CA GLN E 38 -5.97 -2.22 57.54
C GLN E 38 -5.91 -1.01 58.45
N LYS E 39 -6.76 -1.00 59.47
CA LYS E 39 -6.63 -0.03 60.54
C LYS E 39 -5.51 -0.46 61.49
N PRO E 40 -4.84 0.49 62.14
CA PRO E 40 -3.77 0.14 63.08
C PRO E 40 -4.32 -0.58 64.31
N GLY E 41 -3.81 -1.79 64.55
CA GLY E 41 -4.25 -2.57 65.70
C GLY E 41 -5.59 -3.24 65.54
N LYS E 42 -6.03 -3.48 64.32
CA LYS E 42 -7.34 -4.08 64.06
C LYS E 42 -7.22 -5.19 63.02
N ALA E 43 -8.22 -6.07 63.00
CA ALA E 43 -8.23 -7.20 62.10
C ALA E 43 -8.48 -6.75 60.66
N PRO E 44 -7.94 -7.46 59.68
CA PRO E 44 -8.22 -7.11 58.28
C PRO E 44 -9.65 -7.44 57.88
N LYS E 45 -10.09 -6.78 56.82
CA LYS E 45 -11.41 -7.04 56.25
C LYS E 45 -11.33 -6.87 54.74
N LEU E 46 -11.81 -7.87 54.02
CA LEU E 46 -11.80 -7.80 52.56
C LEU E 46 -12.91 -6.89 52.08
N LEU E 47 -12.60 -6.10 51.05
CA LEU E 47 -13.56 -5.21 50.42
C LEU E 47 -13.97 -5.66 49.04
N ILE E 48 -13.01 -5.75 48.12
CA ILE E 48 -13.27 -6.08 46.73
C ILE E 48 -12.53 -7.36 46.43
N ASN E 49 -13.24 -8.35 45.92
CA ASN E 49 -12.64 -9.61 45.50
C ASN E 49 -12.68 -9.71 43.98
N SER E 50 -11.59 -10.26 43.42
CA SER E 50 -11.40 -10.39 41.97
C SER E 50 -11.45 -9.04 41.25
N ALA E 51 -11.12 -7.96 41.98
CA ALA E 51 -10.94 -6.59 41.52
C ALA E 51 -12.21 -5.92 41.01
N SER E 52 -13.34 -6.64 40.94
CA SER E 52 -14.59 -6.03 40.47
C SER E 52 -15.83 -6.42 41.26
N THR E 53 -15.76 -7.43 42.11
CA THR E 53 -16.95 -7.94 42.80
C THR E 53 -17.03 -7.33 44.20
N LEU E 54 -18.15 -6.69 44.50
CA LEU E 54 -18.39 -6.16 45.83
C LEU E 54 -18.59 -7.28 46.84
N GLN E 55 -18.10 -7.06 48.06
CA GLN E 55 -18.32 -8.02 49.13
C GLN E 55 -19.55 -7.66 49.94
N SER E 56 -20.06 -8.65 50.68
CA SER E 56 -21.21 -8.42 51.54
C SER E 56 -20.85 -7.52 52.70
N GLY E 57 -21.75 -6.60 53.04
CA GLY E 57 -21.52 -5.65 54.10
C GLY E 57 -20.77 -4.39 53.69
N VAL E 58 -20.44 -4.25 52.41
CA VAL E 58 -19.71 -3.09 51.91
C VAL E 58 -20.69 -2.24 51.10
N PRO E 59 -20.98 -1.00 51.52
CA PRO E 59 -21.78 -0.11 50.68
C PRO E 59 -21.03 0.23 49.40
N PRO E 60 -21.75 0.56 48.31
CA PRO E 60 -21.11 0.56 46.99
C PRO E 60 -20.29 1.78 46.63
N TRP E 61 -19.90 2.61 47.59
CA TRP E 61 -19.05 3.75 47.26
C TRP E 61 -17.59 3.36 47.03
N PHE E 62 -17.22 2.10 47.30
CA PHE E 62 -15.89 1.58 46.99
C PHE E 62 -15.98 0.84 45.66
N SER E 63 -15.39 1.42 44.62
CA SER E 63 -15.48 0.87 43.27
C SER E 63 -14.07 0.69 42.70
N GLY E 64 -13.74 -0.54 42.31
CA GLY E 64 -12.47 -0.81 41.68
C GLY E 64 -12.67 -1.56 40.38
N SER E 65 -11.70 -1.41 39.48
CA SER E 65 -11.77 -2.02 38.16
C SER E 65 -10.36 -2.27 37.66
N GLY E 66 -10.24 -2.62 36.38
CA GLY E 66 -8.96 -2.90 35.77
C GLY E 66 -8.85 -4.30 35.21
N SER E 67 -7.95 -4.49 34.25
CA SER E 67 -7.72 -5.79 33.65
C SER E 67 -6.31 -5.85 33.10
N GLY E 68 -5.83 -7.06 32.87
CA GLY E 68 -4.51 -7.26 32.33
C GLY E 68 -3.41 -7.16 33.36
N THR E 69 -2.64 -6.08 33.34
CA THR E 69 -1.58 -5.84 34.30
C THR E 69 -1.81 -4.61 35.15
N ASP E 70 -2.04 -3.45 34.53
CA ASP E 70 -2.28 -2.22 35.27
C ASP E 70 -3.72 -2.16 35.75
N PHE E 71 -3.90 -1.68 36.98
CA PHE E 71 -5.22 -1.62 37.61
C PHE E 71 -5.44 -0.23 38.18
N THR E 72 -6.67 0.00 38.64
CA THR E 72 -7.05 1.28 39.22
C THR E 72 -8.14 1.05 40.26
N LEU E 73 -8.35 2.07 41.08
CA LEU E 73 -9.38 2.02 42.11
C LEU E 73 -9.80 3.46 42.44
N THR E 74 -11.10 3.72 42.37
CA THR E 74 -11.64 5.07 42.50
C THR E 74 -12.55 5.12 43.72
N ILE E 75 -12.32 6.11 44.57
CA ILE E 75 -13.13 6.32 45.77
C ILE E 75 -14.06 7.50 45.48
N SER E 76 -15.37 7.27 45.59
CA SER E 76 -16.34 8.30 45.21
C SER E 76 -16.32 9.47 46.18
N SER E 77 -16.36 9.19 47.48
CA SER E 77 -16.36 10.23 48.49
C SER E 77 -15.75 9.66 49.77
N LEU E 78 -14.91 10.45 50.41
CA LEU E 78 -14.18 9.99 51.58
C LEU E 78 -14.99 10.24 52.85
N GLN E 79 -14.69 9.47 53.87
CA GLN E 79 -15.34 9.50 55.17
C GLN E 79 -14.27 9.58 56.25
N PRO E 80 -14.63 9.98 57.47
CA PRO E 80 -13.64 9.97 58.56
C PRO E 80 -13.11 8.58 58.92
N GLU E 81 -13.79 7.52 58.49
CA GLU E 81 -13.48 6.15 58.90
C GLU E 81 -12.87 5.34 57.75
N ASP E 82 -12.06 5.98 56.91
CA ASP E 82 -11.33 5.28 55.87
C ASP E 82 -9.85 5.62 55.82
N PHE E 83 -9.37 6.52 56.68
CA PHE E 83 -7.97 6.92 56.63
C PHE E 83 -7.07 5.82 57.19
N ALA E 84 -6.55 4.98 56.31
CA ALA E 84 -5.70 3.85 56.69
C ALA E 84 -4.80 3.50 55.52
N THR E 85 -4.16 2.34 55.61
CA THR E 85 -3.20 1.90 54.61
C THR E 85 -3.82 0.89 53.64
N TYR E 86 -3.20 0.77 52.47
CA TYR E 86 -3.70 -0.08 51.40
C TYR E 86 -2.57 -0.88 50.80
N TYR E 87 -2.89 -2.11 50.37
CA TYR E 87 -1.95 -2.95 49.64
C TYR E 87 -2.68 -3.65 48.49
N CYS E 88 -1.89 -4.16 47.55
CA CYS E 88 -2.33 -5.04 46.47
C CYS E 88 -1.88 -6.47 46.73
N GLN E 89 -2.81 -7.42 46.60
CA GLN E 89 -2.50 -8.83 46.79
C GLN E 89 -3.12 -9.65 45.67
N GLN E 90 -2.36 -10.60 45.13
CA GLN E 90 -2.79 -11.47 44.05
C GLN E 90 -3.00 -12.89 44.54
N SER E 91 -3.58 -13.72 43.66
CA SER E 91 -3.87 -15.11 44.02
C SER E 91 -3.61 -16.06 42.85
N TYR E 92 -2.62 -15.76 42.01
CA TYR E 92 -2.37 -16.58 40.83
C TYR E 92 -1.54 -17.81 41.17
N ILE E 93 -0.34 -17.60 41.68
CA ILE E 93 0.73 -18.61 41.59
C ILE E 93 1.45 -18.74 42.92
N ALA E 94 2.54 -19.53 42.95
CA ALA E 94 3.48 -19.81 44.03
C ALA E 94 3.87 -18.55 44.80
N PRO E 95 4.31 -18.64 46.12
CA PRO E 95 3.83 -17.72 47.17
C PRO E 95 3.52 -16.27 46.83
N TRP E 96 2.36 -15.84 47.31
CA TRP E 96 1.82 -14.51 47.06
C TRP E 96 2.64 -13.44 47.76
N THR E 97 2.53 -12.21 47.26
CA THR E 97 3.23 -11.06 47.82
C THR E 97 2.26 -9.90 48.00
N PHE E 98 2.43 -9.17 49.10
CA PHE E 98 1.58 -8.03 49.42
C PHE E 98 2.21 -6.73 48.90
N GLY E 99 1.42 -5.65 48.97
CA GLY E 99 1.92 -4.35 48.59
C GLY E 99 2.75 -3.71 49.69
N GLN E 100 3.42 -2.61 49.33
CA GLN E 100 4.30 -1.92 50.26
C GLN E 100 3.57 -0.93 51.17
N GLY E 101 2.34 -0.59 50.87
CA GLY E 101 1.58 0.29 51.73
C GLY E 101 1.42 1.69 51.14
N THR E 102 0.31 2.33 51.48
CA THR E 102 0.04 3.70 51.07
C THR E 102 -0.88 4.34 52.10
N LYS E 103 -0.41 5.40 52.75
CA LYS E 103 -1.12 6.03 53.85
C LYS E 103 -1.79 7.32 53.39
N VAL E 104 -3.04 7.51 53.80
CA VAL E 104 -3.77 8.75 53.58
C VAL E 104 -4.02 9.40 54.94
N GLU E 105 -3.74 10.69 55.04
CA GLU E 105 -3.83 11.41 56.30
C GLU E 105 -4.60 12.71 56.11
N ILE E 106 -4.90 13.36 57.23
CA ILE E 106 -5.64 14.62 57.20
C ILE E 106 -4.69 15.73 56.74
N LYS E 107 -5.14 16.50 55.76
CA LYS E 107 -4.34 17.62 55.25
C LYS E 107 -4.91 18.95 55.74
N VAL F 2 -45.44 55.48 60.28
CA VAL F 2 -46.35 54.34 60.15
C VAL F 2 -45.83 53.20 61.03
N GLN F 3 -45.94 53.37 62.33
CA GLN F 3 -45.54 52.37 63.31
C GLN F 3 -46.73 52.06 64.21
N LEU F 4 -47.02 50.78 64.37
CA LEU F 4 -48.13 50.31 65.19
C LEU F 4 -47.59 49.42 66.31
N VAL F 5 -47.95 49.75 67.55
CA VAL F 5 -47.49 49.04 68.73
C VAL F 5 -48.72 48.48 69.45
N GLU F 6 -48.67 47.19 69.76
CA GLU F 6 -49.78 46.50 70.40
C GLU F 6 -49.42 46.06 71.82
N SER F 7 -50.42 46.07 72.69
CA SER F 7 -50.24 45.64 74.07
C SER F 7 -51.58 45.17 74.61
N GLY F 8 -51.54 44.41 75.70
CA GLY F 8 -52.74 43.94 76.36
C GLY F 8 -52.93 42.43 76.37
N GLY F 9 -51.99 41.64 75.86
CA GLY F 9 -52.15 40.20 75.87
C GLY F 9 -51.85 39.58 77.23
N GLY F 10 -52.19 38.31 77.35
CA GLY F 10 -51.96 37.59 78.59
C GLY F 10 -52.45 36.17 78.50
N LEU F 11 -52.24 35.44 79.59
CA LEU F 11 -52.63 34.03 79.69
C LEU F 11 -53.91 33.96 80.52
N VAL F 12 -55.02 33.59 79.86
CA VAL F 12 -56.32 33.52 80.50
C VAL F 12 -57.00 32.21 80.12
N GLN F 13 -57.97 31.81 80.96
CA GLN F 13 -58.78 30.64 80.69
C GLN F 13 -59.77 30.93 79.56
N PRO F 14 -60.23 29.89 78.84
CA PRO F 14 -61.26 30.11 77.82
C PRO F 14 -62.59 30.55 78.41
N GLY F 15 -62.99 31.79 78.12
CA GLY F 15 -64.21 32.33 78.66
C GLY F 15 -63.99 33.69 79.32
N ARG F 16 -62.74 34.00 79.63
CA ARG F 16 -62.38 35.26 80.28
C ARG F 16 -61.92 36.27 79.24
N SER F 17 -62.45 37.48 79.33
CA SER F 17 -62.14 38.52 78.36
C SER F 17 -60.78 39.14 78.62
N LEU F 18 -60.23 39.78 77.58
CA LEU F 18 -58.96 40.49 77.68
C LEU F 18 -58.99 41.66 76.73
N ARG F 19 -58.81 42.87 77.25
CA ARG F 19 -58.83 44.09 76.45
C ARG F 19 -57.42 44.42 76.03
N LEU F 20 -57.13 44.27 74.73
CA LEU F 20 -55.82 44.58 74.18
C LEU F 20 -55.81 46.00 73.61
N SER F 21 -54.75 46.35 72.89
CA SER F 21 -54.62 47.67 72.30
C SER F 21 -53.78 47.58 71.04
N CYS F 22 -53.91 48.59 70.17
CA CYS F 22 -53.05 48.81 69.02
C CYS F 22 -52.95 50.31 68.81
N ALA F 23 -51.80 50.89 69.15
CA ALA F 23 -51.59 52.32 69.08
C ALA F 23 -50.88 52.67 67.78
N ALA F 24 -51.41 53.68 67.08
CA ALA F 24 -50.88 54.11 65.80
C ALA F 24 -50.00 55.33 66.00
N SER F 25 -48.73 55.23 65.58
CA SER F 25 -47.78 56.31 65.66
C SER F 25 -47.21 56.60 64.28
N GLY F 26 -46.94 57.88 64.03
CA GLY F 26 -46.52 58.30 62.71
C GLY F 26 -47.62 58.15 61.67
N PHE F 27 -48.86 58.40 62.06
CA PHE F 27 -50.03 58.18 61.22
C PHE F 27 -50.79 59.48 61.08
N ASN F 28 -50.80 60.05 59.87
CA ASN F 28 -51.63 61.21 59.60
C ASN F 28 -53.10 60.80 59.63
N PHE F 29 -53.93 61.63 60.25
CA PHE F 29 -55.31 61.24 60.53
C PHE F 29 -56.14 61.19 59.24
N ASP F 30 -56.81 60.07 59.03
CA ASP F 30 -57.68 59.87 57.87
C ASP F 30 -58.70 58.79 58.23
N ASP F 31 -59.37 58.25 57.21
CA ASP F 31 -60.44 57.28 57.36
C ASP F 31 -59.95 55.84 57.15
N TYR F 32 -58.76 55.53 57.67
CA TYR F 32 -58.14 54.22 57.46
C TYR F 32 -58.99 53.09 58.03
N ALA F 33 -59.17 52.05 57.23
CA ALA F 33 -59.87 50.83 57.65
C ALA F 33 -58.81 49.82 58.04
N MET F 34 -58.73 49.50 59.34
CA MET F 34 -57.69 48.65 59.88
C MET F 34 -58.26 47.32 60.34
N HIS F 35 -57.60 46.24 59.96
CA HIS F 35 -58.09 44.87 60.07
C HIS F 35 -57.28 44.09 61.10
N TRP F 36 -57.57 42.78 61.19
CA TRP F 36 -56.87 41.89 62.09
C TRP F 36 -56.55 40.59 61.38
N ALA F 37 -55.56 39.87 61.90
CA ALA F 37 -55.15 38.57 61.39
C ALA F 37 -54.44 37.81 62.49
N ARG F 38 -54.26 36.51 62.27
CA ARG F 38 -53.57 35.66 63.24
C ARG F 38 -52.73 34.63 62.49
N GLN F 39 -51.74 34.07 63.21
CA GLN F 39 -50.79 33.14 62.64
C GLN F 39 -50.71 31.88 63.50
N VAL F 40 -50.80 30.72 62.85
CA VAL F 40 -50.55 29.44 63.52
C VAL F 40 -49.21 28.92 63.03
N PRO F 41 -48.43 28.24 63.87
CA PRO F 41 -47.11 27.76 63.45
C PRO F 41 -47.23 26.59 62.48
N GLY F 42 -46.64 26.75 61.29
CA GLY F 42 -46.60 25.70 60.30
C GLY F 42 -47.41 25.95 59.04
N LYS F 43 -48.21 27.02 59.00
CA LYS F 43 -49.06 27.27 57.85
C LYS F 43 -48.98 28.73 57.41
N GLY F 44 -49.87 29.14 56.51
CA GLY F 44 -49.78 30.45 55.89
C GLY F 44 -50.49 31.58 56.62
N LEU F 45 -51.25 32.38 55.87
CA LEU F 45 -51.86 33.59 56.37
C LEU F 45 -53.38 33.49 56.31
N GLU F 46 -54.04 34.42 57.00
CA GLU F 46 -55.50 34.49 57.03
C GLU F 46 -55.91 35.92 57.36
N TRP F 47 -57.21 36.14 57.53
CA TRP F 47 -57.77 37.45 57.81
C TRP F 47 -59.05 37.27 58.61
N VAL F 48 -59.32 38.23 59.50
CA VAL F 48 -60.42 38.06 60.46
C VAL F 48 -61.59 38.98 60.16
N SER F 49 -61.39 40.29 60.29
CA SER F 49 -62.48 41.27 60.21
C SER F 49 -61.88 42.66 60.13
N GLY F 50 -62.75 43.66 60.13
CA GLY F 50 -62.31 45.05 60.12
C GLY F 50 -63.50 45.99 60.06
N ILE F 51 -63.22 47.27 60.30
CA ILE F 51 -64.22 48.33 60.30
C ILE F 51 -63.70 49.49 59.44
N SER F 52 -64.54 50.00 58.54
CA SER F 52 -64.19 51.12 57.69
C SER F 52 -64.40 52.44 58.43
N GLY F 53 -64.32 53.56 57.70
CA GLY F 53 -64.42 54.87 58.29
C GLY F 53 -65.84 55.37 58.39
N ASN F 54 -65.97 56.65 58.81
CA ASN F 54 -67.25 57.33 59.04
C ASN F 54 -68.11 56.58 60.06
N SER F 55 -67.47 56.09 61.12
CA SER F 55 -68.04 55.22 62.15
C SER F 55 -68.63 53.99 61.46
N GLY F 56 -69.68 53.42 62.06
CA GLY F 56 -70.48 52.33 61.50
C GLY F 56 -69.73 51.23 60.77
N SER F 57 -70.26 50.85 59.60
CA SER F 57 -69.57 50.03 58.58
C SER F 57 -68.87 48.80 59.16
N VAL F 58 -69.62 48.02 59.92
CA VAL F 58 -69.07 46.87 60.62
C VAL F 58 -69.22 45.63 59.74
N GLU F 59 -68.24 44.73 59.88
CA GLU F 59 -68.27 43.44 59.20
C GLU F 59 -67.37 42.48 59.96
N TYR F 60 -67.68 41.19 59.84
CA TYR F 60 -66.89 40.13 60.46
C TYR F 60 -66.86 38.94 59.50
N ALA F 61 -66.21 37.87 59.95
CA ALA F 61 -66.21 36.61 59.23
C ALA F 61 -67.40 35.78 59.68
N ASP F 62 -67.45 34.51 59.26
CA ASP F 62 -68.59 33.66 59.61
C ASP F 62 -68.53 33.21 61.07
N SER F 63 -67.34 32.88 61.57
CA SER F 63 -67.19 32.27 62.88
C SER F 63 -66.89 33.26 63.99
N VAL F 64 -66.81 34.56 63.69
CA VAL F 64 -66.48 35.56 64.70
C VAL F 64 -67.59 36.59 64.85
N LYS F 65 -68.81 36.26 64.45
CA LYS F 65 -69.93 37.17 64.54
C LYS F 65 -70.68 36.98 65.85
N GLY F 66 -71.05 38.10 66.47
CA GLY F 66 -71.83 38.08 67.69
C GLY F 66 -71.06 37.93 68.98
N ARG F 67 -69.73 37.82 68.92
CA ARG F 67 -68.95 37.67 70.14
C ARG F 67 -67.72 38.57 70.18
N PHE F 68 -67.62 39.56 69.31
CA PHE F 68 -66.51 40.51 69.31
C PHE F 68 -67.05 41.92 69.50
N ALA F 69 -66.55 42.61 70.52
CA ALA F 69 -66.96 43.97 70.83
C ALA F 69 -65.90 44.96 70.33
N MET F 70 -66.36 46.07 69.76
CA MET F 70 -65.47 46.99 69.06
C MET F 70 -65.78 48.43 69.43
N SER F 71 -64.74 49.24 69.54
CA SER F 71 -64.87 50.68 69.76
C SER F 71 -63.58 51.36 69.33
N ARG F 72 -63.70 52.47 68.59
CA ARG F 72 -62.56 53.18 68.05
C ARG F 72 -62.57 54.62 68.54
N ASP F 73 -61.43 55.09 69.05
CA ASP F 73 -61.24 56.46 69.49
C ASP F 73 -60.15 57.09 68.64
N ASN F 74 -60.51 58.08 67.83
CA ASN F 74 -59.56 58.73 66.94
C ASN F 74 -58.67 59.74 67.65
N ALA F 75 -59.05 60.20 68.84
CA ALA F 75 -58.27 61.21 69.53
C ALA F 75 -56.98 60.65 70.10
N LYS F 76 -57.05 59.46 70.69
CA LYS F 76 -55.89 58.85 71.33
C LYS F 76 -54.99 58.08 70.36
N ASN F 77 -55.42 57.93 69.10
CA ASN F 77 -54.71 57.14 68.08
C ASN F 77 -54.49 55.70 68.56
N SER F 78 -55.49 55.14 69.24
CA SER F 78 -55.40 53.82 69.80
C SER F 78 -56.74 53.11 69.64
N LEU F 79 -56.70 51.79 69.77
CA LEU F 79 -57.87 50.95 69.55
C LEU F 79 -58.12 50.08 70.78
N TYR F 80 -59.39 49.94 71.16
CA TYR F 80 -59.80 49.03 72.23
C TYR F 80 -60.68 47.93 71.65
N LEU F 81 -60.31 46.68 71.93
CA LEU F 81 -61.02 45.51 71.41
C LEU F 81 -61.28 44.54 72.56
N GLU F 82 -62.50 44.01 72.60
CA GLU F 82 -62.97 43.19 73.72
C GLU F 82 -63.44 41.84 73.22
N MET F 83 -63.10 40.78 73.95
CA MET F 83 -63.51 39.42 73.64
C MET F 83 -64.70 39.02 74.51
N ASN F 84 -65.42 38.01 74.02
CA ASN F 84 -66.51 37.41 74.78
C ASN F 84 -66.73 35.99 74.26
N SER F 85 -66.97 35.06 75.19
CA SER F 85 -67.16 33.64 74.91
C SER F 85 -65.98 33.06 74.12
N LEU F 86 -64.81 33.10 74.76
CA LEU F 86 -63.58 32.66 74.13
C LEU F 86 -63.56 31.14 73.97
N ARG F 87 -62.76 30.68 73.00
CA ARG F 87 -62.62 29.25 72.75
C ARG F 87 -61.15 28.86 72.70
N THR F 88 -60.87 27.62 72.31
CA THR F 88 -59.52 27.08 72.34
C THR F 88 -58.70 27.39 71.09
N GLU F 89 -59.32 27.97 70.07
CA GLU F 89 -58.62 28.28 68.82
C GLU F 89 -58.22 29.75 68.72
N ASP F 90 -58.20 30.47 69.84
CA ASP F 90 -57.93 31.90 69.86
C ASP F 90 -56.56 32.21 70.47
N THR F 91 -55.62 31.27 70.41
CA THR F 91 -54.25 31.52 70.82
C THR F 91 -53.56 32.23 69.67
N ALA F 92 -53.60 33.56 69.70
CA ALA F 92 -53.20 34.38 68.56
C ALA F 92 -52.27 35.50 68.99
N LEU F 93 -51.41 35.92 68.06
CA LEU F 93 -50.59 37.12 68.18
C LEU F 93 -51.20 38.15 67.23
N TYR F 94 -51.93 39.10 67.80
CA TYR F 94 -52.83 39.95 67.03
C TYR F 94 -52.07 41.03 66.28
N TYR F 95 -52.30 41.11 64.97
CA TYR F 95 -51.72 42.15 64.11
C TYR F 95 -52.82 43.09 63.65
N CYS F 96 -52.59 44.39 63.78
CA CYS F 96 -53.46 45.40 63.19
C CYS F 96 -52.83 45.91 61.90
N ALA F 97 -53.63 45.97 60.83
CA ALA F 97 -53.14 46.32 59.49
C ALA F 97 -54.10 47.33 58.88
N LYS F 98 -53.60 48.55 58.62
CA LYS F 98 -54.45 49.69 58.29
C LYS F 98 -54.72 49.85 56.79
N GLU F 99 -53.94 49.19 55.93
CA GLU F 99 -54.05 49.17 54.46
C GLU F 99 -53.75 50.51 53.79
N THR F 100 -53.56 51.57 54.58
CA THR F 100 -52.89 52.84 54.26
C THR F 100 -53.34 53.59 53.00
N THR F 101 -54.46 53.22 52.37
CA THR F 101 -54.99 54.00 51.23
C THR F 101 -56.51 53.92 51.18
N PRO F 102 -57.20 54.68 52.04
CA PRO F 102 -58.67 54.80 51.93
C PRO F 102 -59.09 56.00 51.08
N TRP F 103 -58.88 55.88 49.77
CA TRP F 103 -59.15 57.01 48.88
C TRP F 103 -60.66 57.19 48.67
N GLY F 104 -61.02 58.37 48.18
CA GLY F 104 -62.43 58.66 47.94
C GLY F 104 -63.02 57.81 46.82
N ILE F 105 -62.24 57.55 45.78
CA ILE F 105 -62.63 56.66 44.69
C ILE F 105 -61.77 55.42 44.78
N TYR F 106 -62.40 54.25 44.71
CA TYR F 106 -61.77 52.93 44.85
C TYR F 106 -61.05 52.82 46.21
N ARG F 107 -61.88 52.85 47.26
CA ARG F 107 -61.38 52.75 48.63
C ARG F 107 -60.88 51.36 48.98
N SER F 108 -61.20 50.34 48.18
CA SER F 108 -60.77 48.98 48.44
C SER F 108 -59.37 48.76 47.85
N GLY F 109 -58.88 47.53 47.94
CA GLY F 109 -57.56 47.20 47.42
C GLY F 109 -56.42 47.83 48.17
N GLY F 110 -56.49 47.87 49.50
CA GLY F 110 -55.43 48.47 50.28
C GLY F 110 -54.20 47.58 50.40
N LEU F 111 -53.06 48.23 50.64
CA LEU F 111 -51.78 47.54 50.81
C LEU F 111 -51.53 47.38 52.31
N ASP F 112 -51.66 46.15 52.79
CA ASP F 112 -51.60 45.90 54.23
C ASP F 112 -50.18 46.04 54.76
N VAL F 113 -50.05 46.71 55.90
CA VAL F 113 -48.78 46.85 56.61
C VAL F 113 -48.96 46.24 58.00
N TRP F 114 -47.98 45.45 58.43
CA TRP F 114 -48.09 44.66 59.65
C TRP F 114 -47.37 45.34 60.81
N GLY F 115 -47.88 45.09 62.01
CA GLY F 115 -47.32 45.60 63.25
C GLY F 115 -46.46 44.58 63.95
N GLN F 116 -46.48 44.64 65.29
CA GLN F 116 -45.69 43.74 66.12
C GLN F 116 -46.56 42.73 66.87
N GLY F 117 -47.51 43.21 67.66
CA GLY F 117 -48.43 42.31 68.33
C GLY F 117 -47.95 41.88 69.71
N THR F 118 -48.92 41.53 70.55
CA THR F 118 -48.66 40.98 71.88
C THR F 118 -49.40 39.65 71.99
N THR F 119 -48.69 38.62 72.43
CA THR F 119 -49.22 37.26 72.39
C THR F 119 -50.34 37.07 73.40
N VAL F 120 -51.38 36.35 72.98
CA VAL F 120 -52.48 35.92 73.85
C VAL F 120 -52.51 34.40 73.83
N THR F 121 -52.40 33.79 75.00
CA THR F 121 -52.37 32.34 75.14
C THR F 121 -53.58 31.89 75.93
N VAL F 122 -54.30 30.90 75.40
CA VAL F 122 -55.43 30.30 76.08
C VAL F 122 -55.07 28.84 76.39
N SER F 123 -55.64 28.32 77.48
CA SER F 123 -55.33 26.97 77.92
C SER F 123 -56.47 26.46 78.79
N SER F 124 -56.98 25.28 78.47
CA SER F 124 -58.06 24.68 79.24
C SER F 124 -57.53 23.89 80.43
CA ASP G 1 -17.81 49.70 69.87
C ASP G 1 -18.80 48.68 70.40
N ILE G 2 -18.61 47.41 70.02
CA ILE G 2 -19.49 46.33 70.42
C ILE G 2 -18.66 45.27 71.13
N GLN G 3 -19.02 44.99 72.39
CA GLN G 3 -18.42 43.91 73.17
C GLN G 3 -19.54 42.93 73.47
N MET G 4 -19.61 41.86 72.67
CA MET G 4 -20.77 40.97 72.66
C MET G 4 -20.45 39.63 73.34
N THR G 5 -21.48 39.06 73.95
CA THR G 5 -21.43 37.71 74.48
C THR G 5 -22.84 37.14 74.44
N GLN G 6 -22.93 35.81 74.49
CA GLN G 6 -24.23 35.16 74.40
C GLN G 6 -24.21 33.86 75.18
N SER G 7 -25.41 33.40 75.54
CA SER G 7 -25.61 32.20 76.33
C SER G 7 -26.97 31.62 75.96
N PRO G 8 -27.09 30.28 75.86
CA PRO G 8 -26.05 29.26 76.03
C PRO G 8 -25.20 29.07 74.77
N SER G 9 -24.01 28.47 74.90
CA SER G 9 -23.16 28.19 73.76
C SER G 9 -23.59 26.93 73.01
N SER G 10 -24.46 26.11 73.60
CA SER G 10 -24.95 24.92 72.94
C SER G 10 -26.41 24.70 73.33
N LEU G 11 -27.15 24.00 72.47
CA LEU G 11 -28.55 23.73 72.70
C LEU G 11 -28.91 22.38 72.12
N SER G 12 -29.90 21.73 72.73
CA SER G 12 -30.43 20.45 72.26
C SER G 12 -31.94 20.55 72.15
N ALA G 13 -32.47 20.24 70.98
CA ALA G 13 -33.90 20.34 70.74
C ALA G 13 -34.30 19.42 69.59
N SER G 14 -35.59 19.14 69.50
CA SER G 14 -36.17 18.32 68.45
C SER G 14 -36.98 19.20 67.51
N VAL G 15 -37.65 18.54 66.54
CA VAL G 15 -38.44 19.25 65.55
C VAL G 15 -39.74 19.72 66.18
N GLY G 16 -40.03 21.01 66.04
CA GLY G 16 -41.23 21.60 66.59
C GLY G 16 -41.11 22.20 67.96
N ASP G 17 -39.97 22.05 68.62
CA ASP G 17 -39.76 22.62 69.94
C ASP G 17 -39.54 24.12 69.85
N ARG G 18 -39.89 24.82 70.93
CA ARG G 18 -39.71 26.27 71.02
C ARG G 18 -38.34 26.55 71.59
N VAL G 19 -37.44 27.10 70.77
CA VAL G 19 -36.07 27.36 71.16
C VAL G 19 -35.87 28.87 71.27
N THR G 20 -34.76 29.26 71.91
CA THR G 20 -34.42 30.67 72.06
C THR G 20 -32.91 30.81 72.21
N ILE G 21 -32.45 32.04 71.98
CA ILE G 21 -31.04 32.38 72.14
C ILE G 21 -30.95 33.87 72.47
N THR G 22 -30.17 34.20 73.49
CA THR G 22 -30.11 35.56 74.02
C THR G 22 -28.67 36.06 73.97
N CYS G 23 -28.46 37.21 73.32
CA CYS G 23 -27.20 37.93 73.38
C CYS G 23 -27.48 39.36 73.84
N ARG G 24 -26.74 39.80 74.85
CA ARG G 24 -26.95 41.10 75.48
C ARG G 24 -25.78 42.03 75.21
N ALA G 25 -26.00 43.30 75.53
CA ALA G 25 -25.00 44.34 75.34
C ALA G 25 -24.67 45.00 76.67
N SER G 26 -23.47 45.56 76.74
CA SER G 26 -23.01 46.20 77.99
C SER G 26 -23.74 47.50 78.25
N GLN G 27 -24.06 48.25 77.19
CA GLN G 27 -24.70 49.55 77.32
C GLN G 27 -25.77 49.67 76.24
N SER G 28 -26.25 50.90 76.02
CA SER G 28 -27.32 51.15 75.06
C SER G 28 -26.84 50.90 73.65
N ILE G 29 -27.60 50.11 72.90
CA ILE G 29 -27.24 49.70 71.54
C ILE G 29 -28.45 49.92 70.62
N HIS G 30 -29.49 50.55 71.19
CA HIS G 30 -30.78 50.83 70.52
C HIS G 30 -31.41 49.47 70.18
N SER G 31 -31.96 49.29 68.97
CA SER G 31 -32.69 48.08 68.66
C SER G 31 -32.39 47.48 67.30
N PHE G 32 -31.49 48.07 66.51
CA PHE G 32 -31.20 47.59 65.16
C PHE G 32 -30.19 46.45 65.25
N LEU G 33 -30.67 45.29 65.69
CA LEU G 33 -29.85 44.10 65.85
C LEU G 33 -30.27 43.04 64.84
N SER G 34 -29.30 42.36 64.25
CA SER G 34 -29.53 41.35 63.24
C SER G 34 -29.35 39.95 63.83
N TRP G 35 -29.88 38.96 63.11
CA TRP G 35 -29.72 37.56 63.46
C TRP G 35 -29.33 36.79 62.21
N TYR G 36 -28.37 35.88 62.35
CA TYR G 36 -27.77 35.18 61.21
C TYR G 36 -27.92 33.68 61.36
N GLN G 37 -27.67 32.99 60.25
CA GLN G 37 -27.69 31.54 60.17
C GLN G 37 -26.47 31.09 59.40
N GLN G 38 -25.87 29.97 59.81
CA GLN G 38 -24.66 29.49 59.17
C GLN G 38 -24.62 27.96 59.19
N LYS G 39 -24.65 27.35 58.01
CA LYS G 39 -24.47 25.92 57.86
C LYS G 39 -22.98 25.58 57.79
N PRO G 40 -22.59 24.38 58.21
CA PRO G 40 -21.18 24.00 58.12
C PRO G 40 -20.74 23.79 56.67
N GLY G 41 -19.69 24.52 56.28
CA GLY G 41 -19.15 24.40 54.94
C GLY G 41 -19.91 25.11 53.85
N LYS G 42 -20.90 25.93 54.19
CA LYS G 42 -21.72 26.63 53.21
C LYS G 42 -21.75 28.12 53.54
N ALA G 43 -22.40 28.89 52.67
CA ALA G 43 -22.51 30.32 52.86
C ALA G 43 -23.46 30.65 54.01
N PRO G 44 -23.19 31.73 54.75
CA PRO G 44 -24.10 32.12 55.83
C PRO G 44 -25.43 32.62 55.29
N LYS G 45 -26.47 32.44 56.10
CA LYS G 45 -27.82 32.86 55.77
C LYS G 45 -28.30 33.91 56.75
N LEU G 46 -29.21 34.76 56.29
CA LEU G 46 -29.77 35.85 57.09
C LEU G 46 -31.21 35.52 57.46
N LEU G 47 -31.58 35.79 58.71
CA LEU G 47 -32.93 35.49 59.18
C LEU G 47 -33.69 36.73 59.65
N ILE G 48 -33.09 37.54 60.53
CA ILE G 48 -33.76 38.70 61.12
C ILE G 48 -32.85 39.92 60.95
N ASN G 49 -33.44 41.05 60.57
CA ASN G 49 -32.75 42.34 60.56
C ASN G 49 -33.50 43.32 61.44
N SER G 50 -32.73 44.14 62.16
CA SER G 50 -33.22 45.21 63.05
C SER G 50 -34.09 44.69 64.18
N ALA G 51 -34.01 43.37 64.46
CA ALA G 51 -34.68 42.69 65.57
C ALA G 51 -36.21 42.73 65.52
N SER G 52 -36.78 43.32 64.46
CA SER G 52 -38.24 43.35 64.30
C SER G 52 -38.72 43.07 62.89
N THR G 53 -37.89 43.23 61.86
CA THR G 53 -38.33 43.15 60.47
C THR G 53 -38.00 41.79 59.89
N LEU G 54 -38.99 41.16 59.25
CA LEU G 54 -38.81 39.90 58.55
C LEU G 54 -38.61 40.18 57.07
N GLN G 55 -37.58 39.60 56.49
CA GLN G 55 -37.25 39.86 55.10
C GLN G 55 -38.09 39.00 54.16
N SER G 56 -38.05 39.35 52.88
CA SER G 56 -38.76 38.58 51.86
C SER G 56 -38.06 37.25 51.63
N GLY G 57 -38.85 36.17 51.56
CA GLY G 57 -38.32 34.84 51.36
C GLY G 57 -37.94 34.12 52.63
N VAL G 58 -37.81 34.84 53.74
CA VAL G 58 -37.52 34.23 55.04
C VAL G 58 -38.85 33.82 55.66
N PRO G 59 -39.00 32.57 56.10
CA PRO G 59 -40.29 32.14 56.65
C PRO G 59 -40.57 32.84 57.96
N PRO G 60 -41.85 33.07 58.30
CA PRO G 60 -42.19 33.92 59.44
C PRO G 60 -42.04 33.27 60.81
N TRP G 61 -41.63 32.00 60.90
CA TRP G 61 -41.52 31.38 62.21
C TRP G 61 -40.27 31.80 62.96
N PHE G 62 -39.36 32.54 62.32
CA PHE G 62 -38.27 33.21 63.03
C PHE G 62 -38.73 34.59 63.46
N SER G 63 -38.76 34.83 64.77
CA SER G 63 -39.22 36.09 65.33
C SER G 63 -38.24 36.58 66.38
N GLY G 64 -37.95 37.89 66.34
CA GLY G 64 -37.05 38.49 67.29
C GLY G 64 -37.71 39.65 68.02
N SER G 65 -37.15 39.96 69.18
CA SER G 65 -37.66 41.04 70.01
C SER G 65 -36.56 41.50 70.95
N GLY G 66 -36.78 42.66 71.57
CA GLY G 66 -35.82 43.20 72.52
C GLY G 66 -35.46 44.64 72.25
N SER G 67 -35.25 45.41 73.32
CA SER G 67 -34.86 46.80 73.21
C SER G 67 -33.92 47.15 74.35
N GLY G 68 -33.06 48.14 74.10
CA GLY G 68 -32.11 48.58 75.10
C GLY G 68 -30.84 47.78 75.13
N THR G 69 -30.72 46.88 76.12
CA THR G 69 -29.53 46.06 76.28
C THR G 69 -29.78 44.57 76.11
N ASP G 70 -30.98 44.09 76.38
CA ASP G 70 -31.30 42.67 76.32
C ASP G 70 -32.04 42.37 75.02
N PHE G 71 -31.60 41.32 74.33
CA PHE G 71 -32.22 40.88 73.08
C PHE G 71 -32.43 39.39 73.11
N THR G 72 -33.40 38.92 72.33
CA THR G 72 -33.71 37.50 72.29
C THR G 72 -34.28 37.15 70.92
N LEU G 73 -34.19 35.86 70.58
CA LEU G 73 -34.76 35.31 69.36
C LEU G 73 -35.74 34.21 69.73
N THR G 74 -36.86 34.15 69.01
CA THR G 74 -37.92 33.20 69.31
C THR G 74 -38.28 32.43 68.05
N ILE G 75 -38.27 31.10 68.14
CA ILE G 75 -38.71 30.22 67.07
C ILE G 75 -39.92 29.46 67.56
N SER G 76 -41.03 29.58 66.81
CA SER G 76 -42.27 28.93 67.23
C SER G 76 -42.18 27.41 67.10
N SER G 77 -41.56 26.92 66.03
CA SER G 77 -41.41 25.48 65.83
C SER G 77 -40.15 25.23 65.02
N LEU G 78 -39.34 24.27 65.48
CA LEU G 78 -38.09 23.96 64.80
C LEU G 78 -38.36 23.19 63.50
N GLN G 79 -37.40 23.27 62.60
CA GLN G 79 -37.47 22.67 61.28
C GLN G 79 -36.18 21.90 61.02
N PRO G 80 -36.21 20.93 60.08
CA PRO G 80 -34.96 20.23 59.72
C PRO G 80 -33.89 21.13 59.15
N GLU G 81 -34.26 22.26 58.55
CA GLU G 81 -33.29 23.23 58.05
C GLU G 81 -32.75 24.15 59.15
N ASP G 82 -33.38 24.18 60.32
CA ASP G 82 -33.07 25.18 61.34
C ASP G 82 -31.85 24.84 62.18
N PHE G 83 -31.27 23.64 62.03
CA PHE G 83 -30.12 23.25 62.84
C PHE G 83 -28.87 23.94 62.31
N ALA G 84 -28.55 25.09 62.89
CA ALA G 84 -27.39 25.87 62.49
C ALA G 84 -27.00 26.79 63.65
N THR G 85 -26.13 27.75 63.37
CA THR G 85 -25.64 28.70 64.37
C THR G 85 -26.34 30.05 64.22
N TYR G 86 -26.11 30.91 65.21
CA TYR G 86 -26.72 32.23 65.24
C TYR G 86 -25.69 33.26 65.68
N TYR G 87 -25.86 34.50 65.21
CA TYR G 87 -24.98 35.60 65.54
C TYR G 87 -25.79 36.89 65.61
N CYS G 88 -25.21 37.90 66.26
CA CYS G 88 -25.84 39.20 66.41
C CYS G 88 -24.76 40.28 66.46
N GLN G 89 -24.88 41.30 65.61
CA GLN G 89 -23.87 42.34 65.47
C GLN G 89 -24.53 43.71 65.45
N GLN G 90 -23.69 44.74 65.38
CA GLN G 90 -24.12 46.14 65.28
C GLN G 90 -23.05 46.91 64.52
N SER G 91 -23.46 47.99 63.85
CA SER G 91 -22.60 48.75 62.95
C SER G 91 -22.70 50.24 63.21
N TYR G 92 -22.57 50.64 64.48
CA TYR G 92 -22.57 52.06 64.83
C TYR G 92 -21.38 52.79 64.22
N ILE G 93 -20.17 52.40 64.63
CA ILE G 93 -18.94 52.94 64.05
C ILE G 93 -18.12 51.78 63.51
N ALA G 94 -16.92 52.05 63.02
CA ALA G 94 -16.22 50.98 62.31
C ALA G 94 -14.96 50.41 62.97
N PRO G 95 -15.03 49.90 64.20
CA PRO G 95 -14.22 48.74 64.54
C PRO G 95 -15.03 47.47 64.35
N TRP G 96 -14.30 46.35 64.20
CA TRP G 96 -14.93 45.08 63.87
C TRP G 96 -14.52 44.02 64.89
N THR G 97 -15.49 43.60 65.70
CA THR G 97 -15.33 42.50 66.65
C THR G 97 -16.24 41.35 66.24
N PHE G 98 -16.22 40.28 67.04
CA PHE G 98 -17.04 39.11 66.74
C PHE G 98 -17.37 38.39 68.04
N GLY G 99 -18.44 37.59 67.98
CA GLY G 99 -18.89 36.81 69.12
C GLY G 99 -18.47 35.35 69.02
N GLN G 100 -19.08 34.53 69.88
CA GLN G 100 -18.75 33.11 69.95
C GLN G 100 -19.82 32.21 69.35
N GLY G 101 -21.05 32.70 69.19
CA GLY G 101 -22.11 31.92 68.57
C GLY G 101 -22.67 30.84 69.48
N THR G 102 -23.59 30.06 68.93
CA THR G 102 -24.22 28.96 69.62
C THR G 102 -24.44 27.82 68.64
N LYS G 103 -24.82 26.66 69.18
CA LYS G 103 -25.03 25.47 68.37
C LYS G 103 -26.31 24.76 68.81
N VAL G 104 -27.03 24.21 67.84
CA VAL G 104 -28.23 23.42 68.09
C VAL G 104 -28.00 22.04 67.51
N GLU G 105 -28.15 21.01 68.34
CA GLU G 105 -27.87 19.63 67.95
C GLU G 105 -29.08 18.75 68.21
N ILE G 106 -29.09 17.60 67.55
CA ILE G 106 -30.19 16.64 67.71
C ILE G 106 -30.08 15.95 69.06
N LYS G 107 -31.17 15.92 69.80
CA LYS G 107 -31.21 15.26 71.10
C LYS G 107 -31.82 13.87 70.98
N VAL H 2 57.17 -10.18 91.23
CA VAL H 2 56.87 -11.60 91.10
C VAL H 2 57.58 -12.17 89.88
N GLN H 3 58.83 -12.60 90.07
CA GLN H 3 59.65 -13.16 89.00
C GLN H 3 60.01 -14.59 89.37
N LEU H 4 59.85 -15.50 88.42
CA LEU H 4 60.22 -16.91 88.59
C LEU H 4 61.29 -17.26 87.56
N VAL H 5 62.47 -17.64 88.05
CA VAL H 5 63.60 -17.98 87.19
C VAL H 5 63.91 -19.46 87.37
N GLU H 6 63.77 -20.21 86.28
CA GLU H 6 63.99 -21.65 86.30
C GLU H 6 65.45 -22.00 85.98
N SER H 7 65.87 -23.16 86.46
CA SER H 7 67.24 -23.63 86.24
C SER H 7 67.26 -25.14 86.43
N GLY H 8 68.37 -25.76 86.01
CA GLY H 8 68.58 -27.17 86.19
C GLY H 8 68.36 -28.04 84.96
N GLY H 9 67.81 -27.47 83.89
CA GLY H 9 67.58 -28.24 82.69
C GLY H 9 68.88 -28.55 81.95
N GLY H 10 68.84 -29.62 81.18
CA GLY H 10 70.01 -30.02 80.41
C GLY H 10 69.77 -31.31 79.67
N LEU H 11 70.84 -31.80 79.03
CA LEU H 11 70.80 -33.02 78.27
C LEU H 11 71.36 -34.17 79.10
N VAL H 12 70.61 -35.26 79.20
CA VAL H 12 70.99 -36.41 80.01
C VAL H 12 70.32 -37.65 79.42
N GLN H 13 70.96 -38.81 79.62
CA GLN H 13 70.43 -40.06 79.12
C GLN H 13 69.17 -40.46 79.90
N PRO H 14 68.25 -41.17 79.25
CA PRO H 14 67.05 -41.65 79.96
C PRO H 14 67.40 -42.67 81.03
N GLY H 15 66.61 -42.65 82.10
CA GLY H 15 66.87 -43.49 83.25
C GLY H 15 67.71 -42.85 84.32
N ARG H 16 68.36 -41.72 84.03
CA ARG H 16 69.19 -41.03 85.00
C ARG H 16 68.39 -39.92 85.68
N SER H 17 68.89 -39.49 86.84
CA SER H 17 68.23 -38.44 87.62
C SER H 17 68.73 -37.07 87.20
N LEU H 18 67.83 -36.09 87.28
CA LEU H 18 68.16 -34.70 86.95
C LEU H 18 67.19 -33.81 87.71
N ARG H 19 67.71 -33.09 88.70
CA ARG H 19 66.88 -32.26 89.56
C ARG H 19 66.86 -30.82 89.04
N LEU H 20 65.65 -30.28 88.90
CA LEU H 20 65.44 -28.91 88.45
C LEU H 20 64.90 -28.06 89.59
N SER H 21 65.17 -26.76 89.51
CA SER H 21 64.73 -25.84 90.55
C SER H 21 64.35 -24.50 89.93
N CYS H 22 63.43 -23.80 90.60
CA CYS H 22 63.15 -22.40 90.28
C CYS H 22 62.94 -21.65 91.58
N ALA H 23 63.61 -20.51 91.71
CA ALA H 23 63.55 -19.70 92.92
C ALA H 23 62.43 -18.67 92.82
N ALA H 24 61.71 -18.48 93.92
CA ALA H 24 60.62 -17.53 93.99
C ALA H 24 61.15 -16.19 94.47
N SER H 25 61.03 -15.16 93.62
CA SER H 25 61.48 -13.82 93.92
C SER H 25 60.34 -12.84 93.74
N GLY H 26 60.29 -11.82 94.60
CA GLY H 26 59.22 -10.85 94.53
C GLY H 26 57.88 -11.37 94.99
N PHE H 27 57.86 -12.44 95.78
CA PHE H 27 56.62 -13.07 96.23
C PHE H 27 56.59 -13.01 97.75
N ASN H 28 55.55 -12.37 98.29
CA ASN H 28 55.37 -12.33 99.73
C ASN H 28 55.01 -13.71 100.25
N PHE H 29 55.55 -14.05 101.42
CA PHE H 29 55.42 -15.41 101.94
C PHE H 29 53.99 -15.70 102.36
N ASP H 30 53.46 -16.83 101.88
CA ASP H 30 52.10 -17.26 102.18
C ASP H 30 52.02 -18.77 101.95
N ASP H 31 50.80 -19.29 101.90
CA ASP H 31 50.53 -20.72 101.70
C ASP H 31 50.15 -21.02 100.27
N TYR H 32 50.79 -20.36 99.30
CA TYR H 32 50.44 -20.51 97.90
C TYR H 32 50.72 -21.94 97.41
N ALA H 33 49.78 -22.48 96.64
CA ALA H 33 49.90 -23.83 96.12
C ALA H 33 50.90 -23.84 94.98
N MET H 34 52.03 -24.51 95.16
CA MET H 34 53.04 -24.60 94.11
C MET H 34 52.58 -25.64 93.11
N HIS H 35 52.69 -25.31 91.82
CA HIS H 35 52.29 -26.21 90.74
C HIS H 35 53.38 -26.24 89.67
N TRP H 36 53.31 -27.29 88.84
CA TRP H 36 54.26 -27.52 87.76
C TRP H 36 53.48 -27.84 86.49
N ALA H 37 53.91 -27.26 85.37
CA ALA H 37 53.30 -27.51 84.07
C ALA H 37 54.37 -27.78 83.03
N ARG H 38 54.14 -28.76 82.16
CA ARG H 38 55.07 -29.11 81.10
C ARG H 38 54.43 -28.85 79.75
N GLN H 39 55.27 -28.51 78.77
CA GLN H 39 54.83 -28.21 77.41
C GLN H 39 55.73 -28.93 76.42
N VAL H 40 55.18 -29.91 75.73
CA VAL H 40 55.86 -30.47 74.56
C VAL H 40 55.90 -29.41 73.47
N PRO H 41 57.05 -29.17 72.84
CA PRO H 41 57.14 -28.12 71.81
C PRO H 41 56.25 -28.43 70.61
N GLY H 42 55.41 -27.46 70.26
CA GLY H 42 54.43 -27.63 69.21
C GLY H 42 53.14 -28.29 69.64
N LYS H 43 52.97 -28.57 70.93
CA LYS H 43 51.80 -29.27 71.45
C LYS H 43 51.10 -28.38 72.48
N GLY H 44 50.11 -28.96 73.17
CA GLY H 44 49.34 -28.23 74.15
C GLY H 44 50.02 -28.17 75.51
N LEU H 45 49.22 -27.84 76.52
CA LEU H 45 49.70 -27.67 77.89
C LEU H 45 49.32 -28.88 78.73
N GLU H 46 50.27 -29.33 79.55
CA GLU H 46 50.07 -30.47 80.43
C GLU H 46 50.54 -30.13 81.83
N TRP H 47 49.68 -30.38 82.83
CA TRP H 47 50.05 -30.20 84.22
C TRP H 47 50.71 -31.47 84.75
N VAL H 48 51.61 -31.28 85.71
CA VAL H 48 52.44 -32.36 86.23
C VAL H 48 52.06 -32.71 87.67
N SER H 49 52.20 -31.78 88.60
CA SER H 49 52.02 -32.07 90.01
C SER H 49 51.69 -30.78 90.76
N GLY H 50 51.51 -30.90 92.07
CA GLY H 50 51.18 -29.76 92.90
C GLY H 50 51.19 -30.03 94.39
N ILE H 51 51.70 -29.08 95.17
CA ILE H 51 51.73 -29.16 96.62
C ILE H 51 51.09 -27.90 97.19
N SER H 52 50.13 -28.07 98.10
CA SER H 52 49.42 -26.95 98.70
C SER H 52 50.09 -26.55 100.02
N GLY H 53 49.45 -25.66 100.76
CA GLY H 53 50.01 -25.16 102.00
C GLY H 53 49.86 -26.12 103.17
N ASN H 54 50.47 -25.74 104.29
CA ASN H 54 50.53 -26.54 105.53
C ASN H 54 51.13 -27.93 105.26
N SER H 55 52.12 -27.97 104.36
CA SER H 55 52.73 -29.19 103.82
C SER H 55 51.68 -30.13 103.25
N GLY H 56 52.07 -31.40 103.04
CA GLY H 56 51.21 -32.46 102.55
C GLY H 56 50.55 -32.11 101.24
N SER H 57 49.34 -32.67 101.04
CA SER H 57 48.45 -32.31 99.93
C SER H 57 49.12 -32.48 98.57
N VAL H 58 49.91 -33.54 98.44
CA VAL H 58 50.72 -33.74 97.24
C VAL H 58 49.95 -34.62 96.26
N GLU H 59 49.85 -34.16 95.01
CA GLU H 59 49.23 -34.91 93.95
C GLU H 59 50.09 -34.79 92.70
N TYR H 60 49.95 -35.77 91.81
CA TYR H 60 50.70 -35.80 90.56
C TYR H 60 49.72 -35.99 89.40
N ALA H 61 50.28 -36.14 88.20
CA ALA H 61 49.48 -36.41 87.02
C ALA H 61 49.18 -37.92 86.94
N ASP H 62 48.54 -38.35 85.86
CA ASP H 62 48.14 -39.74 85.72
C ASP H 62 49.31 -40.67 85.40
N SER H 63 50.39 -40.16 84.83
CA SER H 63 51.50 -40.99 84.35
C SER H 63 52.79 -40.80 85.14
N VAL H 64 52.81 -39.90 86.12
CA VAL H 64 54.03 -39.64 86.88
C VAL H 64 53.86 -40.02 88.35
N LYS H 65 52.97 -40.96 88.65
CA LYS H 65 52.75 -41.39 90.02
C LYS H 65 53.89 -42.29 90.48
N GLY H 66 54.52 -41.92 91.59
CA GLY H 66 55.56 -42.72 92.20
C GLY H 66 56.96 -42.50 91.66
N ARG H 67 57.12 -41.68 90.63
CA ARG H 67 58.43 -41.42 90.05
C ARG H 67 58.90 -39.98 90.25
N PHE H 68 58.05 -39.10 90.75
CA PHE H 68 58.41 -37.71 91.01
C PHE H 68 58.33 -37.43 92.51
N ALA H 69 59.31 -36.69 93.02
CA ALA H 69 59.37 -36.34 94.44
C ALA H 69 59.56 -34.84 94.57
N MET H 70 58.72 -34.20 95.40
CA MET H 70 58.80 -32.76 95.61
C MET H 70 58.86 -32.47 97.09
N SER H 71 59.64 -31.45 97.46
CA SER H 71 59.71 -30.95 98.82
C SER H 71 59.81 -29.43 98.77
N ARG H 72 59.15 -28.76 99.71
CA ARG H 72 59.09 -27.31 99.74
C ARG H 72 59.83 -26.78 100.96
N ASP H 73 60.76 -25.86 100.73
CA ASP H 73 61.47 -25.16 101.79
C ASP H 73 61.20 -23.66 101.61
N ASN H 74 60.46 -23.07 102.54
CA ASN H 74 60.08 -21.67 102.43
C ASN H 74 61.17 -20.70 102.86
N ALA H 75 62.22 -21.19 103.53
CA ALA H 75 63.29 -20.30 103.97
C ALA H 75 64.15 -19.84 102.81
N LYS H 76 64.49 -20.75 101.89
CA LYS H 76 65.33 -20.43 100.75
C LYS H 76 64.55 -19.86 99.58
N ASN H 77 63.21 -19.94 99.61
CA ASN H 77 62.33 -19.47 98.54
C ASN H 77 62.66 -20.13 97.20
N SER H 78 63.03 -21.40 97.24
CA SER H 78 63.36 -22.17 96.06
C SER H 78 62.70 -23.53 96.14
N LEU H 79 62.11 -23.97 95.03
CA LEU H 79 61.37 -25.22 94.96
C LEU H 79 62.07 -26.16 93.99
N TYR H 80 62.26 -27.41 94.39
CA TYR H 80 63.00 -28.38 93.61
C TYR H 80 62.17 -29.63 93.39
N LEU H 81 62.40 -30.28 92.26
CA LEU H 81 61.74 -31.54 91.91
C LEU H 81 62.79 -32.57 91.55
N GLU H 82 62.71 -33.74 92.18
CA GLU H 82 63.60 -34.84 91.86
C GLU H 82 62.96 -35.72 90.79
N MET H 83 63.71 -36.02 89.74
CA MET H 83 63.22 -36.77 88.59
C MET H 83 63.79 -38.17 88.63
N ASN H 84 62.92 -39.18 88.64
CA ASN H 84 63.33 -40.56 88.73
C ASN H 84 62.62 -41.38 87.65
N SER H 85 63.27 -42.46 87.22
CA SER H 85 62.82 -43.31 86.13
C SER H 85 62.54 -42.46 84.88
N LEU H 86 63.60 -41.86 84.35
CA LEU H 86 63.44 -40.96 83.22
C LEU H 86 63.25 -41.74 81.92
N ARG H 87 62.28 -41.32 81.10
CA ARG H 87 61.98 -41.91 79.80
C ARG H 87 62.26 -40.91 78.69
N THR H 88 62.10 -41.38 77.46
CA THR H 88 62.28 -40.50 76.31
C THR H 88 61.07 -39.61 76.04
N GLU H 89 59.94 -39.85 76.72
CA GLU H 89 58.76 -39.03 76.53
C GLU H 89 58.86 -37.69 77.25
N ASP H 90 59.60 -37.63 78.35
CA ASP H 90 59.67 -36.44 79.21
C ASP H 90 60.41 -35.24 78.58
N THR H 91 60.79 -35.27 77.30
CA THR H 91 61.37 -34.11 76.63
C THR H 91 60.29 -33.07 76.42
N ALA H 92 60.36 -31.97 77.17
CA ALA H 92 59.36 -30.90 77.11
C ALA H 92 59.99 -29.63 77.66
N LEU H 93 59.21 -28.55 77.61
CA LEU H 93 59.58 -27.28 78.22
C LEU H 93 58.88 -27.17 79.57
N TYR H 94 59.65 -26.87 80.61
CA TYR H 94 59.15 -26.92 81.98
C TYR H 94 58.86 -25.53 82.50
N TYR H 95 57.62 -25.30 82.92
CA TYR H 95 57.19 -24.07 83.57
C TYR H 95 56.72 -24.40 84.98
N CYS H 96 57.19 -23.65 85.96
CA CYS H 96 56.72 -23.80 87.34
C CYS H 96 55.86 -22.60 87.71
N ALA H 97 54.70 -22.87 88.30
CA ALA H 97 53.66 -21.86 88.52
C ALA H 97 53.28 -21.78 89.98
N LYS H 98 52.76 -20.62 90.38
CA LYS H 98 52.42 -20.33 91.77
C LYS H 98 50.93 -20.17 92.02
N GLU H 99 50.19 -19.63 91.04
CA GLU H 99 48.73 -19.43 91.03
C GLU H 99 48.26 -18.33 91.97
N THR H 100 49.16 -17.81 92.81
CA THR H 100 49.08 -16.56 93.59
C THR H 100 47.75 -16.35 94.32
N THR H 101 46.99 -17.41 94.63
CA THR H 101 45.71 -17.29 95.34
C THR H 101 45.65 -18.27 96.50
N PRO H 102 46.35 -17.97 97.63
CA PRO H 102 46.25 -18.80 98.83
C PRO H 102 45.15 -18.35 99.79
N TRP H 103 43.94 -18.19 99.28
CA TRP H 103 42.84 -17.69 100.09
C TRP H 103 42.24 -18.79 100.94
N GLY H 104 41.78 -18.40 102.14
CA GLY H 104 41.12 -19.35 103.02
C GLY H 104 39.78 -19.82 102.48
N ILE H 105 39.04 -18.91 101.86
CA ILE H 105 37.76 -19.23 101.22
C ILE H 105 37.98 -19.25 99.72
N TYR H 106 37.55 -20.34 99.07
CA TYR H 106 37.68 -20.57 97.64
C TYR H 106 39.15 -20.49 97.19
N ARG H 107 39.94 -21.45 97.71
CA ARG H 107 41.35 -21.51 97.36
C ARG H 107 41.58 -21.98 95.93
N SER H 108 40.59 -22.59 95.29
CA SER H 108 40.71 -23.05 93.92
C SER H 108 40.53 -21.87 92.95
N GLY H 109 40.89 -22.11 91.70
CA GLY H 109 40.78 -21.09 90.68
C GLY H 109 41.98 -20.17 90.65
N GLY H 110 43.17 -20.74 90.60
CA GLY H 110 44.40 -19.95 90.66
C GLY H 110 44.86 -19.53 89.27
N LEU H 111 45.21 -18.25 89.14
CA LEU H 111 45.75 -17.71 87.89
C LEU H 111 47.22 -18.10 87.83
N ASP H 112 47.53 -19.17 87.10
CA ASP H 112 48.88 -19.69 87.05
C ASP H 112 49.78 -18.78 86.23
N VAL H 113 50.80 -18.22 86.88
CA VAL H 113 51.77 -17.36 86.20
C VAL H 113 52.78 -18.24 85.48
N TRP H 114 53.57 -17.64 84.59
CA TRP H 114 54.56 -18.37 83.81
C TRP H 114 55.91 -17.67 83.91
N GLY H 115 56.96 -18.46 84.08
CA GLY H 115 58.31 -17.95 84.14
C GLY H 115 59.01 -18.02 82.81
N GLN H 116 60.34 -17.87 82.85
CA GLN H 116 61.14 -17.98 81.63
C GLN H 116 61.15 -19.41 81.11
N GLY H 117 61.43 -20.38 81.98
CA GLY H 117 61.33 -21.77 81.61
C GLY H 117 62.58 -22.36 81.00
N THR H 118 63.06 -23.47 81.55
CA THR H 118 64.19 -24.21 81.01
C THR H 118 63.68 -25.56 80.52
N THR H 119 63.89 -25.84 79.24
CA THR H 119 63.45 -27.10 78.65
C THR H 119 64.44 -28.21 78.96
N VAL H 120 64.02 -29.44 78.70
CA VAL H 120 64.87 -30.62 78.88
C VAL H 120 64.90 -31.39 77.57
N THR H 121 66.05 -32.02 77.31
CA THR H 121 66.24 -32.84 76.12
C THR H 121 66.72 -34.22 76.56
N VAL H 122 66.08 -35.26 76.04
CA VAL H 122 66.43 -36.65 76.33
C VAL H 122 66.70 -37.35 75.01
N SER H 123 67.91 -37.88 74.88
CA SER H 123 68.32 -38.61 73.68
C SER H 123 68.69 -40.03 74.06
N SER H 124 68.14 -41.00 73.33
CA SER H 124 68.40 -42.40 73.61
C SER H 124 69.66 -42.88 72.88
CA ASP I 1 34.29 -37.71 84.49
C ASP I 1 33.88 -38.20 83.10
N ILE I 2 34.87 -38.54 82.29
CA ILE I 2 34.64 -39.02 80.93
C ILE I 2 34.65 -40.54 80.97
N GLN I 3 33.51 -41.15 80.68
CA GLN I 3 33.40 -42.60 80.64
C GLN I 3 33.86 -43.09 79.27
N MET I 4 34.93 -43.89 79.25
CA MET I 4 35.52 -44.39 78.02
C MET I 4 35.61 -45.91 78.09
N THR I 5 35.50 -46.54 76.92
CA THR I 5 35.66 -47.98 76.79
C THR I 5 36.49 -48.28 75.54
N GLN I 6 37.13 -49.44 75.55
CA GLN I 6 37.93 -49.90 74.42
C GLN I 6 37.47 -51.27 73.97
N SER I 7 37.64 -51.54 72.68
CA SER I 7 37.24 -52.81 72.08
C SER I 7 38.30 -53.25 71.08
N PRO I 8 38.62 -54.55 71.01
CA PRO I 8 38.13 -55.65 71.85
C PRO I 8 38.87 -55.73 73.18
N SER I 9 38.35 -56.50 74.14
CA SER I 9 39.03 -56.66 75.42
C SER I 9 40.24 -57.59 75.32
N SER I 10 40.33 -58.38 74.26
CA SER I 10 41.46 -59.29 74.07
C SER I 10 41.65 -59.52 72.58
N LEU I 11 42.86 -59.95 72.22
CA LEU I 11 43.21 -60.21 70.83
C LEU I 11 44.15 -61.40 70.77
N SER I 12 44.18 -62.05 69.61
CA SER I 12 45.07 -63.17 69.36
C SER I 12 45.53 -63.14 67.91
N ALA I 13 46.83 -63.05 67.70
CA ALA I 13 47.38 -62.97 66.35
C ALA I 13 48.81 -63.51 66.35
N SER I 14 49.29 -63.85 65.16
CA SER I 14 50.63 -64.35 64.96
C SER I 14 51.55 -63.21 64.51
N VAL I 15 52.78 -63.55 64.16
CA VAL I 15 53.76 -62.55 63.73
C VAL I 15 53.49 -62.18 62.28
N GLY I 16 53.30 -60.89 62.01
CA GLY I 16 53.06 -60.40 60.68
C GLY I 16 51.62 -60.10 60.33
N ASP I 17 50.69 -60.35 61.25
CA ASP I 17 49.28 -60.09 60.99
C ASP I 17 48.97 -58.60 61.12
N ARG I 18 47.79 -58.22 60.64
CA ARG I 18 47.31 -56.83 60.70
C ARG I 18 46.13 -56.77 61.65
N VAL I 19 46.33 -56.14 62.81
CA VAL I 19 45.29 -55.98 63.81
C VAL I 19 45.07 -54.50 64.06
N THR I 20 43.94 -54.18 64.68
CA THR I 20 43.59 -52.81 65.01
C THR I 20 42.98 -52.74 66.40
N ILE I 21 43.22 -51.61 67.07
CA ILE I 21 42.66 -51.34 68.39
C ILE I 21 41.85 -50.06 68.30
N THR I 22 40.61 -50.10 68.79
CA THR I 22 39.70 -48.96 68.70
C THR I 22 39.17 -48.62 70.08
N CYS I 23 39.20 -47.34 70.42
CA CYS I 23 38.63 -46.87 71.67
C CYS I 23 38.05 -45.48 71.46
N ARG I 24 36.79 -45.29 71.85
CA ARG I 24 36.05 -44.06 71.65
C ARG I 24 35.91 -43.30 72.97
N ALA I 25 35.31 -42.12 72.88
CA ALA I 25 35.08 -41.27 74.05
C ALA I 25 33.63 -40.80 74.05
N SER I 26 33.13 -40.52 75.26
CA SER I 26 31.76 -40.03 75.42
C SER I 26 31.65 -38.52 75.29
N GLN I 27 32.77 -37.83 75.11
CA GLN I 27 32.80 -36.38 74.99
C GLN I 27 33.82 -36.03 73.91
N SER I 28 33.61 -34.88 73.25
CA SER I 28 34.42 -34.45 72.12
C SER I 28 35.90 -34.33 72.46
N ILE I 29 36.70 -35.23 71.89
CA ILE I 29 38.12 -35.33 72.23
C ILE I 29 39.00 -34.78 71.11
N HIS I 30 38.47 -34.63 69.88
CA HIS I 30 39.12 -33.99 68.74
C HIS I 30 40.41 -34.71 68.35
N SER I 31 41.56 -34.24 68.84
CA SER I 31 42.83 -34.84 68.46
C SER I 31 43.80 -35.07 69.61
N PHE I 32 43.57 -34.51 70.80
CA PHE I 32 44.51 -34.63 71.90
C PHE I 32 44.30 -35.99 72.59
N LEU I 33 45.07 -36.98 72.17
CA LEU I 33 44.95 -38.33 72.71
C LEU I 33 46.29 -39.02 72.62
N SER I 34 46.55 -39.92 73.59
CA SER I 34 47.81 -40.65 73.65
C SER I 34 47.53 -42.15 73.73
N TRP I 35 48.43 -42.93 73.16
CA TRP I 35 48.33 -44.39 73.13
C TRP I 35 49.55 -44.97 73.84
N TYR I 36 49.35 -45.45 75.06
CA TYR I 36 50.46 -45.96 75.87
C TYR I 36 50.71 -47.44 75.60
N GLN I 37 51.96 -47.84 75.78
CA GLN I 37 52.37 -49.24 75.71
C GLN I 37 53.08 -49.59 77.02
N GLN I 38 52.55 -50.56 77.74
CA GLN I 38 53.11 -50.98 79.01
C GLN I 38 53.21 -52.50 79.06
N LYS I 39 54.34 -53.01 79.52
CA LYS I 39 54.71 -54.39 79.70
C LYS I 39 54.44 -54.84 81.14
N PRO I 40 54.18 -56.12 81.37
CA PRO I 40 53.98 -56.60 82.74
C PRO I 40 55.25 -56.48 83.56
N GLY I 41 55.16 -55.79 84.69
CA GLY I 41 56.28 -55.60 85.59
C GLY I 41 57.24 -54.49 85.20
N LYS I 42 56.94 -53.71 84.17
CA LYS I 42 57.81 -52.63 83.70
C LYS I 42 57.01 -51.33 83.60
N ALA I 43 57.73 -50.24 83.30
CA ALA I 43 57.23 -48.88 83.18
C ALA I 43 56.53 -48.68 81.83
N PRO I 44 55.58 -47.75 81.71
CA PRO I 44 54.89 -47.58 80.43
C PRO I 44 55.76 -46.81 79.44
N LYS I 45 55.25 -46.68 78.23
CA LYS I 45 55.88 -45.83 77.24
C LYS I 45 54.82 -45.32 76.28
N LEU I 46 55.11 -44.18 75.68
CA LEU I 46 54.21 -43.55 74.73
C LEU I 46 54.74 -43.82 73.33
N LEU I 47 53.84 -44.24 72.44
CA LEU I 47 54.18 -44.55 71.05
C LEU I 47 53.67 -43.51 70.08
N ILE I 48 52.37 -43.21 70.13
CA ILE I 48 51.74 -42.21 69.26
C ILE I 48 51.12 -41.14 70.14
N ASN I 49 51.49 -39.89 69.90
CA ASN I 49 50.96 -38.75 70.63
C ASN I 49 50.15 -37.88 69.66
N SER I 50 49.03 -37.35 70.15
CA SER I 50 48.10 -36.50 69.42
C SER I 50 47.50 -37.19 68.19
N ALA I 51 47.49 -38.53 68.20
CA ALA I 51 46.83 -39.44 67.25
C ALA I 51 47.44 -39.40 65.84
N SER I 52 48.42 -38.54 65.57
CA SER I 52 49.02 -38.47 64.25
C SER I 52 50.53 -38.36 64.24
N THR I 53 51.17 -38.07 65.37
CA THR I 53 52.60 -37.80 65.41
C THR I 53 53.36 -39.02 65.93
N LEU I 54 54.41 -39.40 65.22
CA LEU I 54 55.28 -40.49 65.63
C LEU I 54 56.35 -39.96 66.58
N GLN I 55 56.51 -40.63 67.71
CA GLN I 55 57.46 -40.17 68.73
C GLN I 55 58.89 -40.55 68.33
N SER I 56 59.84 -39.90 68.98
CA SER I 56 61.25 -40.19 68.75
C SER I 56 61.62 -41.54 69.33
N GLY I 57 62.29 -42.37 68.53
CA GLY I 57 62.64 -43.71 68.94
C GLY I 57 61.55 -44.75 68.75
N VAL I 58 60.37 -44.35 68.30
CA VAL I 58 59.26 -45.28 68.05
C VAL I 58 59.33 -45.70 66.58
N PRO I 59 59.26 -47.01 66.29
CA PRO I 59 59.34 -47.45 64.90
C PRO I 59 58.13 -46.99 64.11
N PRO I 60 58.29 -46.77 62.80
CA PRO I 60 57.23 -46.13 62.01
C PRO I 60 56.08 -47.04 61.60
N TRP I 61 56.13 -48.35 61.90
CA TRP I 61 55.03 -49.21 61.49
C TRP I 61 53.79 -49.03 62.37
N PHE I 62 53.90 -48.31 63.48
CA PHE I 62 52.74 -47.95 64.28
C PHE I 62 52.15 -46.66 63.73
N SER I 63 50.99 -46.76 63.09
CA SER I 63 50.35 -45.61 62.46
C SER I 63 48.90 -45.50 62.92
N GLY I 64 48.47 -44.28 63.18
CA GLY I 64 47.13 -44.05 63.69
C GLY I 64 46.50 -42.81 63.09
N SER I 65 45.18 -42.75 63.22
CA SER I 65 44.39 -41.62 62.74
C SER I 65 43.09 -41.60 63.51
N GLY I 66 42.30 -40.55 63.26
CA GLY I 66 41.01 -40.41 63.92
C GLY I 66 40.75 -39.03 64.47
N SER I 67 39.53 -38.54 64.32
CA SER I 67 39.15 -37.23 64.82
C SER I 67 37.70 -37.28 65.29
N GLY I 68 37.37 -36.35 66.19
CA GLY I 68 36.01 -36.28 66.71
C GLY I 68 35.78 -37.19 67.89
N THR I 69 35.11 -38.32 67.65
CA THR I 69 34.80 -39.28 68.70
C THR I 69 35.45 -40.63 68.46
N ASP I 70 35.27 -41.21 67.27
CA ASP I 70 35.82 -42.52 66.98
C ASP I 70 37.31 -42.44 66.72
N PHE I 71 38.09 -43.28 67.40
CA PHE I 71 39.54 -43.31 67.26
C PHE I 71 39.98 -44.73 66.95
N THR I 72 41.09 -44.84 66.22
CA THR I 72 41.61 -46.14 65.81
C THR I 72 43.12 -46.09 65.77
N LEU I 73 43.73 -47.27 65.93
CA LEU I 73 45.17 -47.45 65.81
C LEU I 73 45.43 -48.67 64.94
N THR I 74 46.35 -48.54 64.00
CA THR I 74 46.61 -49.58 63.01
C THR I 74 48.05 -50.08 63.12
N ILE I 75 48.21 -51.39 62.99
CA ILE I 75 49.53 -52.02 63.01
C ILE I 75 49.76 -52.67 61.66
N SER I 76 50.84 -52.25 60.98
CA SER I 76 51.15 -52.81 59.67
C SER I 76 51.67 -54.24 59.80
N SER I 77 52.57 -54.48 60.74
CA SER I 77 53.12 -55.82 60.96
C SER I 77 53.46 -55.96 62.44
N LEU I 78 53.16 -57.13 63.00
CA LEU I 78 53.42 -57.39 64.40
C LEU I 78 54.83 -57.95 64.60
N GLN I 79 55.36 -57.74 65.79
CA GLN I 79 56.74 -58.05 66.15
C GLN I 79 56.77 -58.85 67.43
N PRO I 80 57.88 -59.56 67.71
CA PRO I 80 58.01 -60.21 69.03
C PRO I 80 57.96 -59.25 70.20
N GLU I 81 58.39 -58.00 70.03
CA GLU I 81 58.28 -57.01 71.08
C GLU I 81 56.87 -56.46 71.23
N ASP I 82 56.01 -56.67 70.23
CA ASP I 82 54.69 -56.07 70.22
C ASP I 82 53.70 -56.74 71.17
N PHE I 83 53.97 -57.96 71.61
CA PHE I 83 53.01 -58.72 72.39
C PHE I 83 52.93 -58.24 73.84
N ALA I 84 52.02 -57.31 74.11
CA ALA I 84 51.79 -56.79 75.45
C ALA I 84 50.40 -56.19 75.50
N THR I 85 50.08 -55.54 76.63
CA THR I 85 48.79 -54.90 76.81
C THR I 85 48.86 -53.43 76.40
N TYR I 86 47.68 -52.85 76.16
CA TYR I 86 47.60 -51.52 75.57
C TYR I 86 46.54 -50.67 76.25
N TYR I 87 46.88 -49.40 76.46
CA TYR I 87 45.98 -48.41 77.07
C TYR I 87 45.88 -47.20 76.15
N CYS I 88 44.71 -46.54 76.17
CA CYS I 88 44.52 -45.27 75.49
C CYS I 88 43.77 -44.31 76.42
N GLN I 89 44.29 -43.09 76.57
CA GLN I 89 43.76 -42.13 77.51
C GLN I 89 43.53 -40.79 76.83
N GLN I 90 42.58 -40.02 77.37
CA GLN I 90 42.26 -38.69 76.89
C GLN I 90 43.06 -37.63 77.65
N SER I 91 43.26 -36.48 77.02
CA SER I 91 44.14 -35.44 77.56
C SER I 91 43.55 -34.04 77.34
N TYR I 92 42.26 -33.86 77.66
CA TYR I 92 41.59 -32.60 77.37
C TYR I 92 41.22 -31.81 78.63
N ILE I 93 40.48 -32.43 79.57
CA ILE I 93 39.83 -31.69 80.64
C ILE I 93 40.12 -32.33 81.99
N ALA I 94 39.37 -31.89 83.03
CA ALA I 94 39.38 -32.29 84.43
C ALA I 94 39.51 -33.81 84.57
N PRO I 95 40.12 -34.31 85.66
CA PRO I 95 41.07 -35.45 85.54
C PRO I 95 40.51 -36.70 84.86
N TRP I 96 41.37 -37.33 84.08
CA TRP I 96 40.99 -38.34 83.10
C TRP I 96 40.95 -39.74 83.71
N THR I 97 40.34 -40.66 82.97
CA THR I 97 40.24 -42.06 83.34
C THR I 97 40.99 -42.90 82.31
N PHE I 98 41.51 -44.04 82.78
CA PHE I 98 42.24 -44.95 81.91
C PHE I 98 41.29 -45.95 81.25
N GLY I 99 41.85 -46.79 80.38
CA GLY I 99 41.06 -47.81 79.73
C GLY I 99 41.07 -49.13 80.49
N GLN I 100 40.12 -50.00 80.14
CA GLN I 100 40.04 -51.30 80.79
C GLN I 100 41.13 -52.25 80.30
N GLY I 101 41.70 -52.01 79.13
CA GLY I 101 42.85 -52.77 78.68
C GLY I 101 42.54 -53.90 77.72
N THR I 102 43.30 -53.97 76.62
CA THR I 102 43.27 -55.08 75.70
C THR I 102 44.55 -55.89 75.84
N LYS I 103 44.53 -57.11 75.32
CA LYS I 103 45.67 -58.01 75.42
C LYS I 103 45.83 -58.79 74.12
N VAL I 104 47.08 -58.92 73.67
CA VAL I 104 47.41 -59.69 72.49
C VAL I 104 48.27 -60.87 72.91
N GLU I 105 47.79 -62.07 72.62
CA GLU I 105 48.47 -63.31 73.00
C GLU I 105 48.85 -64.09 71.76
N ILE I 106 49.67 -65.12 71.97
CA ILE I 106 50.06 -66.02 70.88
C ILE I 106 48.95 -67.04 70.65
N LYS I 107 48.48 -67.13 69.41
CA LYS I 107 47.41 -68.06 69.08
C LYS I 107 47.98 -69.38 68.56
#